data_9FJP
#
_entry.id   9FJP
#
_cell.length_a   1.00
_cell.length_b   1.00
_cell.length_c   1.00
_cell.angle_alpha   90.00
_cell.angle_beta   90.00
_cell.angle_gamma   90.00
#
_symmetry.space_group_name_H-M   'P 1'
#
loop_
_entity.id
_entity.type
_entity.pdbx_description
1 polymer 'DNA-directed RNA polymerase subunit alpha'
2 polymer 'DNA-directed RNA polymerase subunit beta'
3 polymer "DNA-directed RNA polymerase subunit beta'"
4 polymer 'DNA-directed RNA polymerase subunit omega'
5 polymer 'RNA polymerase sigma factor SigB'
6 polymer 'DNA (17-MER)'
7 non-polymer 'ZINC ION'
8 non-polymer 'MAGNESIUM ION'
#
loop_
_entity_poly.entity_id
_entity_poly.type
_entity_poly.pdbx_seq_one_letter_code
_entity_poly.pdbx_strand_id
1 'polypeptide(L)'
;MLISQRPTLSEDVLTDNRSQFVIEPLEPGFGYTLGNSLRRTLLSSIPGAAVTSIRIDGVLHEFTTVPGVKEDVTEIILNL
KSLVVSSEEDEPVTMYLRKQGPGEVTAGDIVPPAGVTVHNPGMHIATLNDKGKLEVELVVERGRGYVPAVQNRASGAEIG
RIPVDSIYSPVLKVTYKVDATRVEQRTDFDKLILDVETKNSISPRDALASAGKTLVELFGLARELNVEAEGIEIGPSPAE
ADHIASFALPIDDLDLTVRSYNCLKREGVHTVGELVARTESDLLDIRNFGQKSIDEVKIKLHQLGLSLKDSPPSFDPSEV
AGYDVATGTWSTEGAYDEQDYAETEQL
;
a,b
2 'polypeptide(L)'
;MVLADSRQSKTAASPSPSRPQSSSNNSVPGAPNRVSFAKLREPLEVPGLLDVQTDSFEWLIGSPRWRESAAERGDVNPVG
GLEEVLYELSPIEDFSGSMSLSFSDPRFDDVKAPVDECKDKDMTYAAPLFVTAEFINNNTGEIKSQTVFMGDFPMMTEKG
TFIINGTERVVVSQLVRSPGVYFDETIDKSTDKTLHSVKVIPSRGAWLEFDVDKRDTVGVRIDRKRRQPVTVLLKALGWT
SEQIVERFGFSEIMRSTLEKDNTVGTDEALLDIYRKLRPGEPPTKESAQTLLENLFFKEKRYDLARVGRYKVNKKLGLHV
GEPITSSTLTEEDVVATIEYLVRLHEGQTTMTVPGGVEVPVETDDIDHFGNRRLRTVGELIQNQIRVGMSRMERVVRERM
TTQDVEAITPQTLINIRPVVAAIKEFFGTSQLSQFMDQNNPLSGLTHKRRLSALGPGGLSRERAGLEVRDVHPSHYGRMC
PIETPEGPNIGLIGSLSVYARVNPFGFIETPYRKVVDGVVSDEIVYLTADEEDRHVVAQANSPIDADGRFVEPRVLVRRK
AGEVEYVPSSEVDYMDVSPRQMVSVATAMIPFLEHDDANRALMGANMQRQAVPLVRSEAPLVGTGMELRAAIDAGDVVVA
EESGVIEEVSADYITVMHDNGTRRTYRMRKFARSNHGTCANQCPIVDAGDRVEAGQVIADGPCTDDGEMALGKNLLVAIM
PWEGHNYEDAIILSNRLVEEDVLTSIHIEEHEIDARDTKLGAEEITRDIPNISDEVLADLDERGIVRIGAEVRDGDILVG
KVTPKGETELTPEERLLRAIFGEKAREVRDTSLKVPHGESGKVIGIRVFSREDEDELPAGVNELVRVYVAQKRKISDGDK
LAGRHGNKGVIGKILPVEDMPFLADGTPVDIILNTHGVPRRMNIGQILETHLGWCAHSGWKVDAAKGVPDWAARLPDELL
EAQPNAIVSTPVFDGAQEAELQGLLSCTLPNRDGDVLVDADGKAMLFDGRSGEPFPYPVTVGYMYIMKLHHLVDDKIHAR
STGPYSMITQQPLGGKAQFGGQRFGEMECWAMQAYGAAYTLQELLTIKSDDTVGRVKVYEAIVKGENIPEPGIPESFKVL
LKELQSLCLNVEVLSSDGAAIELREGEDEDLERAAANLGINLSRNESASVEDLA
;
c
3 'polypeptide(L)'
;VNFFDELRIGLATAEDIRQWSYGEVKKPETINYRTLKPEKDGLFCEKIFGPTRDWECYCGKYKRVRFKGIICERCGVEVT
RAKVRRERMGHIELAAPVTHIWYFKGVPSRLGYLLDLAPKDLEKIIYFAAYVITSVDEEMRHNELSTLEAEMAVERKAVE
DQRDGELEARAQKLEADLAELEAEGAKADARRKVRDGGEREMRQIRDRAQRELDRLEDIWSTFTKLAPKQLIVDENLYRE
LVDRYGEYFTGAMGAESIQKLIENFDIDAEAESLRDVIRNGKGQKKLRALKRLKVVAAFQQSGNSPMGMVLDAVPVIPPE
LRPMVQLDGGRFATSDLNDLYRRVINRNNRLKRLIDLGAPEIIVNNEKRMLQESVDALFDNGRRGRPVTGPGNRPLKSLS
DLLKGKQGRFRQNLLGKRVDYSGRSVIVVGPQLKLHQCGLPKLMALELFKPFVMKRLVDLNHAQNIKSAKRMVERQRPQV
WDVLEEVIAEHPVLLNRAPTLHRLGIQAFEPMLVEGKAIQLHPLVCEAFNADFDGDQMAVHLPLSAEAQAEARILMLSSN
NILSPASGRPLAMPRLDMVTGLYYLTTEVPGDTGEYQPASGDHPETGVYSSPAEAIMAADRGVLSVRAKIKVRLTQLRPP
VEIEAELFGHSGWQPGDAWMAETTLGRVMFNELLPLGYPFVNKQMHKKVQAAIINDLAERYPMIVVAQTVDKLKDAGFYW
ATRSGVTVSMADVLVPPRKKEILDHYEERADKVEKQFQRGALNHDERNEALVEIWKEATDEVGQALREHYPDDNPIITIV
DSGATGNFTQTRTLAGMKGLVTNPKGEFIPRPVKSSFREGLTVLEYFINTHGARKGLADTALRTADSGYLTRRLVDVSQD
VIVREHDCQTERGIVVELAERAPDGTLIRDPYIETSAYARTLGTDAVDEAGNVIVERGQDLGDPEIDALLAAGITQVKVR
SVLTCATSTGVCATCYGRSMATGKLVDIGEAVGIVAAQSIGEPGTQLTMRTFHQGGVGEDITGGLPRVQELFEARVPRGK
APIADVTGRVRLEDGERFYKITIVPDDGGEEVVYDKISKRQRLRVFKHEDGSERVLSDGDHVEVGQQLMEGSADPHEVLR
VQGPREVQIHLVREVQEVYRAQGVSIHDKHIEVIVRQMLRRVTIIDSGSTEFLPGSLIDRAEFEAENRRVVAEGGEPAAG
RPVLMGITKASLATDSWLSAASFQETTRVLTDAAINCRSDKLNGLKENVIIGKLIPAGTGINRYRNIAVQPTEEARAAAY
TIPSYEDQYYSPDFGAATGAAVPLDDYGYSDYRHHHHHH
;
d
4 'polypeptide(L)'
;MSISQSDASLAAVPAVDQFDPSSGASGGYDTPLGITNPPIDELLDRVSSKYALVIYAAKRARQINDYYNQLGEGILEYVG
PLVEPGLQEKPLSIALREIHADLLEHTEGE
;
e
5 'polypeptide(L)'
;MGSSHHHHHHSSGLVPRGSHMADAPTRATTSRVDSDLDAQSPAADLVRVYLNGIGKTALLNAAGEVELAKRIEAGLYAEH
LLETRKRLGENRKRDLAAVVRDGEAARRHLLEANLRLVVSLAKRYTGRGMPLLDLIQEGNLGLIRAMEKFDYTKGFKFST
YATWWIRQAITRGMADQSRTIRLPVHLVEQVNKLARIKREMHQHLGREATDEELAAESGIPIDKINDLLEHSRDPVSLDM
PVGSEEEAPLGDFIEDAEAMSAENAVIAELLHTDIRSVLATLDEREHQVIRLRFGLDDGQPRTLDQIGKLFGLSRERVRQ
IERDVMSKLRHGERADRLRSYAS
;
f
6 'polydeoxyribonucleotide' (DG)(DC)(DG)(DT)(DA)(DT)(DA)(DA)(DT)(DG)(DT)(DG)(DT)(DG)(DG)(DA) O
#
loop_
_chem_comp.id
_chem_comp.type
_chem_comp.name
_chem_comp.formula
DA DNA linking 2'-DEOXYADENOSINE-5'-MONOPHOSPHATE 'C10 H14 N5 O6 P'
DC DNA linking 2'-DEOXYCYTIDINE-5'-MONOPHOSPHATE 'C9 H14 N3 O7 P'
DG DNA linking 2'-DEOXYGUANOSINE-5'-MONOPHOSPHATE 'C10 H14 N5 O7 P'
DT DNA linking THYMIDINE-5'-MONOPHOSPHATE 'C10 H15 N2 O8 P'
MG non-polymer 'MAGNESIUM ION' 'Mg 2'
ZN non-polymer 'ZINC ION' 'Zn 2'
#
# COMPACT_ATOMS: atom_id res chain seq x y z
N MET A 1 -50.00 51.63 5.03
CA MET A 1 -49.88 51.42 3.56
C MET A 1 -49.97 49.94 3.23
N LEU A 2 -50.97 49.26 3.78
CA LEU A 2 -51.20 47.87 3.43
C LEU A 2 -51.65 47.77 1.97
N ILE A 3 -51.20 46.71 1.30
CA ILE A 3 -51.59 46.50 -0.09
C ILE A 3 -53.04 46.01 -0.11
N SER A 4 -53.88 46.71 -0.86
CA SER A 4 -55.30 46.36 -0.90
C SER A 4 -55.54 45.06 -1.68
N GLN A 5 -54.83 44.87 -2.78
CA GLN A 5 -55.08 43.75 -3.68
C GLN A 5 -54.25 42.54 -3.29
N ARG A 6 -54.90 41.40 -3.11
CA ARG A 6 -54.22 40.14 -2.86
C ARG A 6 -53.81 39.48 -4.16
N PRO A 7 -52.88 38.52 -4.12
CA PRO A 7 -52.36 37.93 -5.35
C PRO A 7 -53.42 37.21 -6.15
N THR A 8 -53.19 37.14 -7.47
CA THR A 8 -54.07 36.42 -8.38
C THR A 8 -53.22 35.64 -9.38
N LEU A 9 -53.73 34.50 -9.83
CA LEU A 9 -53.03 33.62 -10.75
C LEU A 9 -53.78 33.55 -12.08
N SER A 10 -53.06 33.76 -13.17
CA SER A 10 -53.62 33.73 -14.52
C SER A 10 -52.78 32.81 -15.39
N GLU A 11 -53.43 31.91 -16.10
CA GLU A 11 -52.74 30.92 -16.94
C GLU A 11 -52.61 31.43 -18.38
N ASP A 12 -51.39 31.36 -18.91
CA ASP A 12 -51.13 31.55 -20.33
C ASP A 12 -50.70 30.23 -20.93
N VAL A 13 -51.01 30.04 -22.22
CA VAL A 13 -50.70 28.81 -22.92
C VAL A 13 -49.74 29.15 -24.05
N LEU A 14 -48.52 28.63 -23.97
CA LEU A 14 -47.52 28.81 -25.01
C LEU A 14 -47.51 27.64 -25.98
N THR A 15 -47.88 26.45 -25.51
CA THR A 15 -47.91 25.24 -26.33
C THR A 15 -48.83 24.26 -25.61
N ASP A 16 -49.07 23.11 -26.25
CA ASP A 16 -49.95 22.11 -25.66
C ASP A 16 -49.39 21.60 -24.33
N ASN A 17 -48.07 21.47 -24.23
CA ASN A 17 -47.42 20.95 -23.05
C ASN A 17 -46.87 22.04 -22.14
N ARG A 18 -46.82 23.28 -22.59
CA ARG A 18 -46.14 24.36 -21.87
C ARG A 18 -47.10 25.51 -21.63
N SER A 19 -47.04 26.08 -20.43
CA SER A 19 -47.89 27.20 -20.05
C SER A 19 -47.12 28.15 -19.14
N GLN A 20 -47.53 29.41 -19.14
CA GLN A 20 -46.96 30.45 -18.31
C GLN A 20 -48.02 30.93 -17.33
N PHE A 21 -47.69 30.96 -16.04
CA PHE A 21 -48.58 31.45 -15.00
C PHE A 21 -48.01 32.73 -14.42
N VAL A 22 -48.83 33.77 -14.34
CA VAL A 22 -48.44 35.08 -13.82
C VAL A 22 -49.13 35.28 -12.48
N ILE A 23 -48.34 35.49 -11.42
CA ILE A 23 -48.85 35.70 -10.08
C ILE A 23 -48.30 37.02 -9.56
N GLU A 24 -49.20 37.95 -9.26
CA GLU A 24 -48.83 39.25 -8.73
C GLU A 24 -50.10 39.99 -8.34
N PRO A 25 -50.01 41.02 -7.49
CA PRO A 25 -48.79 41.54 -6.83
C PRO A 25 -48.37 40.70 -5.63
N LEU A 26 -47.06 40.55 -5.42
CA LEU A 26 -46.52 39.83 -4.28
C LEU A 26 -45.67 40.78 -3.44
N GLU A 27 -45.53 40.47 -2.16
CA GLU A 27 -44.72 41.30 -1.29
C GLU A 27 -43.28 41.28 -1.77
N PRO A 28 -42.54 42.39 -1.65
CA PRO A 28 -41.19 42.45 -2.20
C PRO A 28 -40.30 41.37 -1.60
N GLY A 29 -39.46 40.79 -2.44
CA GLY A 29 -38.55 39.75 -2.01
C GLY A 29 -39.17 38.39 -1.79
N PHE A 30 -40.44 38.23 -2.13
CA PHE A 30 -41.17 36.99 -1.86
C PHE A 30 -41.44 36.16 -3.09
N GLY A 31 -41.25 36.71 -4.29
CA GLY A 31 -41.53 35.94 -5.50
C GLY A 31 -40.63 34.73 -5.64
N TYR A 32 -39.34 34.89 -5.35
CA TYR A 32 -38.39 33.79 -5.54
C TYR A 32 -38.75 32.61 -4.67
N THR A 33 -39.04 32.85 -3.39
CA THR A 33 -39.32 31.74 -2.47
C THR A 33 -40.57 30.98 -2.89
N LEU A 34 -41.65 31.69 -3.23
CA LEU A 34 -42.87 31.03 -3.64
C LEU A 34 -42.67 30.25 -4.93
N GLY A 35 -42.01 30.87 -5.91
CA GLY A 35 -41.75 30.18 -7.16
C GLY A 35 -40.92 28.92 -6.97
N ASN A 36 -39.91 29.00 -6.11
CA ASN A 36 -39.07 27.83 -5.85
C ASN A 36 -39.81 26.76 -5.08
N SER A 37 -40.70 27.15 -4.16
CA SER A 37 -41.51 26.15 -3.48
C SER A 37 -42.38 25.40 -4.48
N LEU A 38 -43.03 26.14 -5.38
CA LEU A 38 -43.84 25.50 -6.41
C LEU A 38 -42.99 24.59 -7.30
N ARG A 39 -41.80 25.06 -7.70
CA ARG A 39 -40.92 24.24 -8.53
C ARG A 39 -40.51 22.96 -7.81
N ARG A 40 -40.13 23.08 -6.54
CA ARG A 40 -39.67 21.91 -5.80
C ARG A 40 -40.80 20.89 -5.64
N THR A 41 -42.02 21.35 -5.37
CA THR A 41 -43.12 20.41 -5.24
C THR A 41 -43.55 19.85 -6.59
N LEU A 42 -43.30 20.56 -7.68
CA LEU A 42 -43.71 20.08 -9.00
C LEU A 42 -42.81 18.94 -9.48
N LEU A 43 -41.51 19.06 -9.26
CA LEU A 43 -40.56 18.09 -9.80
C LEU A 43 -40.48 16.81 -9.01
N SER A 44 -41.15 16.71 -7.86
CA SER A 44 -40.97 15.55 -6.99
C SER A 44 -42.25 14.96 -6.42
N SER A 45 -43.39 15.64 -6.49
CA SER A 45 -44.60 15.18 -5.82
C SER A 45 -45.83 15.34 -6.71
N ILE A 46 -45.71 14.95 -7.98
CA ILE A 46 -46.84 14.91 -8.89
C ILE A 46 -47.11 13.43 -9.20
N PRO A 47 -48.25 12.87 -8.78
CA PRO A 47 -48.51 11.45 -9.05
C PRO A 47 -48.65 11.19 -10.54
N GLY A 48 -48.21 10.00 -10.95
CA GLY A 48 -48.27 9.62 -12.34
C GLY A 48 -48.21 8.11 -12.48
N ALA A 49 -48.24 7.65 -13.72
CA ALA A 49 -48.22 6.23 -14.04
C ALA A 49 -46.98 5.91 -14.87
N ALA A 50 -46.42 4.73 -14.64
CA ALA A 50 -45.24 4.29 -15.37
C ALA A 50 -45.21 2.77 -15.39
N VAL A 51 -44.44 2.22 -16.33
CA VAL A 51 -44.31 0.77 -16.46
C VAL A 51 -43.45 0.26 -15.31
N THR A 52 -43.92 -0.81 -14.66
CA THR A 52 -43.24 -1.39 -13.52
C THR A 52 -42.38 -2.60 -13.88
N SER A 53 -42.88 -3.47 -14.75
CA SER A 53 -42.12 -4.65 -15.15
C SER A 53 -42.63 -5.12 -16.51
N ILE A 54 -41.82 -5.95 -17.16
CA ILE A 54 -42.14 -6.49 -18.47
C ILE A 54 -41.93 -8.00 -18.44
N ARG A 55 -42.41 -8.67 -19.49
CA ARG A 55 -42.28 -10.12 -19.59
C ARG A 55 -42.30 -10.48 -21.08
N ILE A 56 -41.13 -10.81 -21.62
CA ILE A 56 -40.97 -11.11 -23.04
C ILE A 56 -40.91 -12.62 -23.21
N ASP A 57 -41.74 -13.15 -24.11
CA ASP A 57 -41.74 -14.58 -24.37
C ASP A 57 -40.37 -15.05 -24.82
N GLY A 58 -39.92 -16.16 -24.25
CA GLY A 58 -38.62 -16.72 -24.59
C GLY A 58 -37.44 -16.05 -23.94
N VAL A 59 -37.66 -15.07 -23.07
CA VAL A 59 -36.60 -14.34 -22.40
C VAL A 59 -36.73 -14.56 -20.89
N LEU A 60 -35.65 -15.01 -20.27
CA LEU A 60 -35.63 -15.26 -18.83
C LEU A 60 -35.03 -14.11 -18.04
N HIS A 61 -34.12 -13.35 -18.62
CA HIS A 61 -33.48 -12.23 -17.95
C HIS A 61 -33.20 -11.15 -18.98
N GLU A 62 -32.77 -9.98 -18.49
CA GLU A 62 -32.54 -8.85 -19.38
C GLU A 62 -31.19 -8.90 -20.08
N PHE A 63 -30.29 -9.78 -19.67
CA PHE A 63 -28.97 -9.89 -20.29
C PHE A 63 -28.97 -10.97 -21.36
N THR A 64 -29.83 -10.82 -22.36
CA THR A 64 -29.94 -11.79 -23.44
C THR A 64 -30.50 -11.10 -24.68
N THR A 65 -30.81 -11.89 -25.69
CA THR A 65 -31.38 -11.39 -26.94
C THR A 65 -32.50 -12.31 -27.38
N VAL A 66 -33.43 -11.75 -28.15
CA VAL A 66 -34.52 -12.50 -28.78
C VAL A 66 -34.23 -12.56 -30.26
N PRO A 67 -34.23 -13.74 -30.88
CA PRO A 67 -33.85 -13.82 -32.29
C PRO A 67 -34.76 -12.98 -33.18
N GLY A 68 -34.15 -12.31 -34.15
CA GLY A 68 -34.87 -11.52 -35.13
C GLY A 68 -34.85 -10.03 -34.89
N VAL A 69 -34.64 -9.59 -33.66
CA VAL A 69 -34.62 -8.16 -33.35
C VAL A 69 -33.19 -7.65 -33.49
N LYS A 70 -33.06 -6.35 -33.79
CA LYS A 70 -31.76 -5.77 -34.03
C LYS A 70 -31.02 -5.37 -32.75
N GLU A 71 -31.70 -5.36 -31.60
CA GLU A 71 -31.06 -4.93 -30.36
C GLU A 71 -31.48 -5.85 -29.22
N ASP A 72 -30.59 -5.99 -28.24
CA ASP A 72 -30.79 -6.92 -27.14
C ASP A 72 -31.90 -6.41 -26.22
N VAL A 73 -32.16 -7.18 -25.15
CA VAL A 73 -33.25 -6.86 -24.24
C VAL A 73 -32.97 -5.56 -23.50
N THR A 74 -31.71 -5.31 -23.16
CA THR A 74 -31.38 -4.08 -22.43
C THR A 74 -31.70 -2.85 -23.26
N GLU A 75 -31.41 -2.88 -24.55
CA GLU A 75 -31.70 -1.74 -25.41
C GLU A 75 -33.19 -1.46 -25.49
N ILE A 76 -34.00 -2.51 -25.63
CA ILE A 76 -35.45 -2.31 -25.71
C ILE A 76 -35.99 -1.84 -24.38
N ILE A 77 -35.43 -2.31 -23.27
CA ILE A 77 -35.85 -1.80 -21.96
C ILE A 77 -35.55 -0.32 -21.86
N LEU A 78 -34.35 0.10 -22.28
CA LEU A 78 -34.01 1.51 -22.26
C LEU A 78 -34.95 2.31 -23.14
N ASN A 79 -35.30 1.78 -24.31
CA ASN A 79 -36.24 2.46 -25.19
C ASN A 79 -37.60 2.62 -24.52
N LEU A 80 -38.08 1.56 -23.85
CA LEU A 80 -39.36 1.63 -23.16
C LEU A 80 -39.33 2.59 -21.98
N LYS A 81 -38.15 2.82 -21.40
CA LYS A 81 -38.06 3.77 -20.30
C LYS A 81 -38.59 5.15 -20.68
N SER A 82 -38.56 5.49 -21.97
CA SER A 82 -39.05 6.79 -22.43
C SER A 82 -40.55 6.82 -22.67
N LEU A 83 -41.24 5.67 -22.56
CA LEU A 83 -42.67 5.63 -22.81
C LEU A 83 -43.41 6.44 -21.77
N VAL A 84 -44.44 7.18 -22.21
CA VAL A 84 -45.29 7.96 -21.33
C VAL A 84 -46.71 7.42 -21.42
N VAL A 85 -47.30 7.08 -20.28
CA VAL A 85 -48.64 6.53 -20.22
C VAL A 85 -49.38 7.15 -19.05
N SER A 86 -50.70 7.22 -19.17
CA SER A 86 -51.57 7.75 -18.13
C SER A 86 -52.64 6.69 -17.82
N SER A 87 -52.60 6.15 -16.61
CA SER A 87 -53.51 5.09 -16.20
C SER A 87 -54.50 5.66 -15.19
N GLU A 88 -55.79 5.57 -15.53
CA GLU A 88 -56.83 6.03 -14.61
C GLU A 88 -57.07 5.03 -13.48
N GLU A 89 -56.88 3.74 -13.74
CA GLU A 89 -57.04 2.73 -12.71
C GLU A 89 -55.99 2.92 -11.62
N ASP A 90 -56.38 2.57 -10.38
CA ASP A 90 -55.48 2.64 -9.24
C ASP A 90 -54.89 1.28 -8.89
N GLU A 91 -54.88 0.35 -9.83
CA GLU A 91 -54.35 -0.99 -9.64
C GLU A 91 -53.44 -1.33 -10.81
N PRO A 92 -52.54 -2.30 -10.65
CA PRO A 92 -51.71 -2.72 -11.79
C PRO A 92 -52.59 -3.25 -12.92
N VAL A 93 -52.24 -2.85 -14.14
CA VAL A 93 -52.92 -3.34 -15.33
C VAL A 93 -51.86 -3.76 -16.34
N THR A 94 -52.21 -4.73 -17.17
CA THR A 94 -51.27 -5.38 -18.09
C THR A 94 -51.65 -5.02 -19.53
N MET A 95 -50.65 -4.56 -20.29
CA MET A 95 -50.82 -4.21 -21.69
C MET A 95 -50.06 -5.23 -22.55
N TYR A 96 -50.53 -5.42 -23.77
CA TYR A 96 -49.98 -6.42 -24.68
C TYR A 96 -49.39 -5.76 -25.91
N LEU A 97 -48.31 -6.36 -26.41
CA LEU A 97 -47.64 -5.92 -27.63
C LEU A 97 -47.30 -7.17 -28.43
N ARG A 98 -47.90 -7.32 -29.61
CA ARG A 98 -47.70 -8.50 -30.45
C ARG A 98 -47.41 -8.03 -31.87
N LYS A 99 -46.13 -8.01 -32.25
CA LYS A 99 -45.72 -7.63 -33.59
C LYS A 99 -44.89 -8.75 -34.20
N GLN A 100 -45.13 -9.03 -35.47
CA GLN A 100 -44.44 -10.10 -36.19
C GLN A 100 -44.15 -9.65 -37.61
N GLY A 101 -43.13 -10.28 -38.20
CA GLY A 101 -42.77 -10.01 -39.57
C GLY A 101 -41.85 -8.82 -39.70
N PRO A 102 -41.34 -8.58 -40.90
CA PRO A 102 -40.42 -7.45 -41.10
C PRO A 102 -41.12 -6.13 -40.85
N GLY A 103 -40.36 -5.18 -40.32
CA GLY A 103 -40.86 -3.85 -40.05
C GLY A 103 -40.34 -3.36 -38.72
N GLU A 104 -40.90 -2.23 -38.29
CA GLU A 104 -40.52 -1.59 -37.04
C GLU A 104 -41.70 -1.64 -36.07
N VAL A 105 -41.39 -1.89 -34.79
CA VAL A 105 -42.40 -1.92 -33.74
C VAL A 105 -42.33 -0.61 -32.97
N THR A 106 -43.46 0.08 -32.86
CA THR A 106 -43.56 1.37 -32.20
C THR A 106 -44.57 1.30 -31.07
N ALA A 107 -44.57 2.33 -30.23
CA ALA A 107 -45.51 2.37 -29.11
C ALA A 107 -46.96 2.37 -29.57
N GLY A 108 -47.22 2.72 -30.83
CA GLY A 108 -48.56 2.65 -31.36
C GLY A 108 -49.07 1.25 -31.62
N ASP A 109 -48.17 0.26 -31.66
CA ASP A 109 -48.58 -1.13 -31.82
C ASP A 109 -49.11 -1.75 -30.53
N ILE A 110 -48.92 -1.08 -29.39
CA ILE A 110 -49.48 -1.57 -28.15
C ILE A 110 -51.00 -1.45 -28.18
N VAL A 111 -51.67 -2.32 -27.44
CA VAL A 111 -53.13 -2.29 -27.33
C VAL A 111 -53.49 -2.18 -25.87
N PRO A 112 -53.53 -0.96 -25.30
CA PRO A 112 -53.74 -0.83 -23.86
C PRO A 112 -55.16 -1.21 -23.48
N PRO A 113 -55.38 -1.65 -22.25
CA PRO A 113 -56.73 -1.95 -21.80
C PRO A 113 -57.50 -0.67 -21.48
N ALA A 114 -58.79 -0.85 -21.19
CA ALA A 114 -59.63 0.29 -20.85
C ALA A 114 -59.06 1.02 -19.65
N GLY A 115 -59.07 2.36 -19.72
CA GLY A 115 -58.53 3.19 -18.67
C GLY A 115 -57.07 3.56 -18.82
N VAL A 116 -56.40 3.09 -19.87
CA VAL A 116 -55.01 3.42 -20.12
C VAL A 116 -54.89 3.91 -21.56
N THR A 117 -53.92 4.79 -21.80
CA THR A 117 -53.67 5.31 -23.13
C THR A 117 -52.20 5.65 -23.27
N VAL A 118 -51.72 5.65 -24.50
CA VAL A 118 -50.34 5.97 -24.83
C VAL A 118 -50.33 7.28 -25.61
N HIS A 119 -49.57 8.26 -25.13
CA HIS A 119 -49.61 9.61 -25.65
C HIS A 119 -48.53 9.89 -26.68
N ASN A 120 -47.66 8.93 -26.98
CA ASN A 120 -46.64 9.08 -28.01
C ASN A 120 -46.62 7.82 -28.87
N PRO A 121 -47.62 7.64 -29.73
CA PRO A 121 -47.66 6.44 -30.58
C PRO A 121 -46.50 6.35 -31.57
N GLY A 122 -45.73 7.41 -31.74
CA GLY A 122 -44.62 7.42 -32.69
C GLY A 122 -43.29 6.97 -32.13
N MET A 123 -43.24 6.51 -30.88
CA MET A 123 -41.98 6.10 -30.29
C MET A 123 -41.45 4.83 -30.96
N HIS A 124 -40.13 4.74 -31.03
CA HIS A 124 -39.44 3.61 -31.63
C HIS A 124 -38.96 2.68 -30.53
N ILE A 125 -39.38 1.42 -30.59
CA ILE A 125 -39.04 0.43 -29.57
C ILE A 125 -37.97 -0.53 -30.08
N ALA A 126 -38.18 -1.13 -31.25
CA ALA A 126 -37.23 -2.09 -31.80
C ALA A 126 -37.50 -2.27 -33.29
N THR A 127 -36.61 -3.01 -33.94
CA THR A 127 -36.72 -3.34 -35.36
C THR A 127 -36.72 -4.85 -35.52
N LEU A 128 -37.54 -5.34 -36.43
CA LEU A 128 -37.75 -6.77 -36.61
C LEU A 128 -37.36 -7.19 -38.03
N ASN A 129 -36.62 -8.30 -38.11
CA ASN A 129 -36.44 -8.99 -39.37
C ASN A 129 -37.66 -9.87 -39.64
N ASP A 130 -37.76 -10.36 -40.89
CA ASP A 130 -38.83 -11.29 -41.21
C ASP A 130 -38.68 -12.61 -40.46
N LYS A 131 -37.50 -12.87 -39.90
CA LYS A 131 -37.26 -14.15 -39.23
C LYS A 131 -37.96 -14.20 -37.87
N GLY A 132 -37.88 -13.14 -37.09
CA GLY A 132 -38.36 -13.19 -35.71
C GLY A 132 -39.49 -12.25 -35.37
N LYS A 133 -40.23 -12.58 -34.32
CA LYS A 133 -41.34 -11.79 -33.83
C LYS A 133 -41.01 -11.24 -32.46
N LEU A 134 -42.00 -10.60 -31.83
CA LEU A 134 -41.82 -10.00 -30.51
C LEU A 134 -43.17 -9.91 -29.84
N GLU A 135 -43.29 -10.51 -28.65
CA GLU A 135 -44.49 -10.41 -27.83
C GLU A 135 -44.09 -10.02 -26.42
N VAL A 136 -44.56 -8.87 -25.96
CA VAL A 136 -44.18 -8.30 -24.68
C VAL A 136 -45.43 -8.02 -23.86
N GLU A 137 -45.39 -8.38 -22.58
CA GLU A 137 -46.46 -8.07 -21.64
C GLU A 137 -45.87 -7.19 -20.55
N LEU A 138 -46.42 -5.99 -20.38
CA LEU A 138 -45.86 -4.98 -19.50
C LEU A 138 -46.95 -4.45 -18.56
N VAL A 139 -46.56 -4.21 -17.31
CA VAL A 139 -47.49 -3.83 -16.24
C VAL A 139 -47.33 -2.34 -15.97
N VAL A 140 -48.45 -1.64 -15.88
CA VAL A 140 -48.48 -0.20 -15.62
C VAL A 140 -49.09 0.02 -14.25
N GLU A 141 -48.41 0.81 -13.42
CA GLU A 141 -48.87 1.13 -12.09
C GLU A 141 -48.80 2.64 -11.87
N ARG A 142 -49.65 3.14 -10.98
CA ARG A 142 -49.76 4.56 -10.69
C ARG A 142 -49.10 4.85 -9.35
N GLY A 143 -48.21 5.83 -9.34
CA GLY A 143 -47.52 6.21 -8.13
C GLY A 143 -46.92 7.59 -8.27
N ARG A 144 -45.87 7.85 -7.48
CA ARG A 144 -45.17 9.12 -7.55
C ARG A 144 -43.71 8.91 -7.17
N GLY A 145 -42.86 9.83 -7.62
CA GLY A 145 -41.46 9.78 -7.32
C GLY A 145 -40.67 8.88 -8.26
N TYR A 146 -39.59 8.29 -7.76
CA TYR A 146 -38.75 7.38 -8.54
C TYR A 146 -38.51 6.12 -7.70
N VAL A 147 -39.09 5.01 -8.14
CA VAL A 147 -39.00 3.74 -7.42
C VAL A 147 -37.98 2.87 -8.16
N PRO A 148 -36.87 2.50 -7.53
CA PRO A 148 -35.91 1.61 -8.19
C PRO A 148 -36.54 0.27 -8.52
N ALA A 149 -35.96 -0.41 -9.51
CA ALA A 149 -36.54 -1.66 -9.99
C ALA A 149 -36.58 -2.74 -8.91
N VAL A 150 -35.81 -2.58 -7.83
CA VAL A 150 -35.77 -3.60 -6.79
C VAL A 150 -37.14 -3.88 -6.19
N GLN A 151 -38.11 -2.97 -6.41
CA GLN A 151 -39.44 -3.15 -5.82
C GLN A 151 -40.03 -4.51 -6.16
N ASN A 152 -39.82 -4.99 -7.38
CA ASN A 152 -40.35 -6.28 -7.80
C ASN A 152 -39.36 -7.42 -7.59
N ARG A 153 -38.13 -7.12 -7.16
CA ARG A 153 -37.13 -8.17 -6.98
C ARG A 153 -37.55 -9.16 -5.91
N ALA A 154 -38.10 -8.66 -4.80
CA ALA A 154 -38.50 -9.50 -3.68
C ALA A 154 -39.93 -9.99 -3.79
N SER A 155 -40.64 -9.66 -4.87
CA SER A 155 -42.03 -10.07 -5.02
C SER A 155 -42.16 -11.59 -5.11
N GLY A 156 -41.08 -12.31 -5.40
CA GLY A 156 -41.16 -13.75 -5.55
C GLY A 156 -41.97 -14.18 -6.74
N ALA A 157 -41.84 -13.50 -7.88
CA ALA A 157 -42.57 -13.84 -9.07
C ALA A 157 -41.79 -14.85 -9.91
N GLU A 158 -42.33 -15.19 -11.08
CA GLU A 158 -41.71 -16.20 -11.92
C GLU A 158 -40.38 -15.69 -12.47
N ILE A 159 -39.67 -16.58 -13.17
CA ILE A 159 -38.39 -16.21 -13.75
C ILE A 159 -38.55 -15.27 -14.95
N GLY A 160 -39.73 -15.27 -15.58
CA GLY A 160 -39.93 -14.44 -16.75
C GLY A 160 -39.90 -12.96 -16.43
N ARG A 161 -40.40 -12.57 -15.27
CA ARG A 161 -40.53 -11.16 -14.94
C ARG A 161 -39.19 -10.45 -14.97
N ILE A 162 -39.19 -9.24 -15.50
CA ILE A 162 -37.99 -8.40 -15.57
C ILE A 162 -38.31 -7.06 -14.91
N PRO A 163 -38.00 -6.86 -13.64
CA PRO A 163 -38.30 -5.57 -13.00
C PRO A 163 -37.66 -4.40 -13.74
N VAL A 164 -38.41 -3.30 -13.83
CA VAL A 164 -37.97 -2.11 -14.54
C VAL A 164 -38.05 -0.92 -13.59
N ASP A 165 -37.05 -0.05 -13.64
CA ASP A 165 -37.10 1.18 -12.87
C ASP A 165 -38.30 2.02 -13.30
N SER A 166 -39.00 2.56 -12.32
CA SER A 166 -40.22 3.33 -12.55
C SER A 166 -39.98 4.81 -12.27
N ILE A 167 -40.46 5.66 -13.18
CA ILE A 167 -40.34 7.11 -13.04
C ILE A 167 -41.75 7.68 -13.23
N TYR A 168 -42.47 7.87 -12.13
CA TYR A 168 -43.79 8.48 -12.16
C TYR A 168 -43.63 9.98 -11.97
N SER A 169 -43.41 10.69 -13.07
CA SER A 169 -43.21 12.14 -13.03
C SER A 169 -43.61 12.73 -14.37
N PRO A 170 -44.82 13.30 -14.49
CA PRO A 170 -45.21 13.92 -15.76
C PRO A 170 -44.53 15.25 -16.04
N VAL A 171 -44.02 15.93 -15.03
CA VAL A 171 -43.41 17.24 -15.22
C VAL A 171 -42.01 17.05 -15.83
N LEU A 172 -41.64 17.97 -16.72
CA LEU A 172 -40.39 17.89 -17.46
C LEU A 172 -39.43 19.01 -17.10
N LYS A 173 -39.86 20.27 -17.20
CA LYS A 173 -39.03 21.41 -16.88
C LYS A 173 -39.90 22.48 -16.22
N VAL A 174 -39.33 23.15 -15.22
CA VAL A 174 -40.00 24.24 -14.52
C VAL A 174 -39.02 25.39 -14.35
N THR A 175 -39.50 26.61 -14.59
CA THR A 175 -38.66 27.79 -14.53
C THR A 175 -39.50 28.96 -14.06
N TYR A 176 -38.84 29.98 -13.51
CA TYR A 176 -39.52 31.18 -13.07
C TYR A 176 -38.58 32.37 -13.17
N LYS A 177 -39.18 33.54 -13.44
CA LYS A 177 -38.46 34.81 -13.37
C LYS A 177 -39.34 35.81 -12.64
N VAL A 178 -38.71 36.68 -11.87
CA VAL A 178 -39.41 37.65 -11.02
C VAL A 178 -39.14 39.05 -11.57
N ASP A 179 -40.21 39.82 -11.72
CA ASP A 179 -40.14 41.18 -12.27
C ASP A 179 -40.45 42.16 -11.13
N ALA A 180 -39.41 42.53 -10.38
CA ALA A 180 -39.57 43.48 -9.29
C ALA A 180 -39.91 44.86 -9.84
N THR A 181 -40.63 45.64 -9.02
CA THR A 181 -41.02 46.98 -9.41
C THR A 181 -40.53 48.01 -8.38
N ARG A 182 -39.28 47.88 -7.95
CA ARG A 182 -38.72 48.80 -6.97
C ARG A 182 -38.86 50.24 -7.45
N VAL A 183 -39.62 51.03 -6.69
CA VAL A 183 -39.83 52.44 -6.99
C VAL A 183 -39.68 53.22 -5.69
N GLU A 184 -39.36 54.52 -5.83
CA GLU A 184 -39.21 55.37 -4.66
C GLU A 184 -40.49 55.40 -3.82
N GLN A 185 -41.64 55.26 -4.47
CA GLN A 185 -42.90 55.21 -3.74
C GLN A 185 -42.98 53.91 -2.92
N ARG A 186 -43.80 53.95 -1.87
CA ARG A 186 -44.03 52.75 -1.07
C ARG A 186 -44.63 51.62 -1.89
N THR A 187 -45.24 51.93 -3.03
CA THR A 187 -45.87 50.93 -3.89
C THR A 187 -44.80 50.15 -4.62
N ASP A 188 -44.23 49.16 -3.93
CA ASP A 188 -43.26 48.25 -4.50
C ASP A 188 -43.73 46.82 -4.29
N PHE A 189 -43.67 46.03 -5.35
CA PHE A 189 -44.10 44.64 -5.31
C PHE A 189 -43.23 43.85 -6.29
N ASP A 190 -43.65 42.63 -6.61
CA ASP A 190 -42.96 41.83 -7.60
C ASP A 190 -43.95 40.90 -8.28
N LYS A 191 -43.65 40.57 -9.53
CA LYS A 191 -44.49 39.71 -10.36
C LYS A 191 -43.74 38.44 -10.70
N LEU A 192 -44.43 37.31 -10.62
CA LEU A 192 -43.83 36.00 -10.87
C LEU A 192 -44.35 35.45 -12.19
N ILE A 193 -43.45 34.82 -12.96
CA ILE A 193 -43.78 34.21 -14.24
C ILE A 193 -43.27 32.77 -14.18
N LEU A 194 -44.16 31.84 -13.80
CA LEU A 194 -43.78 30.44 -13.60
C LEU A 194 -44.09 29.65 -14.86
N ASP A 195 -43.05 29.23 -15.57
CA ASP A 195 -43.19 28.34 -16.72
C ASP A 195 -43.09 26.89 -16.26
N VAL A 196 -43.89 26.02 -16.88
CA VAL A 196 -43.87 24.60 -16.58
C VAL A 196 -44.17 23.82 -17.85
N GLU A 197 -43.33 22.84 -18.14
CA GLU A 197 -43.52 21.93 -19.26
C GLU A 197 -43.74 20.51 -18.72
N THR A 198 -44.56 19.74 -19.42
CA THR A 198 -44.94 18.41 -19.00
C THR A 198 -44.62 17.41 -20.10
N LYS A 199 -44.81 16.13 -19.80
CA LYS A 199 -44.53 15.04 -20.72
C LYS A 199 -45.72 14.66 -21.58
N ASN A 200 -46.79 15.45 -21.55
CA ASN A 200 -48.04 15.23 -22.27
C ASN A 200 -48.93 14.23 -21.54
N SER A 201 -48.46 13.65 -20.43
CA SER A 201 -49.34 12.79 -19.62
C SER A 201 -50.44 13.62 -18.97
N ILE A 202 -50.10 14.79 -18.43
CA ILE A 202 -51.06 15.70 -17.84
C ILE A 202 -50.77 17.11 -18.34
N SER A 203 -51.81 17.94 -18.33
CA SER A 203 -51.64 19.33 -18.73
C SER A 203 -50.93 20.11 -17.64
N PRO A 204 -50.30 21.24 -17.99
CA PRO A 204 -49.64 22.05 -16.94
C PRO A 204 -50.59 22.50 -15.86
N ARG A 205 -51.85 22.80 -16.20
CA ARG A 205 -52.79 23.26 -15.20
C ARG A 205 -53.04 22.21 -14.14
N ASP A 206 -53.19 20.95 -14.55
CA ASP A 206 -53.42 19.88 -13.58
C ASP A 206 -52.21 19.69 -12.68
N ALA A 207 -51.00 19.77 -13.24
CA ALA A 207 -49.80 19.65 -12.43
C ALA A 207 -49.72 20.78 -11.40
N LEU A 208 -50.00 22.01 -11.82
CA LEU A 208 -49.96 23.13 -10.90
C LEU A 208 -51.02 22.97 -9.81
N ALA A 209 -52.22 22.52 -10.18
CA ALA A 209 -53.26 22.32 -9.19
C ALA A 209 -52.88 21.25 -8.18
N SER A 210 -52.28 20.15 -8.64
CA SER A 210 -51.85 19.11 -7.73
C SER A 210 -50.78 19.63 -6.77
N ALA A 211 -49.82 20.38 -7.29
CA ALA A 211 -48.79 20.95 -6.42
C ALA A 211 -49.39 21.89 -5.40
N GLY A 212 -50.32 22.74 -5.83
CA GLY A 212 -50.96 23.65 -4.91
C GLY A 212 -51.72 22.94 -3.81
N LYS A 213 -52.43 21.86 -4.16
CA LYS A 213 -53.14 21.09 -3.15
C LYS A 213 -52.16 20.47 -2.17
N THR A 214 -51.05 19.91 -2.67
CA THR A 214 -50.04 19.37 -1.77
C THR A 214 -49.58 20.42 -0.77
N LEU A 215 -49.24 21.61 -1.26
CA LEU A 215 -48.69 22.64 -0.38
C LEU A 215 -49.74 23.15 0.61
N VAL A 216 -50.98 23.32 0.16
CA VAL A 216 -52.04 23.76 1.07
C VAL A 216 -52.23 22.75 2.19
N GLU A 217 -52.27 21.46 1.84
CA GLU A 217 -52.44 20.43 2.85
C GLU A 217 -51.26 20.41 3.80
N LEU A 218 -50.04 20.66 3.28
CA LEU A 218 -48.87 20.67 4.15
C LEU A 218 -48.89 21.84 5.13
N PHE A 219 -49.33 23.01 4.68
CA PHE A 219 -49.36 24.19 5.55
C PHE A 219 -50.60 24.24 6.45
N GLY A 220 -51.57 23.36 6.24
CA GLY A 220 -52.65 23.25 7.20
C GLY A 220 -52.16 22.97 8.61
N LEU A 221 -51.04 22.25 8.73
CA LEU A 221 -50.48 21.99 10.05
C LEU A 221 -50.05 23.28 10.73
N ALA A 222 -49.36 24.16 10.00
CA ALA A 222 -48.97 25.44 10.57
C ALA A 222 -50.19 26.26 10.93
N ARG A 223 -51.22 26.23 10.06
CA ARG A 223 -52.43 26.99 10.35
C ARG A 223 -53.12 26.49 11.62
N GLU A 224 -53.00 25.20 11.93
CA GLU A 224 -53.76 24.63 13.03
C GLU A 224 -53.36 25.20 14.39
N LEU A 225 -52.12 25.65 14.53
CA LEU A 225 -51.59 25.94 15.86
C LEU A 225 -52.49 26.89 16.64
N ASN A 226 -52.74 28.06 16.07
CA ASN A 226 -53.47 29.13 16.75
C ASN A 226 -53.24 29.16 18.26
N MET B 1 -53.12 10.27 -3.22
CA MET B 1 -52.08 9.39 -2.61
C MET B 1 -52.23 9.44 -1.10
N LEU B 2 -51.18 9.06 -0.38
CA LEU B 2 -51.19 9.18 1.07
C LEU B 2 -49.78 9.45 1.57
N ILE B 3 -49.71 10.15 2.69
CA ILE B 3 -48.45 10.46 3.35
C ILE B 3 -48.13 9.33 4.31
N SER B 4 -46.92 8.77 4.21
CA SER B 4 -46.53 7.64 5.03
C SER B 4 -46.72 7.95 6.52
N GLN B 5 -46.02 8.97 7.02
CA GLN B 5 -46.14 9.40 8.41
C GLN B 5 -46.58 10.86 8.44
N ARG B 6 -47.62 11.13 9.20
CA ARG B 6 -48.18 12.49 9.22
C ARG B 6 -47.22 13.44 9.92
N PRO B 7 -46.91 14.60 9.33
CA PRO B 7 -46.12 15.60 10.05
C PRO B 7 -46.91 16.20 11.19
N THR B 8 -46.21 16.55 12.27
CA THR B 8 -46.81 17.22 13.41
C THR B 8 -45.86 18.28 13.95
N LEU B 9 -46.43 19.31 14.56
CA LEU B 9 -45.69 20.47 15.03
C LEU B 9 -45.76 20.55 16.55
N SER B 10 -44.59 20.62 17.19
CA SER B 10 -44.45 20.72 18.64
C SER B 10 -43.81 22.06 18.98
N GLU B 11 -44.55 22.88 19.72
CA GLU B 11 -43.99 24.14 20.19
C GLU B 11 -43.04 23.90 21.36
N ASP B 12 -41.89 24.55 21.31
CA ASP B 12 -41.01 24.67 22.46
C ASP B 12 -40.93 26.15 22.83
N VAL B 13 -40.69 26.43 24.11
CA VAL B 13 -40.59 27.78 24.60
C VAL B 13 -39.20 27.97 25.20
N LEU B 14 -38.47 28.98 24.70
CA LEU B 14 -37.18 29.36 25.21
C LEU B 14 -37.23 30.66 26.01
N THR B 15 -38.19 31.52 25.70
CA THR B 15 -38.45 32.76 26.41
C THR B 15 -39.88 33.16 26.08
N ASP B 16 -40.41 34.11 26.84
CA ASP B 16 -41.74 34.64 26.53
C ASP B 16 -41.83 35.08 25.07
N ASN B 17 -40.78 35.73 24.58
CA ASN B 17 -40.76 36.22 23.20
C ASN B 17 -40.30 35.16 22.22
N ARG B 18 -39.39 34.28 22.63
CA ARG B 18 -38.80 33.31 21.71
C ARG B 18 -39.57 32.00 21.72
N SER B 19 -39.22 31.13 20.79
CA SER B 19 -39.81 29.81 20.68
C SER B 19 -38.99 29.00 19.68
N GLN B 20 -39.22 27.70 19.66
CA GLN B 20 -38.59 26.81 18.70
C GLN B 20 -39.62 25.78 18.25
N PHE B 21 -39.92 25.77 16.96
CA PHE B 21 -41.00 24.99 16.38
C PHE B 21 -40.42 23.89 15.52
N VAL B 22 -40.69 22.63 15.87
CA VAL B 22 -40.17 21.48 15.15
C VAL B 22 -41.33 20.79 14.43
N ILE B 23 -41.25 20.73 13.11
CA ILE B 23 -42.17 19.96 12.29
C ILE B 23 -41.47 18.67 11.88
N GLU B 24 -42.08 17.53 12.22
CA GLU B 24 -41.43 16.24 11.97
C GLU B 24 -42.48 15.15 11.97
N PRO B 25 -42.33 14.10 11.14
CA PRO B 25 -41.37 13.93 10.06
C PRO B 25 -41.88 14.52 8.75
N LEU B 26 -41.00 14.74 7.77
CA LEU B 26 -41.39 15.27 6.47
C LEU B 26 -40.81 14.38 5.39
N GLU B 27 -41.53 14.27 4.27
CA GLU B 27 -41.00 13.53 3.14
C GLU B 27 -39.68 14.14 2.70
N PRO B 28 -38.73 13.33 2.22
CA PRO B 28 -37.41 13.86 1.91
C PRO B 28 -37.50 15.03 0.93
N GLY B 29 -36.80 16.11 1.26
CA GLY B 29 -36.77 17.30 0.44
C GLY B 29 -37.79 18.36 0.81
N PHE B 30 -38.82 18.02 1.59
CA PHE B 30 -39.82 19.00 1.96
C PHE B 30 -39.35 19.93 3.07
N GLY B 31 -38.25 19.60 3.75
CA GLY B 31 -37.72 20.47 4.78
C GLY B 31 -37.51 21.89 4.29
N TYR B 32 -36.67 22.06 3.26
CA TYR B 32 -36.40 23.39 2.73
C TYR B 32 -37.66 24.01 2.12
N THR B 33 -38.39 23.22 1.33
CA THR B 33 -39.60 23.71 0.67
C THR B 33 -40.53 24.36 1.67
N LEU B 34 -40.65 23.77 2.86
CA LEU B 34 -41.49 24.35 3.90
C LEU B 34 -40.80 25.51 4.59
N GLY B 35 -39.54 25.31 5.01
CA GLY B 35 -38.90 26.25 5.91
C GLY B 35 -38.63 27.61 5.28
N ASN B 36 -38.11 27.63 4.06
CA ASN B 36 -37.73 28.92 3.48
C ASN B 36 -38.95 29.78 3.23
N SER B 37 -40.00 29.21 2.63
CA SER B 37 -41.22 29.95 2.39
C SER B 37 -41.86 30.39 3.70
N LEU B 38 -41.87 29.52 4.71
CA LEU B 38 -42.46 29.91 5.98
C LEU B 38 -41.69 31.05 6.63
N ARG B 39 -40.36 31.00 6.58
CA ARG B 39 -39.56 32.08 7.16
C ARG B 39 -39.86 33.41 6.47
N ARG B 40 -39.82 33.41 5.14
CA ARG B 40 -40.08 34.66 4.43
C ARG B 40 -41.49 35.17 4.71
N THR B 41 -42.46 34.27 4.75
CA THR B 41 -43.84 34.68 5.04
C THR B 41 -43.94 35.30 6.42
N LEU B 42 -43.33 34.68 7.42
CA LEU B 42 -43.38 35.23 8.77
C LEU B 42 -42.77 36.62 8.80
N LEU B 43 -41.62 36.79 8.15
CA LEU B 43 -40.91 38.06 8.28
C LEU B 43 -41.56 39.17 7.46
N SER B 44 -42.25 38.83 6.36
CA SER B 44 -42.68 39.86 5.41
C SER B 44 -44.19 40.01 5.26
N SER B 45 -45.00 39.10 5.81
CA SER B 45 -46.43 39.11 5.52
C SER B 45 -47.31 39.47 6.71
N ILE B 46 -46.79 39.49 7.92
CA ILE B 46 -47.58 39.73 9.12
C ILE B 46 -47.72 41.24 9.30
N PRO B 47 -48.93 41.79 9.34
CA PRO B 47 -49.08 43.24 9.46
C PRO B 47 -48.74 43.76 10.85
N GLY B 48 -48.23 44.99 10.88
CA GLY B 48 -47.90 45.63 12.13
C GLY B 48 -47.89 47.13 11.96
N ALA B 49 -47.41 47.82 13.00
CA ALA B 49 -47.33 49.27 13.00
C ALA B 49 -45.99 49.71 13.56
N ALA B 50 -45.49 50.83 13.05
CA ALA B 50 -44.23 51.38 13.51
C ALA B 50 -44.17 52.86 13.14
N VAL B 51 -43.30 53.58 13.84
CA VAL B 51 -43.12 55.00 13.56
C VAL B 51 -42.45 55.17 12.20
N THR B 52 -43.03 56.05 11.38
CA THR B 52 -42.52 56.29 10.04
C THR B 52 -41.60 57.51 9.95
N SER B 53 -41.94 58.59 10.64
CA SER B 53 -41.13 59.80 10.63
C SER B 53 -41.30 60.53 11.96
N ILE B 54 -40.35 61.41 12.25
CA ILE B 54 -40.33 62.14 13.51
C ILE B 54 -40.08 63.61 13.23
N ARG B 55 -40.42 64.44 14.22
CA ARG B 55 -40.19 65.88 14.17
C ARG B 55 -39.51 66.32 15.46
N ILE B 56 -38.66 67.34 15.35
CA ILE B 56 -37.98 67.94 16.50
C ILE B 56 -37.95 69.43 16.26
N ASP B 57 -38.78 70.18 17.00
CA ASP B 57 -38.86 71.62 16.81
C ASP B 57 -37.57 72.32 17.23
N GLY B 58 -36.85 71.77 18.20
CA GLY B 58 -35.69 72.44 18.75
C GLY B 58 -34.45 72.40 17.89
N VAL B 59 -34.45 71.63 16.81
CA VAL B 59 -33.29 71.51 15.92
C VAL B 59 -33.76 71.79 14.50
N LEU B 60 -33.02 72.66 13.79
CA LEU B 60 -33.38 73.01 12.42
C LEU B 60 -33.02 71.90 11.44
N HIS B 61 -32.00 71.11 11.73
CA HIS B 61 -31.59 70.00 10.87
C HIS B 61 -31.09 68.88 11.77
N GLU B 62 -30.43 67.88 11.17
CA GLU B 62 -30.03 66.68 11.88
C GLU B 62 -28.53 66.57 12.13
N PHE B 63 -27.73 67.48 11.58
CA PHE B 63 -26.28 67.38 11.75
C PHE B 63 -25.87 67.53 13.21
N THR B 64 -26.50 68.46 13.93
CA THR B 64 -26.13 68.77 15.29
C THR B 64 -26.95 67.91 16.26
N THR B 65 -26.88 68.24 17.55
CA THR B 65 -27.59 67.53 18.60
C THR B 65 -28.66 68.44 19.20
N VAL B 66 -29.79 67.86 19.54
CA VAL B 66 -30.88 68.67 20.10
C VAL B 66 -30.42 69.28 21.43
N PRO B 67 -30.60 70.57 21.65
CA PRO B 67 -30.13 71.17 22.90
C PRO B 67 -30.82 70.57 24.12
N GLY B 68 -30.07 70.45 25.21
CA GLY B 68 -30.62 69.99 26.47
C GLY B 68 -30.78 68.50 26.61
N VAL B 69 -30.19 67.71 25.70
CA VAL B 69 -30.29 66.26 25.74
C VAL B 69 -28.89 65.68 25.59
N LYS B 70 -28.54 64.72 26.46
CA LYS B 70 -27.24 64.08 26.36
C LYS B 70 -27.10 63.29 25.07
N GLU B 71 -28.13 62.55 24.70
CA GLU B 71 -28.04 61.68 23.53
C GLU B 71 -28.01 62.49 22.24
N ASP B 72 -27.29 61.96 21.26
CA ASP B 72 -27.26 62.56 19.94
C ASP B 72 -28.60 62.36 19.23
N VAL B 73 -28.88 63.22 18.25
CA VAL B 73 -30.16 63.13 17.55
C VAL B 73 -30.29 61.77 16.86
N THR B 74 -29.18 61.26 16.32
CA THR B 74 -29.21 59.92 15.72
C THR B 74 -29.48 58.86 16.78
N GLU B 75 -28.94 59.05 17.99
CA GLU B 75 -29.23 58.10 19.06
C GLU B 75 -30.71 58.14 19.43
N ILE B 76 -31.32 59.32 19.44
CA ILE B 76 -32.75 59.42 19.71
C ILE B 76 -33.55 58.73 18.61
N ILE B 77 -33.14 58.92 17.36
CA ILE B 77 -33.80 58.24 16.24
C ILE B 77 -33.71 56.73 16.44
N LEU B 78 -32.54 56.24 16.85
CA LEU B 78 -32.35 54.81 17.04
C LEU B 78 -33.24 54.29 18.18
N ASN B 79 -33.28 55.02 19.30
CA ASN B 79 -34.13 54.59 20.42
C ASN B 79 -35.60 54.58 20.02
N LEU B 80 -36.04 55.61 19.31
CA LEU B 80 -37.47 55.71 18.98
C LEU B 80 -37.85 54.72 17.89
N LYS B 81 -36.90 54.33 17.04
CA LYS B 81 -37.18 53.32 16.02
C LYS B 81 -37.51 51.97 16.63
N SER B 82 -36.97 51.69 17.81
CA SER B 82 -37.19 50.43 18.49
C SER B 82 -38.47 50.40 19.31
N LEU B 83 -39.22 51.50 19.36
CA LEU B 83 -40.47 51.53 20.11
C LEU B 83 -41.48 50.61 19.44
N VAL B 84 -42.14 49.78 20.26
CA VAL B 84 -43.13 48.82 19.79
C VAL B 84 -44.51 49.47 19.90
N VAL B 85 -45.21 49.55 18.77
CA VAL B 85 -46.50 50.23 18.69
C VAL B 85 -47.51 49.28 18.07
N SER B 86 -48.75 49.33 18.56
CA SER B 86 -49.86 48.59 17.98
C SER B 86 -50.92 49.61 17.56
N SER B 87 -51.27 49.58 16.27
CA SER B 87 -52.20 50.54 15.69
C SER B 87 -53.36 49.81 15.03
N GLU B 88 -54.55 50.36 15.19
CA GLU B 88 -55.76 49.81 14.57
C GLU B 88 -56.40 50.78 13.58
N GLU B 89 -55.75 51.89 13.29
CA GLU B 89 -56.27 52.90 12.37
C GLU B 89 -55.45 52.86 11.09
N ASP B 90 -56.14 52.79 9.94
CA ASP B 90 -55.45 52.68 8.67
C ASP B 90 -54.59 53.90 8.38
N GLU B 91 -55.14 55.10 8.62
CA GLU B 91 -54.42 56.32 8.31
C GLU B 91 -53.27 56.54 9.29
N PRO B 92 -52.26 57.31 8.90
CA PRO B 92 -51.14 57.60 9.81
C PRO B 92 -51.53 58.64 10.84
N VAL B 93 -51.63 58.20 12.10
CA VAL B 93 -52.01 59.08 13.20
C VAL B 93 -50.75 59.65 13.84
N THR B 94 -50.81 60.91 14.24
CA THR B 94 -49.69 61.60 14.85
C THR B 94 -49.69 61.40 16.35
N MET B 95 -48.50 61.47 16.95
CA MET B 95 -48.32 61.34 18.39
C MET B 95 -47.35 62.42 18.86
N TYR B 96 -47.52 62.86 20.10
CA TYR B 96 -46.71 63.91 20.68
C TYR B 96 -46.11 63.45 22.00
N LEU B 97 -44.83 63.75 22.20
CA LEU B 97 -44.13 63.46 23.45
C LEU B 97 -43.50 64.76 23.94
N ARG B 98 -43.97 65.23 25.10
CA ARG B 98 -43.55 66.52 25.64
C ARG B 98 -43.06 66.33 27.07
N LYS B 99 -41.91 66.93 27.38
CA LYS B 99 -41.35 66.85 28.72
C LYS B 99 -40.54 68.10 29.01
N GLN B 100 -40.37 68.39 30.30
CA GLN B 100 -39.66 69.58 30.75
C GLN B 100 -38.88 69.24 32.01
N GLY B 101 -37.75 69.92 32.19
CA GLY B 101 -36.96 69.81 33.39
C GLY B 101 -36.05 68.59 33.38
N PRO B 102 -35.18 68.51 34.38
CA PRO B 102 -34.25 67.36 34.46
C PRO B 102 -34.99 66.06 34.71
N GLY B 103 -34.39 64.98 34.21
CA GLY B 103 -34.93 63.65 34.36
C GLY B 103 -34.70 62.84 33.10
N GLU B 104 -35.38 61.70 33.03
CA GLU B 104 -35.30 60.82 31.87
C GLU B 104 -36.69 60.65 31.28
N VAL B 105 -36.77 60.55 29.96
CA VAL B 105 -38.02 60.41 29.23
C VAL B 105 -38.14 58.95 28.78
N THR B 106 -39.25 58.32 29.13
CA THR B 106 -39.50 56.92 28.81
C THR B 106 -40.69 56.81 27.87
N ALA B 107 -40.75 55.69 27.15
CA ALA B 107 -41.79 55.49 26.15
C ALA B 107 -43.17 55.60 26.76
N GLY B 108 -43.32 55.24 28.04
CA GLY B 108 -44.61 55.36 28.69
C GLY B 108 -45.08 56.79 28.89
N ASP B 109 -44.20 57.77 28.69
CA ASP B 109 -44.54 59.17 28.89
C ASP B 109 -45.20 59.82 27.68
N ILE B 110 -45.35 59.09 26.58
CA ILE B 110 -45.98 59.62 25.38
C ILE B 110 -47.48 59.37 25.46
N VAL B 111 -48.26 60.42 25.28
CA VAL B 111 -49.72 60.31 25.28
C VAL B 111 -50.15 59.75 23.93
N PRO B 112 -50.80 58.58 23.89
CA PRO B 112 -51.22 58.02 22.60
C PRO B 112 -52.64 58.44 22.28
N PRO B 113 -52.93 58.76 21.02
CA PRO B 113 -54.32 59.02 20.63
C PRO B 113 -55.15 57.74 20.63
N ALA B 114 -56.42 57.85 20.24
CA ALA B 114 -57.28 56.68 20.21
C ALA B 114 -56.76 55.64 19.23
N GLY B 115 -56.87 54.37 19.60
CA GLY B 115 -56.44 53.28 18.74
C GLY B 115 -55.03 52.81 19.00
N VAL B 116 -54.05 53.69 18.78
CA VAL B 116 -52.65 53.28 18.94
C VAL B 116 -52.35 53.02 20.41
N THR B 117 -51.32 52.22 20.64
CA THR B 117 -50.86 51.89 21.98
C THR B 117 -49.35 51.68 21.95
N VAL B 118 -48.75 51.70 23.14
CA VAL B 118 -47.33 51.42 23.31
C VAL B 118 -47.20 50.21 24.24
N HIS B 119 -46.50 49.19 23.78
CA HIS B 119 -46.43 47.92 24.49
C HIS B 119 -45.23 47.80 25.43
N ASN B 120 -44.33 48.79 25.45
CA ASN B 120 -43.20 48.81 26.37
C ASN B 120 -43.09 50.20 26.98
N PRO B 121 -44.00 50.56 27.89
CA PRO B 121 -43.92 51.88 28.52
C PRO B 121 -42.64 52.10 29.30
N GLY B 122 -41.97 51.05 29.74
CA GLY B 122 -40.74 51.18 30.49
C GLY B 122 -39.51 51.43 29.66
N MET B 123 -39.66 51.56 28.34
CA MET B 123 -38.52 51.80 27.47
C MET B 123 -37.92 53.18 27.74
N HIS B 124 -36.62 53.30 27.50
CA HIS B 124 -35.90 54.55 27.65
C HIS B 124 -35.65 55.18 26.28
N ILE B 125 -35.91 56.48 26.19
CA ILE B 125 -35.76 57.22 24.94
C ILE B 125 -34.59 58.18 25.00
N ALA B 126 -34.52 59.01 26.03
CA ALA B 126 -33.45 60.00 26.17
C ALA B 126 -33.39 60.46 27.62
N THR B 127 -32.52 61.43 27.89
CA THR B 127 -32.38 62.02 29.21
C THR B 127 -32.34 63.55 29.07
N LEU B 128 -32.73 64.24 30.14
CA LEU B 128 -32.80 65.69 30.15
C LEU B 128 -32.01 66.24 31.31
N ASN B 129 -31.37 67.39 31.09
CA ASN B 129 -30.63 68.10 32.12
C ASN B 129 -31.53 69.18 32.73
N ASP B 130 -30.95 70.01 33.58
CA ASP B 130 -31.70 71.11 34.17
C ASP B 130 -32.14 72.09 33.08
N LYS B 131 -33.39 72.52 33.16
CA LYS B 131 -33.96 73.46 32.17
C LYS B 131 -33.82 72.89 30.76
N GLY B 132 -34.25 71.65 30.58
CA GLY B 132 -34.25 71.01 29.29
C GLY B 132 -35.66 70.65 28.86
N LYS B 133 -35.86 70.58 27.55
CA LYS B 133 -37.17 70.26 26.99
C LYS B 133 -36.99 69.63 25.63
N LEU B 134 -38.03 68.90 25.20
CA LEU B 134 -38.04 68.30 23.86
C LEU B 134 -39.47 67.91 23.52
N GLU B 135 -39.97 68.40 22.39
CA GLU B 135 -41.28 68.01 21.86
C GLU B 135 -41.06 67.37 20.50
N VAL B 136 -41.45 66.11 20.38
CA VAL B 136 -41.28 65.34 19.14
C VAL B 136 -42.64 64.88 18.66
N GLU B 137 -42.83 64.88 17.35
CA GLU B 137 -44.07 64.46 16.71
C GLU B 137 -43.76 63.24 15.85
N LEU B 138 -44.24 62.07 16.28
CA LEU B 138 -43.96 60.80 15.61
C LEU B 138 -45.26 60.23 15.07
N VAL B 139 -45.32 60.05 13.76
CA VAL B 139 -46.49 59.45 13.11
C VAL B 139 -46.36 57.93 13.16
N VAL B 140 -47.48 57.26 13.36
CA VAL B 140 -47.54 55.80 13.40
C VAL B 140 -48.44 55.32 12.28
N GLU B 141 -47.94 54.39 11.46
CA GLU B 141 -48.65 53.90 10.29
C GLU B 141 -48.54 52.39 10.22
N ARG B 142 -49.62 51.75 9.79
CA ARG B 142 -49.64 50.30 9.65
C ARG B 142 -49.01 49.87 8.33
N GLY B 143 -48.61 48.61 8.27
CA GLY B 143 -47.93 48.09 7.11
C GLY B 143 -47.47 46.67 7.36
N ARG B 144 -46.55 46.21 6.52
CA ARG B 144 -45.97 44.89 6.67
C ARG B 144 -44.55 44.90 6.12
N GLY B 145 -43.71 44.02 6.68
CA GLY B 145 -42.34 43.92 6.23
C GLY B 145 -41.48 45.08 6.73
N TYR B 146 -40.33 45.24 6.07
CA TYR B 146 -39.38 46.30 6.38
C TYR B 146 -39.30 47.23 5.18
N VAL B 147 -39.43 48.53 5.43
CA VAL B 147 -39.35 49.54 4.38
C VAL B 147 -38.29 50.55 4.78
N PRO B 148 -37.25 50.77 3.97
CA PRO B 148 -36.25 51.78 4.31
C PRO B 148 -36.85 53.19 4.28
N ALA B 149 -36.04 54.14 4.73
CA ALA B 149 -36.45 55.54 4.74
C ALA B 149 -36.01 56.29 3.49
N VAL B 150 -34.94 55.84 2.83
CA VAL B 150 -34.47 56.51 1.63
C VAL B 150 -35.56 56.49 0.56
N GLN B 151 -36.24 55.35 0.41
CA GLN B 151 -37.40 55.30 -0.48
C GLN B 151 -38.50 56.22 0.01
N ASN B 152 -38.62 56.40 1.32
CA ASN B 152 -39.55 57.34 1.91
C ASN B 152 -38.98 58.75 2.00
N ARG B 153 -37.86 59.01 1.31
CA ARG B 153 -37.25 60.33 1.38
C ARG B 153 -38.18 61.41 0.85
N ALA B 154 -38.87 61.14 -0.26
CA ALA B 154 -39.75 62.11 -0.89
C ALA B 154 -41.12 61.99 -0.24
N SER B 155 -41.46 62.96 0.61
CA SER B 155 -42.77 62.98 1.27
C SER B 155 -43.14 64.46 1.47
N GLY B 156 -43.86 65.01 0.50
CA GLY B 156 -44.29 66.40 0.60
C GLY B 156 -43.11 67.33 0.79
N ALA B 157 -43.30 68.32 1.65
CA ALA B 157 -42.25 69.28 1.99
C ALA B 157 -42.52 69.82 3.38
N GLU B 158 -41.53 69.74 4.26
CA GLU B 158 -41.67 70.20 5.63
C GLU B 158 -40.32 70.72 6.11
N ILE B 159 -40.30 71.25 7.33
CA ILE B 159 -39.11 71.91 7.85
C ILE B 159 -38.15 70.90 8.46
N GLY B 160 -38.61 70.19 9.48
CA GLY B 160 -37.76 69.25 10.19
C GLY B 160 -38.23 67.82 10.10
N ARG B 161 -38.78 67.43 8.95
CA ARG B 161 -39.21 66.05 8.74
C ARG B 161 -38.00 65.14 8.62
N ILE B 162 -38.00 64.05 9.37
CA ILE B 162 -36.87 63.12 9.41
C ILE B 162 -37.38 61.70 9.18
N PRO B 163 -37.41 61.22 7.93
CA PRO B 163 -37.81 59.82 7.70
C PRO B 163 -36.89 58.86 8.44
N VAL B 164 -37.49 57.77 8.94
CA VAL B 164 -36.75 56.75 9.70
C VAL B 164 -37.18 55.38 9.19
N ASP B 165 -36.20 54.49 9.03
CA ASP B 165 -36.49 53.14 8.58
C ASP B 165 -37.47 52.46 9.54
N SER B 166 -38.67 52.17 9.05
CA SER B 166 -39.74 51.63 9.88
C SER B 166 -39.80 50.12 9.75
N ILE B 167 -39.94 49.44 10.88
CA ILE B 167 -40.04 47.99 10.92
C ILE B 167 -41.51 47.65 11.10
N TYR B 168 -42.21 47.43 9.98
CA TYR B 168 -43.61 47.03 10.00
C TYR B 168 -43.70 45.51 10.16
N SER B 169 -43.36 45.05 11.37
CA SER B 169 -43.37 43.61 11.60
C SER B 169 -43.35 43.30 13.09
N PRO B 170 -44.24 42.43 13.59
CA PRO B 170 -44.15 41.99 14.98
C PRO B 170 -43.12 40.90 15.22
N VAL B 171 -42.61 40.28 14.16
CA VAL B 171 -41.55 39.28 14.25
C VAL B 171 -40.29 39.87 13.63
N LEU B 172 -39.17 39.79 14.33
CA LEU B 172 -37.96 40.48 13.94
C LEU B 172 -36.77 39.57 13.65
N LYS B 173 -36.86 38.27 13.95
CA LYS B 173 -35.77 37.36 13.62
C LYS B 173 -36.31 35.94 13.52
N VAL B 174 -36.02 35.27 12.41
CA VAL B 174 -36.45 33.90 12.18
C VAL B 174 -35.29 33.12 11.59
N THR B 175 -35.09 31.90 12.07
CA THR B 175 -34.03 31.03 11.59
C THR B 175 -34.59 29.62 11.49
N TYR B 176 -33.99 28.81 10.60
CA TYR B 176 -34.47 27.46 10.40
C TYR B 176 -33.29 26.53 10.12
N LYS B 177 -33.50 25.25 10.41
CA LYS B 177 -32.53 24.21 10.13
C LYS B 177 -33.29 22.94 9.76
N VAL B 178 -32.60 22.03 9.08
CA VAL B 178 -33.14 20.73 8.72
C VAL B 178 -32.17 19.65 9.14
N ASP B 179 -32.68 18.59 9.76
CA ASP B 179 -31.87 17.48 10.24
C ASP B 179 -32.49 16.17 9.78
N ALA B 180 -31.64 15.17 9.59
CA ALA B 180 -32.10 13.86 9.15
C ALA B 180 -32.91 13.18 10.26
N THR B 181 -33.89 12.39 9.84
CA THR B 181 -34.73 11.62 10.76
C THR B 181 -34.85 10.20 10.23
N ARG B 182 -35.09 9.26 11.14
CA ARG B 182 -35.19 7.84 10.82
C ARG B 182 -36.56 7.35 11.23
N VAL B 183 -37.54 7.49 10.32
CA VAL B 183 -38.86 6.91 10.56
C VAL B 183 -38.93 5.46 10.09
N GLU B 184 -38.00 5.04 9.24
CA GLU B 184 -37.95 3.68 8.72
C GLU B 184 -36.51 3.43 8.26
N GLN B 185 -36.31 2.40 7.45
CA GLN B 185 -35.00 2.19 6.85
C GLN B 185 -34.59 3.34 5.93
N ARG B 186 -35.54 4.19 5.54
CA ARG B 186 -35.22 5.30 4.65
C ARG B 186 -34.15 6.21 5.26
N THR B 187 -34.25 6.47 6.57
CA THR B 187 -33.31 7.32 7.29
C THR B 187 -32.92 8.56 6.50
N ASP B 188 -33.90 9.20 5.86
CA ASP B 188 -33.64 10.43 5.11
C ASP B 188 -34.72 11.49 5.28
N PHE B 189 -35.72 11.27 6.13
CA PHE B 189 -36.77 12.26 6.32
C PHE B 189 -36.23 13.50 7.00
N ASP B 190 -36.79 14.66 6.62
CA ASP B 190 -36.31 15.93 7.15
C ASP B 190 -36.95 16.23 8.51
N LYS B 191 -36.31 17.14 9.24
CA LYS B 191 -36.82 17.62 10.53
C LYS B 191 -36.57 19.13 10.57
N LEU B 192 -37.57 19.90 10.12
CA LEU B 192 -37.46 21.34 10.16
C LEU B 192 -37.45 21.84 11.60
N ILE B 193 -36.54 22.76 11.90
CA ILE B 193 -36.42 23.35 13.23
C ILE B 193 -36.53 24.86 13.04
N LEU B 194 -37.74 25.39 13.13
CA LEU B 194 -37.98 26.81 12.91
C LEU B 194 -37.84 27.55 14.24
N ASP B 195 -36.94 28.54 14.26
CA ASP B 195 -36.71 29.38 15.43
C ASP B 195 -37.23 30.78 15.11
N VAL B 196 -38.14 31.28 15.94
CA VAL B 196 -38.78 32.57 15.72
C VAL B 196 -38.70 33.38 17.00
N GLU B 197 -38.29 34.64 16.87
CA GLU B 197 -38.25 35.59 17.97
C GLU B 197 -39.02 36.84 17.55
N THR B 198 -39.95 37.28 18.39
CA THR B 198 -40.89 38.34 18.03
C THR B 198 -40.79 39.50 19.02
N LYS B 199 -41.57 40.54 18.75
CA LYS B 199 -41.75 41.65 19.68
C LYS B 199 -42.75 41.23 20.74
N ASN B 200 -43.22 42.20 21.53
CA ASN B 200 -44.28 41.98 22.50
C ASN B 200 -45.66 42.14 21.89
N SER B 201 -45.76 42.53 20.61
CA SER B 201 -47.06 42.75 19.99
C SER B 201 -47.76 41.43 19.68
N ILE B 202 -47.02 40.42 19.25
CA ILE B 202 -47.60 39.14 18.86
C ILE B 202 -46.75 38.02 19.45
N SER B 203 -47.42 36.97 19.92
CA SER B 203 -46.72 35.78 20.38
C SER B 203 -46.18 34.98 19.21
N PRO B 204 -45.11 34.21 19.41
CA PRO B 204 -44.60 33.39 18.30
C PRO B 204 -45.64 32.44 17.72
N ARG B 205 -46.48 31.86 18.57
CA ARG B 205 -47.50 30.93 18.08
C ARG B 205 -48.49 31.65 17.17
N ASP B 206 -48.96 32.82 17.59
CA ASP B 206 -49.88 33.59 16.76
C ASP B 206 -49.21 34.04 15.47
N ALA B 207 -47.93 34.41 15.53
CA ALA B 207 -47.22 34.81 14.32
C ALA B 207 -47.15 33.64 13.33
N LEU B 208 -46.81 32.45 13.82
CA LEU B 208 -46.75 31.30 12.92
C LEU B 208 -48.13 30.96 12.38
N ALA B 209 -49.17 31.09 13.20
CA ALA B 209 -50.52 30.82 12.72
C ALA B 209 -50.91 31.80 11.62
N SER B 210 -50.58 33.08 11.78
CA SER B 210 -50.88 34.06 10.74
C SER B 210 -50.09 33.79 9.47
N ALA B 211 -48.82 33.40 9.61
CA ALA B 211 -48.03 33.06 8.42
C ALA B 211 -48.64 31.88 7.68
N GLY B 212 -49.06 30.85 8.41
CA GLY B 212 -49.70 29.71 7.78
C GLY B 212 -51.01 30.09 7.10
N LYS B 213 -51.80 30.94 7.76
CA LYS B 213 -53.03 31.43 7.16
C LYS B 213 -52.76 32.10 5.83
N THR B 214 -51.80 33.03 5.81
CA THR B 214 -51.49 33.77 4.58
C THR B 214 -51.00 32.82 3.50
N LEU B 215 -50.12 31.88 3.86
CA LEU B 215 -49.54 31.00 2.86
C LEU B 215 -50.57 30.04 2.28
N VAL B 216 -51.48 29.52 3.13
CA VAL B 216 -52.56 28.68 2.63
C VAL B 216 -53.48 29.49 1.72
N GLU B 217 -53.80 30.72 2.11
CA GLU B 217 -54.62 31.57 1.25
C GLU B 217 -53.94 31.78 -0.10
N LEU B 218 -52.61 31.92 -0.10
CA LEU B 218 -51.89 32.17 -1.34
C LEU B 218 -51.88 30.94 -2.24
N PHE B 219 -51.58 29.77 -1.67
CA PHE B 219 -51.56 28.54 -2.47
C PHE B 219 -52.95 28.07 -2.86
N GLY B 220 -54.00 28.60 -2.23
CA GLY B 220 -55.34 28.33 -2.71
C GLY B 220 -55.55 28.78 -4.14
N LEU B 221 -54.82 29.81 -4.57
CA LEU B 221 -54.90 30.23 -5.96
C LEU B 221 -54.59 29.08 -6.90
N ALA B 222 -53.45 28.41 -6.67
CA ALA B 222 -53.09 27.27 -7.50
C ALA B 222 -54.04 26.10 -7.27
N ARG B 223 -54.42 25.84 -6.02
CA ARG B 223 -55.23 24.67 -5.74
C ARG B 223 -56.61 24.76 -6.36
N GLU B 224 -57.17 25.96 -6.50
CA GLU B 224 -58.51 26.13 -7.05
C GLU B 224 -58.51 26.28 -8.57
N LEU B 225 -57.33 26.25 -9.20
CA LEU B 225 -57.28 26.19 -10.66
C LEU B 225 -57.98 24.93 -11.16
N ASN B 226 -57.71 23.80 -10.53
CA ASN B 226 -58.43 22.55 -10.77
C ASN B 226 -58.35 21.72 -9.50
N VAL B 227 -59.20 20.70 -9.41
CA VAL B 227 -59.16 19.75 -8.30
C VAL B 227 -58.58 18.45 -8.83
N GLU B 228 -57.49 17.99 -8.23
CA GLU B 228 -56.75 16.83 -8.69
C GLU B 228 -56.40 15.94 -7.51
N ALA B 229 -56.24 14.65 -7.81
CA ALA B 229 -55.81 13.71 -6.78
C ALA B 229 -54.41 14.08 -6.30
N GLU B 230 -54.19 13.97 -4.98
CA GLU B 230 -52.93 14.40 -4.42
C GLU B 230 -52.78 13.81 -3.03
N GLY B 231 -51.54 13.84 -2.53
CA GLY B 231 -51.27 13.27 -1.23
C GLY B 231 -51.80 14.12 -0.10
N ILE B 232 -52.19 13.45 0.98
CA ILE B 232 -52.75 14.12 2.16
C ILE B 232 -51.77 14.15 3.33
N ASN C 25 -10.64 14.25 -43.87
CA ASN C 25 -9.56 13.31 -44.28
C ASN C 25 -9.68 11.98 -43.53
N ASN C 26 -10.90 11.64 -43.11
CA ASN C 26 -11.12 10.39 -42.40
C ASN C 26 -10.68 9.20 -43.24
N SER C 27 -9.64 8.51 -42.79
CA SER C 27 -9.12 7.39 -43.56
C SER C 27 -10.17 6.28 -43.70
N VAL C 28 -10.85 5.96 -42.61
CA VAL C 28 -11.87 4.90 -42.64
C VAL C 28 -13.07 5.41 -43.43
N PRO C 29 -13.80 4.54 -44.14
CA PRO C 29 -14.91 5.02 -44.96
C PRO C 29 -15.99 5.76 -44.18
N GLY C 30 -16.56 5.12 -43.17
CA GLY C 30 -17.75 5.64 -42.51
C GLY C 30 -17.51 6.31 -41.18
N ALA C 31 -16.46 7.10 -41.07
CA ALA C 31 -16.19 7.81 -39.82
C ALA C 31 -17.25 8.88 -39.58
N PRO C 32 -17.55 9.18 -38.32
CA PRO C 32 -18.33 10.40 -38.04
C PRO C 32 -17.51 11.64 -38.35
N ASN C 33 -18.21 12.68 -38.80
CA ASN C 33 -17.55 13.92 -39.22
C ASN C 33 -17.44 14.84 -38.01
N ARG C 34 -16.24 14.99 -37.48
CA ARG C 34 -15.96 15.94 -36.40
C ARG C 34 -14.85 16.87 -36.86
N VAL C 35 -15.24 18.11 -37.18
CA VAL C 35 -14.26 19.11 -37.61
C VAL C 35 -13.22 19.32 -36.51
N SER C 36 -12.03 19.74 -36.92
CA SER C 36 -10.89 19.86 -36.01
C SER C 36 -10.26 21.23 -36.14
N PHE C 37 -9.68 21.71 -35.03
CA PHE C 37 -8.88 22.92 -35.05
C PHE C 37 -7.45 22.59 -35.48
N ALA C 38 -7.31 21.92 -36.62
CA ALA C 38 -5.99 21.48 -37.10
C ALA C 38 -5.48 22.50 -38.10
N LYS C 39 -4.44 23.24 -37.70
CA LYS C 39 -3.82 24.23 -38.56
C LYS C 39 -2.61 23.68 -39.32
N LEU C 40 -2.23 22.43 -39.06
CA LEU C 40 -1.09 21.80 -39.73
C LEU C 40 -1.55 20.48 -40.33
N ARG C 41 -1.01 20.17 -41.51
CA ARG C 41 -1.31 18.91 -42.17
C ARG C 41 -0.24 17.88 -41.82
N GLU C 42 -0.69 16.69 -41.41
CA GLU C 42 0.24 15.63 -41.05
C GLU C 42 0.60 14.84 -42.31
N PRO C 43 1.86 14.86 -42.77
CA PRO C 43 2.19 14.16 -44.01
C PRO C 43 2.15 12.64 -43.89
N LEU C 44 2.17 12.10 -42.67
CA LEU C 44 2.18 10.67 -42.45
C LEU C 44 1.01 10.29 -41.55
N GLU C 45 0.25 9.28 -41.94
CA GLU C 45 -0.84 8.80 -41.11
C GLU C 45 -0.31 7.83 -40.04
N VAL C 46 -1.03 7.75 -38.94
CA VAL C 46 -0.58 6.91 -37.83
C VAL C 46 -0.48 5.46 -38.30
N PRO C 47 0.60 4.75 -38.02
CA PRO C 47 0.71 3.36 -38.46
C PRO C 47 -0.13 2.45 -37.56
N GLY C 48 -0.15 1.17 -37.92
CA GLY C 48 -0.86 0.20 -37.12
C GLY C 48 -0.38 0.20 -35.69
N LEU C 49 -1.29 0.46 -34.75
CA LEU C 49 -0.90 0.57 -33.35
C LEU C 49 -0.49 -0.76 -32.74
N LEU C 50 -0.96 -1.87 -33.32
CA LEU C 50 -0.54 -3.21 -32.89
C LEU C 50 0.57 -3.76 -33.76
N ASP C 51 1.14 -2.95 -34.65
CA ASP C 51 2.17 -3.44 -35.55
C ASP C 51 3.40 -3.93 -34.80
N VAL C 52 3.73 -3.28 -33.68
CA VAL C 52 4.89 -3.70 -32.90
C VAL C 52 4.72 -5.13 -32.42
N GLN C 53 3.51 -5.49 -31.98
CA GLN C 53 3.28 -6.84 -31.47
C GLN C 53 3.21 -7.85 -32.61
N THR C 54 2.55 -7.50 -33.72
CA THR C 54 2.31 -8.46 -34.78
C THR C 54 3.57 -8.73 -35.60
N ASP C 55 4.34 -7.69 -35.91
CA ASP C 55 5.49 -7.86 -36.79
C ASP C 55 6.55 -8.73 -36.16
N SER C 56 6.75 -8.62 -34.85
CA SER C 56 7.76 -9.43 -34.19
C SER C 56 7.45 -10.92 -34.30
N PHE C 57 6.19 -11.29 -34.03
CA PHE C 57 5.80 -12.70 -34.15
C PHE C 57 5.82 -13.14 -35.61
N GLU C 58 5.45 -12.25 -36.52
CA GLU C 58 5.51 -12.59 -37.94
C GLU C 58 6.94 -12.92 -38.36
N TRP C 59 7.91 -12.14 -37.87
CA TRP C 59 9.30 -12.47 -38.09
C TRP C 59 9.66 -13.81 -37.43
N LEU C 60 9.18 -14.01 -36.21
CA LEU C 60 9.52 -15.23 -35.48
C LEU C 60 9.12 -16.48 -36.27
N ILE C 61 7.82 -16.65 -36.50
CA ILE C 61 7.38 -17.86 -37.19
C ILE C 61 7.94 -17.92 -38.60
N GLY C 62 7.92 -16.79 -39.31
CA GLY C 62 8.39 -16.74 -40.68
C GLY C 62 7.25 -16.94 -41.64
N SER C 63 6.78 -15.88 -42.27
CA SER C 63 5.62 -15.92 -43.13
C SER C 63 5.89 -15.11 -44.39
N PRO C 64 5.14 -15.35 -45.46
CA PRO C 64 5.39 -14.59 -46.70
C PRO C 64 5.29 -13.08 -46.52
N ARG C 65 4.37 -12.62 -45.68
CA ARG C 65 4.20 -11.18 -45.49
C ARG C 65 5.45 -10.56 -44.89
N TRP C 66 6.00 -11.18 -43.85
CA TRP C 66 7.23 -10.67 -43.27
C TRP C 66 8.38 -10.75 -44.27
N ARG C 67 8.44 -11.82 -45.05
CA ARG C 67 9.53 -11.98 -46.00
C ARG C 67 9.50 -10.88 -47.05
N GLU C 68 8.32 -10.59 -47.60
CA GLU C 68 8.23 -9.54 -48.61
C GLU C 68 8.46 -8.16 -47.99
N SER C 69 8.00 -7.95 -46.75
CA SER C 69 8.27 -6.68 -46.09
C SER C 69 9.75 -6.47 -45.89
N ALA C 70 10.46 -7.50 -45.44
CA ALA C 70 11.91 -7.40 -45.24
C ALA C 70 12.63 -7.19 -46.56
N ALA C 71 12.20 -7.89 -47.62
CA ALA C 71 12.82 -7.70 -48.93
C ALA C 71 12.63 -6.26 -49.41
N GLU C 72 11.44 -5.71 -49.21
CA GLU C 72 11.21 -4.30 -49.55
C GLU C 72 12.09 -3.38 -48.71
N ARG C 73 12.28 -3.73 -47.44
CA ARG C 73 13.07 -2.91 -46.53
C ARG C 73 14.55 -2.89 -46.89
N GLY C 74 14.99 -3.77 -47.79
CA GLY C 74 16.39 -3.81 -48.21
C GLY C 74 17.24 -4.81 -47.46
N ASP C 75 16.67 -5.62 -46.58
CA ASP C 75 17.44 -6.63 -45.87
C ASP C 75 17.93 -7.66 -46.87
N VAL C 76 19.25 -7.77 -47.01
CA VAL C 76 19.82 -8.59 -48.08
C VAL C 76 19.45 -10.05 -47.89
N ASN C 77 19.65 -10.58 -46.68
CA ASN C 77 19.32 -11.97 -46.38
C ASN C 77 18.25 -12.01 -45.30
N PRO C 78 17.02 -12.43 -45.61
CA PRO C 78 16.02 -12.62 -44.54
C PRO C 78 16.11 -14.01 -43.95
N VAL C 79 16.31 -14.12 -42.65
CA VAL C 79 16.31 -15.39 -41.94
C VAL C 79 15.31 -15.30 -40.79
N GLY C 80 14.35 -16.23 -40.76
CA GLY C 80 13.34 -16.22 -39.72
C GLY C 80 13.93 -16.53 -38.36
N GLY C 81 13.13 -16.26 -37.33
CA GLY C 81 13.60 -16.49 -35.97
C GLY C 81 13.79 -17.95 -35.64
N LEU C 82 12.80 -18.78 -35.96
CA LEU C 82 12.91 -20.21 -35.66
C LEU C 82 14.01 -20.86 -36.48
N GLU C 83 14.14 -20.49 -37.74
CA GLU C 83 15.21 -20.99 -38.59
C GLU C 83 16.51 -20.22 -38.40
N GLU C 84 16.54 -19.31 -37.41
CA GLU C 84 17.78 -18.72 -36.93
C GLU C 84 18.21 -19.30 -35.61
N VAL C 85 17.32 -19.94 -34.87
CA VAL C 85 17.71 -20.67 -33.66
C VAL C 85 18.08 -22.11 -34.00
N LEU C 86 17.26 -22.81 -34.77
CA LEU C 86 17.51 -24.22 -35.06
C LEU C 86 18.38 -24.40 -36.28
N TYR C 87 18.88 -23.31 -36.86
CA TYR C 87 19.96 -23.38 -37.84
C TYR C 87 21.31 -23.04 -37.23
N GLU C 88 21.33 -22.18 -36.21
CA GLU C 88 22.58 -21.98 -35.47
C GLU C 88 22.88 -23.18 -34.57
N LEU C 89 21.84 -23.83 -34.05
CA LEU C 89 22.06 -25.04 -33.25
C LEU C 89 22.76 -26.11 -34.08
N SER C 90 22.27 -26.37 -35.28
CA SER C 90 22.79 -27.45 -36.10
C SER C 90 24.20 -27.14 -36.59
N PRO C 91 24.98 -28.17 -36.94
CA PRO C 91 24.68 -29.61 -36.85
C PRO C 91 25.15 -30.22 -35.54
N ILE C 92 24.28 -30.92 -34.82
CA ILE C 92 24.68 -31.55 -33.56
C ILE C 92 25.39 -32.85 -33.87
N GLU C 93 26.51 -33.09 -33.21
CA GLU C 93 27.35 -34.23 -33.51
C GLU C 93 28.09 -34.67 -32.25
N ASP C 94 28.56 -35.91 -32.27
CA ASP C 94 29.35 -36.45 -31.17
C ASP C 94 30.82 -36.09 -31.34
N PHE C 95 31.55 -36.12 -30.23
CA PHE C 95 32.97 -35.77 -30.27
C PHE C 95 33.75 -36.73 -31.15
N SER C 96 33.31 -37.99 -31.24
CA SER C 96 34.02 -38.96 -32.06
C SER C 96 33.97 -38.59 -33.54
N GLY C 97 32.97 -37.83 -33.96
CA GLY C 97 32.81 -37.43 -35.34
C GLY C 97 32.11 -38.42 -36.23
N SER C 98 31.71 -39.58 -35.70
CA SER C 98 30.99 -40.56 -36.50
C SER C 98 29.50 -40.28 -36.60
N MET C 99 28.98 -39.34 -35.82
CA MET C 99 27.56 -39.02 -35.81
C MET C 99 27.38 -37.51 -35.95
N SER C 100 26.40 -37.11 -36.74
CA SER C 100 26.09 -35.69 -36.93
C SER C 100 24.66 -35.58 -37.42
N LEU C 101 23.82 -34.85 -36.68
CA LEU C 101 22.42 -34.68 -37.02
C LEU C 101 22.13 -33.21 -37.30
N SER C 102 21.31 -32.97 -38.32
CA SER C 102 20.88 -31.62 -38.68
C SER C 102 19.38 -31.64 -38.94
N PHE C 103 18.73 -30.51 -38.65
CA PHE C 103 17.31 -30.36 -38.93
C PHE C 103 17.01 -28.91 -39.20
N SER C 104 16.27 -28.65 -40.28
CA SER C 104 16.02 -27.29 -40.75
C SER C 104 14.65 -27.27 -41.41
N ASP C 105 14.34 -26.16 -42.09
CA ASP C 105 13.09 -26.00 -42.82
C ASP C 105 11.90 -26.16 -41.88
N PRO C 106 11.68 -25.21 -40.97
CA PRO C 106 10.52 -25.31 -40.07
C PRO C 106 9.26 -24.77 -40.73
N ARG C 107 8.21 -25.60 -40.76
CA ARG C 107 6.94 -25.22 -41.35
C ARG C 107 5.82 -25.65 -40.42
N PHE C 108 4.76 -24.85 -40.35
CA PHE C 108 3.66 -25.06 -39.44
C PHE C 108 2.52 -25.79 -40.13
N ASP C 109 1.45 -26.04 -39.38
CA ASP C 109 0.24 -26.68 -39.87
C ASP C 109 -0.96 -25.83 -39.49
N ASP C 110 -2.11 -26.14 -40.07
CA ASP C 110 -3.32 -25.37 -39.81
C ASP C 110 -3.68 -25.45 -38.33
N VAL C 111 -4.21 -24.34 -37.81
CA VAL C 111 -4.60 -24.29 -36.41
C VAL C 111 -5.62 -25.39 -36.12
N LYS C 112 -5.66 -25.82 -34.85
CA LYS C 112 -6.58 -26.88 -34.45
C LYS C 112 -8.02 -26.42 -34.52
N ALA C 113 -8.36 -25.38 -33.74
CA ALA C 113 -9.71 -24.87 -33.66
C ALA C 113 -9.68 -23.36 -33.71
N PRO C 114 -10.79 -22.71 -34.07
CA PRO C 114 -10.82 -21.25 -34.09
C PRO C 114 -10.60 -20.66 -32.71
N VAL C 115 -10.48 -19.33 -32.67
CA VAL C 115 -10.27 -18.65 -31.40
C VAL C 115 -11.50 -18.78 -30.51
N ASP C 116 -12.69 -18.73 -31.11
CA ASP C 116 -13.92 -18.80 -30.32
C ASP C 116 -14.01 -20.13 -29.56
N GLU C 117 -13.79 -21.24 -30.25
CA GLU C 117 -13.86 -22.55 -29.60
C GLU C 117 -12.76 -22.70 -28.56
N CYS C 118 -11.55 -22.23 -28.88
CA CYS C 118 -10.45 -22.35 -27.94
C CYS C 118 -10.73 -21.57 -26.67
N LYS C 119 -11.37 -20.41 -26.79
CA LYS C 119 -11.69 -19.60 -25.62
C LYS C 119 -12.85 -20.20 -24.83
N ASP C 120 -13.87 -20.71 -25.53
CA ASP C 120 -15.03 -21.27 -24.84
C ASP C 120 -14.71 -22.63 -24.25
N LYS C 121 -14.03 -23.49 -25.00
CA LYS C 121 -13.76 -24.86 -24.58
C LYS C 121 -12.59 -24.97 -23.59
N ASP C 122 -11.90 -23.87 -23.32
CA ASP C 122 -10.75 -23.80 -22.41
C ASP C 122 -9.50 -24.39 -23.05
N MET C 123 -9.51 -24.63 -24.36
CA MET C 123 -8.33 -25.14 -25.04
C MET C 123 -7.29 -24.02 -25.17
N THR C 124 -6.18 -24.34 -25.84
CA THR C 124 -5.12 -23.38 -26.11
C THR C 124 -4.99 -23.19 -27.61
N TYR C 125 -4.99 -21.94 -28.06
CA TYR C 125 -4.84 -21.62 -29.47
C TYR C 125 -3.40 -21.90 -29.89
N ALA C 126 -3.21 -22.93 -30.72
CA ALA C 126 -1.87 -23.35 -31.09
C ALA C 126 -1.93 -24.05 -32.45
N ALA C 127 -0.76 -24.39 -32.98
CA ALA C 127 -0.65 -25.09 -34.25
C ALA C 127 0.65 -25.87 -34.24
N PRO C 128 0.65 -27.13 -34.67
CA PRO C 128 1.89 -27.92 -34.65
C PRO C 128 2.86 -27.49 -35.73
N LEU C 129 4.13 -27.74 -35.49
CA LEU C 129 5.20 -27.41 -36.44
C LEU C 129 6.06 -28.64 -36.68
N PHE C 130 6.54 -28.77 -37.91
CA PHE C 130 7.39 -29.89 -38.31
C PHE C 130 8.70 -29.37 -38.87
N VAL C 131 9.80 -30.03 -38.50
CA VAL C 131 11.13 -29.72 -39.01
C VAL C 131 11.73 -30.99 -39.57
N THR C 132 12.27 -30.90 -40.78
CA THR C 132 12.88 -32.06 -41.42
C THR C 132 14.28 -32.26 -40.88
N ALA C 133 14.53 -33.42 -40.28
CA ALA C 133 15.81 -33.75 -39.65
C ALA C 133 16.56 -34.73 -40.54
N GLU C 134 17.77 -34.36 -40.94
CA GLU C 134 18.61 -35.21 -41.77
C GLU C 134 19.68 -35.83 -40.90
N PHE C 135 19.61 -37.15 -40.72
CA PHE C 135 20.61 -37.90 -39.97
C PHE C 135 21.63 -38.50 -40.94
N ILE C 136 22.91 -38.32 -40.65
CA ILE C 136 23.99 -38.77 -41.51
C ILE C 136 25.01 -39.50 -40.65
N ASN C 137 25.44 -40.67 -41.11
CA ASN C 137 26.48 -41.46 -40.45
C ASN C 137 27.77 -41.31 -41.26
N ASN C 138 28.79 -40.73 -40.63
CA ASN C 138 30.03 -40.44 -41.34
C ASN C 138 30.70 -41.72 -41.84
N ASN C 139 30.75 -42.76 -41.01
CA ASN C 139 31.45 -43.98 -41.38
C ASN C 139 30.80 -44.66 -42.59
N THR C 140 29.48 -44.74 -42.61
CA THR C 140 28.77 -45.37 -43.71
C THR C 140 28.35 -44.38 -44.80
N GLY C 141 28.24 -43.10 -44.47
CA GLY C 141 27.84 -42.10 -45.44
C GLY C 141 26.42 -42.26 -45.95
N GLU C 142 25.51 -42.66 -45.08
CA GLU C 142 24.10 -42.80 -45.43
C GLU C 142 23.30 -41.60 -44.91
N ILE C 143 22.05 -41.53 -45.34
CA ILE C 143 21.17 -40.41 -45.00
C ILE C 143 19.82 -40.96 -44.59
N LYS C 144 19.22 -40.36 -43.56
CA LYS C 144 17.86 -40.68 -43.13
C LYS C 144 17.17 -39.38 -42.78
N SER C 145 16.08 -39.08 -43.48
CA SER C 145 15.37 -37.82 -43.29
C SER C 145 13.87 -38.07 -43.27
N GLN C 146 13.18 -37.38 -42.37
CA GLN C 146 11.72 -37.35 -42.35
C GLN C 146 11.28 -36.23 -41.42
N THR C 147 10.03 -35.82 -41.59
CA THR C 147 9.48 -34.75 -40.76
C THR C 147 9.44 -35.18 -39.30
N VAL C 148 9.71 -34.23 -38.41
CA VAL C 148 9.75 -34.48 -36.98
C VAL C 148 8.76 -33.54 -36.30
N PHE C 149 7.78 -34.13 -35.63
CA PHE C 149 6.85 -33.34 -34.82
C PHE C 149 7.59 -32.71 -33.65
N MET C 150 7.25 -31.45 -33.34
CA MET C 150 7.91 -30.72 -32.26
C MET C 150 6.90 -29.99 -31.41
N GLY C 151 5.77 -30.64 -31.12
CA GLY C 151 4.79 -30.09 -30.19
C GLY C 151 3.97 -28.97 -30.78
N ASP C 152 2.90 -28.58 -30.09
CA ASP C 152 2.08 -27.48 -30.53
C ASP C 152 2.76 -26.15 -30.19
N PHE C 153 2.48 -25.14 -31.01
CA PHE C 153 3.07 -23.83 -30.84
C PHE C 153 1.97 -22.81 -30.55
N PRO C 154 2.08 -22.00 -29.49
CA PRO C 154 1.00 -21.05 -29.18
C PRO C 154 0.91 -19.89 -30.16
N MET C 155 0.22 -20.11 -31.28
CA MET C 155 0.03 -19.06 -32.28
C MET C 155 -0.59 -17.82 -31.65
N MET C 156 -0.47 -16.68 -32.35
CA MET C 156 -0.99 -15.40 -31.88
C MET C 156 -2.17 -14.99 -32.73
N THR C 157 -3.27 -14.63 -32.06
CA THR C 157 -4.46 -14.24 -32.79
C THR C 157 -4.26 -12.90 -33.49
N GLU C 158 -5.23 -12.52 -34.32
CA GLU C 158 -5.10 -11.30 -35.10
C GLU C 158 -5.01 -10.05 -34.23
N LYS C 159 -5.52 -10.11 -33.00
CA LYS C 159 -5.45 -8.98 -32.08
C LYS C 159 -4.10 -8.88 -31.38
N GLY C 160 -3.11 -9.66 -31.79
CA GLY C 160 -1.81 -9.63 -31.13
C GLY C 160 -1.84 -10.14 -29.70
N THR C 161 -2.55 -11.25 -29.45
CA THR C 161 -2.63 -11.83 -28.13
C THR C 161 -2.51 -13.35 -28.26
N PHE C 162 -2.23 -13.99 -27.12
CA PHE C 162 -2.15 -15.43 -27.04
C PHE C 162 -3.28 -15.96 -26.15
N ILE C 163 -3.93 -17.03 -26.60
CA ILE C 163 -4.99 -17.67 -25.85
C ILE C 163 -4.40 -18.92 -25.23
N ILE C 164 -4.07 -18.83 -23.94
CA ILE C 164 -3.43 -19.90 -23.19
C ILE C 164 -4.46 -20.43 -22.19
N ASN C 165 -4.87 -21.68 -22.36
CA ASN C 165 -5.84 -22.31 -21.47
C ASN C 165 -7.14 -21.51 -21.41
N GLY C 166 -7.52 -20.90 -22.51
CA GLY C 166 -8.76 -20.15 -22.59
C GLY C 166 -8.72 -18.75 -22.01
N THR C 167 -7.55 -18.29 -21.56
CA THR C 167 -7.39 -16.95 -21.01
C THR C 167 -6.50 -16.12 -21.94
N GLU C 168 -6.93 -14.89 -22.18
CA GLU C 168 -6.17 -14.00 -23.05
C GLU C 168 -4.84 -13.64 -22.38
N ARG C 169 -3.75 -13.77 -23.13
CA ARG C 169 -2.42 -13.47 -22.63
C ARG C 169 -1.73 -12.48 -23.56
N VAL C 170 -1.02 -11.52 -22.97
CA VAL C 170 -0.22 -10.56 -23.71
C VAL C 170 1.18 -10.58 -23.11
N VAL C 171 2.18 -10.66 -23.99
CA VAL C 171 3.59 -10.63 -23.58
C VAL C 171 4.14 -9.26 -23.94
N VAL C 172 4.64 -8.55 -22.94
CA VAL C 172 5.06 -7.16 -23.11
C VAL C 172 6.54 -7.11 -23.43
N SER C 173 6.90 -6.28 -24.41
CA SER C 173 8.30 -6.11 -24.76
C SER C 173 9.11 -5.70 -23.54
N GLN C 174 10.43 -5.90 -23.62
CA GLN C 174 11.32 -5.64 -22.50
C GLN C 174 12.47 -4.75 -22.96
N LEU C 175 12.79 -3.74 -22.15
CA LEU C 175 13.92 -2.86 -22.40
C LEU C 175 15.15 -3.43 -21.69
N VAL C 176 16.20 -3.74 -22.46
CA VAL C 176 17.43 -4.28 -21.91
C VAL C 176 18.61 -3.56 -22.56
N ARG C 177 19.74 -3.57 -21.87
CA ARG C 177 20.95 -2.95 -22.37
C ARG C 177 21.58 -3.85 -23.43
N SER C 178 21.72 -3.33 -24.64
CA SER C 178 22.18 -4.16 -25.75
C SER C 178 23.62 -4.59 -25.52
N PRO C 179 23.99 -5.81 -25.95
CA PRO C 179 25.39 -6.21 -25.86
C PRO C 179 26.29 -5.28 -26.66
N GLY C 180 27.49 -5.05 -26.14
CA GLY C 180 28.43 -4.17 -26.79
C GLY C 180 29.53 -3.75 -25.83
N VAL C 181 30.22 -2.68 -26.21
CA VAL C 181 31.32 -2.13 -25.43
C VAL C 181 30.91 -0.76 -24.91
N TYR C 182 31.08 -0.55 -23.61
CA TYR C 182 30.68 0.69 -22.95
C TYR C 182 31.90 1.28 -22.23
N PHE C 183 32.32 2.47 -22.66
CA PHE C 183 33.49 3.13 -22.10
C PHE C 183 33.02 4.11 -21.02
N ASP C 184 32.74 3.58 -19.84
CA ASP C 184 32.34 4.40 -18.71
C ASP C 184 33.51 5.28 -18.26
N GLU C 185 33.24 6.12 -17.26
CA GLU C 185 34.27 7.01 -16.72
C GLU C 185 33.92 7.35 -15.28
N THR C 186 34.90 7.26 -14.40
CA THR C 186 34.75 7.66 -13.01
C THR C 186 35.93 8.55 -12.63
N ILE C 187 35.68 9.46 -11.68
CA ILE C 187 36.66 10.45 -11.26
C ILE C 187 37.13 10.10 -9.86
N ASP C 188 38.45 10.10 -9.66
CA ASP C 188 39.02 9.80 -8.36
C ASP C 188 38.66 10.89 -7.35
N LYS C 189 38.30 10.47 -6.14
CA LYS C 189 37.94 11.43 -5.11
C LYS C 189 39.17 12.18 -4.60
N SER C 190 40.27 11.47 -4.39
CA SER C 190 41.49 12.07 -3.84
C SER C 190 42.39 12.62 -4.93
N THR C 191 42.84 11.74 -5.85
CA THR C 191 43.74 12.18 -6.91
C THR C 191 43.06 13.15 -7.87
N ASP C 192 41.72 13.09 -7.97
CA ASP C 192 40.98 13.93 -8.91
C ASP C 192 41.48 13.74 -10.33
N LYS C 193 41.79 12.49 -10.67
CA LYS C 193 42.29 12.13 -11.99
C LYS C 193 41.30 11.18 -12.67
N THR C 194 41.03 11.44 -13.95
CA THR C 194 40.04 10.65 -14.67
C THR C 194 40.46 9.20 -14.76
N LEU C 195 39.51 8.30 -14.49
CA LEU C 195 39.71 6.86 -14.57
C LEU C 195 38.72 6.30 -15.58
N HIS C 196 39.23 5.84 -16.72
CA HIS C 196 38.39 5.31 -17.78
C HIS C 196 38.25 3.80 -17.64
N SER C 197 37.02 3.33 -17.49
CA SER C 197 36.72 1.91 -17.33
C SER C 197 35.95 1.43 -18.54
N VAL C 198 36.38 0.31 -19.11
CA VAL C 198 35.75 -0.29 -20.29
C VAL C 198 35.08 -1.58 -19.86
N LYS C 199 33.93 -1.88 -20.44
CA LYS C 199 33.18 -3.09 -20.12
C LYS C 199 32.65 -3.70 -21.40
N VAL C 200 32.87 -5.00 -21.57
CA VAL C 200 32.33 -5.78 -22.68
C VAL C 200 31.23 -6.67 -22.14
N ILE C 201 30.05 -6.59 -22.73
CA ILE C 201 28.87 -7.27 -22.20
C ILE C 201 28.31 -8.20 -23.26
N PRO C 202 28.74 -9.46 -23.30
CA PRO C 202 28.16 -10.40 -24.26
C PRO C 202 26.75 -10.82 -23.86
N SER C 203 26.03 -11.37 -24.83
CA SER C 203 24.74 -11.98 -24.53
C SER C 203 24.90 -13.22 -23.66
N ARG C 204 26.03 -13.91 -23.79
CA ARG C 204 26.31 -15.11 -23.00
C ARG C 204 27.81 -15.35 -23.02
N GLY C 205 28.44 -15.28 -21.87
CA GLY C 205 29.86 -15.53 -21.76
C GLY C 205 30.48 -14.66 -20.68
N ALA C 206 31.81 -14.63 -20.70
CA ALA C 206 32.57 -13.87 -19.71
C ALA C 206 32.53 -12.38 -20.02
N TRP C 207 32.73 -11.58 -18.98
CA TRP C 207 32.78 -10.13 -19.09
C TRP C 207 34.23 -9.66 -18.95
N LEU C 208 34.60 -8.66 -19.74
CA LEU C 208 35.94 -8.08 -19.72
C LEU C 208 35.82 -6.64 -19.25
N GLU C 209 36.54 -6.29 -18.18
CA GLU C 209 36.51 -4.95 -17.59
C GLU C 209 37.93 -4.38 -17.63
N PHE C 210 38.26 -3.72 -18.73
CA PHE C 210 39.58 -3.10 -18.90
C PHE C 210 39.53 -1.73 -18.23
N ASP C 211 39.98 -1.67 -16.98
CA ASP C 211 39.95 -0.45 -16.19
C ASP C 211 41.35 0.12 -16.02
N VAL C 212 41.41 1.43 -15.83
CA VAL C 212 42.66 2.15 -15.55
C VAL C 212 42.56 2.70 -14.15
N ASP C 213 43.53 2.38 -13.30
CA ASP C 213 43.56 2.79 -11.91
C ASP C 213 44.69 3.78 -11.67
N LYS C 214 44.69 4.35 -10.46
CA LYS C 214 45.74 5.30 -10.10
C LYS C 214 47.11 4.64 -10.13
N ARG C 215 47.20 3.41 -9.64
CA ARG C 215 48.44 2.63 -9.74
C ARG C 215 48.81 2.29 -11.17
N ASP C 216 47.97 2.64 -12.15
CA ASP C 216 48.22 2.45 -13.58
C ASP C 216 48.21 0.98 -13.99
N THR C 217 47.77 0.08 -13.12
CA THR C 217 47.70 -1.35 -13.46
C THR C 217 46.51 -1.55 -14.39
N VAL C 218 46.73 -1.28 -15.68
CA VAL C 218 45.70 -1.52 -16.69
C VAL C 218 45.52 -3.02 -16.81
N GLY C 219 44.40 -3.53 -16.29
CA GLY C 219 44.23 -4.97 -16.19
C GLY C 219 42.84 -5.39 -16.62
N VAL C 220 42.68 -6.71 -16.77
CA VAL C 220 41.43 -7.33 -17.18
C VAL C 220 40.84 -8.04 -15.97
N ARG C 221 39.53 -7.88 -15.80
CA ARG C 221 38.79 -8.59 -14.76
C ARG C 221 37.85 -9.58 -15.46
N ILE C 222 38.37 -10.76 -15.74
CA ILE C 222 37.61 -11.79 -16.45
C ILE C 222 36.68 -12.47 -15.45
N ASP C 223 35.38 -12.43 -15.74
CA ASP C 223 34.38 -13.06 -14.88
C ASP C 223 34.52 -12.57 -13.43
N ARG C 224 34.84 -11.29 -13.28
CA ARG C 224 34.99 -10.68 -11.95
C ARG C 224 36.08 -11.38 -11.14
N LYS C 225 37.19 -11.73 -11.79
CA LYS C 225 38.30 -12.37 -11.11
C LYS C 225 39.27 -11.30 -10.60
N ARG C 226 40.46 -11.71 -10.19
CA ARG C 226 41.47 -10.77 -9.74
C ARG C 226 42.09 -10.04 -10.93
N ARG C 227 42.43 -8.77 -10.73
CA ARG C 227 42.99 -7.97 -11.81
C ARG C 227 44.35 -8.51 -12.23
N GLN C 228 44.59 -8.51 -13.54
CA GLN C 228 45.85 -8.94 -14.12
C GLN C 228 46.19 -7.99 -15.26
N PRO C 229 47.46 -7.62 -15.43
CA PRO C 229 47.80 -6.59 -16.43
C PRO C 229 47.35 -6.99 -17.82
N VAL C 230 46.92 -5.98 -18.60
CA VAL C 230 46.48 -6.24 -19.97
C VAL C 230 47.66 -6.68 -20.83
N THR C 231 48.87 -6.24 -20.51
CA THR C 231 50.03 -6.67 -21.29
C THR C 231 50.23 -8.18 -21.19
N VAL C 232 50.02 -8.75 -20.01
CA VAL C 232 50.20 -10.18 -19.82
C VAL C 232 49.20 -10.97 -20.66
N LEU C 233 47.93 -10.55 -20.63
CA LEU C 233 46.93 -11.24 -21.46
C LEU C 233 47.24 -11.07 -22.94
N LEU C 234 47.62 -9.85 -23.35
CA LEU C 234 47.88 -9.60 -24.75
C LEU C 234 49.02 -10.47 -25.28
N LYS C 235 50.10 -10.60 -24.50
CA LYS C 235 51.17 -11.49 -24.90
C LYS C 235 50.74 -12.95 -24.81
N ALA C 236 49.80 -13.26 -23.90
CA ALA C 236 49.28 -14.62 -23.82
C ALA C 236 48.50 -15.02 -25.06
N LEU C 237 48.02 -14.06 -25.84
CA LEU C 237 47.29 -14.32 -27.07
C LEU C 237 48.20 -14.45 -28.28
N GLY C 238 49.51 -14.60 -28.06
CA GLY C 238 50.45 -14.67 -29.17
C GLY C 238 50.89 -13.34 -29.70
N TRP C 239 50.74 -12.27 -28.93
CA TRP C 239 51.10 -10.93 -29.37
C TRP C 239 52.52 -10.61 -28.89
N THR C 240 53.44 -10.44 -29.83
CA THR C 240 54.84 -10.24 -29.48
C THR C 240 55.05 -8.91 -28.77
N SER C 241 56.06 -8.87 -27.90
CA SER C 241 56.32 -7.66 -27.12
C SER C 241 56.68 -6.49 -28.01
N GLU C 242 57.49 -6.73 -29.04
CA GLU C 242 57.83 -5.65 -29.97
C GLU C 242 56.57 -5.10 -30.62
N GLN C 243 55.59 -5.96 -30.89
CA GLN C 243 54.33 -5.48 -31.44
C GLN C 243 53.59 -4.61 -30.43
N ILE C 244 53.67 -4.95 -29.14
CA ILE C 244 53.09 -4.09 -28.12
C ILE C 244 53.77 -2.72 -28.14
N VAL C 245 55.10 -2.71 -28.23
CA VAL C 245 55.83 -1.45 -28.20
C VAL C 245 55.46 -0.60 -29.41
N GLU C 246 55.41 -1.20 -30.60
CA GLU C 246 55.16 -0.43 -31.81
C GLU C 246 53.71 0.05 -31.88
N ARG C 247 52.76 -0.83 -31.56
CA ARG C 247 51.35 -0.46 -31.66
C ARG C 247 50.94 0.49 -30.53
N PHE C 248 51.45 0.26 -29.32
CA PHE C 248 51.13 1.08 -28.16
C PHE C 248 52.21 2.11 -27.85
N GLY C 249 53.11 2.36 -28.80
CA GLY C 249 54.17 3.33 -28.56
C GLY C 249 53.63 4.71 -28.25
N PHE C 250 52.56 5.11 -28.93
CA PHE C 250 51.98 6.43 -28.66
C PHE C 250 51.51 6.55 -27.22
N SER C 251 51.13 5.43 -26.60
CA SER C 251 50.68 5.43 -25.22
C SER C 251 51.87 5.34 -24.28
N GLU C 252 51.84 6.15 -23.22
CA GLU C 252 52.91 6.19 -22.23
C GLU C 252 52.60 5.33 -21.01
N ILE C 253 51.39 5.44 -20.47
CA ILE C 253 51.01 4.58 -19.34
C ILE C 253 51.02 3.13 -19.76
N MET C 254 50.50 2.84 -20.96
CA MET C 254 50.53 1.46 -21.46
C MET C 254 51.96 0.96 -21.62
N ARG C 255 52.84 1.80 -22.17
CA ARG C 255 54.24 1.42 -22.30
C ARG C 255 54.87 1.17 -20.93
N SER C 256 54.56 2.03 -19.96
CA SER C 256 55.10 1.84 -18.61
C SER C 256 54.61 0.53 -18.02
N THR C 257 53.34 0.21 -18.18
CA THR C 257 52.82 -1.07 -17.69
C THR C 257 53.51 -2.24 -18.38
N LEU C 258 53.74 -2.13 -19.68
CA LEU C 258 54.49 -3.17 -20.39
C LEU C 258 55.87 -3.35 -19.79
N GLU C 259 56.55 -2.24 -19.47
CA GLU C 259 57.88 -2.33 -18.88
C GLU C 259 57.85 -2.80 -17.43
N LYS C 260 56.69 -2.72 -16.77
CA LYS C 260 56.59 -3.07 -15.36
C LYS C 260 56.28 -4.53 -15.12
N ASP C 261 55.63 -5.21 -16.06
CA ASP C 261 55.23 -6.59 -15.82
C ASP C 261 56.44 -7.47 -15.55
N ASN C 262 56.31 -8.36 -14.57
CA ASN C 262 57.41 -9.23 -14.17
C ASN C 262 57.38 -10.55 -14.93
N THR C 263 56.24 -11.24 -14.92
CA THR C 263 56.13 -12.52 -15.61
C THR C 263 56.24 -12.32 -17.12
N VAL C 264 57.10 -13.12 -17.76
CA VAL C 264 57.31 -13.08 -19.19
C VAL C 264 57.35 -14.50 -19.71
N GLY C 265 57.05 -14.65 -21.01
CA GLY C 265 57.02 -15.96 -21.64
C GLY C 265 55.61 -16.41 -21.93
N THR C 266 55.33 -16.78 -23.18
CA THR C 266 53.98 -17.18 -23.56
C THR C 266 53.48 -18.32 -22.67
N ASP C 267 54.32 -19.34 -22.46
CA ASP C 267 53.93 -20.43 -21.58
C ASP C 267 53.67 -19.94 -20.17
N GLU C 268 54.55 -19.06 -19.66
CA GLU C 268 54.36 -18.53 -18.32
C GLU C 268 53.07 -17.73 -18.22
N ALA C 269 52.79 -16.91 -19.23
CA ALA C 269 51.55 -16.12 -19.21
C ALA C 269 50.33 -17.02 -19.24
N LEU C 270 50.34 -18.05 -20.10
CA LEU C 270 49.20 -18.96 -20.16
C LEU C 270 48.99 -19.68 -18.84
N LEU C 271 50.07 -20.17 -18.23
CA LEU C 271 49.93 -20.86 -16.95
C LEU C 271 49.47 -19.90 -15.86
N ASP C 272 49.94 -18.66 -15.87
CA ASP C 272 49.48 -17.68 -14.89
C ASP C 272 47.99 -17.41 -15.06
N ILE C 273 47.53 -17.27 -16.29
CA ILE C 273 46.10 -17.08 -16.55
C ILE C 273 45.32 -18.28 -16.03
N TYR C 274 45.81 -19.49 -16.31
CA TYR C 274 45.10 -20.68 -15.87
C TYR C 274 45.02 -20.76 -14.35
N ARG C 275 46.12 -20.44 -13.66
CA ARG C 275 46.10 -20.44 -12.20
C ARG C 275 45.13 -19.39 -11.68
N LYS C 276 45.14 -18.19 -12.28
CA LYS C 276 44.23 -17.14 -11.83
C LYS C 276 42.78 -17.57 -11.99
N LEU C 277 42.46 -18.21 -13.12
CA LEU C 277 41.10 -18.67 -13.36
C LEU C 277 40.83 -20.00 -12.67
N ARG C 278 41.74 -20.96 -12.84
CA ARG C 278 41.59 -22.32 -12.30
C ARG C 278 42.87 -22.72 -11.58
N PRO C 279 43.07 -22.22 -10.36
CA PRO C 279 44.25 -22.63 -9.59
C PRO C 279 44.08 -24.02 -8.99
N GLY C 280 45.23 -24.67 -8.75
CA GLY C 280 45.21 -26.00 -8.19
C GLY C 280 44.95 -27.10 -9.19
N GLU C 281 45.23 -26.87 -10.46
CA GLU C 281 45.01 -27.84 -11.53
C GLU C 281 46.29 -27.96 -12.35
N PRO C 282 46.49 -29.10 -13.02
CA PRO C 282 47.72 -29.30 -13.78
C PRO C 282 47.93 -28.18 -14.79
N PRO C 283 48.99 -27.38 -14.63
CA PRO C 283 49.23 -26.28 -15.58
C PRO C 283 50.00 -26.77 -16.80
N THR C 284 49.36 -26.66 -17.96
CA THR C 284 49.98 -27.04 -19.23
C THR C 284 49.59 -26.02 -20.30
N LYS C 285 50.46 -25.88 -21.30
CA LYS C 285 50.17 -24.94 -22.38
C LYS C 285 48.91 -25.34 -23.14
N GLU C 286 48.77 -26.63 -23.43
CA GLU C 286 47.59 -27.10 -24.16
C GLU C 286 46.31 -26.85 -23.37
N SER C 287 46.33 -27.11 -22.06
CA SER C 287 45.15 -26.89 -21.24
C SER C 287 44.75 -25.43 -21.22
N ALA C 288 45.73 -24.54 -21.03
CA ALA C 288 45.44 -23.11 -21.00
C ALA C 288 44.91 -22.63 -22.35
N GLN C 289 45.52 -23.10 -23.44
CA GLN C 289 45.06 -22.68 -24.77
C GLN C 289 43.62 -23.15 -25.01
N THR C 290 43.33 -24.41 -24.66
CA THR C 290 41.97 -24.91 -24.83
C THR C 290 40.99 -24.12 -23.97
N LEU C 291 41.37 -23.80 -22.73
CA LEU C 291 40.50 -23.01 -21.87
C LEU C 291 40.21 -21.64 -22.49
N LEU C 292 41.25 -20.97 -22.99
CA LEU C 292 41.04 -19.65 -23.59
C LEU C 292 40.12 -19.74 -24.81
N GLU C 293 40.35 -20.73 -25.68
CA GLU C 293 39.51 -20.86 -26.86
C GLU C 293 38.07 -21.16 -26.48
N ASN C 294 37.87 -22.05 -25.51
CA ASN C 294 36.51 -22.36 -25.06
C ASN C 294 35.84 -21.13 -24.45
N LEU C 295 36.61 -20.31 -23.73
CA LEU C 295 36.04 -19.19 -23.01
C LEU C 295 35.68 -18.04 -23.93
N PHE C 296 36.46 -17.81 -24.97
CA PHE C 296 36.25 -16.66 -25.86
C PHE C 296 35.74 -17.05 -27.24
N PHE C 297 36.47 -17.90 -27.97
CA PHE C 297 36.19 -18.10 -29.38
C PHE C 297 35.19 -19.23 -29.64
N LYS C 298 34.92 -20.08 -28.66
CA LYS C 298 33.95 -21.15 -28.87
C LYS C 298 32.55 -20.57 -28.98
N GLU C 299 31.83 -20.97 -30.03
CA GLU C 299 30.49 -20.41 -30.26
C GLU C 299 29.54 -20.77 -29.13
N LYS C 300 29.57 -22.02 -28.68
CA LYS C 300 28.61 -22.46 -27.67
C LYS C 300 28.78 -21.71 -26.36
N ARG C 301 30.01 -21.68 -25.83
CA ARG C 301 30.24 -21.09 -24.52
C ARG C 301 30.23 -19.57 -24.54
N TYR C 302 30.50 -18.94 -25.68
CA TYR C 302 30.56 -17.49 -25.78
C TYR C 302 29.92 -17.06 -27.08
N ASP C 303 29.00 -16.09 -26.99
CA ASP C 303 28.28 -15.65 -28.18
C ASP C 303 27.77 -14.23 -27.96
N LEU C 304 27.96 -13.38 -28.96
CA LEU C 304 27.35 -12.07 -29.03
C LEU C 304 26.21 -12.12 -30.04
N ALA C 305 25.02 -11.67 -29.62
CA ALA C 305 23.90 -11.61 -30.55
C ALA C 305 24.30 -10.80 -31.77
N ARG C 306 23.63 -11.00 -32.90
CA ARG C 306 23.97 -10.27 -34.10
C ARG C 306 23.98 -8.76 -33.84
N VAL C 307 23.04 -8.30 -33.01
CA VAL C 307 23.00 -6.88 -32.65
C VAL C 307 24.27 -6.48 -31.91
N GLY C 308 24.74 -7.34 -31.00
CA GLY C 308 25.96 -7.02 -30.26
C GLY C 308 27.17 -6.89 -31.18
N ARG C 309 27.34 -7.85 -32.08
CA ARG C 309 28.45 -7.78 -33.02
C ARG C 309 28.35 -6.54 -33.90
N TYR C 310 27.15 -6.24 -34.38
CA TYR C 310 26.96 -5.06 -35.22
C TYR C 310 27.32 -3.78 -34.46
N LYS C 311 26.88 -3.68 -33.20
CA LYS C 311 27.18 -2.49 -32.41
C LYS C 311 28.68 -2.37 -32.12
N VAL C 312 29.34 -3.49 -31.83
CA VAL C 312 30.78 -3.45 -31.60
C VAL C 312 31.51 -3.00 -32.87
N ASN C 313 31.11 -3.54 -34.03
CA ASN C 313 31.72 -3.13 -35.28
C ASN C 313 31.52 -1.65 -35.53
N LYS C 314 30.31 -1.14 -35.29
CA LYS C 314 30.06 0.28 -35.50
C LYS C 314 30.88 1.14 -34.55
N LYS C 315 30.95 0.74 -33.27
CA LYS C 315 31.71 1.52 -32.29
C LYS C 315 33.18 1.58 -32.65
N LEU C 316 33.79 0.43 -32.90
CA LEU C 316 35.22 0.38 -33.23
C LEU C 316 35.48 0.59 -34.72
N GLY C 317 34.44 0.63 -35.54
CA GLY C 317 34.64 0.86 -36.96
C GLY C 317 35.49 -0.19 -37.64
N LEU C 318 35.29 -1.46 -37.30
CA LEU C 318 36.04 -2.56 -37.88
C LEU C 318 35.09 -3.56 -38.51
N HIS C 319 35.53 -4.19 -39.59
CA HIS C 319 34.76 -5.23 -40.27
C HIS C 319 33.39 -4.70 -40.68
N VAL C 320 33.39 -3.51 -41.31
CA VAL C 320 32.15 -2.82 -41.66
C VAL C 320 31.74 -3.05 -43.11
N GLY C 321 32.59 -3.64 -43.93
CA GLY C 321 32.31 -3.81 -45.34
C GLY C 321 31.63 -5.10 -45.73
N GLU C 322 31.28 -5.95 -44.78
CA GLU C 322 30.68 -7.25 -45.08
C GLU C 322 29.56 -7.53 -44.09
N PRO C 323 28.61 -8.39 -44.46
CA PRO C 323 27.58 -8.80 -43.49
C PRO C 323 28.20 -9.58 -42.35
N ILE C 324 27.55 -9.51 -41.18
CA ILE C 324 28.06 -10.18 -39.99
C ILE C 324 27.67 -11.64 -40.05
N THR C 325 28.67 -12.52 -40.00
CA THR C 325 28.46 -13.97 -39.92
C THR C 325 29.06 -14.54 -38.65
N SER C 326 30.30 -14.21 -38.33
CA SER C 326 30.90 -14.59 -37.07
C SER C 326 30.36 -13.68 -35.96
N SER C 327 29.86 -14.29 -34.90
CA SER C 327 29.24 -13.54 -33.80
C SER C 327 30.00 -13.74 -32.49
N THR C 328 31.29 -14.05 -32.56
CA THR C 328 32.12 -14.30 -31.39
C THR C 328 33.28 -13.31 -31.37
N LEU C 329 33.73 -12.99 -30.16
CA LEU C 329 34.80 -12.02 -30.00
C LEU C 329 36.10 -12.56 -30.59
N THR C 330 36.95 -11.65 -31.05
CA THR C 330 38.21 -12.01 -31.68
C THR C 330 39.32 -11.12 -31.12
N GLU C 331 40.56 -11.61 -31.22
CA GLU C 331 41.69 -10.89 -30.66
C GLU C 331 41.79 -9.47 -31.22
N GLU C 332 41.43 -9.29 -32.49
CA GLU C 332 41.46 -7.94 -33.06
C GLU C 332 40.53 -7.01 -32.29
N ASP C 333 39.35 -7.51 -31.89
CA ASP C 333 38.44 -6.70 -31.10
C ASP C 333 39.05 -6.31 -29.76
N VAL C 334 39.73 -7.24 -29.10
CA VAL C 334 40.31 -6.94 -27.80
C VAL C 334 41.42 -5.90 -27.93
N VAL C 335 42.30 -6.05 -28.93
CA VAL C 335 43.38 -5.08 -29.10
C VAL C 335 42.80 -3.72 -29.48
N ALA C 336 41.75 -3.70 -30.30
CA ALA C 336 41.12 -2.42 -30.65
C ALA C 336 40.50 -1.78 -29.41
N THR C 337 39.89 -2.57 -28.55
CA THR C 337 39.31 -2.03 -27.32
C THR C 337 40.39 -1.42 -26.43
N ILE C 338 41.53 -2.11 -26.29
CA ILE C 338 42.61 -1.58 -25.47
C ILE C 338 43.14 -0.28 -26.07
N GLU C 339 43.31 -0.26 -27.41
CA GLU C 339 43.78 0.96 -28.06
C GLU C 339 42.79 2.10 -27.85
N TYR C 340 41.50 1.81 -27.96
CA TYR C 340 40.48 2.83 -27.74
C TYR C 340 40.55 3.37 -26.31
N LEU C 341 40.72 2.48 -25.34
CA LEU C 341 40.80 2.93 -23.95
C LEU C 341 42.00 3.84 -23.74
N VAL C 342 43.18 3.43 -24.25
CA VAL C 342 44.38 4.25 -24.03
C VAL C 342 44.27 5.58 -24.77
N ARG C 343 43.71 5.56 -25.98
CA ARG C 343 43.52 6.81 -26.71
C ARG C 343 42.56 7.74 -25.99
N LEU C 344 41.47 7.20 -25.44
CA LEU C 344 40.54 8.01 -24.67
C LEU C 344 41.23 8.60 -23.45
N HIS C 345 42.06 7.81 -22.77
CA HIS C 345 42.79 8.33 -21.62
C HIS C 345 43.73 9.46 -22.04
N GLU C 346 44.41 9.30 -23.17
CA GLU C 346 45.28 10.36 -23.68
C GLU C 346 44.50 11.63 -23.96
N GLY C 347 43.21 11.51 -24.23
CA GLY C 347 42.40 12.65 -24.63
C GLY C 347 42.17 12.77 -26.12
N GLN C 348 42.54 11.74 -26.90
CA GLN C 348 42.34 11.79 -28.35
C GLN C 348 40.86 11.96 -28.67
N THR C 349 40.57 12.83 -29.65
CA THR C 349 39.19 13.03 -30.07
C THR C 349 38.70 11.88 -30.93
N THR C 350 39.57 11.33 -31.78
CA THR C 350 39.18 10.25 -32.67
C THR C 350 40.40 9.38 -32.97
N MET C 351 40.14 8.14 -33.37
CA MET C 351 41.19 7.17 -33.65
C MET C 351 40.88 6.44 -34.95
N THR C 352 41.91 5.83 -35.51
CA THR C 352 41.79 5.02 -36.72
C THR C 352 42.48 3.69 -36.51
N VAL C 353 41.92 2.65 -37.12
CA VAL C 353 42.48 1.30 -37.06
C VAL C 353 42.57 0.79 -38.49
N PRO C 354 43.64 0.07 -38.87
CA PRO C 354 43.71 -0.43 -40.25
C PRO C 354 42.52 -1.29 -40.61
N GLY C 355 42.04 -1.13 -41.83
CA GLY C 355 40.84 -1.81 -42.27
C GLY C 355 39.55 -1.20 -41.77
N GLY C 356 39.61 -0.04 -41.12
CA GLY C 356 38.43 0.60 -40.58
C GLY C 356 38.45 2.09 -40.84
N VAL C 357 37.25 2.67 -40.82
CA VAL C 357 37.08 4.10 -41.06
C VAL C 357 37.27 4.87 -39.76
N GLU C 358 37.47 6.18 -39.87
CA GLU C 358 37.62 7.01 -38.69
C GLU C 358 36.33 7.03 -37.87
N VAL C 359 36.48 7.01 -36.55
CA VAL C 359 35.31 7.03 -35.65
C VAL C 359 35.63 7.92 -34.46
N PRO C 360 34.59 8.53 -33.88
CA PRO C 360 34.81 9.40 -32.72
C PRO C 360 35.16 8.61 -31.47
N VAL C 361 35.82 9.30 -30.54
CA VAL C 361 36.19 8.73 -29.25
C VAL C 361 35.45 9.52 -28.17
N GLU C 362 34.50 8.86 -27.51
CA GLU C 362 33.79 9.48 -26.40
C GLU C 362 33.15 8.37 -25.56
N THR C 363 32.96 8.66 -24.28
CA THR C 363 32.35 7.69 -23.37
C THR C 363 30.89 7.46 -23.75
N ASP C 364 30.41 6.26 -23.45
CA ASP C 364 29.05 5.87 -23.78
C ASP C 364 28.10 6.16 -22.62
N ASP C 365 26.81 6.23 -22.94
CA ASP C 365 25.76 6.49 -21.96
C ASP C 365 24.85 5.27 -21.91
N ILE C 366 24.64 4.74 -20.71
CA ILE C 366 23.86 3.51 -20.56
C ILE C 366 22.39 3.76 -20.86
N ASP C 367 21.85 4.88 -20.38
CA ASP C 367 20.43 5.19 -20.55
C ASP C 367 20.09 5.60 -21.98
N HIS C 368 21.08 5.89 -22.81
CA HIS C 368 20.80 6.30 -24.18
C HIS C 368 20.01 5.23 -24.90
N PHE C 369 19.01 5.66 -25.69
CA PHE C 369 18.24 4.71 -26.48
C PHE C 369 19.02 4.16 -27.66
N GLY C 370 20.20 4.70 -27.93
CA GLY C 370 21.12 4.05 -28.85
C GLY C 370 21.87 2.88 -28.25
N ASN C 371 21.66 2.63 -26.95
CA ASN C 371 22.24 1.49 -26.26
C ASN C 371 21.22 0.55 -25.66
N ARG C 372 20.01 1.02 -25.36
CA ARG C 372 18.95 0.17 -24.83
C ARG C 372 18.12 -0.35 -25.99
N ARG C 373 18.28 -1.63 -26.31
CA ARG C 373 17.50 -2.26 -27.36
C ARG C 373 16.20 -2.81 -26.78
N LEU C 374 15.26 -3.12 -27.68
CA LEU C 374 13.96 -3.64 -27.30
C LEU C 374 13.84 -5.07 -27.83
N ARG C 375 13.63 -6.02 -26.93
CA ARG C 375 13.40 -7.42 -27.30
C ARG C 375 11.91 -7.69 -27.23
N THR C 376 11.27 -7.78 -28.40
CA THR C 376 9.82 -7.91 -28.48
C THR C 376 9.43 -9.36 -28.21
N VAL C 377 8.17 -9.70 -28.49
CA VAL C 377 7.68 -11.06 -28.27
C VAL C 377 8.54 -12.06 -29.01
N GLY C 378 8.92 -11.74 -30.25
CA GLY C 378 9.71 -12.67 -31.03
C GLY C 378 11.01 -13.04 -30.35
N GLU C 379 11.73 -12.03 -29.84
CA GLU C 379 13.01 -12.29 -29.20
C GLU C 379 12.85 -13.14 -27.94
N LEU C 380 11.85 -12.84 -27.11
CA LEU C 380 11.65 -13.59 -25.88
C LEU C 380 11.31 -15.05 -26.19
N ILE C 381 10.38 -15.27 -27.13
CA ILE C 381 10.02 -16.65 -27.47
C ILE C 381 11.20 -17.36 -28.10
N GLN C 382 12.00 -16.65 -28.90
CA GLN C 382 13.17 -17.26 -29.50
C GLN C 382 14.17 -17.70 -28.43
N ASN C 383 14.38 -16.86 -27.42
CA ASN C 383 15.30 -17.23 -26.34
C ASN C 383 14.79 -18.45 -25.59
N GLN C 384 13.49 -18.49 -25.29
CA GLN C 384 12.95 -19.63 -24.54
C GLN C 384 13.04 -20.91 -25.35
N ILE C 385 12.66 -20.87 -26.62
CA ILE C 385 12.76 -22.07 -27.44
C ILE C 385 14.22 -22.46 -27.64
N ARG C 386 15.13 -21.49 -27.65
CA ARG C 386 16.54 -21.80 -27.74
C ARG C 386 17.03 -22.56 -26.52
N VAL C 387 16.62 -22.13 -25.33
CA VAL C 387 16.98 -22.85 -24.10
C VAL C 387 16.43 -24.27 -24.16
N GLY C 388 15.15 -24.41 -24.51
CA GLY C 388 14.55 -25.74 -24.58
C GLY C 388 15.27 -26.62 -25.59
N MET C 389 15.60 -26.06 -26.75
CA MET C 389 16.25 -26.83 -27.80
C MET C 389 17.66 -27.23 -27.40
N SER C 390 18.37 -26.37 -26.66
CA SER C 390 19.70 -26.74 -26.18
C SER C 390 19.62 -27.89 -25.18
N ARG C 391 18.65 -27.84 -24.27
CA ARG C 391 18.44 -28.96 -23.35
C ARG C 391 18.15 -30.25 -24.13
N MET C 392 17.25 -30.15 -25.10
CA MET C 392 16.93 -31.30 -25.94
C MET C 392 18.17 -31.81 -26.65
N GLU C 393 19.03 -30.91 -27.12
CA GLU C 393 20.24 -31.31 -27.84
C GLU C 393 21.20 -32.03 -26.91
N ARG C 394 21.33 -31.58 -25.66
CA ARG C 394 22.15 -32.32 -24.70
C ARG C 394 21.63 -33.75 -24.56
N VAL C 395 20.33 -33.89 -24.33
CA VAL C 395 19.77 -35.24 -24.17
C VAL C 395 20.00 -36.06 -25.43
N VAL C 396 19.82 -35.45 -26.61
CA VAL C 396 19.95 -36.16 -27.87
C VAL C 396 21.38 -36.63 -28.06
N ARG C 397 22.36 -35.79 -27.75
CA ARG C 397 23.75 -36.17 -27.94
C ARG C 397 24.14 -37.30 -26.99
N GLU C 398 23.66 -37.24 -25.75
CA GLU C 398 23.91 -38.37 -24.84
C GLU C 398 23.30 -39.65 -25.41
N ARG C 399 22.06 -39.58 -25.87
CA ARG C 399 21.36 -40.76 -26.36
C ARG C 399 22.08 -41.35 -27.57
N MET C 400 22.56 -40.50 -28.48
CA MET C 400 23.25 -41.00 -29.67
C MET C 400 24.64 -41.50 -29.33
N THR C 401 25.26 -40.97 -28.27
CA THR C 401 26.52 -41.53 -27.81
C THR C 401 26.32 -42.92 -27.23
N THR C 402 25.17 -43.20 -26.63
CA THR C 402 24.91 -44.50 -26.04
C THR C 402 24.17 -45.46 -26.96
N GLN C 403 23.17 -45.00 -27.70
CA GLN C 403 22.30 -45.90 -28.44
C GLN C 403 23.03 -46.52 -29.62
N ASP C 404 22.51 -47.66 -30.07
CA ASP C 404 23.14 -48.42 -31.15
C ASP C 404 23.17 -47.62 -32.44
N VAL C 405 24.25 -47.79 -33.21
CA VAL C 405 24.45 -46.99 -34.42
C VAL C 405 23.89 -47.65 -35.68
N GLU C 406 23.51 -48.92 -35.62
CA GLU C 406 23.08 -49.62 -36.82
C GLU C 406 21.66 -49.21 -37.24
N ALA C 407 20.69 -49.45 -36.38
CA ALA C 407 19.28 -49.22 -36.69
C ALA C 407 18.77 -47.89 -36.12
N ILE C 408 19.61 -46.88 -36.07
CA ILE C 408 19.24 -45.59 -35.50
C ILE C 408 18.58 -44.73 -36.56
N THR C 409 17.51 -44.05 -36.17
CA THR C 409 16.81 -43.08 -37.00
C THR C 409 16.56 -41.82 -36.19
N PRO C 410 16.51 -40.65 -36.84
CA PRO C 410 16.28 -39.41 -36.08
C PRO C 410 14.94 -39.40 -35.35
N GLN C 411 13.97 -40.19 -35.80
CA GLN C 411 12.68 -40.21 -35.11
C GLN C 411 12.84 -40.72 -33.68
N THR C 412 13.65 -41.74 -33.48
CA THR C 412 13.91 -42.29 -32.15
C THR C 412 15.04 -41.55 -31.44
N LEU C 413 15.61 -40.52 -32.05
CA LEU C 413 16.72 -39.78 -31.46
C LEU C 413 16.30 -38.45 -30.89
N ILE C 414 15.25 -37.83 -31.40
CA ILE C 414 14.76 -36.54 -30.89
C ILE C 414 13.88 -36.78 -29.68
N ASN C 415 13.96 -35.88 -28.70
CA ASN C 415 13.11 -35.89 -27.52
C ASN C 415 12.40 -34.55 -27.44
N ILE C 416 11.08 -34.55 -27.71
CA ILE C 416 10.33 -33.30 -27.82
C ILE C 416 9.88 -32.76 -26.47
N ARG C 417 10.00 -33.54 -25.40
CA ARG C 417 9.49 -33.11 -24.10
C ARG C 417 10.10 -31.81 -23.61
N PRO C 418 11.43 -31.64 -23.59
CA PRO C 418 11.98 -30.42 -22.99
C PRO C 418 11.55 -29.14 -23.68
N VAL C 419 11.43 -29.13 -25.00
CA VAL C 419 11.10 -27.89 -25.69
C VAL C 419 9.65 -27.48 -25.41
N VAL C 420 8.72 -28.43 -25.47
CA VAL C 420 7.34 -28.12 -25.15
C VAL C 420 7.22 -27.70 -23.68
N ALA C 421 7.97 -28.36 -22.80
CA ALA C 421 7.96 -27.96 -21.40
C ALA C 421 8.44 -26.52 -21.22
N ALA C 422 9.52 -26.15 -21.92
CA ALA C 422 10.04 -24.79 -21.82
C ALA C 422 9.02 -23.78 -22.34
N ILE C 423 8.39 -24.07 -23.48
CA ILE C 423 7.41 -23.13 -24.03
C ILE C 423 6.24 -22.95 -23.07
N LYS C 424 5.71 -24.06 -22.55
CA LYS C 424 4.58 -23.97 -21.64
C LYS C 424 4.96 -23.23 -20.36
N GLU C 425 6.15 -23.50 -19.83
CA GLU C 425 6.59 -22.80 -18.62
C GLU C 425 6.71 -21.31 -18.86
N PHE C 426 7.26 -20.92 -20.02
CA PHE C 426 7.37 -19.51 -20.33
C PHE C 426 6.00 -18.86 -20.41
N PHE C 427 5.06 -19.49 -21.12
CA PHE C 427 3.75 -18.88 -21.28
C PHE C 427 2.93 -18.92 -19.99
N GLY C 428 3.28 -19.79 -19.04
CA GLY C 428 2.52 -19.90 -17.82
C GLY C 428 3.05 -19.03 -16.69
N THR C 429 4.35 -19.12 -16.39
CA THR C 429 4.90 -18.49 -15.20
C THR C 429 5.79 -17.28 -15.48
N SER C 430 6.18 -17.06 -16.73
CA SER C 430 7.07 -15.94 -17.03
C SER C 430 6.43 -14.62 -16.60
N GLN C 431 7.25 -13.74 -16.03
CA GLN C 431 6.73 -12.45 -15.55
C GLN C 431 6.39 -11.51 -16.69
N LEU C 432 6.86 -11.79 -17.91
CA LEU C 432 6.56 -10.98 -19.07
C LEU C 432 5.37 -11.50 -19.86
N SER C 433 4.71 -12.55 -19.39
CA SER C 433 3.49 -13.08 -20.00
C SER C 433 2.36 -12.84 -19.01
N GLN C 434 1.61 -11.75 -19.23
CA GLN C 434 0.65 -11.25 -18.26
C GLN C 434 -0.76 -11.36 -18.80
N PHE C 435 -1.72 -11.43 -17.87
CA PHE C 435 -3.12 -11.36 -18.23
C PHE C 435 -3.42 -10.03 -18.92
N MET C 436 -4.08 -10.11 -20.07
CA MET C 436 -4.49 -8.90 -20.78
C MET C 436 -5.60 -8.23 -19.99
N ASP C 437 -5.32 -7.05 -19.43
CA ASP C 437 -6.36 -6.29 -18.74
C ASP C 437 -7.39 -5.81 -19.75
N GLN C 438 -8.67 -6.02 -19.43
CA GLN C 438 -9.76 -5.77 -20.37
C GLN C 438 -10.84 -4.92 -19.71
N ASN C 439 -10.43 -3.85 -19.04
CA ASN C 439 -11.41 -2.86 -18.60
C ASN C 439 -12.11 -2.23 -19.80
N ASN C 440 -11.34 -1.92 -20.84
CA ASN C 440 -11.87 -1.27 -22.03
C ASN C 440 -10.86 -1.45 -23.15
N PRO C 441 -11.24 -1.16 -24.40
CA PRO C 441 -10.29 -1.35 -25.51
C PRO C 441 -9.00 -0.58 -25.32
N LEU C 442 -9.07 0.63 -24.76
CA LEU C 442 -7.86 1.43 -24.59
C LEU C 442 -6.89 0.75 -23.63
N SER C 443 -7.41 0.12 -22.56
CA SER C 443 -6.52 -0.54 -21.61
C SER C 443 -5.75 -1.66 -22.28
N GLY C 444 -6.43 -2.49 -23.07
CA GLY C 444 -5.74 -3.56 -23.76
C GLY C 444 -4.74 -3.04 -24.78
N LEU C 445 -5.13 -2.02 -25.55
CA LEU C 445 -4.21 -1.48 -26.55
C LEU C 445 -2.96 -0.91 -25.90
N THR C 446 -3.11 -0.22 -24.77
CA THR C 446 -1.94 0.28 -24.05
C THR C 446 -1.11 -0.87 -23.51
N HIS C 447 -1.77 -1.92 -23.00
CA HIS C 447 -1.03 -3.04 -22.44
C HIS C 447 -0.16 -3.70 -23.51
N LYS C 448 -0.68 -3.81 -24.74
CA LYS C 448 0.10 -4.44 -25.80
C LYS C 448 1.32 -3.61 -26.19
N ARG C 449 1.24 -2.28 -26.08
CA ARG C 449 2.32 -1.39 -26.48
C ARG C 449 3.20 -0.98 -25.31
N ARG C 450 3.17 -1.73 -24.21
CA ARG C 450 3.97 -1.40 -23.04
C ARG C 450 5.44 -1.71 -23.28
N LEU C 451 6.31 -1.00 -22.55
CA LEU C 451 7.76 -1.21 -22.57
C LEU C 451 8.22 -1.37 -21.14
N SER C 452 8.19 -2.61 -20.63
CA SER C 452 8.57 -2.88 -19.25
C SER C 452 10.07 -3.12 -19.17
N ALA C 453 10.72 -2.41 -18.26
CA ALA C 453 12.17 -2.52 -18.08
C ALA C 453 12.56 -3.50 -16.99
N LEU C 454 11.59 -4.18 -16.38
CA LEU C 454 11.84 -5.13 -15.31
C LEU C 454 11.37 -6.52 -15.73
N GLY C 455 11.72 -7.51 -14.92
CA GLY C 455 11.38 -8.89 -15.19
C GLY C 455 12.60 -9.76 -15.38
N PRO C 456 12.39 -11.05 -15.66
CA PRO C 456 13.53 -11.95 -15.88
C PRO C 456 14.44 -11.42 -16.97
N GLY C 457 15.74 -11.46 -16.72
CA GLY C 457 16.72 -10.89 -17.61
C GLY C 457 16.86 -9.39 -17.51
N GLY C 458 16.14 -8.75 -16.60
CA GLY C 458 16.20 -7.31 -16.45
C GLY C 458 16.41 -6.91 -15.00
N LEU C 459 16.48 -5.61 -14.78
CA LEU C 459 16.75 -5.08 -13.45
C LEU C 459 15.58 -5.36 -12.51
N SER C 460 15.88 -5.29 -11.22
CA SER C 460 14.89 -5.43 -10.16
C SER C 460 14.62 -4.06 -9.52
N ARG C 461 13.48 -3.95 -8.85
CA ARG C 461 13.11 -2.68 -8.23
C ARG C 461 14.17 -2.24 -7.22
N GLU C 462 14.55 -3.14 -6.31
CA GLU C 462 15.49 -2.77 -5.26
C GLU C 462 16.87 -2.49 -5.83
N ARG C 463 17.39 -3.40 -6.65
CA ARG C 463 18.75 -3.25 -7.15
C ARG C 463 18.88 -2.09 -8.13
N ALA C 464 17.81 -1.81 -8.89
CA ALA C 464 17.86 -0.73 -9.86
C ALA C 464 17.98 0.61 -9.15
N GLY C 465 18.88 1.46 -9.65
CA GLY C 465 19.03 2.79 -9.11
C GLY C 465 17.90 3.71 -9.53
N LEU C 466 17.84 4.86 -8.87
CA LEU C 466 16.83 5.86 -9.20
C LEU C 466 17.18 6.68 -10.43
N GLU C 467 18.42 6.58 -10.92
CA GLU C 467 18.81 7.37 -12.09
C GLU C 467 18.21 6.83 -13.38
N VAL C 468 17.95 5.53 -13.45
CA VAL C 468 17.36 4.95 -14.66
C VAL C 468 15.88 5.26 -14.79
N ARG C 469 15.24 5.72 -13.71
CA ARG C 469 13.82 6.01 -13.73
C ARG C 469 13.48 7.38 -14.31
N ASP C 470 14.48 8.19 -14.64
CA ASP C 470 14.25 9.53 -15.14
C ASP C 470 14.16 9.54 -16.66
N VAL C 471 13.75 10.68 -17.20
CA VAL C 471 13.62 10.87 -18.64
C VAL C 471 14.97 11.26 -19.22
N HIS C 472 15.17 10.94 -20.49
CA HIS C 472 16.39 11.22 -21.21
C HIS C 472 16.04 11.99 -22.48
N PRO C 473 16.92 12.89 -22.94
CA PRO C 473 16.63 13.62 -24.18
C PRO C 473 16.47 12.73 -25.39
N SER C 474 16.84 11.45 -25.29
CA SER C 474 16.68 10.52 -26.40
C SER C 474 15.32 9.83 -26.42
N HIS C 475 14.49 10.03 -25.40
CA HIS C 475 13.15 9.46 -25.39
C HIS C 475 12.19 10.19 -26.32
N TYR C 476 12.59 11.31 -26.90
CA TYR C 476 11.69 12.13 -27.70
C TYR C 476 11.32 11.37 -28.97
N GLY C 477 10.08 10.89 -29.03
CA GLY C 477 9.57 10.21 -30.20
C GLY C 477 9.56 8.69 -30.08
N ARG C 478 10.29 8.12 -29.12
CA ARG C 478 10.38 6.68 -28.95
C ARG C 478 9.63 6.17 -27.73
N MET C 479 9.72 6.86 -26.60
CA MET C 479 9.07 6.45 -25.37
C MET C 479 8.36 7.65 -24.78
N CYS C 480 7.08 7.49 -24.46
CA CYS C 480 6.30 8.63 -23.97
C CYS C 480 6.83 9.06 -22.61
N PRO C 481 7.11 10.35 -22.41
CA PRO C 481 7.63 10.81 -21.12
C PRO C 481 6.56 11.02 -20.06
N ILE C 482 5.27 10.85 -20.40
CA ILE C 482 4.16 11.12 -19.49
C ILE C 482 3.54 9.83 -18.98
N GLU C 483 3.01 9.01 -19.88
CA GLU C 483 2.31 7.80 -19.47
C GLU C 483 3.27 6.87 -18.72
N THR C 484 2.92 6.57 -17.47
CA THR C 484 3.79 5.78 -16.60
C THR C 484 3.03 5.41 -15.33
N PRO C 485 3.30 4.27 -14.71
CA PRO C 485 2.61 3.93 -13.46
C PRO C 485 2.89 4.95 -12.36
N GLU C 486 1.87 5.17 -11.53
CA GLU C 486 2.00 6.10 -10.41
C GLU C 486 2.69 5.47 -9.21
N GLY C 487 2.61 4.14 -9.08
CA GLY C 487 3.14 3.46 -7.91
C GLY C 487 4.64 3.33 -7.94
N PRO C 488 5.18 2.35 -7.21
CA PRO C 488 6.65 2.18 -7.16
C PRO C 488 7.27 1.87 -8.51
N ASN C 489 6.50 1.35 -9.46
CA ASN C 489 7.00 1.04 -10.80
C ASN C 489 6.91 2.26 -11.71
N ILE C 490 7.50 3.37 -11.27
CA ILE C 490 7.50 4.62 -12.03
C ILE C 490 8.86 4.76 -12.71
N GLY C 491 8.84 4.93 -14.03
CA GLY C 491 10.05 5.04 -14.81
C GLY C 491 10.56 3.73 -15.37
N LEU C 492 10.10 2.61 -14.83
CA LEU C 492 10.46 1.29 -15.35
C LEU C 492 9.45 0.77 -16.37
N ILE C 493 8.34 1.46 -16.56
CA ILE C 493 7.30 1.05 -17.51
C ILE C 493 6.91 2.27 -18.32
N GLY C 494 6.83 2.11 -19.64
CA GLY C 494 6.43 3.19 -20.52
C GLY C 494 5.56 2.71 -21.66
N SER C 495 5.61 3.40 -22.80
CA SER C 495 4.81 3.03 -23.95
C SER C 495 5.42 3.62 -25.20
N LEU C 496 5.31 2.90 -26.31
CA LEU C 496 5.78 3.43 -27.59
C LEU C 496 5.04 4.72 -27.91
N SER C 497 5.76 5.66 -28.50
CA SER C 497 5.10 6.84 -29.05
C SER C 497 4.27 6.43 -30.26
N VAL C 498 3.40 7.33 -30.69
CA VAL C 498 2.41 6.98 -31.72
C VAL C 498 3.10 6.52 -33.00
N TYR C 499 4.16 7.22 -33.42
CA TYR C 499 4.77 6.99 -34.72
C TYR C 499 6.01 6.10 -34.67
N ALA C 500 6.34 5.53 -33.52
CA ALA C 500 7.56 4.76 -33.38
C ALA C 500 7.45 3.40 -34.07
N ARG C 501 8.53 2.99 -34.72
CA ARG C 501 8.63 1.67 -35.34
C ARG C 501 9.94 1.03 -34.90
N VAL C 502 9.88 -0.23 -34.52
CA VAL C 502 11.05 -0.93 -33.99
C VAL C 502 11.90 -1.46 -35.14
N ASN C 503 13.21 -1.30 -35.02
CA ASN C 503 14.18 -1.74 -36.01
C ASN C 503 14.38 -3.26 -35.91
N PRO C 504 14.84 -3.90 -36.99
CA PRO C 504 15.16 -5.33 -36.88
C PRO C 504 16.11 -5.66 -35.76
N PHE C 505 17.11 -4.81 -35.50
CA PHE C 505 18.03 -5.04 -34.41
C PHE C 505 17.42 -4.75 -33.04
N GLY C 506 16.22 -4.18 -32.99
CA GLY C 506 15.53 -3.92 -31.74
C GLY C 506 15.55 -2.47 -31.31
N PHE C 507 16.31 -1.61 -31.97
CA PHE C 507 16.35 -0.19 -31.60
C PHE C 507 15.16 0.53 -32.19
N ILE C 508 14.52 1.36 -31.38
CA ILE C 508 13.29 2.05 -31.78
C ILE C 508 13.63 3.19 -32.71
N GLU C 509 12.78 3.41 -33.72
CA GLU C 509 12.98 4.44 -34.73
C GLU C 509 11.78 5.37 -34.77
N THR C 510 11.97 6.54 -35.36
CA THR C 510 10.93 7.54 -35.51
C THR C 510 11.04 8.19 -36.88
N PRO C 511 9.93 8.68 -37.43
CA PRO C 511 9.97 9.29 -38.76
C PRO C 511 10.44 10.73 -38.73
N TYR C 512 11.26 11.09 -39.72
CA TYR C 512 11.67 12.46 -39.93
C TYR C 512 11.71 12.75 -41.42
N ARG C 513 11.09 13.85 -41.84
CA ARG C 513 11.08 14.24 -43.24
C ARG C 513 12.26 15.17 -43.48
N LYS C 514 13.22 14.72 -44.29
CA LYS C 514 14.46 15.45 -44.47
C LYS C 514 14.23 16.73 -45.29
N VAL C 515 14.92 17.79 -44.90
CA VAL C 515 14.93 19.05 -45.64
C VAL C 515 16.29 19.17 -46.31
N VAL C 516 16.29 19.26 -47.64
CA VAL C 516 17.54 19.16 -48.39
C VAL C 516 18.32 20.47 -48.34
N ASP C 517 17.69 21.56 -48.79
CA ASP C 517 18.36 22.87 -48.87
C ASP C 517 17.40 23.97 -48.43
N GLY C 518 16.71 23.74 -47.31
CA GLY C 518 15.73 24.67 -46.81
C GLY C 518 14.32 24.43 -47.27
N VAL C 519 14.09 23.48 -48.16
CA VAL C 519 12.76 23.12 -48.63
C VAL C 519 12.41 21.75 -48.07
N VAL C 520 11.36 21.69 -47.25
CA VAL C 520 10.97 20.45 -46.62
C VAL C 520 10.48 19.47 -47.69
N SER C 521 10.86 18.20 -47.53
CA SER C 521 10.52 17.16 -48.49
C SER C 521 9.35 16.32 -47.98
N ASP C 522 8.51 15.89 -48.92
CA ASP C 522 7.39 15.03 -48.55
C ASP C 522 7.88 13.68 -48.04
N GLU C 523 8.88 13.11 -48.68
CA GLU C 523 9.36 11.78 -48.32
C GLU C 523 10.00 11.80 -46.92
N ILE C 524 9.80 10.70 -46.19
CA ILE C 524 10.25 10.58 -44.81
C ILE C 524 11.34 9.53 -44.73
N VAL C 525 12.10 9.57 -43.63
CA VAL C 525 13.13 8.58 -43.34
C VAL C 525 13.12 8.33 -41.84
N TYR C 526 13.34 7.08 -41.45
CA TYR C 526 13.27 6.67 -40.05
C TYR C 526 14.69 6.63 -39.48
N LEU C 527 14.92 7.36 -38.39
CA LEU C 527 16.23 7.52 -37.80
C LEU C 527 16.23 6.97 -36.38
N THR C 528 17.23 6.17 -36.05
CA THR C 528 17.43 5.72 -34.68
C THR C 528 18.15 6.82 -33.89
N ALA C 529 18.47 6.51 -32.62
CA ALA C 529 18.98 7.54 -31.73
C ALA C 529 20.30 8.11 -32.21
N ASP C 530 21.22 7.25 -32.67
CA ASP C 530 22.55 7.72 -33.07
C ASP C 530 22.45 8.64 -34.29
N GLU C 531 21.74 8.18 -35.33
CA GLU C 531 21.59 8.99 -36.52
C GLU C 531 20.95 10.33 -36.19
N GLU C 532 19.98 10.32 -35.27
CA GLU C 532 19.38 11.58 -34.82
C GLU C 532 20.40 12.46 -34.11
N ASP C 533 21.30 11.86 -33.32
CA ASP C 533 22.26 12.63 -32.56
C ASP C 533 23.46 13.06 -33.39
N ARG C 534 23.50 12.70 -34.68
CA ARG C 534 24.47 13.27 -35.61
C ARG C 534 23.85 14.32 -36.52
N HIS C 535 22.62 14.74 -36.27
CA HIS C 535 21.91 15.64 -37.18
C HIS C 535 21.20 16.74 -36.41
N VAL C 536 20.65 17.68 -37.17
CA VAL C 536 19.96 18.85 -36.65
C VAL C 536 18.48 18.67 -36.98
N VAL C 537 17.65 18.51 -35.95
CA VAL C 537 16.25 18.15 -36.10
C VAL C 537 15.40 19.33 -35.61
N ALA C 538 14.53 19.82 -36.48
CA ALA C 538 13.67 20.95 -36.17
C ALA C 538 12.43 20.46 -35.40
N GLN C 539 11.45 21.36 -35.23
CA GLN C 539 10.19 21.05 -34.58
C GLN C 539 9.05 21.23 -35.57
N ALA C 540 8.00 20.42 -35.40
CA ALA C 540 6.90 20.44 -36.35
C ALA C 540 6.19 21.80 -36.35
N ASN C 541 6.08 22.43 -35.18
CA ASN C 541 5.36 23.70 -35.09
C ASN C 541 6.04 24.84 -35.85
N SER C 542 7.28 24.65 -36.27
CA SER C 542 8.04 25.72 -36.91
C SER C 542 7.26 26.28 -38.10
N PRO C 543 6.97 27.58 -38.13
CA PRO C 543 6.27 28.15 -39.29
C PRO C 543 6.97 27.80 -40.60
N ILE C 544 6.21 27.22 -41.52
CA ILE C 544 6.72 26.75 -42.80
C ILE C 544 5.87 27.36 -43.91
N ASP C 545 6.53 27.88 -44.93
CA ASP C 545 5.83 28.39 -46.09
C ASP C 545 5.17 27.23 -46.85
N ALA C 546 4.10 27.57 -47.59
CA ALA C 546 3.39 26.55 -48.35
C ALA C 546 4.29 25.86 -49.36
N ASP C 547 5.39 26.48 -49.76
CA ASP C 547 6.34 25.90 -50.70
C ASP C 547 7.46 25.15 -50.00
N GLY C 548 7.39 25.01 -48.68
CA GLY C 548 8.44 24.35 -47.92
C GLY C 548 9.56 25.25 -47.48
N ARG C 549 9.46 26.56 -47.71
CA ARG C 549 10.49 27.50 -47.31
C ARG C 549 10.28 27.91 -45.85
N PHE C 550 11.35 27.91 -45.07
CA PHE C 550 11.26 28.37 -43.69
C PHE C 550 11.15 29.89 -43.67
N VAL C 551 10.06 30.40 -43.11
CA VAL C 551 9.86 31.84 -43.04
C VAL C 551 10.84 32.47 -42.05
N GLU C 552 11.03 31.83 -40.90
CA GLU C 552 11.92 32.38 -39.88
C GLU C 552 13.37 32.02 -40.21
N PRO C 553 14.27 32.99 -40.30
CA PRO C 553 15.70 32.63 -40.46
C PRO C 553 16.23 31.77 -39.35
N ARG C 554 15.74 31.95 -38.12
CA ARG C 554 16.15 31.17 -36.96
C ARG C 554 15.03 30.20 -36.63
N VAL C 555 15.29 28.91 -36.79
CA VAL C 555 14.33 27.85 -36.50
C VAL C 555 14.80 27.13 -35.24
N LEU C 556 13.88 26.95 -34.29
CA LEU C 556 14.21 26.18 -33.10
C LEU C 556 14.65 24.79 -33.50
N VAL C 557 15.73 24.32 -32.88
CA VAL C 557 16.39 23.09 -33.30
C VAL C 557 16.75 22.28 -32.06
N ARG C 558 16.60 20.96 -32.17
CA ARG C 558 17.01 20.02 -31.14
C ARG C 558 18.20 19.22 -31.67
N ARG C 559 19.35 19.35 -31.01
CA ARG C 559 20.57 18.72 -31.50
C ARG C 559 21.20 17.82 -30.43
N LYS C 560 22.43 17.37 -30.67
CA LYS C 560 23.02 16.33 -29.84
C LYS C 560 23.11 16.77 -28.38
N ALA C 561 22.97 15.80 -27.48
CA ALA C 561 23.07 15.95 -26.03
C ALA C 561 21.80 16.57 -25.44
N GLY C 562 20.71 16.65 -26.20
CA GLY C 562 19.51 17.29 -25.73
C GLY C 562 19.52 18.80 -25.84
N GLU C 563 20.55 19.37 -26.47
CA GLU C 563 20.62 20.82 -26.61
C GLU C 563 19.51 21.32 -27.52
N VAL C 564 18.89 22.42 -27.12
CA VAL C 564 17.88 23.09 -27.93
C VAL C 564 18.30 24.55 -28.08
N GLU C 565 18.44 25.00 -29.33
CA GLU C 565 18.90 26.37 -29.58
C GLU C 565 18.60 26.71 -31.03
N TYR C 566 18.59 28.01 -31.33
CA TYR C 566 18.27 28.48 -32.66
C TYR C 566 19.42 28.23 -33.62
N VAL C 567 19.09 28.02 -34.89
CA VAL C 567 20.07 27.76 -35.94
C VAL C 567 19.60 28.44 -37.23
N PRO C 568 20.49 28.84 -38.12
CA PRO C 568 20.06 29.30 -39.44
C PRO C 568 19.29 28.21 -40.19
N SER C 569 18.33 28.65 -41.01
CA SER C 569 17.38 27.75 -41.65
C SER C 569 18.01 26.85 -42.70
N SER C 570 19.31 26.95 -42.95
CA SER C 570 19.98 26.07 -43.91
C SER C 570 20.67 24.89 -43.26
N GLU C 571 21.28 25.11 -42.08
CA GLU C 571 21.94 24.02 -41.38
C GLU C 571 20.96 22.93 -40.94
N VAL C 572 19.68 23.27 -40.78
CA VAL C 572 18.69 22.28 -40.35
C VAL C 572 18.60 21.19 -41.40
N ASP C 573 18.56 19.94 -40.94
CA ASP C 573 18.58 18.78 -41.81
C ASP C 573 17.29 17.97 -41.79
N TYR C 574 16.69 17.76 -40.62
CA TYR C 574 15.49 16.95 -40.49
C TYR C 574 14.42 17.71 -39.71
N MET C 575 13.16 17.36 -39.96
CA MET C 575 12.03 17.98 -39.31
C MET C 575 11.04 16.90 -38.91
N ASP C 576 10.34 17.12 -37.80
CA ASP C 576 9.36 16.16 -37.30
C ASP C 576 8.20 16.04 -38.27
N VAL C 577 7.27 15.13 -37.98
CA VAL C 577 6.10 14.90 -38.83
C VAL C 577 4.84 15.50 -38.22
N SER C 578 4.63 15.30 -36.92
CA SER C 578 3.45 15.80 -36.23
C SER C 578 3.85 16.28 -34.84
N PRO C 579 3.15 17.30 -34.32
CA PRO C 579 3.40 17.69 -32.92
C PRO C 579 3.07 16.60 -31.92
N ARG C 580 2.25 15.62 -32.30
CA ARG C 580 1.86 14.52 -31.42
C ARG C 580 2.83 13.36 -31.48
N GLN C 581 4.07 13.60 -31.92
CA GLN C 581 5.03 12.53 -32.10
C GLN C 581 5.66 12.05 -30.80
N MET C 582 5.61 12.85 -29.74
CA MET C 582 6.25 12.51 -28.48
C MET C 582 5.30 11.91 -27.45
N VAL C 583 4.03 11.72 -27.79
CA VAL C 583 3.03 11.28 -26.83
C VAL C 583 2.52 9.90 -27.24
N SER C 584 2.16 9.11 -26.23
CA SER C 584 1.64 7.77 -26.46
C SER C 584 0.21 7.85 -27.00
N VAL C 585 -0.40 6.68 -27.22
CA VAL C 585 -1.77 6.65 -27.73
C VAL C 585 -2.74 7.13 -26.67
N ALA C 586 -2.56 6.69 -25.41
CA ALA C 586 -3.47 7.10 -24.35
C ALA C 586 -3.34 8.59 -24.06
N THR C 587 -2.11 9.10 -24.04
CA THR C 587 -1.86 10.52 -23.79
C THR C 587 -2.23 11.40 -24.97
N ALA C 588 -2.44 10.81 -26.15
CA ALA C 588 -2.80 11.58 -27.33
C ALA C 588 -4.29 11.88 -27.41
N MET C 589 -5.09 11.40 -26.46
CA MET C 589 -6.52 11.67 -26.42
C MET C 589 -6.90 12.39 -25.14
N ILE C 590 -6.07 13.34 -24.73
CA ILE C 590 -6.37 14.27 -23.66
C ILE C 590 -6.42 15.67 -24.27
N PRO C 591 -7.62 16.20 -24.53
CA PRO C 591 -7.69 17.53 -25.16
C PRO C 591 -7.06 18.58 -24.27
N PHE C 592 -6.40 19.56 -24.90
CA PHE C 592 -5.71 20.62 -24.18
C PHE C 592 -4.67 20.04 -23.21
N LEU C 593 -3.93 19.03 -23.67
CA LEU C 593 -2.86 18.48 -22.84
C LEU C 593 -1.74 19.50 -22.64
N GLU C 594 -1.55 20.40 -23.61
CA GLU C 594 -0.47 21.38 -23.50
C GLU C 594 -0.70 22.39 -22.38
N HIS C 595 -1.89 22.43 -21.78
CA HIS C 595 -2.18 23.33 -20.67
C HIS C 595 -2.13 22.64 -19.31
N ASP C 596 -2.00 21.32 -19.28
CA ASP C 596 -1.95 20.57 -18.04
C ASP C 596 -0.51 20.26 -17.64
N ASP C 597 -0.27 20.23 -16.34
CA ASP C 597 1.06 19.91 -15.84
C ASP C 597 1.39 18.44 -16.08
N ALA C 598 2.68 18.14 -16.05
CA ALA C 598 3.13 16.80 -16.39
C ALA C 598 2.54 15.75 -15.46
N ASN C 599 2.52 16.03 -14.15
CA ASN C 599 1.99 15.05 -13.20
C ASN C 599 0.48 14.90 -13.36
N ARG C 600 -0.23 16.01 -13.57
CA ARG C 600 -1.67 15.92 -13.80
C ARG C 600 -1.97 15.16 -15.09
N ALA C 601 -1.18 15.40 -16.14
CA ALA C 601 -1.37 14.67 -17.39
C ALA C 601 -1.09 13.18 -17.19
N LEU C 602 -0.05 12.84 -16.43
CA LEU C 602 0.22 11.44 -16.13
C LEU C 602 -0.95 10.80 -15.41
N MET C 603 -1.48 11.49 -14.41
CA MET C 603 -2.62 10.94 -13.66
C MET C 603 -3.82 10.74 -14.56
N GLY C 604 -4.11 11.72 -15.43
CA GLY C 604 -5.24 11.57 -16.34
C GLY C 604 -5.05 10.43 -17.32
N ALA C 605 -3.85 10.30 -17.89
CA ALA C 605 -3.58 9.22 -18.81
C ALA C 605 -3.72 7.86 -18.14
N ASN C 606 -3.24 7.74 -16.90
CA ASN C 606 -3.37 6.47 -16.19
C ASN C 606 -4.83 6.18 -15.84
N MET C 607 -5.60 7.21 -15.48
CA MET C 607 -6.98 6.99 -15.11
C MET C 607 -7.86 6.70 -16.31
N GLN C 608 -7.47 7.14 -17.51
CA GLN C 608 -8.25 6.81 -18.70
C GLN C 608 -8.31 5.31 -18.96
N ARG C 609 -7.36 4.55 -18.45
CA ARG C 609 -7.30 3.12 -18.67
C ARG C 609 -8.06 2.32 -17.62
N GLN C 610 -8.69 2.99 -16.66
CA GLN C 610 -9.49 2.33 -15.63
C GLN C 610 -10.99 2.53 -15.84
N ALA C 611 -11.39 3.25 -16.88
CA ALA C 611 -12.80 3.52 -17.10
C ALA C 611 -13.57 2.23 -17.31
N VAL C 612 -14.79 2.18 -16.81
CA VAL C 612 -15.65 1.01 -16.91
C VAL C 612 -16.62 1.23 -18.07
N PRO C 613 -16.82 0.25 -18.95
CA PRO C 613 -17.76 0.44 -20.07
C PRO C 613 -19.19 0.49 -19.59
N LEU C 614 -19.86 1.61 -19.86
CA LEU C 614 -21.22 1.82 -19.41
C LEU C 614 -22.21 1.10 -20.33
N VAL C 615 -23.46 1.04 -19.89
CA VAL C 615 -24.50 0.37 -20.66
C VAL C 615 -24.68 1.06 -22.01
N ARG C 616 -24.75 2.39 -22.00
CA ARG C 616 -24.94 3.18 -23.20
C ARG C 616 -23.77 4.14 -23.34
N SER C 617 -23.02 4.03 -24.42
CA SER C 617 -21.83 4.83 -24.63
C SER C 617 -22.13 6.06 -25.45
N GLU C 618 -21.39 7.14 -25.19
CA GLU C 618 -21.59 8.42 -25.85
C GLU C 618 -20.24 9.04 -26.14
N ALA C 619 -20.00 9.37 -27.41
CA ALA C 619 -18.71 9.94 -27.79
C ALA C 619 -18.58 11.36 -27.26
N PRO C 620 -17.36 11.79 -26.93
CA PRO C 620 -17.18 13.12 -26.35
C PRO C 620 -17.51 14.23 -27.34
N LEU C 621 -18.00 15.35 -26.80
CA LEU C 621 -18.21 16.53 -27.63
C LEU C 621 -16.89 17.12 -28.08
N VAL C 622 -15.91 17.17 -27.19
CA VAL C 622 -14.56 17.64 -27.50
C VAL C 622 -13.60 16.49 -27.26
N GLY C 623 -12.86 16.11 -28.29
CA GLY C 623 -11.88 15.06 -28.17
C GLY C 623 -10.94 15.08 -29.35
N THR C 624 -9.71 14.64 -29.12
CA THR C 624 -8.70 14.69 -30.17
C THR C 624 -9.07 13.72 -31.29
N GLY C 625 -8.23 13.68 -32.32
CA GLY C 625 -8.46 12.80 -33.44
C GLY C 625 -8.05 11.36 -33.25
N MET C 626 -7.50 11.03 -32.08
CA MET C 626 -7.01 9.68 -31.81
C MET C 626 -8.13 8.70 -31.46
N GLU C 627 -9.34 9.20 -31.18
CA GLU C 627 -10.41 8.32 -30.71
C GLU C 627 -10.69 7.22 -31.73
N LEU C 628 -10.92 7.60 -32.99
CA LEU C 628 -11.37 6.65 -33.98
C LEU C 628 -10.28 5.62 -34.29
N ARG C 629 -9.05 6.08 -34.48
CA ARG C 629 -7.97 5.14 -34.79
C ARG C 629 -7.70 4.21 -33.62
N ALA C 630 -7.75 4.73 -32.40
CA ALA C 630 -7.58 3.87 -31.23
C ALA C 630 -8.66 2.80 -31.18
N ALA C 631 -9.91 3.19 -31.42
CA ALA C 631 -11.00 2.22 -31.40
C ALA C 631 -10.81 1.17 -32.50
N ILE C 632 -10.45 1.61 -33.71
CA ILE C 632 -10.33 0.68 -34.83
C ILE C 632 -9.20 -0.31 -34.58
N ASP C 633 -8.05 0.17 -34.12
CA ASP C 633 -6.88 -0.69 -33.95
C ASP C 633 -6.91 -1.48 -32.64
N ALA C 634 -7.78 -1.13 -31.69
CA ALA C 634 -7.90 -1.93 -30.48
C ALA C 634 -8.46 -3.31 -30.78
N GLY C 635 -9.23 -3.45 -31.86
CA GLY C 635 -9.76 -4.73 -32.26
C GLY C 635 -11.06 -5.13 -31.61
N ASP C 636 -11.67 -4.26 -30.81
CA ASP C 636 -12.92 -4.56 -30.14
C ASP C 636 -14.15 -4.15 -30.95
N VAL C 637 -13.96 -3.63 -32.16
CA VAL C 637 -15.06 -3.30 -33.06
C VAL C 637 -14.91 -4.17 -34.30
N VAL C 638 -15.97 -4.88 -34.66
CA VAL C 638 -15.92 -5.70 -35.87
C VAL C 638 -15.97 -4.79 -37.08
N VAL C 639 -15.00 -4.96 -37.98
CA VAL C 639 -14.83 -4.10 -39.15
C VAL C 639 -14.98 -4.96 -40.39
N ALA C 640 -15.81 -4.50 -41.34
CA ALA C 640 -16.04 -5.28 -42.54
C ALA C 640 -14.72 -5.55 -43.26
N GLU C 641 -14.49 -6.82 -43.57
CA GLU C 641 -13.25 -7.21 -44.24
C GLU C 641 -13.27 -6.82 -45.71
N GLU C 642 -14.43 -6.92 -46.36
CA GLU C 642 -14.55 -6.60 -47.78
C GLU C 642 -15.82 -5.80 -48.01
N SER C 643 -15.80 -4.99 -49.06
CA SER C 643 -16.95 -4.16 -49.39
C SER C 643 -18.12 -5.02 -49.88
N GLY C 644 -19.32 -4.69 -49.41
CA GLY C 644 -20.48 -5.45 -49.81
C GLY C 644 -21.76 -4.77 -49.37
N VAL C 645 -22.86 -5.49 -49.50
CA VAL C 645 -24.18 -5.02 -49.11
C VAL C 645 -24.73 -5.95 -48.04
N ILE C 646 -25.26 -5.37 -46.97
CA ILE C 646 -25.76 -6.16 -45.84
C ILE C 646 -27.10 -6.79 -46.22
N GLU C 647 -27.21 -8.10 -46.07
CA GLU C 647 -28.45 -8.79 -46.38
C GLU C 647 -29.44 -8.70 -45.22
N GLU C 648 -29.06 -9.23 -44.06
CA GLU C 648 -29.90 -9.15 -42.88
C GLU C 648 -29.03 -8.97 -41.64
N VAL C 649 -29.45 -8.08 -40.76
CA VAL C 649 -28.72 -7.77 -39.54
C VAL C 649 -29.63 -8.06 -38.35
N SER C 650 -29.11 -8.80 -37.38
CA SER C 650 -29.82 -9.13 -36.15
C SER C 650 -28.95 -8.72 -34.97
N ALA C 651 -29.52 -8.85 -33.77
CA ALA C 651 -28.76 -8.51 -32.57
C ALA C 651 -27.58 -9.42 -32.36
N ASP C 652 -27.62 -10.65 -32.90
CA ASP C 652 -26.57 -11.63 -32.69
C ASP C 652 -25.51 -11.60 -33.79
N TYR C 653 -25.94 -11.61 -35.05
CA TYR C 653 -25.03 -11.76 -36.17
C TYR C 653 -25.38 -10.74 -37.26
N ILE C 654 -24.53 -10.71 -38.28
CA ILE C 654 -24.77 -9.88 -39.47
C ILE C 654 -24.14 -10.57 -40.66
N THR C 655 -24.88 -10.66 -41.75
CA THR C 655 -24.40 -11.27 -42.99
C THR C 655 -24.33 -10.21 -44.07
N VAL C 656 -23.18 -10.10 -44.72
CA VAL C 656 -22.95 -9.14 -45.79
C VAL C 656 -22.59 -9.91 -47.05
N MET C 657 -23.28 -9.63 -48.14
CA MET C 657 -23.04 -10.30 -49.41
C MET C 657 -21.96 -9.52 -50.16
N HIS C 658 -20.79 -10.14 -50.33
CA HIS C 658 -19.71 -9.49 -51.05
C HIS C 658 -20.05 -9.37 -52.54
N ASP C 659 -19.37 -8.44 -53.20
CA ASP C 659 -19.65 -8.19 -54.61
C ASP C 659 -19.30 -9.37 -55.50
N ASN C 660 -18.50 -10.32 -55.01
CA ASN C 660 -18.11 -11.49 -55.78
C ASN C 660 -19.08 -12.66 -55.61
N GLY C 661 -20.18 -12.46 -54.88
CA GLY C 661 -21.17 -13.49 -54.70
C GLY C 661 -21.00 -14.35 -53.46
N THR C 662 -20.01 -14.05 -52.62
CA THR C 662 -19.75 -14.82 -51.42
C THR C 662 -20.28 -14.07 -50.20
N ARG C 663 -21.07 -14.75 -49.39
CA ARG C 663 -21.61 -14.17 -48.17
C ARG C 663 -20.71 -14.52 -46.99
N ARG C 664 -20.59 -13.58 -46.05
CA ARG C 664 -19.81 -13.77 -44.83
C ARG C 664 -20.62 -13.31 -43.64
N THR C 665 -20.63 -14.12 -42.58
CA THR C 665 -21.41 -13.85 -41.38
C THR C 665 -20.48 -13.51 -40.23
N TYR C 666 -20.75 -12.41 -39.56
CA TYR C 666 -20.00 -11.99 -38.38
C TYR C 666 -20.83 -12.29 -37.14
N ARG C 667 -20.27 -13.05 -36.21
CA ARG C 667 -20.93 -13.36 -34.95
C ARG C 667 -20.43 -12.40 -33.89
N MET C 668 -21.36 -11.71 -33.24
CA MET C 668 -21.04 -10.65 -32.28
C MET C 668 -21.26 -11.19 -30.87
N ARG C 669 -20.17 -11.35 -30.13
CA ARG C 669 -20.28 -11.82 -28.76
C ARG C 669 -20.97 -10.76 -27.91
N LYS C 670 -21.91 -11.19 -27.07
CA LYS C 670 -22.71 -10.28 -26.27
C LYS C 670 -22.70 -10.73 -24.82
N PHE C 671 -22.55 -9.76 -23.91
CA PHE C 671 -22.54 -10.02 -22.48
C PHE C 671 -21.53 -11.10 -22.13
N ALA C 672 -20.37 -11.03 -22.76
CA ALA C 672 -19.27 -11.95 -22.51
C ALA C 672 -18.33 -11.33 -21.48
N ARG C 673 -18.06 -12.07 -20.41
CA ARG C 673 -17.23 -11.53 -19.33
C ARG C 673 -15.82 -11.25 -19.85
N SER C 674 -15.28 -10.11 -19.44
CA SER C 674 -13.92 -9.74 -19.78
C SER C 674 -12.98 -10.16 -18.66
N ASN C 675 -11.68 -9.94 -18.87
CA ASN C 675 -10.68 -10.43 -17.92
C ASN C 675 -10.82 -9.79 -16.54
N HIS C 676 -11.50 -8.64 -16.43
CA HIS C 676 -11.59 -7.91 -15.17
C HIS C 676 -13.03 -7.76 -14.69
N GLY C 677 -13.93 -8.62 -15.15
CA GLY C 677 -15.28 -8.67 -14.64
C GLY C 677 -16.29 -7.85 -15.40
N THR C 678 -15.85 -6.88 -16.20
CA THR C 678 -16.77 -6.07 -16.97
C THR C 678 -17.44 -6.92 -18.06
N CYS C 679 -18.35 -6.31 -18.80
CA CYS C 679 -19.06 -6.99 -19.88
C CYS C 679 -18.66 -6.37 -21.21
N ALA C 680 -18.57 -7.22 -22.24
CA ALA C 680 -18.18 -6.81 -23.58
C ALA C 680 -19.33 -7.12 -24.53
N ASN C 681 -20.03 -6.07 -24.96
CA ASN C 681 -21.14 -6.18 -25.89
C ASN C 681 -20.74 -5.59 -27.24
N GLN C 682 -21.30 -6.15 -28.31
CA GLN C 682 -21.06 -5.68 -29.67
C GLN C 682 -22.40 -5.49 -30.36
N CYS C 683 -22.87 -4.25 -30.42
CA CYS C 683 -24.17 -3.93 -30.99
C CYS C 683 -24.01 -3.46 -32.43
N PRO C 684 -24.63 -4.11 -33.40
CA PRO C 684 -24.47 -3.65 -34.79
C PRO C 684 -24.97 -2.23 -34.97
N ILE C 685 -24.28 -1.46 -35.80
CA ILE C 685 -24.63 -0.08 -36.06
C ILE C 685 -24.90 0.12 -37.53
N VAL C 686 -25.40 -0.93 -38.19
CA VAL C 686 -25.75 -0.87 -39.61
C VAL C 686 -27.15 -1.45 -39.78
N ASP C 687 -27.77 -1.12 -40.90
CA ASP C 687 -29.13 -1.53 -41.21
C ASP C 687 -29.15 -2.36 -42.49
N ALA C 688 -30.17 -3.20 -42.60
CA ALA C 688 -30.27 -4.11 -43.74
C ALA C 688 -30.39 -3.33 -45.04
N GLY C 689 -29.78 -3.87 -46.09
CA GLY C 689 -29.82 -3.25 -47.40
C GLY C 689 -28.90 -2.06 -47.56
N ASP C 690 -27.90 -1.91 -46.69
CA ASP C 690 -26.98 -0.78 -46.71
C ASP C 690 -25.62 -1.25 -47.20
N ARG C 691 -25.08 -0.55 -48.20
CA ARG C 691 -23.76 -0.90 -48.73
C ARG C 691 -22.68 -0.45 -47.75
N VAL C 692 -21.74 -1.34 -47.46
CA VAL C 692 -20.65 -1.06 -46.53
C VAL C 692 -19.34 -1.17 -47.29
N GLU C 693 -18.49 -0.16 -47.13
CA GLU C 693 -17.18 -0.16 -47.76
C GLU C 693 -16.19 -0.97 -46.92
N ALA C 694 -15.19 -1.53 -47.60
CA ALA C 694 -14.18 -2.32 -46.91
C ALA C 694 -13.48 -1.49 -45.86
N GLY C 695 -13.26 -2.09 -44.69
CA GLY C 695 -12.63 -1.41 -43.58
C GLY C 695 -13.56 -0.53 -42.76
N GLN C 696 -14.85 -0.54 -43.05
CA GLN C 696 -15.81 0.25 -42.30
C GLN C 696 -16.29 -0.54 -41.08
N VAL C 697 -16.47 0.16 -39.97
CA VAL C 697 -16.92 -0.49 -38.74
C VAL C 697 -18.35 -0.95 -38.90
N ILE C 698 -18.65 -2.13 -38.37
CA ILE C 698 -19.97 -2.74 -38.48
C ILE C 698 -20.71 -2.75 -37.15
N ALA C 699 -20.01 -3.03 -36.05
CA ALA C 699 -20.61 -3.03 -34.73
C ALA C 699 -19.67 -2.36 -33.74
N ASP C 700 -20.24 -1.85 -32.66
CA ASP C 700 -19.49 -1.13 -31.63
C ASP C 700 -19.31 -2.03 -30.41
N GLY C 701 -18.06 -2.24 -30.03
CA GLY C 701 -17.76 -3.01 -28.83
C GLY C 701 -17.95 -2.17 -27.60
N PRO C 702 -17.40 -2.62 -26.46
CA PRO C 702 -17.49 -1.81 -25.25
C PRO C 702 -16.72 -0.50 -25.42
N CYS C 703 -17.24 0.54 -24.79
CA CYS C 703 -16.64 1.88 -24.87
C CYS C 703 -16.45 2.30 -26.32
N THR C 704 -17.56 2.42 -27.03
CA THR C 704 -17.54 2.84 -28.42
C THR C 704 -18.91 3.37 -28.80
N ASP C 705 -18.93 4.49 -29.52
CA ASP C 705 -20.15 5.13 -30.01
C ASP C 705 -19.95 5.43 -31.48
N ASP C 706 -20.43 4.53 -32.34
CA ASP C 706 -20.30 4.67 -33.79
C ASP C 706 -18.83 4.57 -34.22
N GLY C 707 -18.14 3.57 -33.69
CA GLY C 707 -16.77 3.30 -34.09
C GLY C 707 -15.76 4.34 -33.68
N GLU C 708 -15.89 4.90 -32.49
CA GLU C 708 -14.88 5.78 -31.94
C GLU C 708 -14.91 5.67 -30.42
N MET C 709 -13.73 5.68 -29.81
CA MET C 709 -13.61 5.42 -28.39
C MET C 709 -14.47 6.40 -27.59
N ALA C 710 -15.22 5.86 -26.62
CA ALA C 710 -16.09 6.67 -25.78
C ALA C 710 -16.13 6.04 -24.40
N LEU C 711 -15.31 6.55 -23.49
CA LEU C 711 -15.16 5.98 -22.16
C LEU C 711 -16.09 6.60 -21.13
N GLY C 712 -16.86 7.62 -21.50
CA GLY C 712 -17.69 8.30 -20.52
C GLY C 712 -18.79 9.10 -21.19
N LYS C 713 -19.52 9.85 -20.36
CA LYS C 713 -20.66 10.63 -20.80
C LYS C 713 -20.40 12.12 -20.61
N ASN C 714 -21.17 12.93 -21.33
CA ASN C 714 -21.09 14.38 -21.24
C ASN C 714 -22.06 14.87 -20.17
N LEU C 715 -21.55 15.58 -19.18
CA LEU C 715 -22.34 16.08 -18.06
C LEU C 715 -22.20 17.59 -17.97
N LEU C 716 -23.29 18.27 -17.59
CA LEU C 716 -23.28 19.71 -17.42
C LEU C 716 -22.63 20.05 -16.08
N VAL C 717 -21.45 20.65 -16.13
CA VAL C 717 -20.65 20.92 -14.94
C VAL C 717 -20.83 22.36 -14.52
N ALA C 718 -20.96 22.58 -13.21
CA ALA C 718 -20.87 23.90 -12.60
C ALA C 718 -19.71 23.89 -11.62
N ILE C 719 -18.82 24.87 -11.76
CA ILE C 719 -17.57 24.91 -10.99
C ILE C 719 -17.77 25.94 -9.88
N MET C 720 -17.98 25.46 -8.67
CA MET C 720 -18.16 26.31 -7.50
C MET C 720 -18.24 25.42 -6.26
N PRO C 721 -17.91 25.95 -5.09
CA PRO C 721 -18.15 25.20 -3.85
C PRO C 721 -19.62 25.25 -3.47
N TRP C 722 -20.13 24.12 -2.98
CA TRP C 722 -21.57 23.99 -2.70
C TRP C 722 -21.75 23.29 -1.37
N GLU C 723 -21.96 24.07 -0.31
CA GLU C 723 -22.34 23.60 1.02
C GLU C 723 -21.33 22.62 1.62
N GLY C 724 -20.14 22.52 1.04
CA GLY C 724 -19.11 21.65 1.58
C GLY C 724 -19.25 20.19 1.23
N HIS C 725 -20.21 19.82 0.38
CA HIS C 725 -20.35 18.44 -0.03
C HIS C 725 -19.37 18.06 -1.13
N ASN C 726 -18.76 19.04 -1.80
CA ASN C 726 -17.68 18.83 -2.75
C ASN C 726 -16.37 19.35 -2.19
N TYR C 727 -16.15 19.17 -0.89
CA TYR C 727 -15.00 19.72 -0.20
C TYR C 727 -13.81 18.78 -0.37
N GLU C 728 -12.72 19.32 -0.89
CA GLU C 728 -11.44 18.61 -1.03
C GLU C 728 -11.60 17.35 -1.87
N ASP C 729 -11.91 17.59 -3.15
CA ASP C 729 -11.94 16.61 -4.23
C ASP C 729 -13.21 15.77 -4.26
N ALA C 730 -14.13 15.94 -3.33
CA ALA C 730 -15.40 15.24 -3.41
C ALA C 730 -16.24 15.82 -4.56
N ILE C 731 -17.23 15.06 -4.99
CA ILE C 731 -18.06 15.40 -6.15
C ILE C 731 -19.53 15.27 -5.77
N ILE C 732 -20.34 16.21 -6.24
CA ILE C 732 -21.79 16.18 -6.07
C ILE C 732 -22.42 15.84 -7.40
N LEU C 733 -23.39 14.93 -7.38
CA LEU C 733 -24.07 14.48 -8.59
C LEU C 733 -25.57 14.70 -8.45
N SER C 734 -26.22 14.84 -9.60
CA SER C 734 -27.67 14.91 -9.64
C SER C 734 -28.26 13.50 -9.65
N ASN C 735 -29.42 13.36 -9.01
CA ASN C 735 -30.11 12.08 -9.01
C ASN C 735 -30.62 11.70 -10.39
N ARG C 736 -30.64 12.65 -11.33
CA ARG C 736 -31.05 12.35 -12.69
C ARG C 736 -30.09 11.37 -13.36
N LEU C 737 -28.81 11.40 -12.99
CA LEU C 737 -27.88 10.42 -13.53
C LEU C 737 -28.23 9.01 -13.07
N VAL C 738 -28.61 8.87 -11.80
CA VAL C 738 -28.99 7.55 -11.28
C VAL C 738 -30.29 7.09 -11.92
N GLU C 739 -31.29 7.97 -11.99
CA GLU C 739 -32.61 7.54 -12.47
C GLU C 739 -32.61 7.33 -13.98
N GLU C 740 -31.75 8.02 -14.72
CA GLU C 740 -31.67 7.87 -16.16
C GLU C 740 -30.67 6.81 -16.60
N ASP C 741 -29.99 6.16 -15.65
CA ASP C 741 -28.98 5.15 -15.96
C ASP C 741 -27.90 5.71 -16.89
N VAL C 742 -27.48 6.95 -16.62
CA VAL C 742 -26.39 7.54 -17.40
C VAL C 742 -25.08 6.82 -17.10
N LEU C 743 -24.79 6.57 -15.82
CA LEU C 743 -23.55 5.95 -15.39
C LEU C 743 -23.78 4.55 -14.84
N THR C 744 -24.77 3.84 -15.39
CA THR C 744 -25.00 2.45 -15.00
C THR C 744 -24.02 1.54 -15.74
N SER C 745 -23.55 0.51 -15.03
CA SER C 745 -22.58 -0.43 -15.57
C SER C 745 -23.02 -1.85 -15.26
N ILE C 746 -22.52 -2.80 -16.06
CA ILE C 746 -22.82 -4.21 -15.90
C ILE C 746 -21.51 -4.93 -15.58
N HIS C 747 -21.51 -5.67 -14.48
CA HIS C 747 -20.38 -6.48 -14.06
C HIS C 747 -20.82 -7.93 -13.92
N ILE C 748 -19.97 -8.85 -14.39
CA ILE C 748 -20.30 -10.27 -14.43
C ILE C 748 -19.29 -11.01 -13.56
N GLU C 749 -19.77 -11.60 -12.47
CA GLU C 749 -18.93 -12.47 -11.66
C GLU C 749 -18.90 -13.87 -12.25
N GLU C 750 -17.98 -14.69 -11.76
CA GLU C 750 -17.80 -16.05 -12.28
C GLU C 750 -17.40 -16.96 -11.14
N HIS C 751 -18.18 -18.02 -10.93
CA HIS C 751 -17.93 -19.00 -9.88
C HIS C 751 -17.89 -20.38 -10.51
N GLU C 752 -17.13 -21.28 -9.88
CA GLU C 752 -16.98 -22.63 -10.41
C GLU C 752 -16.67 -23.60 -9.28
N ILE C 753 -17.29 -24.77 -9.34
CA ILE C 753 -17.02 -25.87 -8.42
C ILE C 753 -16.82 -27.13 -9.25
N ASP C 754 -16.02 -28.05 -8.72
CA ASP C 754 -15.68 -29.28 -9.43
C ASP C 754 -15.85 -30.47 -8.51
N ALA C 755 -16.24 -31.60 -9.10
CA ALA C 755 -16.41 -32.87 -8.38
C ALA C 755 -15.21 -33.74 -8.69
N ARG C 756 -14.28 -33.84 -7.72
CA ARG C 756 -13.07 -34.62 -7.88
C ARG C 756 -13.19 -35.94 -7.12
N ASP C 757 -12.66 -37.00 -7.70
CA ASP C 757 -12.67 -38.30 -7.05
C ASP C 757 -11.77 -38.29 -5.81
N THR C 758 -12.26 -38.91 -4.74
CA THR C 758 -11.52 -38.99 -3.48
C THR C 758 -11.31 -40.46 -3.12
N LYS C 759 -10.37 -40.68 -2.19
CA LYS C 759 -10.10 -42.05 -1.75
C LYS C 759 -11.33 -42.66 -1.08
N LEU C 760 -12.03 -41.89 -0.25
CA LEU C 760 -13.21 -42.39 0.42
C LEU C 760 -14.40 -42.55 -0.51
N GLY C 761 -14.35 -41.99 -1.70
CA GLY C 761 -15.46 -42.08 -2.64
C GLY C 761 -15.35 -41.00 -3.69
N ALA C 762 -16.42 -40.88 -4.48
CA ALA C 762 -16.50 -39.92 -5.58
C ALA C 762 -17.53 -38.85 -5.24
N GLU C 763 -17.10 -37.60 -5.27
CA GLU C 763 -18.02 -36.49 -5.07
C GLU C 763 -18.97 -36.37 -6.26
N GLU C 764 -20.20 -35.96 -5.98
CA GLU C 764 -21.23 -35.86 -7.00
C GLU C 764 -22.06 -34.60 -6.75
N ILE C 765 -22.66 -34.10 -7.82
CA ILE C 765 -23.59 -32.97 -7.75
C ILE C 765 -25.01 -33.53 -7.84
N THR C 766 -25.84 -33.16 -6.87
CA THR C 766 -27.21 -33.66 -6.83
C THR C 766 -28.11 -32.59 -6.23
N ARG C 767 -29.39 -32.63 -6.62
CA ARG C 767 -30.36 -31.71 -6.04
C ARG C 767 -30.59 -32.02 -4.57
N ASP C 768 -30.50 -33.29 -4.18
CA ASP C 768 -30.69 -33.66 -2.79
C ASP C 768 -29.50 -33.21 -1.95
N ILE C 769 -29.78 -32.60 -0.81
CA ILE C 769 -28.74 -32.11 0.08
C ILE C 769 -29.10 -32.54 1.50
N PRO C 770 -28.12 -32.78 2.38
CA PRO C 770 -28.46 -33.27 3.73
C PRO C 770 -29.05 -32.17 4.61
N ASN C 771 -30.29 -32.37 5.05
CA ASN C 771 -30.90 -31.56 6.10
C ASN C 771 -30.88 -30.07 5.73
N ILE C 772 -31.60 -29.75 4.66
CA ILE C 772 -31.86 -28.36 4.28
C ILE C 772 -33.33 -28.24 3.87
N SER C 773 -33.95 -27.14 4.27
CA SER C 773 -35.36 -26.93 3.97
C SER C 773 -35.56 -26.82 2.46
N ASP C 774 -36.75 -27.26 2.01
CA ASP C 774 -37.03 -27.30 0.57
C ASP C 774 -37.07 -25.90 -0.03
N GLU C 775 -37.50 -24.89 0.74
CA GLU C 775 -37.58 -23.55 0.19
C GLU C 775 -36.20 -23.04 -0.23
N VAL C 776 -35.17 -23.31 0.57
CA VAL C 776 -33.82 -22.87 0.24
C VAL C 776 -33.34 -23.54 -1.04
N LEU C 777 -33.85 -24.73 -1.35
CA LEU C 777 -33.45 -25.48 -2.53
C LEU C 777 -34.44 -25.36 -3.67
N ALA C 778 -35.40 -24.42 -3.57
CA ALA C 778 -36.42 -24.29 -4.62
C ALA C 778 -35.81 -23.89 -5.95
N ASP C 779 -34.85 -22.96 -5.93
CA ASP C 779 -34.33 -22.40 -7.18
C ASP C 779 -33.53 -23.40 -7.99
N LEU C 780 -33.01 -24.46 -7.36
CA LEU C 780 -32.22 -25.43 -8.10
C LEU C 780 -33.11 -26.27 -9.01
N ASP C 781 -32.51 -26.80 -10.08
CA ASP C 781 -33.19 -27.64 -11.03
C ASP C 781 -32.92 -29.11 -10.74
N GLU C 782 -33.45 -29.99 -11.60
CA GLU C 782 -33.34 -31.42 -11.35
C GLU C 782 -31.90 -31.90 -11.32
N ARG C 783 -31.00 -31.20 -12.01
CA ARG C 783 -29.60 -31.60 -12.06
C ARG C 783 -28.78 -31.07 -10.89
N GLY C 784 -29.36 -30.22 -10.04
CA GLY C 784 -28.68 -29.74 -8.86
C GLY C 784 -28.03 -28.38 -9.01
N ILE C 785 -28.31 -27.64 -10.09
CA ILE C 785 -27.71 -26.34 -10.33
C ILE C 785 -28.82 -25.32 -10.51
N VAL C 786 -28.53 -24.07 -10.11
CA VAL C 786 -29.53 -23.02 -10.17
C VAL C 786 -30.05 -22.86 -11.60
N ARG C 787 -31.35 -22.59 -11.71
CA ARG C 787 -31.96 -22.35 -13.00
C ARG C 787 -31.57 -20.97 -13.52
N ILE C 788 -31.37 -20.87 -14.83
CA ILE C 788 -30.95 -19.61 -15.42
C ILE C 788 -32.02 -18.55 -15.19
N GLY C 789 -31.59 -17.32 -14.96
CA GLY C 789 -32.49 -16.21 -14.76
C GLY C 789 -33.03 -16.07 -13.36
N ALA C 790 -32.50 -16.82 -12.39
CA ALA C 790 -32.98 -16.80 -11.02
C ALA C 790 -32.14 -15.84 -10.20
N GLU C 791 -32.78 -14.83 -9.60
CA GLU C 791 -32.06 -13.92 -8.72
C GLU C 791 -31.44 -14.68 -7.57
N VAL C 792 -30.14 -14.53 -7.39
CA VAL C 792 -29.39 -15.22 -6.34
C VAL C 792 -28.81 -14.16 -5.42
N ARG C 793 -29.03 -14.32 -4.12
CA ARG C 793 -28.67 -13.34 -3.12
C ARG C 793 -27.39 -13.77 -2.40
N ASP C 794 -27.01 -13.01 -1.37
CA ASP C 794 -25.79 -13.29 -0.65
C ASP C 794 -25.94 -14.56 0.18
N GLY C 795 -24.98 -15.48 0.06
CA GLY C 795 -24.98 -16.70 0.82
C GLY C 795 -25.90 -17.78 0.30
N ASP C 796 -26.60 -17.55 -0.80
CA ASP C 796 -27.52 -18.54 -1.33
C ASP C 796 -26.76 -19.68 -1.99
N ILE C 797 -27.40 -20.85 -2.04
CA ILE C 797 -26.79 -22.04 -2.61
C ILE C 797 -26.83 -21.92 -4.14
N LEU C 798 -25.68 -22.17 -4.77
CA LEU C 798 -25.52 -21.98 -6.21
C LEU C 798 -25.45 -23.29 -6.98
N VAL C 799 -24.82 -24.32 -6.41
CA VAL C 799 -24.84 -25.67 -6.98
C VAL C 799 -24.62 -26.66 -5.84
N GLY C 800 -25.48 -27.67 -5.77
CA GLY C 800 -25.45 -28.60 -4.67
C GLY C 800 -24.61 -29.83 -4.95
N LYS C 801 -23.59 -30.06 -4.12
CA LYS C 801 -22.75 -31.24 -4.22
C LYS C 801 -22.60 -31.87 -2.84
N VAL C 802 -22.50 -33.19 -2.82
CA VAL C 802 -22.36 -33.96 -1.59
C VAL C 802 -21.04 -34.72 -1.66
N THR C 803 -20.22 -34.58 -0.62
CA THR C 803 -18.94 -35.25 -0.60
C THR C 803 -19.00 -36.51 0.28
N PRO C 804 -18.24 -37.55 -0.06
CA PRO C 804 -18.25 -38.75 0.78
C PRO C 804 -17.74 -38.46 2.19
N LYS C 805 -18.25 -39.22 3.15
CA LYS C 805 -17.90 -39.06 4.55
C LYS C 805 -17.28 -40.37 5.06
N GLY C 806 -16.41 -40.25 6.04
CA GLY C 806 -15.78 -41.41 6.63
C GLY C 806 -16.59 -41.96 7.79
N GLU C 807 -16.00 -41.98 8.98
CA GLU C 807 -16.70 -42.43 10.19
C GLU C 807 -16.49 -41.38 11.27
N THR C 808 -17.58 -40.85 11.80
CA THR C 808 -17.52 -39.86 12.87
C THR C 808 -18.76 -40.02 13.74
N GLU C 809 -18.57 -40.54 14.95
CA GLU C 809 -19.69 -40.68 15.87
C GLU C 809 -20.33 -39.32 16.11
N LEU C 810 -21.66 -39.26 15.99
CA LEU C 810 -22.37 -38.02 16.17
C LEU C 810 -22.39 -37.60 17.64
N THR C 811 -22.50 -36.30 17.87
CA THR C 811 -22.60 -35.79 19.23
C THR C 811 -23.91 -36.25 19.86
N PRO C 812 -23.99 -36.26 21.20
CA PRO C 812 -25.17 -36.82 21.87
C PRO C 812 -26.49 -36.33 21.31
N GLU C 813 -26.70 -35.01 21.35
CA GLU C 813 -27.99 -34.47 20.93
C GLU C 813 -28.18 -34.58 19.43
N GLU C 814 -27.12 -34.45 18.64
CA GLU C 814 -27.27 -34.58 17.19
C GLU C 814 -27.78 -35.97 16.83
N ARG C 815 -27.14 -37.02 17.38
CA ARG C 815 -27.58 -38.37 17.10
C ARG C 815 -28.97 -38.64 17.67
N LEU C 816 -29.25 -38.13 18.87
CA LEU C 816 -30.57 -38.32 19.46
C LEU C 816 -31.66 -37.71 18.58
N LEU C 817 -31.43 -36.49 18.09
CA LEU C 817 -32.40 -35.85 17.21
C LEU C 817 -32.53 -36.61 15.89
N ARG C 818 -31.41 -37.09 15.34
CA ARG C 818 -31.48 -37.90 14.14
C ARG C 818 -32.38 -39.12 14.36
N ALA C 819 -32.22 -39.79 15.50
CA ALA C 819 -33.05 -40.93 15.80
C ALA C 819 -34.52 -40.53 15.95
N ILE C 820 -34.78 -39.42 16.66
CA ILE C 820 -36.15 -39.01 16.92
C ILE C 820 -36.86 -38.63 15.63
N PHE C 821 -36.23 -37.76 14.83
CA PHE C 821 -36.87 -37.25 13.61
C PHE C 821 -36.97 -38.30 12.52
N GLY C 822 -36.28 -39.42 12.64
CA GLY C 822 -36.23 -40.40 11.57
C GLY C 822 -35.23 -40.08 10.49
N GLU C 823 -34.52 -38.97 10.59
CA GLU C 823 -33.50 -38.62 9.62
C GLU C 823 -32.23 -39.42 9.91
N LYS C 824 -31.81 -40.24 8.95
CA LYS C 824 -30.60 -41.01 9.12
C LYS C 824 -29.40 -40.07 9.27
N ALA C 825 -28.25 -40.66 9.64
CA ALA C 825 -27.05 -39.87 9.84
C ALA C 825 -26.73 -39.02 8.62
N ARG C 826 -27.00 -39.54 7.42
CA ARG C 826 -26.65 -38.86 6.18
C ARG C 826 -25.18 -38.45 6.21
N GLU C 827 -24.31 -39.47 6.25
CA GLU C 827 -22.90 -39.24 6.46
C GLU C 827 -22.34 -38.20 5.49
N VAL C 828 -22.77 -38.26 4.23
CA VAL C 828 -22.25 -37.33 3.22
C VAL C 828 -22.38 -35.91 3.72
N ARG C 829 -21.30 -35.14 3.62
CA ARG C 829 -21.25 -33.78 4.13
C ARG C 829 -21.80 -32.80 3.10
N ASP C 830 -21.84 -31.53 3.49
CA ASP C 830 -22.32 -30.45 2.63
C ASP C 830 -21.14 -29.59 2.21
N THR C 831 -20.91 -29.53 0.90
CA THR C 831 -19.85 -28.69 0.35
C THR C 831 -20.36 -27.90 -0.86
N SER C 832 -21.66 -27.60 -0.88
CA SER C 832 -22.25 -26.92 -2.01
C SER C 832 -21.62 -25.55 -2.20
N LEU C 833 -21.39 -25.17 -3.45
CA LEU C 833 -20.95 -23.81 -3.74
C LEU C 833 -22.07 -22.82 -3.44
N LYS C 834 -21.70 -21.70 -2.82
CA LYS C 834 -22.65 -20.68 -2.44
C LYS C 834 -22.12 -19.33 -2.85
N VAL C 835 -23.04 -18.39 -3.06
CA VAL C 835 -22.68 -17.04 -3.47
C VAL C 835 -21.83 -16.42 -2.36
N PRO C 836 -20.61 -15.95 -2.65
CA PRO C 836 -19.80 -15.34 -1.60
C PRO C 836 -20.47 -14.12 -1.01
N HIS C 837 -19.86 -13.58 0.04
CA HIS C 837 -20.40 -12.41 0.70
C HIS C 837 -20.31 -11.19 -0.21
N GLY C 838 -21.41 -10.47 -0.34
CA GLY C 838 -21.44 -9.28 -1.17
C GLY C 838 -21.60 -9.52 -2.65
N GLU C 839 -22.32 -10.58 -3.03
CA GLU C 839 -22.61 -10.87 -4.43
C GLU C 839 -24.11 -11.01 -4.62
N SER C 840 -24.57 -10.67 -5.82
CA SER C 840 -25.98 -10.75 -6.15
C SER C 840 -26.11 -10.75 -7.67
N GLY C 841 -27.34 -10.61 -8.17
CA GLY C 841 -27.60 -10.51 -9.59
C GLY C 841 -28.14 -11.80 -10.18
N LYS C 842 -28.64 -11.68 -11.41
CA LYS C 842 -29.21 -12.82 -12.11
C LYS C 842 -28.14 -13.86 -12.41
N VAL C 843 -28.58 -15.01 -12.88
CA VAL C 843 -27.69 -16.07 -13.36
C VAL C 843 -27.82 -16.13 -14.88
N ILE C 844 -26.94 -15.41 -15.58
CA ILE C 844 -27.10 -15.26 -17.02
C ILE C 844 -26.82 -16.57 -17.75
N GLY C 845 -25.82 -17.32 -17.31
CA GLY C 845 -25.44 -18.54 -18.01
C GLY C 845 -24.76 -19.52 -17.10
N ILE C 846 -24.86 -20.80 -17.47
CA ILE C 846 -24.20 -21.89 -16.76
C ILE C 846 -23.47 -22.74 -17.80
N ARG C 847 -22.25 -23.15 -17.48
CA ARG C 847 -21.44 -23.96 -18.39
C ARG C 847 -20.91 -25.16 -17.61
N VAL C 848 -21.29 -26.36 -18.05
CA VAL C 848 -20.96 -27.60 -17.35
C VAL C 848 -20.13 -28.47 -18.27
N PHE C 849 -19.00 -28.95 -17.77
CA PHE C 849 -18.13 -29.89 -18.49
C PHE C 849 -18.16 -31.22 -17.75
N SER C 850 -18.33 -32.31 -18.51
CA SER C 850 -18.42 -33.65 -17.93
C SER C 850 -17.42 -34.56 -18.61
N ARG C 851 -16.71 -35.36 -17.79
CA ARG C 851 -15.79 -36.35 -18.35
C ARG C 851 -16.54 -37.41 -19.14
N GLU C 852 -17.80 -37.68 -18.78
CA GLU C 852 -18.58 -38.67 -19.52
C GLU C 852 -18.76 -38.26 -20.97
N ASP C 853 -18.96 -36.97 -21.23
CA ASP C 853 -19.12 -36.44 -22.57
C ASP C 853 -17.79 -36.21 -23.29
N GLU C 854 -16.70 -36.81 -22.79
CA GLU C 854 -15.38 -36.70 -23.41
C GLU C 854 -14.93 -35.24 -23.49
N ASP C 855 -14.78 -34.63 -22.32
CA ASP C 855 -14.26 -33.27 -22.19
C ASP C 855 -12.94 -33.32 -21.44
N GLU C 856 -11.99 -32.50 -21.85
CA GLU C 856 -10.66 -32.48 -21.24
C GLU C 856 -10.75 -31.74 -19.91
N LEU C 857 -10.60 -32.47 -18.82
CA LEU C 857 -10.58 -31.93 -17.47
C LEU C 857 -9.30 -32.35 -16.76
N PRO C 858 -8.88 -31.61 -15.75
CA PRO C 858 -7.65 -31.99 -15.02
C PRO C 858 -7.79 -33.37 -14.38
N ALA C 859 -6.66 -34.05 -14.25
CA ALA C 859 -6.67 -35.40 -13.71
C ALA C 859 -7.30 -35.42 -12.33
N GLY C 860 -8.12 -36.44 -12.09
CA GLY C 860 -8.85 -36.56 -10.84
C GLY C 860 -10.13 -35.78 -10.77
N VAL C 861 -10.58 -35.19 -11.88
CA VAL C 861 -11.80 -34.40 -11.93
C VAL C 861 -12.71 -34.99 -12.99
N ASN C 862 -13.97 -35.18 -12.64
CA ASN C 862 -14.97 -35.75 -13.54
C ASN C 862 -16.02 -34.76 -13.99
N GLU C 863 -16.44 -33.86 -13.11
CA GLU C 863 -17.50 -32.89 -13.41
C GLU C 863 -17.06 -31.52 -12.93
N LEU C 864 -17.12 -30.53 -13.82
CA LEU C 864 -16.77 -29.16 -13.48
C LEU C 864 -17.83 -28.24 -14.08
N VAL C 865 -18.44 -27.42 -13.24
CA VAL C 865 -19.51 -26.50 -13.64
C VAL C 865 -19.16 -25.11 -13.14
N ARG C 866 -19.32 -24.11 -14.02
CA ARG C 866 -19.07 -22.73 -13.67
C ARG C 866 -20.30 -21.90 -13.99
N VAL C 867 -20.73 -21.08 -13.03
CA VAL C 867 -21.94 -20.29 -13.12
C VAL C 867 -21.56 -18.82 -13.20
N TYR C 868 -22.16 -18.10 -14.15
CA TYR C 868 -21.90 -16.68 -14.34
C TYR C 868 -23.05 -15.87 -13.76
N VAL C 869 -22.72 -14.94 -12.87
CA VAL C 869 -23.70 -14.08 -12.21
C VAL C 869 -23.46 -12.65 -12.69
N ALA C 870 -24.52 -12.02 -13.22
CA ALA C 870 -24.43 -10.68 -13.77
C ALA C 870 -25.11 -9.70 -12.82
N GLN C 871 -24.41 -8.61 -12.52
CA GLN C 871 -24.90 -7.57 -11.62
C GLN C 871 -24.89 -6.24 -12.34
N LYS C 872 -25.96 -5.47 -12.19
CA LYS C 872 -26.09 -4.14 -12.79
C LYS C 872 -25.89 -3.11 -11.69
N ARG C 873 -24.81 -2.32 -11.80
CA ARG C 873 -24.44 -1.35 -10.78
C ARG C 873 -24.81 0.05 -11.23
N LYS C 874 -25.54 0.77 -10.39
CA LYS C 874 -25.82 2.19 -10.57
C LYS C 874 -24.90 3.00 -9.67
N ILE C 875 -24.43 4.14 -10.17
CA ILE C 875 -23.46 4.93 -9.42
C ILE C 875 -24.04 5.31 -8.06
N SER C 876 -23.21 5.23 -7.03
CA SER C 876 -23.63 5.51 -5.67
C SER C 876 -22.48 6.19 -4.93
N ASP C 877 -22.78 6.66 -3.72
CA ASP C 877 -21.76 7.33 -2.91
C ASP C 877 -20.57 6.41 -2.69
N GLY C 878 -19.38 6.97 -2.84
CA GLY C 878 -18.15 6.23 -2.70
C GLY C 878 -17.49 5.82 -4.00
N ASP C 879 -18.24 5.81 -5.10
CA ASP C 879 -17.66 5.48 -6.39
C ASP C 879 -16.77 6.62 -6.88
N LYS C 880 -15.82 6.27 -7.74
CA LYS C 880 -14.86 7.23 -8.26
C LYS C 880 -15.25 7.68 -9.66
N LEU C 881 -15.20 8.99 -9.89
CA LEU C 881 -15.32 9.56 -11.22
C LEU C 881 -14.08 10.40 -11.49
N ALA C 882 -13.79 10.62 -12.77
CA ALA C 882 -12.60 11.37 -13.15
C ALA C 882 -12.73 11.86 -14.58
N GLY C 883 -12.32 13.10 -14.81
CA GLY C 883 -12.19 13.62 -16.15
C GLY C 883 -10.90 13.15 -16.79
N ARG C 884 -10.68 13.61 -18.02
CA ARG C 884 -9.49 13.24 -18.75
C ARG C 884 -8.25 14.01 -18.30
N HIS C 885 -8.39 14.97 -17.40
CA HIS C 885 -7.28 15.82 -16.96
C HIS C 885 -6.76 15.44 -15.58
N GLY C 886 -6.93 14.19 -15.18
CA GLY C 886 -6.36 13.72 -13.93
C GLY C 886 -6.91 14.44 -12.70
N ASN C 887 -8.22 14.66 -12.66
CA ASN C 887 -8.89 15.25 -11.50
C ASN C 887 -9.90 14.23 -10.98
N LYS C 888 -9.43 13.35 -10.10
CA LYS C 888 -10.29 12.31 -9.56
C LYS C 888 -11.31 12.91 -8.60
N GLY C 889 -12.11 12.03 -8.01
CA GLY C 889 -13.09 12.44 -7.02
C GLY C 889 -13.96 11.29 -6.59
N VAL C 890 -14.57 11.40 -5.42
CA VAL C 890 -15.48 10.40 -4.89
C VAL C 890 -16.82 11.07 -4.67
N ILE C 891 -17.90 10.35 -4.97
CA ILE C 891 -19.22 10.94 -4.95
C ILE C 891 -19.59 11.24 -3.50
N GLY C 892 -19.48 12.52 -3.12
CA GLY C 892 -19.83 12.90 -1.77
C GLY C 892 -21.32 12.79 -1.50
N LYS C 893 -22.14 13.17 -2.47
CA LYS C 893 -23.58 13.15 -2.29
C LYS C 893 -24.24 13.09 -3.67
N ILE C 894 -25.49 12.62 -3.67
CA ILE C 894 -26.30 12.56 -4.89
C ILE C 894 -27.59 13.30 -4.57
N LEU C 895 -27.65 14.58 -4.90
CA LEU C 895 -28.77 15.43 -4.56
C LEU C 895 -29.97 15.12 -5.45
N PRO C 896 -31.19 15.34 -4.94
CA PRO C 896 -32.36 15.25 -5.81
C PRO C 896 -32.30 16.30 -6.91
N VAL C 897 -32.95 15.98 -8.03
CA VAL C 897 -32.91 16.88 -9.19
C VAL C 897 -33.44 18.26 -8.85
N GLU C 898 -34.28 18.38 -7.83
CA GLU C 898 -34.84 19.67 -7.46
C GLU C 898 -33.92 20.49 -6.56
N ASP C 899 -32.84 19.90 -6.03
CA ASP C 899 -31.90 20.63 -5.20
C ASP C 899 -30.72 21.18 -5.98
N MET C 900 -30.46 20.67 -7.18
CA MET C 900 -29.31 21.11 -7.94
C MET C 900 -29.53 22.54 -8.44
N PRO C 901 -28.49 23.36 -8.50
CA PRO C 901 -28.62 24.67 -9.16
C PRO C 901 -29.02 24.50 -10.62
N PHE C 902 -29.88 25.39 -11.09
CA PHE C 902 -30.40 25.28 -12.45
C PHE C 902 -30.21 26.60 -13.20
N LEU C 903 -29.97 26.47 -14.50
CA LEU C 903 -29.78 27.64 -15.35
C LEU C 903 -31.05 28.48 -15.38
N ALA C 904 -30.95 29.64 -16.02
CA ALA C 904 -32.08 30.56 -16.09
C ALA C 904 -33.28 29.93 -16.78
N ASP C 905 -33.08 28.91 -17.61
CA ASP C 905 -34.17 28.27 -18.34
C ASP C 905 -34.69 27.01 -17.64
N GLY C 906 -34.18 26.69 -16.45
CA GLY C 906 -34.69 25.57 -15.68
C GLY C 906 -33.93 24.28 -15.84
N THR C 907 -32.75 24.29 -16.46
CA THR C 907 -31.99 23.06 -16.67
C THR C 907 -31.06 22.85 -15.47
N PRO C 908 -31.27 21.82 -14.66
CA PRO C 908 -30.35 21.59 -13.54
C PRO C 908 -28.99 21.11 -14.02
N VAL C 909 -27.97 21.46 -13.25
CA VAL C 909 -26.61 21.02 -13.55
C VAL C 909 -26.43 19.59 -13.08
N ASP C 910 -25.69 18.80 -13.87
CA ASP C 910 -25.56 17.37 -13.60
C ASP C 910 -24.46 17.04 -12.60
N ILE C 911 -23.54 17.96 -12.33
CA ILE C 911 -22.43 17.69 -11.43
C ILE C 911 -21.77 19.01 -11.03
N ILE C 912 -21.23 19.06 -9.82
CA ILE C 912 -20.61 20.27 -9.29
C ILE C 912 -19.19 19.92 -8.86
N LEU C 913 -18.23 20.72 -9.31
CA LEU C 913 -16.82 20.54 -9.00
C LEU C 913 -16.30 21.77 -8.25
N ASN C 914 -15.58 21.53 -7.15
CA ASN C 914 -15.06 22.63 -6.36
C ASN C 914 -14.00 23.40 -7.15
N THR C 915 -13.92 24.71 -6.88
CA THR C 915 -13.00 25.57 -7.59
C THR C 915 -11.65 25.73 -6.88
N HIS C 916 -11.50 25.19 -5.68
CA HIS C 916 -10.25 25.33 -4.94
C HIS C 916 -9.20 24.32 -5.38
N GLY C 917 -9.58 23.28 -6.13
CA GLY C 917 -8.64 22.27 -6.56
C GLY C 917 -8.13 22.47 -7.96
N VAL C 918 -8.68 23.44 -8.69
CA VAL C 918 -8.33 23.64 -10.09
C VAL C 918 -7.02 24.43 -10.21
N PRO C 919 -6.87 25.58 -9.53
CA PRO C 919 -5.67 26.39 -9.74
C PRO C 919 -4.47 25.88 -8.96
N ARG C 920 -4.71 25.24 -7.82
CA ARG C 920 -3.61 24.67 -7.04
C ARG C 920 -2.98 23.49 -7.78
N ARG C 921 -3.81 22.63 -8.37
CA ARG C 921 -3.30 21.49 -9.11
C ARG C 921 -2.77 21.88 -10.49
N MET C 922 -3.19 23.03 -11.02
CA MET C 922 -2.63 23.60 -12.25
C MET C 922 -2.94 22.72 -13.46
N ASN C 923 -4.23 22.48 -13.68
CA ASN C 923 -4.73 21.73 -14.83
C ASN C 923 -5.83 22.52 -15.55
N ILE C 924 -5.54 23.80 -15.84
CA ILE C 924 -6.51 24.71 -16.46
C ILE C 924 -7.12 24.13 -17.73
N GLY C 925 -6.48 23.11 -18.33
CA GLY C 925 -7.10 22.45 -19.46
C GLY C 925 -8.49 21.95 -19.16
N GLN C 926 -8.77 21.66 -17.89
CA GLN C 926 -10.11 21.28 -17.48
C GLN C 926 -11.11 22.38 -17.81
N ILE C 927 -10.81 23.63 -17.42
CA ILE C 927 -11.72 24.73 -17.70
C ILE C 927 -11.79 25.02 -19.18
N LEU C 928 -10.65 24.92 -19.89
CA LEU C 928 -10.68 25.14 -21.33
C LEU C 928 -11.60 24.12 -22.00
N GLU C 929 -11.52 22.86 -21.58
CA GLU C 929 -12.39 21.83 -22.11
C GLU C 929 -13.84 22.12 -21.77
N THR C 930 -14.12 22.60 -20.56
CA THR C 930 -15.49 22.95 -20.21
C THR C 930 -16.05 24.02 -21.14
N HIS C 931 -15.27 25.07 -21.38
CA HIS C 931 -15.72 26.14 -22.26
C HIS C 931 -15.97 25.64 -23.67
N LEU C 932 -15.02 24.87 -24.22
CA LEU C 932 -15.19 24.38 -25.58
C LEU C 932 -16.35 23.39 -25.66
N GLY C 933 -16.57 22.60 -24.62
CA GLY C 933 -17.69 21.69 -24.61
C GLY C 933 -19.02 22.42 -24.62
N TRP C 934 -19.13 23.51 -23.84
CA TRP C 934 -20.35 24.31 -23.91
C TRP C 934 -20.53 24.89 -25.31
N CYS C 935 -19.45 25.40 -25.91
CA CYS C 935 -19.56 25.99 -27.23
C CYS C 935 -20.02 24.94 -28.26
N ALA C 936 -19.49 23.72 -28.15
CA ALA C 936 -19.88 22.67 -29.08
C ALA C 936 -21.33 22.26 -28.86
N HIS C 937 -21.74 22.09 -27.60
CA HIS C 937 -23.11 21.66 -27.31
C HIS C 937 -24.12 22.70 -27.78
N SER C 938 -23.85 23.98 -27.52
CA SER C 938 -24.81 25.02 -27.88
C SER C 938 -24.78 25.32 -29.38
N GLY C 939 -23.65 25.09 -30.04
CA GLY C 939 -23.51 25.45 -31.43
C GLY C 939 -23.27 26.94 -31.59
N TRP C 940 -22.46 27.32 -32.57
CA TRP C 940 -22.08 28.72 -32.75
C TRP C 940 -22.25 29.12 -34.21
N LYS C 941 -22.23 30.43 -34.43
CA LYS C 941 -22.37 31.00 -35.78
C LYS C 941 -21.50 32.27 -35.81
N VAL C 942 -20.27 32.11 -36.29
CA VAL C 942 -19.33 33.23 -36.34
C VAL C 942 -19.83 34.23 -37.37
N ASP C 943 -20.00 35.48 -36.95
CA ASP C 943 -20.46 36.52 -37.86
C ASP C 943 -19.43 36.72 -38.97
N ALA C 944 -19.92 36.78 -40.21
CA ALA C 944 -19.04 36.96 -41.36
C ALA C 944 -19.62 37.93 -42.39
N ALA C 945 -20.72 38.61 -42.09
CA ALA C 945 -21.28 39.56 -43.05
C ALA C 945 -20.30 40.68 -43.34
N LYS C 946 -19.65 41.21 -42.30
CA LYS C 946 -18.65 42.25 -42.48
C LYS C 946 -17.27 41.68 -42.83
N GLY C 947 -17.10 40.36 -42.73
CA GLY C 947 -15.81 39.73 -42.96
C GLY C 947 -15.38 38.89 -41.79
N VAL C 948 -14.53 37.89 -42.03
CA VAL C 948 -14.11 37.02 -40.93
C VAL C 948 -13.39 37.85 -39.88
N PRO C 949 -13.77 37.78 -38.60
CA PRO C 949 -13.07 38.56 -37.58
C PRO C 949 -11.59 38.23 -37.53
N ASP C 950 -10.84 39.10 -36.84
CA ASP C 950 -9.40 38.92 -36.75
C ASP C 950 -9.06 37.61 -36.05
N TRP C 951 -9.76 37.30 -34.96
CA TRP C 951 -9.46 36.09 -34.20
C TRP C 951 -9.80 34.82 -34.98
N ALA C 952 -10.65 34.93 -36.00
CA ALA C 952 -11.09 33.77 -36.77
C ALA C 952 -10.38 33.63 -38.11
N ALA C 953 -9.27 34.35 -38.31
CA ALA C 953 -8.57 34.27 -39.58
C ALA C 953 -8.03 32.87 -39.83
N ARG C 954 -7.49 32.23 -38.79
CA ARG C 954 -6.86 30.92 -38.93
C ARG C 954 -7.81 29.75 -38.76
N LEU C 955 -9.07 30.00 -38.40
CA LEU C 955 -10.02 28.92 -38.24
C LEU C 955 -10.32 28.29 -39.60
N PRO C 956 -10.49 26.97 -39.67
CA PRO C 956 -10.88 26.34 -40.94
C PRO C 956 -12.20 26.90 -41.43
N ASP C 957 -12.33 26.99 -42.76
CA ASP C 957 -13.53 27.58 -43.35
C ASP C 957 -14.78 26.83 -42.93
N GLU C 958 -14.66 25.55 -42.62
CA GLU C 958 -15.80 24.74 -42.18
C GLU C 958 -16.08 24.87 -40.70
N LEU C 959 -15.26 25.60 -39.96
CA LEU C 959 -15.40 25.72 -38.51
C LEU C 959 -15.98 27.06 -38.09
N LEU C 960 -16.55 27.82 -39.03
CA LEU C 960 -17.21 29.08 -38.72
C LEU C 960 -18.68 28.91 -38.34
N GLU C 961 -19.20 27.69 -38.42
CA GLU C 961 -20.58 27.41 -38.05
C GLU C 961 -20.65 26.00 -37.48
N ALA C 962 -21.56 25.79 -36.53
CA ALA C 962 -21.76 24.48 -35.93
C ALA C 962 -23.20 24.37 -35.46
N GLN C 963 -23.84 23.26 -35.84
CA GLN C 963 -25.20 22.99 -35.38
C GLN C 963 -25.16 22.60 -33.90
N PRO C 964 -26.29 22.73 -33.21
CA PRO C 964 -26.31 22.38 -31.78
C PRO C 964 -25.90 20.94 -31.56
N ASN C 965 -25.18 20.71 -30.46
CA ASN C 965 -24.71 19.37 -30.11
C ASN C 965 -23.78 18.80 -31.17
N ALA C 966 -22.89 19.65 -31.70
CA ALA C 966 -21.95 19.24 -32.71
C ALA C 966 -20.75 18.53 -32.06
N ILE C 967 -19.90 17.97 -32.92
CA ILE C 967 -18.71 17.24 -32.50
C ILE C 967 -17.49 18.00 -33.02
N VAL C 968 -16.53 18.26 -32.13
CA VAL C 968 -15.34 19.04 -32.46
C VAL C 968 -14.13 18.34 -31.85
N SER C 969 -12.95 18.62 -32.41
CA SER C 969 -11.72 17.99 -31.96
C SER C 969 -10.59 19.01 -31.90
N THR C 970 -9.75 18.88 -30.87
CA THR C 970 -8.58 19.75 -30.67
C THR C 970 -7.36 18.85 -30.53
N PRO C 971 -6.64 18.60 -31.63
CA PRO C 971 -5.47 17.71 -31.55
C PRO C 971 -4.45 18.20 -30.54
N VAL C 972 -3.78 17.24 -29.90
CA VAL C 972 -2.82 17.57 -28.85
C VAL C 972 -1.69 18.42 -29.43
N PHE C 973 -1.33 19.47 -28.71
CA PHE C 973 -0.23 20.36 -29.09
C PHE C 973 -0.54 21.14 -30.36
N ASP C 974 -1.74 20.99 -30.90
CA ASP C 974 -2.19 21.81 -32.03
C ASP C 974 -3.72 21.76 -32.05
N GLY C 975 -4.35 22.77 -31.50
CA GLY C 975 -5.78 22.81 -31.39
C GLY C 975 -6.30 24.22 -31.24
N ALA C 976 -7.41 24.36 -30.53
CA ALA C 976 -8.02 25.67 -30.36
C ALA C 976 -7.18 26.53 -29.44
N GLN C 977 -6.78 27.71 -29.92
CA GLN C 977 -6.05 28.65 -29.12
C GLN C 977 -7.00 29.41 -28.20
N GLU C 978 -6.43 30.17 -27.26
CA GLU C 978 -7.26 30.92 -26.31
C GLU C 978 -8.14 31.94 -27.03
N ALA C 979 -7.58 32.63 -28.02
CA ALA C 979 -8.37 33.60 -28.77
C ALA C 979 -9.55 32.93 -29.45
N GLU C 980 -9.35 31.70 -29.96
CA GLU C 980 -10.44 30.98 -30.60
C GLU C 980 -11.59 30.75 -29.62
N LEU C 981 -11.28 30.27 -28.42
CA LEU C 981 -12.33 30.02 -27.43
C LEU C 981 -13.00 31.32 -27.01
N GLN C 982 -12.22 32.39 -26.82
CA GLN C 982 -12.81 33.67 -26.43
C GLN C 982 -13.76 34.17 -27.49
N GLY C 983 -13.40 34.04 -28.77
CA GLY C 983 -14.30 34.43 -29.83
C GLY C 983 -15.54 33.57 -29.90
N LEU C 984 -15.37 32.25 -29.76
CA LEU C 984 -16.51 31.34 -29.89
C LEU C 984 -17.51 31.52 -28.75
N LEU C 985 -17.03 31.81 -27.54
CA LEU C 985 -17.94 31.95 -26.41
C LEU C 985 -18.91 33.11 -26.59
N SER C 986 -18.58 34.07 -27.47
CA SER C 986 -19.44 35.22 -27.71
C SER C 986 -20.33 35.04 -28.95
N CYS C 987 -20.32 33.86 -29.56
CA CYS C 987 -21.08 33.61 -30.78
C CYS C 987 -21.99 32.39 -30.68
N THR C 988 -22.21 31.86 -29.48
CA THR C 988 -23.03 30.67 -29.32
C THR C 988 -24.49 30.96 -29.67
N LEU C 989 -25.15 29.96 -30.25
CA LEU C 989 -26.54 30.11 -30.62
C LEU C 989 -27.42 30.18 -29.37
N PRO C 990 -28.56 30.87 -29.44
CA PRO C 990 -29.50 30.88 -28.32
C PRO C 990 -30.30 29.58 -28.24
N ASN C 991 -30.90 29.38 -27.07
CA ASN C 991 -31.71 28.19 -26.86
C ASN C 991 -33.00 28.27 -27.67
N ARG C 992 -33.83 27.24 -27.55
CA ARG C 992 -35.14 27.26 -28.20
C ARG C 992 -35.99 28.42 -27.68
N ASP C 993 -35.73 28.90 -26.47
CA ASP C 993 -36.46 30.01 -25.90
C ASP C 993 -36.01 31.36 -26.45
N GLY C 994 -34.90 31.40 -27.18
CA GLY C 994 -34.42 32.65 -27.73
C GLY C 994 -33.57 33.48 -26.80
N ASP C 995 -32.95 32.86 -25.80
CA ASP C 995 -32.09 33.56 -24.85
C ASP C 995 -30.76 32.85 -24.73
N VAL C 996 -29.70 33.63 -24.55
CA VAL C 996 -28.35 33.11 -24.38
C VAL C 996 -28.06 33.02 -22.89
N LEU C 997 -27.64 31.83 -22.44
CA LEU C 997 -27.47 31.59 -21.01
C LEU C 997 -26.12 32.09 -20.52
N VAL C 998 -25.03 31.63 -21.14
CA VAL C 998 -23.69 31.99 -20.69
C VAL C 998 -23.31 33.35 -21.27
N ASP C 999 -22.46 34.07 -20.53
CA ASP C 999 -21.99 35.37 -20.97
C ASP C 999 -20.78 35.21 -21.89
N ALA C 1000 -20.19 36.34 -22.28
CA ALA C 1000 -18.98 36.29 -23.10
C ALA C 1000 -17.82 35.68 -22.33
N ASP C 1001 -17.86 35.73 -21.00
CA ASP C 1001 -16.80 35.17 -20.16
C ASP C 1001 -16.98 33.68 -19.93
N GLY C 1002 -18.06 33.08 -20.41
CA GLY C 1002 -18.34 31.69 -20.16
C GLY C 1002 -19.09 31.39 -18.87
N LYS C 1003 -19.44 32.42 -18.11
CA LYS C 1003 -20.15 32.26 -16.85
C LYS C 1003 -21.64 32.54 -17.05
N ALA C 1004 -22.45 31.91 -16.20
CA ALA C 1004 -23.90 32.05 -16.25
C ALA C 1004 -24.44 32.29 -14.85
N MET C 1005 -25.62 32.92 -14.80
CA MET C 1005 -26.28 33.22 -13.53
C MET C 1005 -27.17 32.05 -13.15
N LEU C 1006 -26.76 31.30 -12.13
CA LEU C 1006 -27.52 30.14 -11.66
C LEU C 1006 -28.54 30.56 -10.61
N PHE C 1007 -29.44 29.62 -10.30
CA PHE C 1007 -30.41 29.78 -9.24
C PHE C 1007 -30.15 28.73 -8.17
N ASP C 1008 -30.34 29.11 -6.91
CA ASP C 1008 -30.17 28.17 -5.81
C ASP C 1008 -31.35 27.21 -5.76
N GLY C 1009 -31.06 25.91 -5.77
CA GLY C 1009 -32.11 24.92 -5.78
C GLY C 1009 -32.86 24.80 -4.48
N ARG C 1010 -32.25 25.21 -3.36
CA ARG C 1010 -32.89 25.14 -2.05
C ARG C 1010 -33.51 26.48 -1.65
N SER C 1011 -32.70 27.54 -1.61
CA SER C 1011 -33.24 28.86 -1.29
C SER C 1011 -34.19 29.35 -2.37
N GLY C 1012 -33.86 29.08 -3.64
CA GLY C 1012 -34.64 29.56 -4.75
C GLY C 1012 -34.22 30.90 -5.29
N GLU C 1013 -33.24 31.56 -4.67
CA GLU C 1013 -32.79 32.87 -5.08
C GLU C 1013 -31.51 32.79 -5.89
N PRO C 1014 -31.31 33.69 -6.85
CA PRO C 1014 -30.12 33.60 -7.69
C PRO C 1014 -28.85 33.78 -6.88
N PHE C 1015 -27.80 33.05 -7.29
CA PHE C 1015 -26.52 33.22 -6.65
C PHE C 1015 -25.98 34.63 -6.91
N PRO C 1016 -25.28 35.22 -5.94
CA PRO C 1016 -24.89 36.63 -6.10
C PRO C 1016 -24.04 36.90 -7.32
N TYR C 1017 -23.19 35.97 -7.73
CA TYR C 1017 -22.27 36.18 -8.83
C TYR C 1017 -22.41 35.08 -9.87
N PRO C 1018 -22.09 35.35 -11.13
CA PRO C 1018 -22.18 34.31 -12.15
C PRO C 1018 -21.18 33.20 -11.92
N VAL C 1019 -21.53 32.00 -12.41
CA VAL C 1019 -20.74 30.81 -12.19
C VAL C 1019 -20.38 30.19 -13.54
N THR C 1020 -19.22 29.56 -13.59
CA THR C 1020 -18.79 28.88 -14.81
C THR C 1020 -19.62 27.62 -15.03
N VAL C 1021 -20.12 27.45 -16.25
CA VAL C 1021 -20.89 26.28 -16.62
C VAL C 1021 -20.40 25.76 -17.97
N GLY C 1022 -20.61 24.47 -18.20
CA GLY C 1022 -20.25 23.87 -19.47
C GLY C 1022 -20.29 22.37 -19.36
N TYR C 1023 -20.21 21.74 -20.53
CA TYR C 1023 -20.28 20.28 -20.62
C TYR C 1023 -18.87 19.70 -20.58
N MET C 1024 -18.66 18.77 -19.65
CA MET C 1024 -17.38 18.12 -19.46
C MET C 1024 -17.53 16.61 -19.61
N TYR C 1025 -16.46 15.96 -20.03
CA TYR C 1025 -16.46 14.52 -20.26
C TYR C 1025 -16.01 13.81 -19.00
N ILE C 1026 -16.91 13.03 -18.40
CA ILE C 1026 -16.68 12.39 -17.11
C ILE C 1026 -16.69 10.88 -17.31
N MET C 1027 -15.68 10.21 -16.78
CA MET C 1027 -15.56 8.76 -16.85
C MET C 1027 -15.81 8.15 -15.48
N LYS C 1028 -16.15 6.86 -15.48
CA LYS C 1028 -16.44 6.12 -14.26
C LYS C 1028 -15.33 5.10 -14.03
N LEU C 1029 -14.46 5.38 -13.07
CA LEU C 1029 -13.34 4.50 -12.79
C LEU C 1029 -13.81 3.20 -12.14
N HIS C 1030 -12.94 2.19 -12.18
CA HIS C 1030 -13.24 0.85 -11.70
C HIS C 1030 -12.94 0.66 -10.22
N HIS C 1031 -12.79 1.75 -9.47
CA HIS C 1031 -12.60 1.67 -8.02
C HIS C 1031 -13.95 1.84 -7.31
N LEU C 1032 -14.84 0.91 -7.58
CA LEU C 1032 -16.19 0.97 -7.05
C LEU C 1032 -16.21 0.67 -5.55
N VAL C 1033 -17.14 1.31 -4.85
CA VAL C 1033 -17.20 1.17 -3.40
C VAL C 1033 -17.59 -0.24 -3.01
N ASP C 1034 -18.45 -0.88 -3.80
CA ASP C 1034 -18.94 -2.22 -3.44
C ASP C 1034 -17.81 -3.19 -3.20
N ASP C 1035 -16.71 -3.06 -3.94
CA ASP C 1035 -15.56 -3.94 -3.76
C ASP C 1035 -14.74 -3.58 -2.54
N LYS C 1036 -14.69 -2.29 -2.17
CA LYS C 1036 -13.80 -1.85 -1.12
C LYS C 1036 -14.30 -2.19 0.28
N ILE C 1037 -15.62 -2.18 0.50
CA ILE C 1037 -16.15 -2.33 1.85
C ILE C 1037 -15.79 -3.70 2.41
N HIS C 1038 -15.22 -3.70 3.60
CA HIS C 1038 -14.87 -4.93 4.31
C HIS C 1038 -15.30 -4.81 5.76
N ALA C 1039 -15.64 -5.95 6.37
CA ALA C 1039 -16.04 -5.97 7.76
C ALA C 1039 -15.81 -7.37 8.32
N ARG C 1040 -15.40 -7.44 9.59
CA ARG C 1040 -15.12 -8.71 10.24
C ARG C 1040 -15.40 -8.58 11.72
N SER C 1041 -16.04 -9.61 12.28
CA SER C 1041 -16.21 -9.76 13.72
C SER C 1041 -15.62 -11.05 14.24
N THR C 1042 -15.81 -12.16 13.52
CA THR C 1042 -15.23 -13.44 13.89
C THR C 1042 -15.36 -14.39 12.71
N GLY C 1043 -14.26 -15.04 12.32
CA GLY C 1043 -14.27 -15.92 11.18
C GLY C 1043 -13.14 -16.93 11.23
N PRO C 1044 -12.70 -17.41 10.07
CA PRO C 1044 -11.60 -18.37 10.05
C PRO C 1044 -10.31 -17.77 10.58
N TYR C 1045 -9.47 -18.63 11.15
CA TYR C 1045 -8.19 -18.24 11.71
C TYR C 1045 -7.08 -19.07 11.08
N SER C 1046 -5.92 -18.45 10.91
CA SER C 1046 -4.78 -19.13 10.32
C SER C 1046 -4.40 -20.36 11.17
N MET C 1047 -3.55 -21.20 10.60
CA MET C 1047 -3.15 -22.45 11.23
C MET C 1047 -1.83 -22.35 11.97
N ILE C 1048 -0.77 -21.91 11.29
CA ILE C 1048 0.53 -21.81 11.93
C ILE C 1048 0.54 -20.66 12.95
N THR C 1049 0.00 -19.50 12.56
CA THR C 1049 0.06 -18.31 13.39
C THR C 1049 -1.19 -18.10 14.25
N GLN C 1050 -2.31 -18.73 13.91
CA GLN C 1050 -3.56 -18.59 14.64
C GLN C 1050 -4.08 -17.16 14.62
N GLN C 1051 -3.62 -16.34 13.68
CA GLN C 1051 -4.13 -14.98 13.54
C GLN C 1051 -5.36 -14.97 12.63
N PRO C 1052 -6.16 -13.90 12.69
CA PRO C 1052 -7.32 -13.82 11.81
C PRO C 1052 -6.93 -13.90 10.35
N LEU C 1053 -7.78 -14.56 9.56
CA LEU C 1053 -7.50 -14.79 8.15
C LEU C 1053 -8.72 -15.42 7.47
N GLY C 1054 -8.87 -15.22 6.18
CA GLY C 1054 -9.99 -15.81 5.48
C GLY C 1054 -10.15 -15.22 4.09
N GLY C 1055 -11.16 -15.74 3.39
CA GLY C 1055 -11.52 -15.28 2.07
C GLY C 1055 -12.57 -14.18 2.12
N LYS C 1056 -13.16 -13.91 0.95
CA LYS C 1056 -14.18 -12.87 0.87
C LYS C 1056 -15.47 -13.28 1.56
N ALA C 1057 -15.70 -14.57 1.79
CA ALA C 1057 -16.86 -15.00 2.55
C ALA C 1057 -16.82 -14.43 3.96
N GLN C 1058 -15.65 -14.47 4.59
CA GLN C 1058 -15.40 -13.81 5.88
C GLN C 1058 -14.14 -12.98 5.71
N PHE C 1059 -14.30 -11.68 5.50
CA PHE C 1059 -13.17 -10.83 5.18
C PHE C 1059 -12.13 -10.90 6.30
N GLY C 1060 -10.86 -10.92 5.91
CA GLY C 1060 -9.79 -10.93 6.88
C GLY C 1060 -9.71 -9.63 7.65
N GLY C 1061 -9.00 -9.69 8.77
CA GLY C 1061 -8.85 -8.51 9.61
C GLY C 1061 -7.92 -7.48 9.01
N GLN C 1062 -8.01 -6.26 9.53
CA GLN C 1062 -7.16 -5.17 9.09
C GLN C 1062 -5.89 -5.15 9.94
N ARG C 1063 -4.75 -5.05 9.28
CA ARG C 1063 -3.48 -5.11 9.99
C ARG C 1063 -3.32 -3.92 10.92
N PHE C 1064 -2.81 -4.18 12.12
CA PHE C 1064 -2.52 -3.15 13.12
C PHE C 1064 -1.01 -3.11 13.29
N GLY C 1065 -0.37 -2.24 12.52
CA GLY C 1065 1.08 -2.22 12.44
C GLY C 1065 1.74 -1.53 13.62
N GLU C 1066 3.07 -1.45 13.54
CA GLU C 1066 3.84 -0.83 14.63
C GLU C 1066 3.54 0.67 14.72
N MET C 1067 3.41 1.35 13.58
CA MET C 1067 3.10 2.77 13.62
C MET C 1067 1.77 3.01 14.32
N GLU C 1068 0.78 2.15 14.07
CA GLU C 1068 -0.46 2.22 14.83
C GLU C 1068 -0.21 1.95 16.30
N CYS C 1069 0.70 1.01 16.59
CA CYS C 1069 1.04 0.74 17.98
C CYS C 1069 1.70 1.95 18.64
N TRP C 1070 2.58 2.65 17.92
CA TRP C 1070 3.17 3.87 18.45
C TRP C 1070 2.10 4.92 18.69
N ALA C 1071 1.16 5.07 17.75
CA ALA C 1071 0.09 6.03 17.93
C ALA C 1071 -0.73 5.73 19.17
N MET C 1072 -1.01 4.44 19.41
CA MET C 1072 -1.74 4.05 20.61
C MET C 1072 -0.93 4.30 21.87
N GLN C 1073 0.39 4.07 21.81
CA GLN C 1073 1.24 4.29 22.98
C GLN C 1073 1.34 5.76 23.33
N ALA C 1074 1.37 6.63 22.32
CA ALA C 1074 1.48 8.07 22.59
C ALA C 1074 0.29 8.57 23.40
N TYR C 1075 -0.92 8.11 23.06
CA TYR C 1075 -2.10 8.50 23.82
C TYR C 1075 -2.03 8.06 25.27
N GLY C 1076 -1.23 7.04 25.58
CA GLY C 1076 -1.24 6.45 26.90
C GLY C 1076 -2.32 5.40 27.10
N ALA C 1077 -3.02 5.00 26.04
CA ALA C 1077 -4.05 3.98 26.13
C ALA C 1077 -3.37 2.62 26.17
N ALA C 1078 -3.28 2.04 27.37
CA ALA C 1078 -2.60 0.76 27.54
C ALA C 1078 -3.52 -0.43 27.37
N TYR C 1079 -4.80 -0.30 27.74
CA TYR C 1079 -5.72 -1.42 27.64
C TYR C 1079 -6.16 -1.67 26.21
N THR C 1080 -6.38 -0.60 25.43
CA THR C 1080 -6.79 -0.78 24.04
C THR C 1080 -5.73 -1.54 23.25
N LEU C 1081 -4.46 -1.18 23.43
CA LEU C 1081 -3.39 -1.88 22.74
C LEU C 1081 -3.30 -3.34 23.21
N GLN C 1082 -3.45 -3.57 24.51
CA GLN C 1082 -3.41 -4.93 25.03
C GLN C 1082 -4.49 -5.79 24.39
N GLU C 1083 -5.72 -5.26 24.31
CA GLU C 1083 -6.79 -6.00 23.64
C GLU C 1083 -6.45 -6.25 22.19
N LEU C 1084 -6.10 -5.19 21.45
CA LEU C 1084 -5.87 -5.31 20.01
C LEU C 1084 -4.77 -6.32 19.71
N LEU C 1085 -3.83 -6.51 20.62
CA LEU C 1085 -2.71 -7.41 20.35
C LEU C 1085 -2.86 -8.79 21.00
N THR C 1086 -3.75 -8.95 21.98
CA THR C 1086 -3.89 -10.24 22.65
C THR C 1086 -5.28 -10.84 22.50
N ILE C 1087 -6.33 -10.10 22.85
CA ILE C 1087 -7.62 -10.75 23.08
C ILE C 1087 -8.40 -10.94 21.79
N LYS C 1088 -8.04 -10.24 20.72
CA LYS C 1088 -8.75 -10.36 19.44
C LYS C 1088 -7.80 -10.68 18.29
N SER C 1089 -6.54 -11.00 18.58
CA SER C 1089 -5.57 -11.35 17.55
C SER C 1089 -5.01 -12.75 17.70
N ASP C 1090 -4.52 -13.11 18.88
CA ASP C 1090 -3.72 -14.33 19.03
C ASP C 1090 -4.18 -15.25 20.15
N ASP C 1091 -4.83 -14.72 21.18
CA ASP C 1091 -5.23 -15.57 22.30
C ASP C 1091 -6.26 -16.60 21.85
N THR C 1092 -5.84 -17.86 21.75
CA THR C 1092 -6.74 -18.91 21.27
C THR C 1092 -7.91 -19.10 22.23
N VAL C 1093 -7.64 -19.10 23.53
CA VAL C 1093 -8.72 -19.25 24.51
C VAL C 1093 -9.34 -17.90 24.85
N GLY C 1094 -8.56 -16.83 24.79
CA GLY C 1094 -9.11 -15.51 25.08
C GLY C 1094 -10.19 -15.11 24.10
N ARG C 1095 -10.00 -15.46 22.82
CA ARG C 1095 -11.02 -15.13 21.81
C ARG C 1095 -12.34 -15.80 22.14
N VAL C 1096 -12.30 -17.09 22.45
CA VAL C 1096 -13.52 -17.82 22.79
C VAL C 1096 -14.14 -17.23 24.04
N LYS C 1097 -13.33 -16.94 25.06
CA LYS C 1097 -13.87 -16.41 26.30
C LYS C 1097 -14.53 -15.06 26.10
N VAL C 1098 -13.91 -14.18 25.31
CA VAL C 1098 -14.49 -12.85 25.10
C VAL C 1098 -15.76 -12.96 24.26
N TYR C 1099 -15.79 -13.86 23.27
CA TYR C 1099 -17.01 -14.04 22.50
C TYR C 1099 -18.13 -14.56 23.39
N GLU C 1100 -17.81 -15.47 24.32
CA GLU C 1100 -18.80 -15.91 25.29
C GLU C 1100 -19.29 -14.76 26.14
N ALA C 1101 -18.36 -13.91 26.60
CA ALA C 1101 -18.74 -12.80 27.47
C ALA C 1101 -19.67 -11.83 26.75
N ILE C 1102 -19.37 -11.50 25.49
CA ILE C 1102 -20.19 -10.54 24.77
C ILE C 1102 -21.59 -11.09 24.52
N VAL C 1103 -21.67 -12.33 24.02
CA VAL C 1103 -22.97 -12.93 23.73
C VAL C 1103 -23.77 -13.14 24.99
N LYS C 1104 -23.12 -13.26 26.14
CA LYS C 1104 -23.80 -13.31 27.43
C LYS C 1104 -23.68 -11.95 28.11
N GLY C 1105 -24.16 -11.87 29.35
CA GLY C 1105 -24.18 -10.60 30.05
C GLY C 1105 -22.90 -10.27 30.79
N GLU C 1106 -22.04 -11.26 31.04
CA GLU C 1106 -20.87 -11.06 31.89
C GLU C 1106 -19.87 -10.10 31.27
N ASN C 1107 -18.82 -9.77 32.02
CA ASN C 1107 -17.80 -8.82 31.58
C ASN C 1107 -16.75 -9.52 30.72
N ILE C 1108 -15.95 -8.71 30.04
CA ILE C 1108 -14.85 -9.24 29.22
C ILE C 1108 -13.71 -9.66 30.15
N PRO C 1109 -13.20 -10.90 30.05
CA PRO C 1109 -12.17 -11.34 31.00
C PRO C 1109 -10.81 -10.72 30.74
N GLU C 1110 -9.82 -11.13 31.53
CA GLU C 1110 -8.47 -10.59 31.40
C GLU C 1110 -7.73 -11.31 30.27
N PRO C 1111 -7.04 -10.59 29.38
CA PRO C 1111 -6.34 -11.28 28.29
C PRO C 1111 -5.22 -12.16 28.81
N GLY C 1112 -4.91 -13.20 28.04
CA GLY C 1112 -3.85 -14.13 28.33
C GLY C 1112 -2.56 -13.77 27.62
N ILE C 1113 -1.82 -14.80 27.22
CA ILE C 1113 -0.51 -14.65 26.60
C ILE C 1113 -0.66 -14.89 25.10
N PRO C 1114 -0.13 -14.02 24.25
CA PRO C 1114 -0.27 -14.24 22.80
C PRO C 1114 0.40 -15.55 22.38
N GLU C 1115 -0.19 -16.20 21.37
CA GLU C 1115 0.45 -17.35 20.77
C GLU C 1115 1.75 -16.96 20.05
N SER C 1116 1.83 -15.72 19.60
CA SER C 1116 3.02 -15.25 18.88
C SER C 1116 4.25 -15.16 19.78
N PHE C 1117 4.08 -15.27 21.10
CA PHE C 1117 5.19 -15.30 22.03
C PHE C 1117 5.55 -16.71 22.47
N LYS C 1118 4.55 -17.57 22.71
CA LYS C 1118 4.83 -18.98 22.95
C LYS C 1118 5.52 -19.61 21.75
N VAL C 1119 5.05 -19.26 20.54
CA VAL C 1119 5.69 -19.76 19.33
C VAL C 1119 7.13 -19.28 19.26
N LEU C 1120 7.37 -18.00 19.58
CA LEU C 1120 8.73 -17.49 19.56
C LEU C 1120 9.61 -18.24 20.54
N LEU C 1121 9.10 -18.51 21.74
CA LEU C 1121 9.91 -19.21 22.74
C LEU C 1121 10.23 -20.63 22.30
N LYS C 1122 9.25 -21.35 21.75
CA LYS C 1122 9.53 -22.70 21.28
C LYS C 1122 10.54 -22.69 20.14
N GLU C 1123 10.39 -21.75 19.20
CA GLU C 1123 11.33 -21.65 18.09
C GLU C 1123 12.73 -21.33 18.59
N LEU C 1124 12.84 -20.47 19.60
CA LEU C 1124 14.13 -20.09 20.14
C LEU C 1124 14.75 -21.21 20.97
N GLN C 1125 13.94 -21.99 21.69
CA GLN C 1125 14.45 -23.16 22.39
C GLN C 1125 14.96 -24.20 21.41
N SER C 1126 14.29 -24.34 20.27
CA SER C 1126 14.71 -25.34 19.29
C SER C 1126 16.14 -25.12 18.82
N LEU C 1127 16.64 -23.88 18.92
CA LEU C 1127 18.03 -23.58 18.58
C LEU C 1127 18.99 -23.85 19.72
N CYS C 1128 18.59 -24.65 20.71
CA CYS C 1128 19.42 -24.98 21.86
C CYS C 1128 19.74 -23.75 22.70
N LEU C 1129 18.87 -22.75 22.66
CA LEU C 1129 19.00 -21.56 23.49
C LEU C 1129 18.04 -21.70 24.67
N ASN C 1130 18.58 -21.85 25.87
CA ASN C 1130 17.76 -22.02 27.06
C ASN C 1130 17.14 -20.68 27.41
N VAL C 1131 15.89 -20.48 26.99
CA VAL C 1131 15.15 -19.25 27.22
C VAL C 1131 14.08 -19.52 28.25
N GLU C 1132 14.11 -18.77 29.35
CA GLU C 1132 13.17 -18.97 30.44
C GLU C 1132 12.87 -17.63 31.09
N VAL C 1133 11.59 -17.36 31.32
CA VAL C 1133 11.18 -16.16 32.04
C VAL C 1133 11.27 -16.42 33.53
N LEU C 1134 11.83 -15.46 34.26
CA LEU C 1134 12.04 -15.59 35.70
C LEU C 1134 11.48 -14.37 36.41
N SER C 1135 11.00 -14.60 37.62
CA SER C 1135 10.40 -13.55 38.44
C SER C 1135 11.51 -12.79 39.17
N SER C 1136 11.13 -11.94 40.13
CA SER C 1136 12.12 -11.23 40.92
C SER C 1136 13.01 -12.20 41.68
N ASP C 1137 12.42 -13.25 42.26
CA ASP C 1137 13.20 -14.25 42.96
C ASP C 1137 14.15 -15.00 42.02
N GLY C 1138 13.89 -14.97 40.72
CA GLY C 1138 14.65 -15.75 39.76
C GLY C 1138 14.07 -17.11 39.45
N ALA C 1139 13.02 -17.52 40.15
CA ALA C 1139 12.39 -18.81 39.88
C ALA C 1139 11.77 -18.81 38.49
N ALA C 1140 11.99 -19.91 37.77
CA ALA C 1140 11.42 -20.04 36.43
C ALA C 1140 9.91 -20.22 36.51
N ILE C 1141 9.22 -19.62 35.55
CA ILE C 1141 7.77 -19.64 35.50
C ILE C 1141 7.35 -20.38 34.22
N GLU C 1142 6.19 -21.03 34.28
CA GLU C 1142 5.77 -21.98 33.26
C GLU C 1142 4.80 -21.36 32.27
N LEU C 1143 5.03 -21.66 31.00
CA LEU C 1143 4.23 -21.06 29.94
C LEU C 1143 4.02 -22.01 28.76
N VAL D 1 0.56 -15.69 37.05
CA VAL D 1 -0.39 -15.21 36.01
C VAL D 1 0.38 -14.46 34.94
N ASN D 2 0.66 -13.17 35.17
CA ASN D 2 1.40 -12.34 34.23
C ASN D 2 2.39 -11.47 34.96
N PHE D 3 3.11 -12.06 35.92
CA PHE D 3 4.17 -11.38 36.66
C PHE D 3 5.51 -11.88 36.12
N PHE D 4 6.01 -11.22 35.09
CA PHE D 4 7.26 -11.58 34.44
C PHE D 4 8.25 -10.45 34.67
N ASP D 5 9.07 -10.59 35.72
CA ASP D 5 10.05 -9.56 36.03
C ASP D 5 11.17 -9.54 34.99
N GLU D 6 11.70 -10.70 34.63
CA GLU D 6 12.84 -10.77 33.73
C GLU D 6 12.69 -11.96 32.79
N LEU D 7 13.40 -11.88 31.66
CA LEU D 7 13.42 -12.95 30.66
C LEU D 7 14.87 -13.13 30.22
N ARG D 8 15.50 -14.20 30.65
CA ARG D 8 16.91 -14.44 30.39
C ARG D 8 17.09 -15.51 29.31
N ILE D 9 18.25 -15.47 28.66
CA ILE D 9 18.61 -16.42 27.61
C ILE D 9 19.93 -17.05 27.99
N GLY D 10 19.96 -18.39 28.04
CA GLY D 10 21.16 -19.11 28.37
C GLY D 10 21.50 -20.13 27.30
N LEU D 11 22.66 -20.74 27.47
CA LEU D 11 23.15 -21.74 26.52
C LEU D 11 22.71 -23.12 27.01
N ALA D 12 21.84 -23.76 26.24
CA ALA D 12 21.27 -25.04 26.66
C ALA D 12 22.32 -26.14 26.60
N THR D 13 22.22 -27.07 27.55
CA THR D 13 23.12 -28.22 27.64
C THR D 13 22.33 -29.49 27.32
N ALA D 14 23.08 -30.58 27.11
CA ALA D 14 22.45 -31.85 26.74
C ALA D 14 21.40 -32.26 27.77
N GLU D 15 21.70 -32.10 29.06
CA GLU D 15 20.74 -32.48 30.09
C GLU D 15 19.48 -31.63 30.03
N ASP D 16 19.62 -30.35 29.70
CA ASP D 16 18.45 -29.50 29.56
C ASP D 16 17.55 -30.00 28.44
N ILE D 17 18.14 -30.36 27.30
CA ILE D 17 17.36 -30.91 26.19
C ILE D 17 16.70 -32.22 26.63
N ARG D 18 17.43 -33.06 27.35
CA ARG D 18 16.87 -34.33 27.80
C ARG D 18 15.63 -34.11 28.67
N GLN D 19 15.74 -33.19 29.63
CA GLN D 19 14.69 -33.03 30.64
C GLN D 19 13.57 -32.09 30.20
N TRP D 20 13.75 -31.36 29.10
CA TRP D 20 12.69 -30.53 28.54
C TRP D 20 12.05 -31.15 27.30
N SER D 21 12.27 -32.44 27.08
CA SER D 21 11.69 -33.17 25.96
C SER D 21 10.90 -34.36 26.50
N TYR D 22 9.74 -34.60 25.88
CA TYR D 22 8.82 -35.63 26.34
C TYR D 22 8.92 -36.92 25.53
N GLY D 23 9.93 -37.05 24.69
CA GLY D 23 10.13 -38.28 23.95
C GLY D 23 11.31 -38.14 23.01
N GLU D 24 11.70 -39.28 22.42
CA GLU D 24 12.80 -39.34 21.48
C GLU D 24 12.28 -39.75 20.11
N VAL D 25 12.70 -39.04 19.07
CA VAL D 25 12.35 -39.38 17.70
C VAL D 25 13.40 -40.34 17.18
N LYS D 26 12.98 -41.57 16.86
CA LYS D 26 13.90 -42.64 16.49
C LYS D 26 13.69 -43.16 15.08
N LYS D 27 12.78 -42.58 14.29
CA LYS D 27 12.58 -42.98 12.92
C LYS D 27 12.19 -41.78 12.10
N PRO D 28 12.46 -41.77 10.78
CA PRO D 28 12.19 -40.60 9.96
C PRO D 28 10.78 -40.52 9.38
N GLU D 29 9.97 -41.57 9.48
CA GLU D 29 8.64 -41.55 8.89
C GLU D 29 7.80 -40.42 9.47
N THR D 30 7.05 -39.74 8.61
CA THR D 30 6.19 -38.63 9.02
C THR D 30 4.74 -39.06 9.15
N ILE D 31 4.15 -39.61 8.07
CA ILE D 31 2.73 -39.93 8.05
C ILE D 31 2.53 -41.16 7.16
N ASN D 32 1.55 -41.98 7.52
CA ASN D 32 1.28 -43.19 6.76
C ASN D 32 0.62 -42.84 5.44
N TYR D 33 1.02 -43.55 4.37
CA TYR D 33 0.59 -43.17 3.03
C TYR D 33 -0.89 -43.42 2.81
N ARG D 34 -1.45 -44.48 3.41
CA ARG D 34 -2.83 -44.88 3.15
C ARG D 34 -3.79 -44.41 4.24
N THR D 35 -3.49 -44.70 5.51
CA THR D 35 -4.42 -44.40 6.59
C THR D 35 -4.31 -42.96 7.08
N LEU D 36 -3.28 -42.21 6.67
CA LEU D 36 -3.13 -40.81 7.06
C LEU D 36 -3.10 -40.65 8.57
N LYS D 37 -2.20 -41.39 9.22
CA LYS D 37 -2.02 -41.31 10.65
C LYS D 37 -0.53 -41.27 10.98
N PRO D 38 -0.15 -40.59 12.06
CA PRO D 38 1.27 -40.58 12.45
C PRO D 38 1.79 -41.99 12.71
N GLU D 39 3.04 -42.21 12.35
CA GLU D 39 3.69 -43.51 12.53
C GLU D 39 4.48 -43.52 13.82
N LYS D 40 4.65 -44.71 14.39
CA LYS D 40 5.30 -44.84 15.69
C LYS D 40 6.71 -44.29 15.65
N ASP D 41 7.08 -43.53 16.68
CA ASP D 41 8.42 -42.96 16.84
C ASP D 41 8.79 -42.04 15.69
N GLY D 42 7.82 -41.60 14.89
CA GLY D 42 8.08 -40.72 13.78
C GLY D 42 8.16 -39.27 14.21
N LEU D 43 8.28 -38.39 13.22
CA LEU D 43 8.31 -36.96 13.48
C LEU D 43 6.96 -36.41 13.92
N PHE D 44 5.88 -37.20 13.80
CA PHE D 44 4.55 -36.75 14.17
C PHE D 44 3.88 -37.68 15.18
N CYS D 45 4.62 -38.56 15.81
CA CYS D 45 4.01 -39.58 16.67
C CYS D 45 3.20 -38.95 17.78
N GLU D 46 2.04 -39.52 18.07
CA GLU D 46 1.23 -39.07 19.18
C GLU D 46 1.89 -39.41 20.52
N LYS D 47 2.58 -40.56 20.59
CA LYS D 47 3.28 -40.93 21.81
C LYS D 47 4.24 -39.85 22.26
N ILE D 48 4.85 -39.14 21.31
CA ILE D 48 5.86 -38.13 21.62
C ILE D 48 5.19 -36.77 21.81
N PHE D 49 4.45 -36.32 20.81
CA PHE D 49 3.99 -34.94 20.74
C PHE D 49 2.56 -34.74 21.23
N GLY D 50 1.65 -35.67 20.96
CA GLY D 50 0.31 -35.57 21.48
C GLY D 50 -0.75 -36.09 20.52
N PRO D 51 -1.98 -36.22 21.00
CA PRO D 51 -3.05 -36.75 20.15
C PRO D 51 -3.42 -35.77 19.05
N THR D 52 -3.74 -36.32 17.87
CA THR D 52 -4.17 -35.48 16.76
C THR D 52 -5.53 -34.84 17.04
N ARG D 53 -6.45 -35.60 17.62
CA ARG D 53 -7.78 -35.12 17.94
C ARG D 53 -7.96 -35.06 19.45
N ASP D 54 -8.63 -34.01 19.92
CA ASP D 54 -8.81 -33.82 21.35
C ASP D 54 -9.62 -34.96 21.95
N TRP D 55 -9.22 -35.39 23.15
CA TRP D 55 -9.92 -36.44 23.88
C TRP D 55 -10.06 -37.70 23.02
N GLU D 56 -9.03 -38.00 22.25
CA GLU D 56 -9.02 -39.15 21.36
C GLU D 56 -7.69 -39.88 21.49
N CYS D 57 -7.74 -41.19 21.31
CA CYS D 57 -6.58 -42.05 21.47
C CYS D 57 -6.18 -42.62 20.11
N TYR D 58 -4.90 -42.97 19.99
CA TYR D 58 -4.40 -43.51 18.73
C TYR D 58 -5.08 -44.83 18.37
N CYS D 59 -5.28 -45.70 19.36
CA CYS D 59 -5.92 -46.99 19.13
C CYS D 59 -7.42 -46.97 19.40
N GLY D 60 -7.94 -45.94 20.06
CA GLY D 60 -9.35 -45.84 20.35
C GLY D 60 -9.80 -46.53 21.62
N LYS D 61 -8.88 -47.11 22.39
CA LYS D 61 -9.27 -47.79 23.63
C LYS D 61 -9.88 -46.78 24.61
N TYR D 62 -9.29 -45.59 24.71
CA TYR D 62 -9.75 -44.54 25.61
C TYR D 62 -10.30 -43.35 24.83
N LYS D 63 -11.06 -43.63 23.76
CA LYS D 63 -11.61 -42.58 22.91
C LYS D 63 -12.63 -41.70 23.62
N ARG D 64 -13.12 -42.11 24.79
CA ARG D 64 -14.16 -41.37 25.48
C ARG D 64 -13.61 -40.05 26.01
N VAL D 65 -14.52 -39.09 26.19
CA VAL D 65 -14.12 -37.75 26.60
C VAL D 65 -13.63 -37.73 28.05
N ARG D 66 -14.28 -38.49 28.93
CA ARG D 66 -14.03 -38.38 30.36
C ARG D 66 -12.77 -39.14 30.78
N PHE D 67 -11.65 -38.86 30.11
CA PHE D 67 -10.36 -39.46 30.43
C PHE D 67 -9.31 -38.37 30.32
N LYS D 68 -8.99 -37.73 31.44
CA LYS D 68 -8.03 -36.63 31.48
C LYS D 68 -6.72 -37.11 32.08
N GLY D 69 -5.62 -36.85 31.39
CA GLY D 69 -4.30 -37.18 31.91
C GLY D 69 -4.07 -38.65 32.13
N ILE D 70 -4.85 -39.52 31.49
CA ILE D 70 -4.69 -40.96 31.59
C ILE D 70 -3.95 -41.43 30.35
N ILE D 71 -2.72 -41.92 30.54
CA ILE D 71 -1.94 -42.46 29.44
C ILE D 71 -2.44 -43.86 29.13
N CYS D 72 -2.80 -44.10 27.87
CA CYS D 72 -3.32 -45.40 27.48
C CYS D 72 -2.19 -46.43 27.49
N GLU D 73 -2.33 -47.45 28.33
CA GLU D 73 -1.30 -48.47 28.42
C GLU D 73 -1.14 -49.25 27.12
N ARG D 74 -2.20 -49.33 26.32
CA ARG D 74 -2.13 -50.11 25.08
C ARG D 74 -1.19 -49.45 24.07
N CYS D 75 -1.19 -48.12 23.99
CA CYS D 75 -0.34 -47.40 23.06
C CYS D 75 0.47 -46.27 23.68
N GLY D 76 0.21 -45.91 24.95
CA GLY D 76 1.04 -44.96 25.64
C GLY D 76 0.82 -43.50 25.27
N VAL D 77 -0.32 -43.16 24.67
CA VAL D 77 -0.59 -41.78 24.27
C VAL D 77 -1.51 -41.14 25.30
N GLU D 78 -1.17 -39.93 25.70
CA GLU D 78 -1.99 -39.20 26.67
C GLU D 78 -3.30 -38.76 26.03
N VAL D 79 -4.31 -38.57 26.88
CA VAL D 79 -5.64 -38.17 26.43
C VAL D 79 -5.90 -36.73 26.86
N THR D 80 -5.60 -35.78 25.99
CA THR D 80 -5.80 -34.36 26.26
C THR D 80 -6.25 -33.69 24.97
N ARG D 81 -6.29 -32.36 24.99
CA ARG D 81 -6.70 -31.60 23.83
C ARG D 81 -5.63 -31.69 22.74
N ALA D 82 -6.03 -31.29 21.52
CA ALA D 82 -5.09 -31.28 20.41
C ALA D 82 -4.12 -30.10 20.47
N LYS D 83 -4.45 -29.05 21.23
CA LYS D 83 -3.56 -27.90 21.32
C LYS D 83 -2.24 -28.25 21.99
N VAL D 84 -2.20 -29.34 22.76
CA VAL D 84 -0.94 -29.76 23.37
C VAL D 84 0.07 -30.13 22.29
N ARG D 85 -0.41 -30.57 21.13
CA ARG D 85 0.47 -30.94 20.03
C ARG D 85 1.27 -29.75 19.52
N ARG D 86 0.84 -28.52 19.83
CA ARG D 86 1.56 -27.32 19.47
C ARG D 86 2.62 -26.93 20.49
N GLU D 87 2.67 -27.60 21.64
CA GLU D 87 3.52 -27.23 22.75
C GLU D 87 4.64 -28.23 23.01
N ARG D 88 4.32 -29.52 23.09
CA ARG D 88 5.29 -30.51 23.52
C ARG D 88 6.42 -30.66 22.51
N MET D 89 7.61 -30.97 23.02
CA MET D 89 8.83 -31.05 22.23
C MET D 89 9.35 -32.48 22.23
N GLY D 90 10.39 -32.70 21.41
CA GLY D 90 11.09 -33.96 21.36
C GLY D 90 12.55 -33.71 21.05
N HIS D 91 13.36 -34.76 21.19
CA HIS D 91 14.79 -34.64 20.96
C HIS D 91 15.31 -35.86 20.21
N ILE D 92 16.32 -35.64 19.39
CA ILE D 92 17.02 -36.70 18.68
C ILE D 92 18.30 -37.00 19.45
N GLU D 93 18.69 -38.27 19.44
CA GLU D 93 19.88 -38.72 20.20
C GLU D 93 21.03 -38.87 19.22
N LEU D 94 21.82 -37.81 19.09
CA LEU D 94 22.96 -37.84 18.18
C LEU D 94 23.91 -38.98 18.55
N ALA D 95 24.32 -39.76 17.53
CA ALA D 95 25.26 -40.84 17.78
C ALA D 95 26.65 -40.31 18.11
N ALA D 96 27.04 -39.19 17.51
CA ALA D 96 28.31 -38.54 17.81
C ALA D 96 28.06 -37.06 18.09
N PRO D 97 28.88 -36.44 18.94
CA PRO D 97 28.69 -35.02 19.21
C PRO D 97 28.90 -34.17 17.96
N VAL D 98 28.19 -33.04 17.92
CA VAL D 98 28.30 -32.09 16.83
C VAL D 98 28.40 -30.69 17.42
N THR D 99 28.88 -29.75 16.60
CA THR D 99 29.10 -28.38 17.03
C THR D 99 28.01 -27.47 16.49
N HIS D 100 27.66 -26.45 17.29
CA HIS D 100 26.66 -25.48 16.86
C HIS D 100 27.24 -24.60 15.77
N ILE D 101 26.49 -24.43 14.68
CA ILE D 101 27.00 -23.67 13.54
C ILE D 101 27.24 -22.22 13.91
N TRP D 102 26.45 -21.67 14.84
CA TRP D 102 26.54 -20.26 15.17
C TRP D 102 27.89 -19.86 15.77
N TYR D 103 28.67 -20.82 16.24
CA TYR D 103 29.87 -20.50 17.01
C TYR D 103 31.16 -20.69 16.21
N PHE D 104 31.35 -21.83 15.56
CA PHE D 104 32.58 -22.03 14.79
C PHE D 104 32.54 -21.33 13.45
N LYS D 105 31.41 -20.73 13.06
CA LYS D 105 31.30 -20.01 11.80
C LYS D 105 31.04 -18.52 11.97
N GLY D 106 30.67 -18.06 13.16
CA GLY D 106 30.40 -16.65 13.34
C GLY D 106 31.67 -15.82 13.29
N VAL D 107 31.47 -14.53 13.05
CA VAL D 107 32.56 -13.55 12.99
C VAL D 107 32.34 -12.54 14.12
N PRO D 108 33.10 -12.65 15.22
CA PRO D 108 34.17 -13.61 15.51
C PRO D 108 33.63 -14.99 15.83
N SER D 109 34.43 -16.04 15.61
CA SER D 109 34.03 -17.41 15.95
C SER D 109 34.37 -17.64 17.41
N ARG D 110 33.34 -17.66 18.25
CA ARG D 110 33.55 -17.77 19.70
C ARG D 110 34.41 -18.99 20.04
N LEU D 111 34.21 -20.09 19.32
CA LEU D 111 35.04 -21.27 19.55
C LEU D 111 36.50 -20.96 19.25
N GLY D 112 36.77 -20.24 18.16
CA GLY D 112 38.15 -19.90 17.83
C GLY D 112 38.78 -19.01 18.88
N TYR D 113 38.05 -17.97 19.31
CA TYR D 113 38.59 -17.03 20.28
C TYR D 113 38.85 -17.72 21.61
N LEU D 114 37.86 -18.47 22.11
CA LEU D 114 38.04 -19.17 23.38
C LEU D 114 39.17 -20.19 23.29
N LEU D 115 39.23 -20.93 22.19
CA LEU D 115 40.12 -22.07 22.05
C LEU D 115 41.42 -21.73 21.34
N ASP D 116 41.65 -20.45 21.02
CA ASP D 116 42.88 -19.98 20.39
C ASP D 116 43.27 -20.86 19.20
N LEU D 117 42.30 -21.12 18.33
CA LEU D 117 42.51 -21.87 17.11
C LEU D 117 42.11 -21.00 15.92
N ALA D 118 42.94 -20.99 14.88
CA ALA D 118 42.65 -20.20 13.70
C ALA D 118 41.40 -20.76 13.00
N PRO D 119 40.63 -19.91 12.32
CA PRO D 119 39.41 -20.42 11.67
C PRO D 119 39.68 -21.56 10.69
N LYS D 120 40.80 -21.50 9.95
CA LYS D 120 41.10 -22.55 8.99
C LYS D 120 41.31 -23.88 9.70
N ASP D 121 42.11 -23.87 10.78
CA ASP D 121 42.35 -25.09 11.54
C ASP D 121 41.05 -25.62 12.14
N LEU D 122 40.21 -24.72 12.65
CA LEU D 122 38.96 -25.15 13.26
C LEU D 122 38.05 -25.82 12.23
N GLU D 123 37.90 -25.19 11.05
CA GLU D 123 37.05 -25.78 10.03
C GLU D 123 37.61 -27.10 9.51
N LYS D 124 38.94 -27.22 9.44
CA LYS D 124 39.52 -28.50 9.07
C LYS D 124 39.24 -29.57 10.12
N ILE D 125 39.40 -29.23 11.40
CA ILE D 125 39.24 -30.23 12.45
C ILE D 125 37.79 -30.68 12.56
N ILE D 126 36.84 -29.75 12.42
CA ILE D 126 35.44 -30.09 12.60
C ILE D 126 35.01 -31.12 11.57
N TYR D 127 35.44 -30.97 10.32
CA TYR D 127 35.03 -31.85 9.23
C TYR D 127 35.99 -33.01 9.03
N PHE D 128 36.65 -33.47 10.09
CA PHE D 128 37.47 -34.68 10.05
C PHE D 128 38.51 -34.60 8.94
N ALA D 129 39.38 -33.61 9.04
CA ALA D 129 40.45 -33.39 8.07
C ALA D 129 41.82 -33.76 8.61
N ALA D 130 42.16 -33.32 9.83
CA ALA D 130 43.46 -33.58 10.41
C ALA D 130 43.31 -33.89 11.89
N TYR D 131 44.07 -34.87 12.37
CA TYR D 131 44.06 -35.21 13.78
C TYR D 131 44.54 -34.02 14.62
N VAL D 132 44.29 -34.12 15.92
CA VAL D 132 44.74 -33.13 16.90
C VAL D 132 45.15 -33.85 18.17
N ILE D 133 46.23 -33.39 18.80
CA ILE D 133 46.70 -33.96 20.05
C ILE D 133 45.92 -33.28 21.17
N THR D 134 44.95 -33.99 21.73
CA THR D 134 44.12 -33.39 22.78
C THR D 134 44.91 -33.22 24.07
N SER D 135 45.71 -34.21 24.45
CA SER D 135 46.46 -34.15 25.70
C SER D 135 47.65 -35.10 25.59
N VAL D 136 48.59 -34.93 26.52
CA VAL D 136 49.76 -35.79 26.62
C VAL D 136 50.13 -35.93 28.09
N ASP D 137 50.63 -37.11 28.45
CA ASP D 137 51.08 -37.35 29.81
C ASP D 137 52.41 -36.63 30.03
N GLU D 138 52.36 -35.30 30.10
CA GLU D 138 53.59 -34.52 30.22
C GLU D 138 54.33 -34.83 31.52
N GLU D 139 53.59 -35.13 32.60
CA GLU D 139 54.25 -35.42 33.87
C GLU D 139 55.08 -36.68 33.78
N MET D 140 54.52 -37.75 33.20
CA MET D 140 55.29 -38.99 33.04
C MET D 140 56.44 -38.79 32.07
N ARG D 141 56.22 -38.01 31.00
CA ARG D 141 57.30 -37.73 30.06
C ARG D 141 58.45 -37.02 30.76
N HIS D 142 58.13 -36.04 31.62
CA HIS D 142 59.18 -35.32 32.33
C HIS D 142 59.89 -36.20 33.35
N ASN D 143 59.11 -36.93 34.17
CA ASN D 143 59.73 -37.83 35.14
C ASN D 143 60.50 -38.94 34.43
N GLU D 144 60.06 -39.33 33.24
CA GLU D 144 60.75 -40.34 32.43
C GLU D 144 61.57 -39.71 31.31
N LEU D 145 61.89 -38.42 31.41
CA LEU D 145 62.66 -37.77 30.37
C LEU D 145 64.01 -38.45 30.19
N SER D 146 64.68 -38.79 31.29
CA SER D 146 65.96 -39.50 31.19
C SER D 146 65.76 -40.87 30.54
N THR D 147 64.82 -41.66 31.07
CA THR D 147 64.60 -43.00 30.54
C THR D 147 64.00 -42.95 29.13
N LEU D 148 63.12 -41.98 28.88
CA LEU D 148 62.58 -41.84 27.53
C LEU D 148 63.67 -41.46 26.53
N GLU D 149 64.57 -40.56 26.93
CA GLU D 149 65.70 -40.22 26.07
C GLU D 149 66.56 -41.44 25.83
N ALA D 150 66.80 -42.24 26.87
CA ALA D 150 67.64 -43.44 26.70
C ALA D 150 66.99 -44.44 25.75
N GLU D 151 65.69 -44.71 25.94
CA GLU D 151 65.02 -45.70 25.09
C GLU D 151 64.92 -45.20 23.66
N MET D 152 64.62 -43.92 23.46
CA MET D 152 64.58 -43.39 22.10
C MET D 152 65.97 -43.34 21.49
N ALA D 153 67.01 -43.16 22.31
CA ALA D 153 68.37 -43.17 21.78
C ALA D 153 68.78 -44.57 21.33
N VAL D 154 68.42 -45.58 22.10
CA VAL D 154 68.71 -46.95 21.65
C VAL D 154 67.86 -47.31 20.43
N GLU D 155 66.62 -46.81 20.36
CA GLU D 155 65.81 -47.03 19.17
C GLU D 155 66.43 -46.35 17.95
N ARG D 156 66.92 -45.12 18.13
CA ARG D 156 67.63 -44.43 17.05
C ARG D 156 68.88 -45.20 16.66
N LYS D 157 69.59 -45.75 17.65
CA LYS D 157 70.75 -46.57 17.34
C LYS D 157 70.36 -47.78 16.51
N ALA D 158 69.25 -48.43 16.86
CA ALA D 158 68.82 -49.61 16.12
C ALA D 158 68.42 -49.26 14.68
N VAL D 159 67.65 -48.18 14.52
CA VAL D 159 67.23 -47.80 13.17
C VAL D 159 68.42 -47.36 12.32
N GLU D 160 69.33 -46.59 12.90
CA GLU D 160 70.52 -46.19 12.15
C GLU D 160 71.42 -47.38 11.86
N ASP D 161 71.44 -48.37 12.75
CA ASP D 161 72.26 -49.56 12.50
C ASP D 161 71.68 -50.40 11.38
N GLN D 162 70.36 -50.55 11.34
CA GLN D 162 69.76 -51.29 10.23
C GLN D 162 69.91 -50.51 8.92
N ARG D 163 69.83 -49.17 8.98
CA ARG D 163 70.10 -48.38 7.79
C ARG D 163 71.54 -48.57 7.31
N ASP D 164 72.49 -48.57 8.25
CA ASP D 164 73.88 -48.79 7.89
C ASP D 164 74.09 -50.19 7.34
N GLY D 165 73.41 -51.18 7.90
CA GLY D 165 73.51 -52.53 7.37
C GLY D 165 72.97 -52.64 5.96
N GLU D 166 71.82 -52.01 5.70
CA GLU D 166 71.29 -51.98 4.34
C GLU D 166 72.25 -51.28 3.39
N LEU D 167 72.82 -50.15 3.82
CA LEU D 167 73.79 -49.44 2.98
C LEU D 167 75.00 -50.31 2.70
N GLU D 168 75.51 -51.00 3.73
CA GLU D 168 76.68 -51.85 3.54
C GLU D 168 76.38 -53.01 2.60
N ALA D 169 75.21 -53.64 2.75
CA ALA D 169 74.84 -54.76 1.89
C ALA D 169 74.70 -54.30 0.44
N ARG D 170 74.00 -53.19 0.23
CA ARG D 170 73.83 -52.68 -1.13
C ARG D 170 75.18 -52.28 -1.74
N ALA D 171 76.05 -51.64 -0.95
CA ALA D 171 77.36 -51.25 -1.44
C ALA D 171 78.20 -52.48 -1.78
N GLN D 172 78.12 -53.53 -0.96
CA GLN D 172 78.86 -54.76 -1.26
C GLN D 172 78.36 -55.40 -2.53
N LYS D 173 77.04 -55.46 -2.73
CA LYS D 173 76.50 -56.02 -3.97
C LYS D 173 76.93 -55.20 -5.17
N LEU D 174 76.87 -53.87 -5.05
CA LEU D 174 77.28 -53.00 -6.16
C LEU D 174 78.77 -53.17 -6.46
N GLU D 175 79.60 -53.29 -5.42
CA GLU D 175 81.02 -53.49 -5.62
C GLU D 175 81.30 -54.82 -6.28
N ALA D 176 80.56 -55.87 -5.90
CA ALA D 176 80.71 -57.16 -6.56
C ALA D 176 80.35 -57.07 -8.03
N ASP D 177 79.25 -56.39 -8.35
CA ASP D 177 78.86 -56.22 -9.75
C ASP D 177 79.93 -55.44 -10.52
N LEU D 178 80.45 -54.37 -9.92
CA LEU D 178 81.50 -53.60 -10.57
C LEU D 178 82.75 -54.43 -10.78
N ALA D 179 83.11 -55.26 -9.80
CA ALA D 179 84.27 -56.13 -9.95
C ALA D 179 84.07 -57.14 -11.08
N GLU D 180 82.86 -57.70 -11.18
CA GLU D 180 82.57 -58.62 -12.28
C GLU D 180 82.70 -57.92 -13.62
N LEU D 181 82.15 -56.70 -13.73
CA LEU D 181 82.26 -55.95 -14.97
C LEU D 181 83.71 -55.66 -15.31
N GLU D 182 84.50 -55.24 -14.32
CA GLU D 182 85.92 -54.98 -14.55
C GLU D 182 86.64 -56.25 -15.00
N ALA D 183 86.26 -57.39 -14.44
CA ALA D 183 86.82 -58.65 -14.88
C ALA D 183 86.50 -58.90 -16.35
N GLU D 184 85.27 -58.58 -16.77
CA GLU D 184 84.93 -58.69 -18.18
C GLU D 184 85.81 -57.78 -19.03
N GLY D 185 86.22 -56.63 -18.50
CA GLY D 185 87.06 -55.71 -19.24
C GLY D 185 86.39 -55.17 -20.48
N ALA D 186 85.14 -54.74 -20.34
CA ALA D 186 84.36 -54.27 -21.48
C ALA D 186 84.94 -52.96 -22.02
N LYS D 187 84.31 -52.45 -23.08
CA LYS D 187 84.76 -51.22 -23.70
C LYS D 187 84.61 -50.03 -22.76
N ALA D 188 85.30 -48.95 -23.10
CA ALA D 188 85.21 -47.74 -22.28
C ALA D 188 83.78 -47.21 -22.23
N ASP D 189 83.08 -47.23 -23.36
CA ASP D 189 81.69 -46.80 -23.37
C ASP D 189 80.83 -47.68 -22.46
N ALA D 190 81.01 -49.00 -22.54
CA ALA D 190 80.26 -49.91 -21.67
C ALA D 190 80.63 -49.69 -20.21
N ARG D 191 81.92 -49.47 -19.94
CA ARG D 191 82.36 -49.20 -18.57
C ARG D 191 81.67 -47.96 -18.03
N ARG D 192 81.65 -46.89 -18.82
CA ARG D 192 80.99 -45.66 -18.37
C ARG D 192 79.50 -45.88 -18.17
N LYS D 193 78.86 -46.61 -19.08
CA LYS D 193 77.42 -46.87 -18.95
C LYS D 193 77.12 -47.59 -17.65
N VAL D 194 77.84 -48.69 -17.38
CA VAL D 194 77.56 -49.47 -16.18
C VAL D 194 77.94 -48.69 -14.92
N ARG D 195 79.03 -47.92 -14.99
CA ARG D 195 79.42 -47.10 -13.85
C ARG D 195 78.36 -46.06 -13.53
N ASP D 196 77.80 -45.41 -14.56
CA ASP D 196 76.74 -44.44 -14.35
C ASP D 196 75.50 -45.11 -13.78
N GLY D 197 75.15 -46.29 -14.30
CA GLY D 197 74.01 -47.01 -13.76
C GLY D 197 74.20 -47.35 -12.29
N GLY D 198 75.37 -47.86 -11.93
CA GLY D 198 75.63 -48.20 -10.54
C GLY D 198 75.65 -46.98 -9.64
N GLU D 199 76.24 -45.88 -10.12
CA GLU D 199 76.26 -44.65 -9.33
C GLU D 199 74.84 -44.13 -9.11
N ARG D 200 74.00 -44.16 -10.14
CA ARG D 200 72.62 -43.74 -9.97
C ARG D 200 71.88 -44.64 -9.01
N GLU D 201 72.13 -45.96 -9.08
CA GLU D 201 71.50 -46.87 -8.12
C GLU D 201 71.92 -46.56 -6.70
N MET D 202 73.22 -46.29 -6.49
CA MET D 202 73.69 -45.96 -5.15
C MET D 202 73.12 -44.63 -4.67
N ARG D 203 73.00 -43.65 -5.57
CA ARG D 203 72.39 -42.38 -5.19
C ARG D 203 70.94 -42.58 -4.81
N GLN D 204 70.21 -43.42 -5.55
CA GLN D 204 68.81 -43.69 -5.20
C GLN D 204 68.70 -44.40 -3.86
N ILE D 205 69.60 -45.36 -3.60
CA ILE D 205 69.59 -46.05 -2.32
C ILE D 205 69.85 -45.08 -1.18
N ARG D 206 70.83 -44.19 -1.36
CA ARG D 206 71.13 -43.19 -0.33
C ARG D 206 69.97 -42.22 -0.17
N ASP D 207 69.29 -41.88 -1.27
CA ASP D 207 68.12 -41.01 -1.17
C ASP D 207 67.02 -41.66 -0.36
N ARG D 208 66.76 -42.95 -0.59
CA ARG D 208 65.76 -43.65 0.20
C ARG D 208 66.17 -43.73 1.67
N ALA D 209 67.46 -44.00 1.93
CA ALA D 209 67.93 -44.04 3.30
C ALA D 209 67.76 -42.70 3.98
N GLN D 210 68.06 -41.61 3.27
CA GLN D 210 67.87 -40.27 3.82
C GLN D 210 66.40 -39.95 4.02
N ARG D 211 65.53 -40.45 3.13
CA ARG D 211 64.09 -40.28 3.34
C ARG D 211 63.67 -40.94 4.65
N GLU D 212 64.12 -42.18 4.86
CA GLU D 212 63.80 -42.86 6.12
C GLU D 212 64.38 -42.10 7.31
N LEU D 213 65.62 -41.63 7.19
CA LEU D 213 66.26 -40.94 8.30
C LEU D 213 65.54 -39.66 8.65
N ASP D 214 65.13 -38.87 7.65
CA ASP D 214 64.43 -37.63 7.92
C ASP D 214 63.01 -37.88 8.39
N ARG D 215 62.39 -38.99 7.95
CA ARG D 215 61.09 -39.37 8.50
C ARG D 215 61.21 -39.65 9.99
N LEU D 216 62.24 -40.41 10.37
CA LEU D 216 62.44 -40.70 11.79
C LEU D 216 62.80 -39.44 12.56
N GLU D 217 63.57 -38.54 11.95
CA GLU D 217 63.91 -37.28 12.60
C GLU D 217 62.68 -36.42 12.81
N ASP D 218 61.76 -36.39 11.83
CA ASP D 218 60.51 -35.68 12.02
C ASP D 218 59.68 -36.30 13.13
N ILE D 219 59.65 -37.64 13.19
CA ILE D 219 58.96 -38.31 14.29
C ILE D 219 59.55 -37.88 15.63
N TRP D 220 60.88 -37.87 15.72
CA TRP D 220 61.55 -37.50 16.96
C TRP D 220 61.25 -36.05 17.34
N SER D 221 61.32 -35.14 16.36
CA SER D 221 61.03 -33.74 16.64
C SER D 221 59.60 -33.54 17.10
N THR D 222 58.65 -34.19 16.42
CA THR D 222 57.26 -34.07 16.83
C THR D 222 57.03 -34.63 18.23
N PHE D 223 57.65 -35.77 18.54
CA PHE D 223 57.49 -36.35 19.87
C PHE D 223 58.08 -35.43 20.93
N THR D 224 59.26 -34.87 20.67
CA THR D 224 59.86 -33.94 21.63
C THR D 224 59.13 -32.60 21.62
N LYS D 225 58.84 -32.07 20.43
CA LYS D 225 58.14 -30.80 20.29
C LYS D 225 56.63 -31.03 20.21
N LEU D 226 56.10 -31.73 21.20
CA LEU D 226 54.69 -32.11 21.24
C LEU D 226 53.97 -31.27 22.29
N ALA D 227 52.82 -30.73 21.91
CA ALA D 227 51.98 -29.98 22.83
C ALA D 227 50.56 -30.00 22.29
N PRO D 228 49.55 -29.77 23.14
CA PRO D 228 48.17 -29.73 22.65
C PRO D 228 47.97 -28.74 21.52
N LYS D 229 46.85 -28.86 20.82
CA LYS D 229 46.51 -27.98 19.71
C LYS D 229 47.52 -28.06 18.58
N GLN D 230 48.14 -29.22 18.39
CA GLN D 230 49.04 -29.47 17.28
C GLN D 230 48.34 -30.36 16.26
N LEU D 231 48.38 -29.95 14.99
CA LEU D 231 47.71 -30.66 13.91
C LEU D 231 48.71 -31.48 13.11
N ILE D 232 48.27 -32.66 12.66
CA ILE D 232 49.07 -33.57 11.86
C ILE D 232 48.29 -33.85 10.59
N VAL D 233 48.63 -33.13 9.50
CA VAL D 233 47.90 -33.28 8.26
C VAL D 233 48.12 -34.67 7.67
N ASP D 234 49.37 -35.12 7.61
CA ASP D 234 49.70 -36.40 6.99
C ASP D 234 49.31 -37.53 7.94
N GLU D 235 48.23 -38.23 7.61
CA GLU D 235 47.77 -39.33 8.47
C GLU D 235 48.83 -40.40 8.62
N ASN D 236 49.74 -40.53 7.64
CA ASN D 236 50.79 -41.54 7.75
C ASN D 236 51.69 -41.26 8.94
N LEU D 237 52.08 -39.99 9.14
CA LEU D 237 52.93 -39.65 10.27
C LEU D 237 52.23 -39.94 11.59
N TYR D 238 50.96 -39.56 11.71
CA TYR D 238 50.21 -39.83 12.93
C TYR D 238 50.08 -41.32 13.20
N ARG D 239 49.83 -42.09 12.14
CA ARG D 239 49.75 -43.54 12.28
C ARG D 239 51.09 -44.11 12.76
N GLU D 240 52.19 -43.61 12.19
CA GLU D 240 53.51 -44.06 12.65
C GLU D 240 53.70 -43.74 14.13
N LEU D 241 53.34 -42.53 14.54
CA LEU D 241 53.51 -42.14 15.94
C LEU D 241 52.71 -43.07 16.85
N VAL D 242 51.43 -43.28 16.53
CA VAL D 242 50.58 -44.08 17.41
C VAL D 242 51.05 -45.53 17.44
N ASP D 243 51.40 -46.10 16.28
CA ASP D 243 51.84 -47.48 16.25
C ASP D 243 53.15 -47.66 17.03
N ARG D 244 54.10 -46.74 16.86
CA ARG D 244 55.37 -46.85 17.57
C ARG D 244 55.24 -46.41 19.02
N TYR D 245 54.80 -45.17 19.25
CA TYR D 245 54.66 -44.60 20.59
C TYR D 245 53.26 -44.02 20.72
N GLY D 246 52.32 -44.82 21.20
CA GLY D 246 50.97 -44.37 21.45
C GLY D 246 50.56 -44.58 22.89
N GLU D 247 51.50 -44.38 23.81
CA GLU D 247 51.28 -44.66 25.23
C GLU D 247 51.25 -43.41 26.10
N TYR D 248 51.61 -42.24 25.57
CA TYR D 248 51.62 -41.01 26.35
C TYR D 248 50.63 -39.98 25.83
N PHE D 249 50.67 -39.67 24.54
CA PHE D 249 49.81 -38.67 23.94
C PHE D 249 48.60 -39.34 23.29
N THR D 250 47.42 -38.76 23.50
CA THR D 250 46.19 -39.24 22.91
C THR D 250 45.56 -38.12 22.08
N GLY D 251 45.26 -38.41 20.81
CA GLY D 251 44.68 -37.42 19.93
C GLY D 251 43.70 -38.06 18.97
N ALA D 252 42.77 -37.24 18.48
CA ALA D 252 41.74 -37.71 17.57
C ALA D 252 41.23 -36.52 16.78
N MET D 253 40.50 -36.82 15.71
CA MET D 253 39.89 -35.81 14.85
C MET D 253 38.38 -35.82 15.01
N GLY D 254 37.77 -34.66 14.81
CA GLY D 254 36.33 -34.52 14.80
C GLY D 254 35.83 -33.65 15.95
N ALA D 255 34.51 -33.48 15.96
CA ALA D 255 33.88 -32.64 16.98
C ALA D 255 34.08 -33.21 18.38
N GLU D 256 34.19 -34.54 18.50
CA GLU D 256 34.47 -35.13 19.80
C GLU D 256 35.83 -34.68 20.31
N SER D 257 36.79 -34.51 19.42
CA SER D 257 38.10 -33.99 19.82
C SER D 257 37.98 -32.59 20.38
N ILE D 258 37.18 -31.74 19.74
CA ILE D 258 36.99 -30.38 20.25
C ILE D 258 36.25 -30.41 21.57
N GLN D 259 35.31 -31.34 21.74
CA GLN D 259 34.64 -31.51 23.03
C GLN D 259 35.66 -31.82 24.12
N LYS D 260 36.54 -32.79 23.86
CA LYS D 260 37.58 -33.14 24.83
C LYS D 260 38.49 -31.95 25.09
N LEU D 261 38.87 -31.22 24.04
CA LEU D 261 39.80 -30.11 24.19
C LEU D 261 39.19 -29.00 25.04
N ILE D 262 37.91 -28.69 24.81
CA ILE D 262 37.25 -27.65 25.59
C ILE D 262 37.06 -28.11 27.03
N GLU D 263 36.77 -29.40 27.23
CA GLU D 263 36.64 -29.91 28.59
C GLU D 263 37.97 -29.81 29.35
N ASN D 264 39.07 -30.16 28.69
CA ASN D 264 40.38 -30.05 29.30
C ASN D 264 40.76 -28.59 29.52
N PHE D 265 40.32 -27.70 28.62
CA PHE D 265 40.61 -26.29 28.75
C PHE D 265 39.94 -25.69 29.98
N ASP D 266 40.69 -24.87 30.71
CA ASP D 266 40.20 -24.20 31.91
C ASP D 266 40.05 -22.72 31.62
N ILE D 267 38.83 -22.20 31.77
CA ILE D 267 38.55 -20.83 31.37
C ILE D 267 39.22 -19.83 32.32
N ASP D 268 39.16 -20.08 33.63
CA ASP D 268 39.68 -19.11 34.59
C ASP D 268 41.19 -18.96 34.48
N ALA D 269 41.91 -20.08 34.33
CA ALA D 269 43.37 -20.00 34.22
C ALA D 269 43.79 -19.25 32.97
N GLU D 270 43.15 -19.55 31.84
CA GLU D 270 43.45 -18.84 30.61
C GLU D 270 43.10 -17.35 30.75
N ALA D 271 42.00 -17.05 31.44
CA ALA D 271 41.64 -15.65 31.67
C ALA D 271 42.72 -14.93 32.46
N GLU D 272 43.24 -15.58 33.51
CA GLU D 272 44.29 -14.96 34.32
C GLU D 272 45.55 -14.75 33.49
N SER D 273 45.96 -15.75 32.71
CA SER D 273 47.15 -15.61 31.89
C SER D 273 46.97 -14.50 30.84
N LEU D 274 45.79 -14.42 30.24
CA LEU D 274 45.55 -13.40 29.22
C LEU D 274 45.46 -12.01 29.85
N ARG D 275 44.96 -11.91 31.08
CA ARG D 275 45.03 -10.64 31.79
C ARG D 275 46.48 -10.23 32.04
N ASP D 276 47.32 -11.20 32.40
CA ASP D 276 48.74 -10.91 32.55
C ASP D 276 49.34 -10.39 31.26
N VAL D 277 48.99 -11.02 30.13
CA VAL D 277 49.50 -10.57 28.84
C VAL D 277 48.99 -9.16 28.52
N ILE D 278 47.71 -8.92 28.75
CA ILE D 278 47.12 -7.60 28.47
C ILE D 278 47.76 -6.54 29.33
N ARG D 279 48.19 -6.89 30.53
CA ARG D 279 48.87 -5.92 31.39
C ARG D 279 50.14 -5.38 30.74
N ASN D 280 50.70 -6.09 29.77
CA ASN D 280 51.84 -5.63 29.01
C ASN D 280 51.34 -4.77 27.84
N GLY D 281 52.24 -4.39 26.94
CA GLY D 281 51.87 -3.57 25.80
C GLY D 281 51.61 -4.38 24.54
N LYS D 282 52.48 -4.23 23.54
CA LYS D 282 52.35 -4.96 22.28
C LYS D 282 51.00 -4.64 21.62
N GLY D 283 50.86 -3.37 21.25
CA GLY D 283 49.59 -2.90 20.72
C GLY D 283 49.09 -3.71 19.55
N GLN D 284 50.00 -4.14 18.67
CA GLN D 284 49.59 -4.92 17.51
C GLN D 284 48.86 -6.18 17.93
N LYS D 285 49.43 -6.94 18.86
CA LYS D 285 48.78 -8.13 19.42
C LYS D 285 47.78 -7.78 20.51
N LYS D 286 47.80 -6.55 21.01
CA LYS D 286 46.95 -6.19 22.15
C LYS D 286 45.47 -6.24 21.78
N LEU D 287 45.11 -5.83 20.56
CA LEU D 287 43.71 -5.85 20.16
C LEU D 287 43.17 -7.27 20.15
N ARG D 288 43.90 -8.20 19.54
CA ARG D 288 43.47 -9.59 19.52
C ARG D 288 43.42 -10.16 20.93
N ALA D 289 44.42 -9.85 21.75
CA ALA D 289 44.40 -10.31 23.13
C ALA D 289 43.18 -9.77 23.86
N LEU D 290 42.79 -8.53 23.58
CA LEU D 290 41.63 -7.93 24.24
C LEU D 290 40.34 -8.62 23.81
N LYS D 291 40.19 -8.92 22.52
CA LYS D 291 38.99 -9.60 22.07
C LYS D 291 38.89 -10.99 22.71
N ARG D 292 40.01 -11.73 22.70
CA ARG D 292 40.00 -13.04 23.34
C ARG D 292 39.69 -12.90 24.83
N LEU D 293 40.23 -11.88 25.48
CA LEU D 293 40.00 -11.69 26.90
C LEU D 293 38.54 -11.41 27.18
N LYS D 294 37.89 -10.58 26.35
CA LYS D 294 36.48 -10.30 26.61
C LYS D 294 35.64 -11.55 26.43
N VAL D 295 35.91 -12.36 25.41
CA VAL D 295 35.16 -13.60 25.23
C VAL D 295 35.38 -14.54 26.42
N VAL D 296 36.65 -14.72 26.81
CA VAL D 296 36.98 -15.66 27.88
C VAL D 296 36.40 -15.19 29.21
N ALA D 297 36.41 -13.88 29.46
CA ALA D 297 35.84 -13.35 30.68
C ALA D 297 34.32 -13.48 30.68
N ALA D 298 33.69 -13.31 29.52
CA ALA D 298 32.26 -13.55 29.43
C ALA D 298 31.93 -14.99 29.81
N PHE D 299 32.74 -15.94 29.34
CA PHE D 299 32.54 -17.33 29.75
C PHE D 299 32.84 -17.52 31.23
N GLN D 300 33.86 -16.84 31.75
CA GLN D 300 34.31 -17.08 33.12
C GLN D 300 33.29 -16.59 34.13
N GLN D 301 32.77 -15.37 33.94
CA GLN D 301 31.81 -14.82 34.89
C GLN D 301 30.47 -15.54 34.87
N SER D 302 30.19 -16.31 33.81
CA SER D 302 28.88 -16.93 33.68
C SER D 302 28.60 -17.90 34.81
N GLY D 303 29.61 -18.70 35.19
CA GLY D 303 29.40 -19.81 36.10
C GLY D 303 28.95 -21.08 35.41
N ASN D 304 28.66 -21.03 34.11
CA ASN D 304 28.32 -22.21 33.33
C ASN D 304 29.60 -22.76 32.70
N SER D 305 29.46 -23.67 31.75
CA SER D 305 30.60 -24.28 31.09
C SER D 305 30.50 -24.10 29.58
N PRO D 306 31.63 -24.06 28.87
CA PRO D 306 31.58 -23.92 27.41
C PRO D 306 31.11 -25.18 26.68
N MET D 307 30.90 -26.29 27.38
CA MET D 307 30.51 -27.53 26.72
C MET D 307 29.19 -27.42 25.98
N GLY D 308 28.38 -26.41 26.31
CA GLY D 308 27.09 -26.27 25.64
C GLY D 308 27.20 -26.04 24.15
N MET D 309 28.38 -25.64 23.66
CA MET D 309 28.55 -25.41 22.23
C MET D 309 28.52 -26.71 21.44
N VAL D 310 29.02 -27.79 22.01
CA VAL D 310 29.07 -29.09 21.34
C VAL D 310 27.84 -29.88 21.77
N LEU D 311 26.95 -30.12 20.82
CA LEU D 311 25.66 -30.72 21.11
C LEU D 311 25.75 -32.24 21.15
N ASP D 312 24.90 -32.86 21.97
CA ASP D 312 24.74 -34.30 21.99
C ASP D 312 23.31 -34.76 21.77
N ALA D 313 22.34 -33.85 21.73
CA ALA D 313 20.95 -34.22 21.46
C ALA D 313 20.23 -32.96 20.97
N VAL D 314 19.83 -32.94 19.71
CA VAL D 314 19.15 -31.79 19.13
C VAL D 314 17.65 -31.88 19.44
N PRO D 315 16.97 -30.77 19.69
CA PRO D 315 15.52 -30.81 19.88
C PRO D 315 14.75 -30.61 18.58
N VAL D 316 13.49 -31.02 18.60
CA VAL D 316 12.60 -30.89 17.46
C VAL D 316 11.37 -30.10 17.88
N ILE D 317 11.00 -29.11 17.07
CA ILE D 317 9.87 -28.24 17.39
C ILE D 317 8.58 -29.05 17.35
N PRO D 318 7.51 -28.60 18.01
CA PRO D 318 6.26 -29.34 17.94
C PRO D 318 5.74 -29.38 16.51
N PRO D 319 5.04 -30.45 16.14
CA PRO D 319 4.63 -30.59 14.73
C PRO D 319 3.73 -29.47 14.22
N GLU D 320 2.95 -28.83 15.08
CA GLU D 320 2.09 -27.75 14.62
C GLU D 320 2.90 -26.59 14.05
N LEU D 321 4.11 -26.38 14.57
CA LEU D 321 4.98 -25.35 14.03
C LEU D 321 5.55 -25.73 12.67
N ARG D 322 5.48 -27.00 12.28
CA ARG D 322 5.89 -27.47 10.96
C ARG D 322 4.80 -28.39 10.42
N PRO D 323 3.62 -27.82 10.13
CA PRO D 323 2.46 -28.66 9.83
C PRO D 323 2.61 -29.38 8.49
N MET D 324 1.84 -30.47 8.37
CA MET D 324 1.75 -31.24 7.13
C MET D 324 0.27 -31.35 6.78
N VAL D 325 -0.19 -30.48 5.89
CA VAL D 325 -1.61 -30.33 5.59
C VAL D 325 -1.87 -30.84 4.18
N GLN D 326 -3.13 -31.24 3.95
CA GLN D 326 -3.58 -31.70 2.64
C GLN D 326 -4.32 -30.57 1.95
N LEU D 327 -3.82 -30.15 0.79
CA LEU D 327 -4.52 -29.15 -0.01
C LEU D 327 -5.56 -29.84 -0.89
N ASP D 328 -6.47 -29.03 -1.45
CA ASP D 328 -7.51 -29.59 -2.30
C ASP D 328 -6.90 -30.36 -3.45
N GLY D 329 -7.42 -31.56 -3.70
CA GLY D 329 -6.86 -32.45 -4.69
C GLY D 329 -5.88 -33.46 -4.16
N GLY D 330 -5.78 -33.62 -2.84
CA GLY D 330 -4.85 -34.58 -2.27
C GLY D 330 -3.40 -34.30 -2.57
N ARG D 331 -3.03 -33.04 -2.71
CA ARG D 331 -1.64 -32.64 -2.93
C ARG D 331 -1.09 -32.16 -1.59
N PHE D 332 -0.26 -33.00 -0.97
CA PHE D 332 0.24 -32.68 0.36
C PHE D 332 1.16 -31.48 0.34
N ALA D 333 1.11 -30.71 1.43
CA ALA D 333 2.00 -29.57 1.62
C ALA D 333 2.64 -29.67 2.99
N THR D 334 3.95 -29.43 3.05
CA THR D 334 4.69 -29.55 4.30
C THR D 334 5.84 -28.56 4.27
N SER D 335 6.35 -28.23 5.46
CA SER D 335 7.46 -27.31 5.58
C SER D 335 8.79 -28.06 5.47
N ASP D 336 9.80 -27.36 4.95
CA ASP D 336 11.10 -27.97 4.71
C ASP D 336 11.76 -28.46 6.01
N LEU D 337 11.31 -27.98 7.16
CA LEU D 337 11.83 -28.49 8.42
C LEU D 337 11.71 -30.00 8.48
N ASN D 338 10.64 -30.56 7.92
CA ASN D 338 10.50 -32.00 7.88
C ASN D 338 11.61 -32.64 7.08
N ASP D 339 11.96 -32.05 5.93
CA ASP D 339 13.05 -32.59 5.13
C ASP D 339 14.37 -32.54 5.90
N LEU D 340 14.65 -31.43 6.56
CA LEU D 340 15.91 -31.31 7.30
C LEU D 340 15.96 -32.33 8.44
N TYR D 341 14.86 -32.47 9.18
CA TYR D 341 14.83 -33.44 10.26
C TYR D 341 14.98 -34.86 9.72
N ARG D 342 14.36 -35.16 8.57
CA ARG D 342 14.53 -36.49 7.98
C ARG D 342 15.98 -36.74 7.62
N ARG D 343 16.66 -35.74 7.04
CA ARG D 343 18.08 -35.91 6.75
C ARG D 343 18.87 -36.21 8.00
N VAL D 344 18.62 -35.45 9.07
CA VAL D 344 19.37 -35.66 10.31
C VAL D 344 19.12 -37.05 10.87
N ILE D 345 17.84 -37.47 10.89
CA ILE D 345 17.49 -38.76 11.46
C ILE D 345 18.12 -39.89 10.65
N ASN D 346 18.08 -39.79 9.32
CA ASN D 346 18.67 -40.83 8.48
C ASN D 346 20.18 -40.91 8.69
N ARG D 347 20.85 -39.76 8.75
CA ARG D 347 22.29 -39.78 8.99
C ARG D 347 22.61 -40.42 10.34
N ASN D 348 21.85 -40.07 11.38
CA ASN D 348 22.12 -40.62 12.70
C ASN D 348 21.88 -42.12 12.75
N ASN D 349 20.78 -42.59 12.14
CA ASN D 349 20.50 -44.02 12.13
C ASN D 349 21.56 -44.78 11.37
N ARG D 350 22.00 -44.24 10.23
CA ARG D 350 23.05 -44.89 9.45
C ARG D 350 24.35 -44.94 10.23
N LEU D 351 24.66 -43.87 10.96
CA LEU D 351 25.86 -43.86 11.80
C LEU D 351 25.78 -44.94 12.87
N LYS D 352 24.62 -45.07 13.52
CA LYS D 352 24.45 -46.12 14.52
C LYS D 352 24.62 -47.49 13.89
N ARG D 353 24.07 -47.69 12.70
CA ARG D 353 24.19 -48.98 12.02
C ARG D 353 25.65 -49.29 11.69
N LEU D 354 26.39 -48.29 11.20
CA LEU D 354 27.81 -48.50 10.89
C LEU D 354 28.59 -48.84 12.15
N ILE D 355 28.32 -48.14 13.26
CA ILE D 355 29.04 -48.42 14.50
C ILE D 355 28.73 -49.82 14.99
N ASP D 356 27.45 -50.21 14.94
CA ASP D 356 27.07 -51.55 15.39
C ASP D 356 27.73 -52.62 14.54
N LEU D 357 27.73 -52.44 13.21
CA LEU D 357 28.31 -53.44 12.33
C LEU D 357 29.83 -53.47 12.46
N GLY D 358 30.47 -52.30 12.50
CA GLY D 358 31.91 -52.21 12.51
C GLY D 358 32.48 -52.14 11.11
N ALA D 359 33.22 -51.08 10.83
CA ALA D 359 33.76 -50.84 9.50
C ALA D 359 35.04 -50.03 9.63
N PRO D 360 35.87 -50.03 8.58
CA PRO D 360 37.08 -49.19 8.63
C PRO D 360 36.75 -47.76 9.00
N GLU D 361 37.70 -47.11 9.66
CA GLU D 361 37.46 -45.79 10.21
C GLU D 361 37.17 -44.75 9.14
N ILE D 362 37.55 -45.01 7.88
CA ILE D 362 37.33 -44.01 6.83
C ILE D 362 35.83 -43.80 6.59
N ILE D 363 35.08 -44.90 6.45
CA ILE D 363 33.65 -44.78 6.22
C ILE D 363 32.95 -44.18 7.43
N VAL D 364 33.37 -44.59 8.64
CA VAL D 364 32.75 -44.05 9.84
C VAL D 364 33.00 -42.54 9.94
N ASN D 365 34.22 -42.11 9.64
CA ASN D 365 34.53 -40.68 9.66
C ASN D 365 33.72 -39.93 8.62
N ASN D 366 33.56 -40.50 7.42
CA ASN D 366 32.74 -39.86 6.42
C ASN D 366 31.29 -39.73 6.89
N GLU D 367 30.76 -40.77 7.54
CA GLU D 367 29.41 -40.70 8.05
C GLU D 367 29.27 -39.63 9.12
N LYS D 368 30.25 -39.54 10.02
CA LYS D 368 30.21 -38.52 11.06
C LYS D 368 30.26 -37.12 10.45
N ARG D 369 31.10 -36.94 9.42
CA ARG D 369 31.17 -35.66 8.72
C ARG D 369 29.84 -35.32 8.07
N MET D 370 29.19 -36.31 7.46
CA MET D 370 27.88 -36.09 6.86
C MET D 370 26.85 -35.69 7.91
N LEU D 371 26.88 -36.34 9.08
CA LEU D 371 25.96 -35.99 10.15
C LEU D 371 26.19 -34.57 10.64
N GLN D 372 27.46 -34.18 10.80
CA GLN D 372 27.79 -32.82 11.21
C GLN D 372 27.24 -31.82 10.19
N GLU D 373 27.45 -32.09 8.90
CA GLU D 373 26.95 -31.19 7.87
C GLU D 373 25.43 -31.16 7.88
N SER D 374 24.78 -32.29 8.18
CA SER D 374 23.31 -32.32 8.23
C SER D 374 22.79 -31.43 9.35
N VAL D 375 23.38 -31.53 10.54
CA VAL D 375 22.96 -30.67 11.64
C VAL D 375 23.22 -29.21 11.29
N ASP D 376 24.39 -28.92 10.69
CA ASP D 376 24.70 -27.56 10.29
C ASP D 376 23.66 -27.01 9.33
N ALA D 377 23.28 -27.80 8.33
CA ALA D 377 22.26 -27.37 7.39
C ALA D 377 20.91 -27.19 8.07
N LEU D 378 20.61 -28.02 9.07
CA LEU D 378 19.36 -27.85 9.81
C LEU D 378 19.32 -26.51 10.51
N PHE D 379 20.39 -26.16 11.24
CA PHE D 379 20.36 -24.93 12.03
C PHE D 379 20.44 -23.69 11.16
N ASP D 380 21.12 -23.75 10.02
CA ASP D 380 21.23 -22.58 9.16
C ASP D 380 21.67 -23.01 7.76
N ASN D 381 21.04 -22.42 6.75
CA ASN D 381 21.37 -22.68 5.35
C ASN D 381 22.09 -21.47 4.77
N GLY D 382 23.21 -21.72 4.09
CA GLY D 382 24.02 -20.66 3.54
C GLY D 382 25.00 -20.04 4.51
N ARG D 383 24.84 -20.30 5.82
CA ARG D 383 25.81 -19.82 6.79
C ARG D 383 27.17 -20.44 6.58
N ARG D 384 27.25 -21.57 5.87
CA ARG D 384 28.53 -22.20 5.56
C ARG D 384 28.34 -23.10 4.35
N GLY D 385 29.11 -22.86 3.29
CA GLY D 385 29.08 -23.72 2.14
C GLY D 385 27.89 -23.48 1.23
N ARG D 386 27.65 -24.44 0.35
CA ARG D 386 26.59 -24.34 -0.64
C ARG D 386 25.24 -24.68 -0.01
N PRO D 387 24.24 -23.80 -0.09
CA PRO D 387 22.94 -24.13 0.49
C PRO D 387 22.27 -25.27 -0.23
N VAL D 388 21.45 -26.02 0.51
CA VAL D 388 20.71 -27.14 -0.06
C VAL D 388 19.45 -26.61 -0.75
N THR D 389 19.14 -27.18 -1.91
CA THR D 389 18.00 -26.75 -2.71
C THR D 389 17.31 -27.99 -3.28
N GLY D 390 16.02 -28.14 -3.00
CA GLY D 390 15.26 -29.24 -3.55
C GLY D 390 14.55 -28.88 -4.84
N PRO D 391 13.72 -27.83 -4.79
CA PRO D 391 13.03 -27.39 -6.02
C PRO D 391 13.70 -26.18 -6.67
N GLY D 392 13.79 -26.20 -8.00
CA GLY D 392 14.24 -25.06 -8.77
C GLY D 392 15.42 -24.31 -8.17
N ASN D 393 16.34 -25.04 -7.55
CA ASN D 393 17.52 -24.43 -6.93
C ASN D 393 17.13 -23.38 -5.90
N ARG D 394 16.04 -23.64 -5.17
CA ARG D 394 15.55 -22.72 -4.16
C ARG D 394 16.04 -23.15 -2.79
N PRO D 395 16.76 -22.31 -2.05
CA PRO D 395 17.23 -22.74 -0.73
C PRO D 395 16.06 -23.08 0.19
N LEU D 396 16.26 -24.10 1.02
CA LEU D 396 15.28 -24.48 2.03
C LEU D 396 15.35 -23.50 3.20
N LYS D 397 14.19 -23.13 3.71
CA LYS D 397 14.12 -22.23 4.87
C LYS D 397 14.60 -22.97 6.10
N SER D 398 15.81 -22.65 6.56
CA SER D 398 16.41 -23.36 7.67
C SER D 398 15.67 -23.06 8.98
N LEU D 399 16.14 -23.67 10.06
CA LEU D 399 15.49 -23.48 11.36
C LEU D 399 15.68 -22.07 11.87
N SER D 400 16.91 -21.55 11.79
CA SER D 400 17.18 -20.18 12.21
C SER D 400 16.57 -19.15 11.27
N ASP D 401 16.12 -19.57 10.09
CA ASP D 401 15.51 -18.66 9.15
C ASP D 401 14.12 -18.20 9.59
N LEU D 402 13.52 -18.88 10.56
CA LEU D 402 12.25 -18.42 11.12
C LEU D 402 12.41 -17.14 11.93
N LEU D 403 13.64 -16.73 12.23
CA LEU D 403 13.92 -15.58 13.07
C LEU D 403 14.54 -14.41 12.32
N LYS D 404 15.49 -14.67 11.41
CA LYS D 404 16.21 -13.61 10.72
C LYS D 404 15.63 -13.35 9.34
N GLY D 405 15.88 -12.15 8.84
CA GLY D 405 15.39 -11.74 7.54
C GLY D 405 14.04 -11.06 7.60
N LYS D 406 13.62 -10.54 6.45
CA LYS D 406 12.33 -9.86 6.37
C LYS D 406 11.19 -10.78 6.79
N GLN D 407 11.31 -12.08 6.49
CA GLN D 407 10.30 -13.06 6.85
C GLN D 407 10.53 -13.66 8.23
N GLY D 408 11.54 -13.20 8.96
CA GLY D 408 11.79 -13.72 10.28
C GLY D 408 10.72 -13.33 11.27
N ARG D 409 10.66 -14.08 12.38
CA ARG D 409 9.61 -13.86 13.37
C ARG D 409 9.75 -12.49 14.02
N PHE D 410 10.98 -12.06 14.33
CA PHE D 410 11.16 -10.79 15.02
C PHE D 410 10.64 -9.63 14.18
N ARG D 411 11.06 -9.54 12.92
CA ARG D 411 10.62 -8.43 12.08
C ARG D 411 9.14 -8.57 11.72
N GLN D 412 8.64 -9.79 11.58
CA GLN D 412 7.21 -9.96 11.32
C GLN D 412 6.38 -9.44 12.49
N ASN D 413 6.81 -9.75 13.71
CA ASN D 413 6.15 -9.16 14.88
C ASN D 413 6.28 -7.63 14.86
N LEU D 414 7.46 -7.13 14.49
CA LEU D 414 7.65 -5.69 14.38
C LEU D 414 6.73 -5.08 13.32
N LEU D 415 6.22 -5.88 12.40
CA LEU D 415 5.29 -5.40 11.38
C LEU D 415 3.84 -5.39 11.85
N GLY D 416 3.55 -5.92 13.04
CA GLY D 416 2.20 -5.90 13.57
C GLY D 416 1.42 -7.17 13.27
N LYS D 417 0.20 -7.20 13.78
CA LYS D 417 -0.68 -8.36 13.67
C LYS D 417 -1.92 -8.00 12.87
N ARG D 418 -2.86 -8.95 12.82
CA ARG D 418 -4.16 -8.78 12.19
C ARG D 418 -5.23 -9.01 13.24
N VAL D 419 -6.25 -8.14 13.25
CA VAL D 419 -7.19 -8.08 14.37
C VAL D 419 -8.61 -8.32 13.88
N ASP D 420 -9.45 -8.79 14.80
CA ASP D 420 -10.87 -8.97 14.54
C ASP D 420 -11.61 -7.64 14.79
N TYR D 421 -12.92 -7.68 14.62
CA TYR D 421 -13.77 -6.51 14.86
C TYR D 421 -13.19 -5.27 14.17
N SER D 422 -13.03 -5.37 12.85
CA SER D 422 -12.43 -4.29 12.09
C SER D 422 -12.91 -4.34 10.65
N GLY D 423 -12.75 -3.22 9.95
CA GLY D 423 -13.13 -3.12 8.57
C GLY D 423 -12.56 -1.87 7.96
N ARG D 424 -12.82 -1.69 6.67
CA ARG D 424 -12.33 -0.52 5.95
C ARG D 424 -13.31 -0.18 4.83
N SER D 425 -13.24 1.07 4.39
CA SER D 425 -14.10 1.55 3.30
C SER D 425 -13.59 2.91 2.85
N VAL D 426 -14.10 3.34 1.69
CA VAL D 426 -13.77 4.67 1.19
C VAL D 426 -14.41 5.72 2.11
N ILE D 427 -13.78 6.88 2.19
CA ILE D 427 -14.24 7.98 3.03
C ILE D 427 -14.76 9.10 2.13
N VAL D 428 -15.91 9.65 2.51
CA VAL D 428 -16.51 10.78 1.82
C VAL D 428 -16.81 11.87 2.83
N VAL D 429 -16.59 13.12 2.45
CA VAL D 429 -16.79 14.23 3.37
C VAL D 429 -18.25 14.33 3.76
N GLY D 430 -18.52 14.45 5.05
CA GLY D 430 -19.84 14.76 5.54
C GLY D 430 -19.82 16.02 6.38
N PRO D 431 -20.39 17.11 5.88
CA PRO D 431 -20.40 18.36 6.63
C PRO D 431 -21.59 18.53 7.56
N GLN D 432 -22.47 17.53 7.63
CA GLN D 432 -23.62 17.55 8.52
C GLN D 432 -23.30 16.96 9.90
N LEU D 433 -22.11 16.41 10.10
CA LEU D 433 -21.76 15.74 11.33
C LEU D 433 -21.16 16.72 12.32
N LYS D 434 -21.27 16.38 13.61
CA LYS D 434 -20.55 17.10 14.64
C LYS D 434 -19.10 16.61 14.68
N LEU D 435 -18.26 17.35 15.40
CA LEU D 435 -16.84 17.02 15.42
C LEU D 435 -16.57 15.67 16.09
N HIS D 436 -17.51 15.15 16.86
CA HIS D 436 -17.35 13.89 17.58
C HIS D 436 -18.20 12.77 16.99
N GLN D 437 -18.42 12.79 15.68
CA GLN D 437 -19.29 11.82 15.03
C GLN D 437 -18.69 11.35 13.72
N CYS D 438 -19.11 10.17 13.30
CA CYS D 438 -18.76 9.62 12.00
C CYS D 438 -19.92 8.78 11.51
N GLY D 439 -19.99 8.61 10.19
CA GLY D 439 -21.07 7.83 9.60
C GLY D 439 -20.61 6.47 9.13
N LEU D 440 -21.11 5.41 9.77
CA LEU D 440 -20.76 4.05 9.38
C LEU D 440 -21.84 3.48 8.48
N PRO D 441 -21.51 2.88 7.34
CA PRO D 441 -22.55 2.21 6.54
C PRO D 441 -23.21 1.10 7.35
N LYS D 442 -24.51 0.96 7.18
CA LYS D 442 -25.26 0.03 8.03
C LYS D 442 -24.82 -1.41 7.80
N LEU D 443 -24.35 -1.75 6.60
CA LEU D 443 -23.88 -3.10 6.35
C LEU D 443 -22.63 -3.40 7.19
N MET D 444 -21.65 -2.50 7.15
CA MET D 444 -20.44 -2.68 7.94
C MET D 444 -20.77 -2.70 9.43
N ALA D 445 -21.64 -1.79 9.87
CA ALA D 445 -22.00 -1.76 11.28
C ALA D 445 -22.66 -3.06 11.71
N LEU D 446 -23.53 -3.61 10.87
CA LEU D 446 -24.18 -4.88 11.21
C LEU D 446 -23.15 -6.01 11.28
N GLU D 447 -22.24 -6.08 10.30
CA GLU D 447 -21.28 -7.17 10.31
C GLU D 447 -20.23 -7.01 11.40
N LEU D 448 -20.04 -5.80 11.92
CA LEU D 448 -19.01 -5.53 12.92
C LEU D 448 -19.53 -5.53 14.34
N PHE D 449 -20.82 -5.22 14.54
CA PHE D 449 -21.45 -5.23 15.86
C PHE D 449 -22.28 -6.48 16.10
N LYS D 450 -22.08 -7.53 15.29
CA LYS D 450 -23.00 -8.67 15.30
C LYS D 450 -23.21 -9.28 16.67
N PRO D 451 -22.18 -9.58 17.48
CA PRO D 451 -22.46 -10.24 18.77
C PRO D 451 -23.33 -9.42 19.71
N PHE D 452 -23.07 -8.11 19.82
CA PHE D 452 -23.92 -7.27 20.65
C PHE D 452 -25.35 -7.27 20.14
N VAL D 453 -25.51 -7.15 18.81
CA VAL D 453 -26.82 -7.12 18.20
C VAL D 453 -27.57 -8.43 18.50
N MET D 454 -26.87 -9.56 18.40
CA MET D 454 -27.52 -10.84 18.59
C MET D 454 -27.91 -11.04 20.06
N LYS D 455 -27.07 -10.60 20.99
CA LYS D 455 -27.45 -10.67 22.39
C LYS D 455 -28.70 -9.85 22.66
N ARG D 456 -28.74 -8.61 22.14
CA ARG D 456 -29.93 -7.78 22.37
C ARG D 456 -31.14 -8.35 21.64
N LEU D 457 -30.93 -9.00 20.50
CA LEU D 457 -32.03 -9.58 19.73
C LEU D 457 -32.68 -10.71 20.50
N VAL D 458 -31.85 -11.60 21.08
CA VAL D 458 -32.41 -12.65 21.93
C VAL D 458 -33.03 -12.05 23.19
N ASP D 459 -32.45 -10.97 23.71
CA ASP D 459 -32.99 -10.35 24.91
C ASP D 459 -34.39 -9.80 24.67
N LEU D 460 -34.63 -9.19 23.51
CA LEU D 460 -35.93 -8.64 23.18
C LEU D 460 -36.93 -9.71 22.75
N ASN D 461 -36.51 -10.97 22.64
CA ASN D 461 -37.35 -12.12 22.33
C ASN D 461 -37.65 -12.22 20.84
N HIS D 462 -37.00 -11.42 20.00
CA HIS D 462 -37.20 -11.57 18.55
C HIS D 462 -36.73 -12.94 18.08
N ALA D 463 -35.62 -13.44 18.63
CA ALA D 463 -35.10 -14.76 18.33
C ALA D 463 -35.09 -15.61 19.60
N GLN D 464 -35.33 -16.90 19.43
CA GLN D 464 -35.44 -17.79 20.58
C GLN D 464 -34.08 -18.13 21.19
N ASN D 465 -33.05 -18.26 20.36
CA ASN D 465 -31.75 -18.72 20.83
C ASN D 465 -30.66 -18.08 19.97
N ILE D 466 -29.41 -18.27 20.41
CA ILE D 466 -28.29 -17.64 19.73
C ILE D 466 -28.17 -18.14 18.29
N LYS D 467 -28.45 -19.42 18.06
CA LYS D 467 -28.38 -19.96 16.71
C LYS D 467 -29.39 -19.26 15.80
N SER D 468 -30.63 -19.11 16.29
CA SER D 468 -31.65 -18.45 15.49
C SER D 468 -31.31 -16.98 15.27
N ALA D 469 -30.75 -16.31 16.30
CA ALA D 469 -30.35 -14.92 16.13
C ALA D 469 -29.24 -14.78 15.09
N LYS D 470 -28.27 -15.70 15.11
CA LYS D 470 -27.21 -15.66 14.12
C LYS D 470 -27.77 -15.87 12.72
N ARG D 471 -28.69 -16.82 12.56
CA ARG D 471 -29.32 -17.02 11.26
C ARG D 471 -30.09 -15.78 10.82
N MET D 472 -30.78 -15.14 11.76
CA MET D 472 -31.54 -13.93 11.43
C MET D 472 -30.61 -12.81 10.97
N VAL D 473 -29.47 -12.64 11.65
CA VAL D 473 -28.52 -11.61 11.24
C VAL D 473 -27.93 -11.95 9.88
N GLU D 474 -27.64 -13.23 9.64
CA GLU D 474 -27.12 -13.63 8.33
C GLU D 474 -28.11 -13.30 7.22
N ARG D 475 -29.39 -13.60 7.43
CA ARG D 475 -30.41 -13.28 6.44
C ARG D 475 -30.79 -11.80 6.45
N GLN D 476 -30.41 -11.05 7.48
CA GLN D 476 -30.68 -9.61 7.56
C GLN D 476 -32.18 -9.33 7.45
N ARG D 477 -32.93 -9.90 8.40
CA ARG D 477 -34.35 -9.64 8.46
C ARG D 477 -34.60 -8.20 8.90
N PRO D 478 -35.77 -7.64 8.58
CA PRO D 478 -36.04 -6.24 8.91
C PRO D 478 -36.02 -5.94 10.40
N GLN D 479 -36.17 -6.97 11.25
CA GLN D 479 -36.15 -6.75 12.70
C GLN D 479 -34.78 -6.32 13.20
N VAL D 480 -33.73 -6.51 12.41
CA VAL D 480 -32.37 -6.33 12.91
C VAL D 480 -31.97 -4.86 13.00
N TRP D 481 -32.54 -4.01 12.14
CA TRP D 481 -32.04 -2.64 12.03
C TRP D 481 -32.37 -1.82 13.28
N ASP D 482 -33.56 -2.02 13.85
CA ASP D 482 -33.91 -1.31 15.07
C ASP D 482 -32.93 -1.65 16.19
N VAL D 483 -32.65 -2.94 16.37
CA VAL D 483 -31.71 -3.36 17.41
C VAL D 483 -30.31 -2.82 17.12
N LEU D 484 -29.90 -2.83 15.85
CA LEU D 484 -28.57 -2.33 15.51
C LEU D 484 -28.45 -0.85 15.83
N GLU D 485 -29.47 -0.07 15.53
CA GLU D 485 -29.44 1.35 15.89
C GLU D 485 -29.49 1.53 17.40
N GLU D 486 -30.15 0.61 18.11
CA GLU D 486 -30.26 0.71 19.56
C GLU D 486 -28.97 0.32 20.28
N VAL D 487 -28.13 -0.52 19.66
CA VAL D 487 -26.97 -1.09 20.36
C VAL D 487 -25.71 -0.26 20.22
N ILE D 488 -25.69 0.73 19.34
CA ILE D 488 -24.50 1.54 19.11
C ILE D 488 -24.76 2.98 19.53
N ALA D 489 -25.61 3.15 20.55
CA ALA D 489 -26.01 4.49 20.94
C ALA D 489 -24.81 5.35 21.32
N GLU D 490 -23.93 4.83 22.16
CA GLU D 490 -22.77 5.57 22.65
C GLU D 490 -21.55 4.68 22.68
N HIS D 491 -21.34 3.91 21.61
CA HIS D 491 -20.21 2.97 21.54
C HIS D 491 -19.16 3.53 20.59
N PRO D 492 -18.10 4.16 21.07
CA PRO D 492 -17.13 4.78 20.16
C PRO D 492 -16.36 3.74 19.36
N VAL D 493 -15.93 4.16 18.17
CA VAL D 493 -15.12 3.33 17.29
C VAL D 493 -13.88 4.13 16.90
N LEU D 494 -12.78 3.41 16.67
CA LEU D 494 -11.52 4.03 16.30
C LEU D 494 -11.35 4.02 14.79
N LEU D 495 -11.05 5.17 14.22
CA LEU D 495 -10.80 5.32 12.79
C LEU D 495 -9.32 5.56 12.58
N ASN D 496 -8.73 4.81 11.65
CA ASN D 496 -7.29 4.85 11.41
C ASN D 496 -7.04 4.96 9.91
N ARG D 497 -6.19 5.91 9.53
CA ARG D 497 -5.86 6.17 8.12
C ARG D 497 -4.38 5.89 7.93
N ALA D 498 -4.06 4.74 7.35
CA ALA D 498 -2.67 4.38 7.14
C ALA D 498 -2.08 5.23 6.01
N PRO D 499 -0.80 5.62 6.09
CA PRO D 499 0.15 5.33 7.17
C PRO D 499 0.00 6.28 8.34
N THR D 500 -0.47 5.82 9.49
CA THR D 500 -0.55 6.67 10.66
C THR D 500 0.81 7.27 10.96
N LEU D 501 0.91 8.60 10.84
CA LEU D 501 2.20 9.26 10.86
C LEU D 501 2.48 10.00 12.17
N HIS D 502 1.46 10.38 12.92
CA HIS D 502 1.66 10.99 14.23
C HIS D 502 0.54 10.53 15.16
N ARG D 503 0.52 11.09 16.36
CA ARG D 503 -0.39 10.62 17.39
C ARG D 503 -1.85 10.76 16.96
N LEU D 504 -2.18 11.86 16.30
CA LEU D 504 -3.55 12.13 15.86
C LEU D 504 -3.96 11.30 14.65
N GLY D 505 -3.16 10.32 14.24
CA GLY D 505 -3.56 9.45 13.15
C GLY D 505 -4.64 8.46 13.52
N ILE D 506 -4.93 8.29 14.80
CA ILE D 506 -6.02 7.45 15.28
C ILE D 506 -6.92 8.32 16.15
N GLN D 507 -8.20 8.37 15.79
CA GLN D 507 -9.20 9.13 16.52
C GLN D 507 -10.33 8.20 16.92
N ALA D 508 -11.20 8.68 17.81
CA ALA D 508 -12.36 7.93 18.27
C ALA D 508 -13.61 8.77 18.03
N PHE D 509 -14.53 8.24 17.23
CA PHE D 509 -15.76 8.94 16.88
C PHE D 509 -16.97 8.13 17.34
N GLU D 510 -18.06 8.84 17.60
CA GLU D 510 -19.33 8.18 17.92
C GLU D 510 -19.99 7.73 16.61
N PRO D 511 -20.19 6.43 16.42
CA PRO D 511 -20.72 5.97 15.12
C PRO D 511 -22.18 6.38 14.93
N MET D 512 -22.55 6.57 13.66
CA MET D 512 -23.93 6.83 13.28
C MET D 512 -24.23 6.04 12.02
N LEU D 513 -25.38 5.36 11.99
CA LEU D 513 -25.77 4.60 10.83
C LEU D 513 -26.09 5.53 9.66
N VAL D 514 -25.63 5.15 8.47
CA VAL D 514 -25.88 5.93 7.27
C VAL D 514 -25.99 4.95 6.10
N GLU D 515 -26.77 5.34 5.09
CA GLU D 515 -26.89 4.52 3.88
C GLU D 515 -25.59 4.59 3.08
N GLY D 516 -25.59 3.91 1.94
CA GLY D 516 -24.39 3.86 1.12
C GLY D 516 -23.36 2.91 1.68
N LYS D 517 -22.14 3.01 1.14
CA LYS D 517 -21.05 2.13 1.54
C LYS D 517 -19.76 2.90 1.73
N ALA D 518 -19.85 4.16 2.15
CA ALA D 518 -18.69 4.99 2.40
C ALA D 518 -18.76 5.57 3.80
N ILE D 519 -17.62 5.64 4.48
CA ILE D 519 -17.55 6.18 5.82
C ILE D 519 -17.54 7.70 5.72
N GLN D 520 -18.57 8.34 6.29
CA GLN D 520 -18.64 9.80 6.28
C GLN D 520 -17.71 10.35 7.34
N LEU D 521 -16.78 11.21 6.93
CA LEU D 521 -15.77 11.77 7.82
C LEU D 521 -15.98 13.27 7.94
N HIS D 522 -15.67 13.80 9.12
CA HIS D 522 -15.88 15.23 9.36
C HIS D 522 -14.86 16.04 8.57
N PRO D 523 -15.23 17.20 8.04
CA PRO D 523 -14.27 17.99 7.26
C PRO D 523 -13.05 18.43 8.05
N LEU D 524 -13.19 18.69 9.35
CA LEU D 524 -12.11 19.29 10.11
C LEU D 524 -11.01 18.29 10.46
N VAL D 525 -11.36 17.01 10.65
CA VAL D 525 -10.35 16.01 11.05
C VAL D 525 -9.51 15.53 9.89
N CYS D 526 -9.80 15.96 8.66
CA CYS D 526 -8.99 15.55 7.52
C CYS D 526 -7.59 16.14 7.61
N GLU D 527 -7.44 17.31 8.25
CA GLU D 527 -6.12 17.87 8.46
C GLU D 527 -5.27 16.96 9.34
N ALA D 528 -5.86 16.42 10.41
CA ALA D 528 -5.14 15.50 11.27
C ALA D 528 -4.86 14.18 10.55
N PHE D 529 -5.89 13.62 9.90
CA PHE D 529 -5.70 12.37 9.17
C PHE D 529 -4.90 12.55 7.90
N ASN D 530 -4.74 13.79 7.42
CA ASN D 530 -4.07 14.05 6.15
C ASN D 530 -4.75 13.28 5.02
N ALA D 531 -6.08 13.31 5.00
CA ALA D 531 -6.88 12.53 4.08
C ALA D 531 -7.56 13.44 3.07
N ASP D 532 -7.42 13.10 1.79
CA ASP D 532 -8.12 13.77 0.70
C ASP D 532 -9.14 12.80 0.12
N PHE D 533 -10.36 13.28 -0.07
CA PHE D 533 -11.46 12.43 -0.53
C PHE D 533 -11.38 12.23 -2.04
N ASP D 534 -10.38 11.45 -2.44
CA ASP D 534 -10.14 11.12 -3.84
C ASP D 534 -9.89 9.63 -4.01
N GLY D 535 -10.51 8.81 -3.17
CA GLY D 535 -10.33 7.37 -3.20
C GLY D 535 -9.58 6.81 -2.02
N ASP D 536 -9.20 7.64 -1.05
CA ASP D 536 -8.48 7.15 0.11
C ASP D 536 -9.41 6.30 0.99
N GLN D 537 -8.82 5.36 1.71
CA GLN D 537 -9.54 4.48 2.62
C GLN D 537 -8.93 4.57 4.01
N MET D 538 -9.73 4.27 5.02
CA MET D 538 -9.26 4.22 6.39
C MET D 538 -9.98 3.10 7.14
N ALA D 539 -9.23 2.37 7.95
CA ALA D 539 -9.78 1.24 8.69
C ALA D 539 -10.49 1.71 9.94
N VAL D 540 -11.50 0.94 10.35
CA VAL D 540 -12.28 1.22 11.55
C VAL D 540 -12.19 0.00 12.47
N HIS D 541 -11.82 0.23 13.72
CA HIS D 541 -11.75 -0.81 14.74
C HIS D 541 -12.87 -0.59 15.75
N LEU D 542 -12.88 -1.43 16.79
CA LEU D 542 -13.94 -1.38 17.78
C LEU D 542 -13.45 -1.84 19.14
N PRO D 543 -13.37 -0.96 20.14
CA PRO D 543 -12.99 -1.40 21.49
C PRO D 543 -14.16 -2.07 22.20
N LEU D 544 -13.89 -3.21 22.85
CA LEU D 544 -14.93 -4.04 23.42
C LEU D 544 -15.07 -3.85 24.93
N SER D 545 -14.00 -4.08 25.69
CA SER D 545 -14.11 -4.06 27.13
C SER D 545 -14.41 -2.65 27.64
N ALA D 546 -14.87 -2.58 28.89
CA ALA D 546 -15.21 -1.28 29.47
C ALA D 546 -13.99 -0.38 29.56
N GLU D 547 -12.84 -0.95 29.91
CA GLU D 547 -11.63 -0.15 30.01
C GLU D 547 -11.23 0.42 28.65
N ALA D 548 -11.31 -0.40 27.60
CA ALA D 548 -10.99 0.09 26.26
C ALA D 548 -11.96 1.16 25.81
N GLN D 549 -13.25 0.97 26.10
CA GLN D 549 -14.24 1.99 25.75
C GLN D 549 -13.96 3.30 26.47
N ALA D 550 -13.63 3.23 27.76
CA ALA D 550 -13.33 4.45 28.50
C ALA D 550 -12.07 5.12 27.94
N GLU D 551 -11.06 4.32 27.57
CA GLU D 551 -9.86 4.88 26.98
C GLU D 551 -10.16 5.59 25.66
N ALA D 552 -11.00 4.98 24.82
CA ALA D 552 -11.33 5.58 23.54
C ALA D 552 -12.31 6.74 23.66
N ARG D 553 -13.01 6.86 24.79
CA ARG D 553 -13.98 7.93 24.98
C ARG D 553 -13.42 9.11 25.76
N ILE D 554 -12.37 8.91 26.56
CA ILE D 554 -11.77 9.97 27.35
C ILE D 554 -10.52 10.53 26.69
N LEU D 555 -9.63 9.65 26.24
CA LEU D 555 -8.34 10.06 25.71
C LEU D 555 -8.38 10.33 24.21
N MET D 556 -8.92 9.40 23.44
CA MET D 556 -8.80 9.42 21.98
C MET D 556 -9.97 10.09 21.29
N LEU D 557 -10.93 10.64 22.03
CA LEU D 557 -12.07 11.29 21.38
C LEU D 557 -11.60 12.46 20.54
N SER D 558 -12.22 12.63 19.37
CA SER D 558 -11.78 13.65 18.43
C SER D 558 -12.05 15.07 18.95
N SER D 559 -12.97 15.24 19.88
CA SER D 559 -13.25 16.57 20.42
C SER D 559 -12.16 17.04 21.37
N ASN D 560 -11.33 16.14 21.87
CA ASN D 560 -10.27 16.48 22.82
C ASN D 560 -8.91 16.66 22.16
N ASN D 561 -8.86 16.66 20.82
CA ASN D 561 -7.61 16.71 20.07
C ASN D 561 -7.62 17.88 19.10
N ILE D 562 -8.05 19.04 19.57
CA ILE D 562 -8.09 20.22 18.70
C ILE D 562 -6.68 20.74 18.43
N LEU D 563 -5.77 20.61 19.37
CA LEU D 563 -4.43 21.18 19.29
C LEU D 563 -3.41 20.09 18.97
N SER D 564 -2.46 20.41 18.09
CA SER D 564 -1.47 19.44 17.67
C SER D 564 -0.44 19.21 18.78
N PRO D 565 0.00 17.97 19.00
CA PRO D 565 1.01 17.73 20.04
C PRO D 565 2.35 18.36 19.75
N ALA D 566 2.74 18.49 18.47
CA ALA D 566 4.08 18.94 18.15
C ALA D 566 4.31 20.38 18.56
N SER D 567 3.40 21.28 18.17
CA SER D 567 3.60 22.71 18.36
C SER D 567 2.49 23.38 19.17
N GLY D 568 1.44 22.65 19.55
CA GLY D 568 0.34 23.26 20.25
C GLY D 568 -0.37 24.31 19.43
N ARG D 569 -0.47 24.12 18.11
CA ARG D 569 -1.19 24.99 17.22
C ARG D 569 -2.43 24.28 16.70
N PRO D 570 -3.57 24.97 16.58
CA PRO D 570 -4.82 24.28 16.27
C PRO D 570 -4.71 23.51 14.95
N LEU D 571 -5.06 22.23 15.00
CA LEU D 571 -5.05 21.37 13.84
C LEU D 571 -6.44 21.11 13.27
N ALA D 572 -7.47 21.17 14.11
CA ALA D 572 -8.87 21.04 13.66
C ALA D 572 -9.48 22.43 13.63
N MET D 573 -9.18 23.16 12.57
CA MET D 573 -9.66 24.52 12.38
C MET D 573 -10.11 24.68 10.93
N PRO D 574 -10.93 25.69 10.63
CA PRO D 574 -11.29 25.96 9.23
C PRO D 574 -10.05 26.02 8.35
N ARG D 575 -10.04 25.21 7.29
CA ARG D 575 -8.80 24.89 6.59
C ARG D 575 -8.74 25.44 5.16
N LEU D 576 -9.63 25.00 4.26
CA LEU D 576 -9.47 25.31 2.85
C LEU D 576 -10.66 26.04 2.25
N ASP D 577 -11.87 25.48 2.34
CA ASP D 577 -13.05 26.13 1.80
C ASP D 577 -13.77 26.97 2.85
N MET D 578 -13.67 26.57 4.12
CA MET D 578 -14.19 27.40 5.20
C MET D 578 -13.45 28.72 5.29
N VAL D 579 -12.14 28.70 5.07
CA VAL D 579 -11.34 29.91 5.18
C VAL D 579 -11.79 30.93 4.13
N THR D 580 -12.02 30.49 2.90
CA THR D 580 -12.46 31.41 1.86
C THR D 580 -13.81 32.02 2.21
N GLY D 581 -14.74 31.20 2.70
CA GLY D 581 -16.05 31.72 3.05
C GLY D 581 -16.00 32.74 4.17
N LEU D 582 -15.25 32.44 5.22
CA LEU D 582 -15.14 33.38 6.33
C LEU D 582 -14.39 34.64 5.93
N TYR D 583 -13.37 34.51 5.09
CA TYR D 583 -12.64 35.68 4.60
C TYR D 583 -13.55 36.58 3.77
N TYR D 584 -14.37 35.98 2.90
CA TYR D 584 -15.33 36.79 2.15
C TYR D 584 -16.34 37.45 3.08
N LEU D 585 -16.84 36.71 4.08
CA LEU D 585 -17.85 37.25 4.97
C LEU D 585 -17.33 38.46 5.74
N THR D 586 -16.12 38.34 6.29
CA THR D 586 -15.57 39.38 7.17
C THR D 586 -14.82 40.47 6.42
N THR D 587 -14.69 40.36 5.10
CA THR D 587 -14.06 41.42 4.33
C THR D 587 -14.93 42.67 4.33
N GLU D 588 -14.30 43.83 4.17
CA GLU D 588 -14.99 45.10 4.01
C GLU D 588 -14.62 45.68 2.64
N VAL D 589 -15.63 46.02 1.86
CA VAL D 589 -15.46 46.63 0.55
C VAL D 589 -15.99 48.06 0.62
N PRO D 590 -15.27 49.06 0.13
CA PRO D 590 -15.76 50.44 0.25
C PRO D 590 -16.71 50.80 -0.88
N GLY D 591 -17.59 51.75 -0.60
CA GLY D 591 -18.56 52.19 -1.58
C GLY D 591 -19.54 51.11 -1.99
N ASP D 592 -20.03 50.34 -1.02
CA ASP D 592 -20.98 49.28 -1.31
C ASP D 592 -22.40 49.82 -1.20
N THR D 593 -23.39 48.93 -1.21
CA THR D 593 -24.79 49.33 -1.11
C THR D 593 -25.20 49.40 0.36
N GLY D 594 -25.79 50.55 0.74
CA GLY D 594 -26.26 50.72 2.09
C GLY D 594 -25.19 51.06 3.12
N GLU D 595 -23.99 51.43 2.68
CA GLU D 595 -22.93 51.76 3.62
C GLU D 595 -23.27 53.03 4.38
N TYR D 596 -22.65 53.17 5.55
CA TYR D 596 -22.89 54.35 6.37
C TYR D 596 -22.45 55.62 5.63
N GLN D 597 -23.30 56.63 5.66
CA GLN D 597 -23.01 57.93 5.08
C GLN D 597 -23.26 59.01 6.12
N PRO D 598 -22.49 60.08 6.12
CA PRO D 598 -22.67 61.13 7.13
C PRO D 598 -23.80 62.07 6.77
N ALA D 599 -24.23 62.85 7.75
CA ALA D 599 -25.31 63.80 7.54
C ALA D 599 -24.90 64.82 6.49
N SER D 600 -25.81 65.10 5.56
CA SER D 600 -25.56 66.03 4.45
C SER D 600 -26.71 67.04 4.42
N GLY D 601 -26.48 68.21 5.00
CA GLY D 601 -27.46 69.26 5.01
C GLY D 601 -28.80 68.82 5.59
N ASP D 602 -29.82 68.75 4.75
CA ASP D 602 -31.15 68.35 5.19
C ASP D 602 -31.32 66.84 5.26
N HIS D 603 -30.38 66.06 4.72
CA HIS D 603 -30.51 64.62 4.70
C HIS D 603 -29.77 64.02 5.89
N PRO D 604 -30.43 63.33 6.80
CA PRO D 604 -29.72 62.73 7.94
C PRO D 604 -28.87 61.55 7.51
N GLU D 605 -27.92 61.19 8.37
CA GLU D 605 -27.04 60.07 8.08
C GLU D 605 -27.85 58.79 7.92
N THR D 606 -27.43 57.97 6.96
CA THR D 606 -28.05 56.68 6.71
C THR D 606 -27.02 55.58 6.94
N GLY D 607 -27.51 54.40 7.33
CA GLY D 607 -26.65 53.28 7.67
C GLY D 607 -26.55 52.98 9.14
N VAL D 608 -27.36 53.62 9.98
CA VAL D 608 -27.38 53.35 11.42
C VAL D 608 -28.56 52.44 11.70
N TYR D 609 -28.28 51.25 12.23
CA TYR D 609 -29.30 50.24 12.49
C TYR D 609 -29.39 50.00 14.00
N SER D 610 -30.62 49.81 14.47
CA SER D 610 -30.88 49.71 15.90
C SER D 610 -30.59 48.33 16.48
N SER D 611 -30.27 47.35 15.66
CA SER D 611 -30.00 46.01 16.14
C SER D 611 -29.49 45.16 14.97
N PRO D 612 -28.78 44.07 15.25
CA PRO D 612 -28.41 43.16 14.17
C PRO D 612 -29.60 42.57 13.44
N ALA D 613 -30.73 42.38 14.12
CA ALA D 613 -31.91 41.86 13.46
C ALA D 613 -32.39 42.79 12.36
N GLU D 614 -32.40 44.10 12.63
CA GLU D 614 -32.80 45.06 11.60
C GLU D 614 -31.83 45.03 10.42
N ALA D 615 -30.53 44.89 10.70
CA ALA D 615 -29.56 44.81 9.63
C ALA D 615 -29.79 43.57 8.76
N ILE D 616 -30.07 42.43 9.39
CA ILE D 616 -30.36 41.22 8.63
C ILE D 616 -31.62 41.40 7.80
N MET D 617 -32.63 42.05 8.37
CA MET D 617 -33.87 42.30 7.63
C MET D 617 -33.60 43.17 6.40
N ALA D 618 -32.81 44.23 6.57
CA ALA D 618 -32.48 45.09 5.44
C ALA D 618 -31.69 44.33 4.39
N ALA D 619 -30.74 43.49 4.82
CA ALA D 619 -29.98 42.69 3.87
C ALA D 619 -30.89 41.74 3.09
N ASP D 620 -31.85 41.12 3.79
CA ASP D 620 -32.80 40.23 3.11
C ASP D 620 -33.62 41.01 2.09
N ARG D 621 -34.07 42.21 2.43
CA ARG D 621 -34.84 43.00 1.47
C ARG D 621 -34.01 43.33 0.24
N GLY D 622 -32.73 43.65 0.44
CA GLY D 622 -31.81 43.87 -0.68
C GLY D 622 -31.27 45.28 -0.74
N VAL D 623 -31.34 46.00 0.36
CA VAL D 623 -30.87 47.38 0.43
C VAL D 623 -29.63 47.49 1.32
N LEU D 624 -28.90 46.40 1.51
CA LEU D 624 -27.71 46.42 2.36
C LEU D 624 -26.82 45.25 1.97
N SER D 625 -25.58 45.53 1.58
CA SER D 625 -24.62 44.48 1.33
C SER D 625 -24.11 43.91 2.65
N VAL D 626 -23.85 42.61 2.64
CA VAL D 626 -23.39 41.94 3.86
C VAL D 626 -22.11 42.58 4.38
N ARG D 627 -21.21 42.94 3.47
CA ARG D 627 -19.92 43.52 3.82
C ARG D 627 -19.91 44.98 3.37
N ALA D 628 -20.40 45.85 4.26
CA ALA D 628 -20.37 47.28 4.03
C ALA D 628 -20.21 47.98 5.37
N LYS D 629 -19.72 49.20 5.35
CA LYS D 629 -19.48 49.93 6.59
C LYS D 629 -20.82 50.37 7.18
N ILE D 630 -21.10 49.90 8.40
CA ILE D 630 -22.37 50.13 9.07
C ILE D 630 -22.08 50.60 10.49
N LYS D 631 -23.09 51.21 11.11
CA LYS D 631 -23.05 51.59 12.52
C LYS D 631 -24.24 50.93 13.21
N VAL D 632 -24.04 49.69 13.66
CA VAL D 632 -25.08 48.95 14.35
C VAL D 632 -24.97 49.19 15.84
N ARG D 633 -26.04 48.86 16.56
CA ARG D 633 -26.07 48.93 18.02
C ARG D 633 -26.11 47.50 18.56
N LEU D 634 -25.00 47.04 19.10
CA LEU D 634 -24.87 45.68 19.61
C LEU D 634 -25.18 45.64 21.10
N THR D 635 -25.81 44.55 21.53
CA THR D 635 -26.24 44.43 22.91
C THR D 635 -25.78 43.11 23.53
N GLN D 636 -25.64 42.06 22.71
CA GLN D 636 -25.23 40.74 23.18
C GLN D 636 -23.85 40.38 22.64
N LEU D 637 -22.95 41.36 22.55
CA LEU D 637 -21.57 41.12 22.13
C LEU D 637 -20.67 42.05 22.92
N ARG D 638 -19.69 41.47 23.61
CA ARG D 638 -18.84 42.28 24.49
C ARG D 638 -17.96 43.20 23.66
N PRO D 639 -17.86 44.48 24.01
CA PRO D 639 -17.05 45.39 23.22
C PRO D 639 -15.58 45.09 23.37
N PRO D 640 -14.73 45.56 22.46
CA PRO D 640 -13.29 45.38 22.63
C PRO D 640 -12.79 46.10 23.87
N VAL D 641 -11.63 45.68 24.35
CA VAL D 641 -11.10 46.20 25.62
C VAL D 641 -11.00 47.72 25.56
N GLU D 642 -10.54 48.25 24.43
CA GLU D 642 -10.39 49.70 24.30
C GLU D 642 -11.73 50.41 24.53
N ILE D 643 -12.78 49.96 23.82
CA ILE D 643 -14.09 50.57 23.99
C ILE D 643 -14.68 50.22 25.34
N GLU D 644 -14.43 49.00 25.84
CA GLU D 644 -15.02 48.58 27.11
C GLU D 644 -14.52 49.45 28.25
N ALA D 645 -13.22 49.78 28.26
CA ALA D 645 -12.68 50.59 29.34
C ALA D 645 -13.18 52.03 29.29
N GLU D 646 -13.73 52.47 28.16
CA GLU D 646 -14.14 53.86 27.98
C GLU D 646 -15.64 54.04 28.18
N LEU D 647 -16.46 53.33 27.40
CA LEU D 647 -17.91 53.53 27.48
C LEU D 647 -18.45 53.13 28.85
N PHE D 648 -18.01 51.99 29.38
CA PHE D 648 -18.47 51.49 30.65
C PHE D 648 -17.52 51.82 31.80
N GLY D 649 -16.43 52.52 31.52
CA GLY D 649 -15.46 52.82 32.57
C GLY D 649 -14.85 51.58 33.18
N HIS D 650 -14.70 50.51 32.40
CA HIS D 650 -14.18 49.23 32.87
C HIS D 650 -15.01 48.67 34.03
N SER D 651 -16.23 49.18 34.23
CA SER D 651 -17.10 48.64 35.26
C SER D 651 -17.50 47.21 34.97
N GLY D 652 -17.47 46.80 33.69
CA GLY D 652 -17.84 45.46 33.31
C GLY D 652 -19.09 45.43 32.44
N TRP D 653 -18.94 44.96 31.21
CA TRP D 653 -20.08 44.82 30.32
C TRP D 653 -20.86 43.55 30.66
N GLN D 654 -22.18 43.66 30.64
CA GLN D 654 -23.07 42.53 30.81
C GLN D 654 -24.07 42.52 29.67
N PRO D 655 -24.62 41.35 29.33
CA PRO D 655 -25.64 41.32 28.27
C PRO D 655 -26.78 42.26 28.59
N GLY D 656 -27.23 43.00 27.58
CA GLY D 656 -28.23 44.02 27.74
C GLY D 656 -27.69 45.44 27.73
N ASP D 657 -26.37 45.62 27.84
CA ASP D 657 -25.76 46.94 27.79
C ASP D 657 -25.40 47.26 26.34
N ALA D 658 -26.07 48.25 25.77
CA ALA D 658 -25.92 48.56 24.36
C ALA D 658 -24.76 49.52 24.14
N TRP D 659 -23.98 49.25 23.10
CA TRP D 659 -22.86 50.09 22.71
C TRP D 659 -22.83 50.21 21.19
N MET D 660 -22.57 51.41 20.70
CA MET D 660 -22.55 51.66 19.26
C MET D 660 -21.27 51.08 18.66
N ALA D 661 -21.42 50.34 17.57
CA ALA D 661 -20.30 49.72 16.89
C ALA D 661 -20.26 50.20 15.44
N GLU D 662 -19.05 50.37 14.92
CA GLU D 662 -18.84 50.74 13.52
C GLU D 662 -18.11 49.58 12.85
N THR D 663 -18.83 48.81 12.06
CA THR D 663 -18.31 47.58 11.46
C THR D 663 -19.21 47.21 10.29
N THR D 664 -19.02 46.00 9.78
CA THR D 664 -19.83 45.45 8.70
C THR D 664 -20.69 44.32 9.25
N LEU D 665 -21.87 44.15 8.65
CA LEU D 665 -22.78 43.11 9.13
C LEU D 665 -22.13 41.73 9.10
N GLY D 666 -21.17 41.53 8.19
CA GLY D 666 -20.49 40.25 8.15
C GLY D 666 -19.71 39.97 9.42
N ARG D 667 -19.02 40.98 9.94
CA ARG D 667 -18.28 40.80 11.18
C ARG D 667 -19.21 40.52 12.35
N VAL D 668 -20.35 41.22 12.40
CA VAL D 668 -21.33 40.97 13.46
C VAL D 668 -21.84 39.54 13.38
N MET D 669 -22.16 39.07 12.19
CA MET D 669 -22.60 37.68 12.03
C MET D 669 -21.50 36.71 12.42
N PHE D 670 -20.24 37.04 12.14
CA PHE D 670 -19.13 36.17 12.50
C PHE D 670 -18.99 36.05 14.01
N ASN D 671 -19.02 37.20 14.71
CA ASN D 671 -18.81 37.18 16.15
C ASN D 671 -19.93 36.47 16.90
N GLU D 672 -21.13 36.41 16.32
CA GLU D 672 -22.20 35.64 16.94
C GLU D 672 -21.79 34.19 17.14
N LEU D 673 -20.87 33.69 16.31
CA LEU D 673 -20.42 32.31 16.42
C LEU D 673 -19.46 32.12 17.58
N LEU D 674 -18.63 33.12 17.87
CA LEU D 674 -17.69 33.00 18.97
C LEU D 674 -18.43 32.98 20.31
N PRO D 675 -17.85 32.37 21.33
CA PRO D 675 -18.58 32.23 22.60
C PRO D 675 -18.85 33.56 23.27
N LEU D 676 -19.98 33.64 23.95
CA LEU D 676 -20.36 34.88 24.61
C LEU D 676 -19.30 35.26 25.65
N GLY D 677 -19.03 36.56 25.73
CA GLY D 677 -17.98 37.07 26.59
C GLY D 677 -16.65 37.25 25.90
N TYR D 678 -16.47 36.68 24.72
CA TYR D 678 -15.24 36.90 23.96
C TYR D 678 -15.27 38.29 23.33
N PRO D 679 -14.26 39.12 23.53
CA PRO D 679 -14.33 40.50 23.05
C PRO D 679 -14.53 40.57 21.55
N PHE D 680 -15.29 41.59 21.12
CA PHE D 680 -15.60 41.75 19.71
C PHE D 680 -14.32 41.84 18.89
N VAL D 681 -14.22 41.00 17.87
CA VAL D 681 -13.10 40.99 16.94
C VAL D 681 -13.55 41.69 15.66
N ASN D 682 -12.85 42.75 15.29
CA ASN D 682 -13.28 43.61 14.19
C ASN D 682 -12.23 43.66 13.08
N LYS D 683 -11.72 42.49 12.69
CA LYS D 683 -10.67 42.40 11.68
C LYS D 683 -11.03 41.35 10.64
N GLN D 684 -10.50 41.54 9.43
CA GLN D 684 -10.67 40.56 8.38
C GLN D 684 -10.02 39.23 8.80
N MET D 685 -10.69 38.13 8.47
CA MET D 685 -10.30 36.82 8.98
C MET D 685 -9.42 36.09 7.98
N HIS D 686 -8.22 36.63 7.80
CA HIS D 686 -7.16 35.85 7.17
C HIS D 686 -6.92 34.59 8.00
N LYS D 687 -6.29 33.60 7.37
CA LYS D 687 -6.11 32.31 8.06
C LYS D 687 -5.34 32.49 9.36
N LYS D 688 -4.35 33.38 9.37
CA LYS D 688 -3.58 33.61 10.59
C LYS D 688 -4.46 34.17 11.69
N VAL D 689 -5.36 35.09 11.36
CA VAL D 689 -6.25 35.65 12.37
C VAL D 689 -7.15 34.57 12.94
N GLN D 690 -7.68 33.69 12.09
CA GLN D 690 -8.52 32.60 12.57
C GLN D 690 -7.73 31.68 13.49
N ALA D 691 -6.48 31.36 13.11
CA ALA D 691 -5.66 30.51 13.96
C ALA D 691 -5.43 31.17 15.31
N ALA D 692 -5.16 32.47 15.32
CA ALA D 692 -4.96 33.18 16.58
C ALA D 692 -6.21 33.14 17.45
N ILE D 693 -7.37 33.35 16.83
CA ILE D 693 -8.63 33.32 17.59
C ILE D 693 -8.84 31.95 18.20
N ILE D 694 -8.63 30.89 17.41
CA ILE D 694 -8.85 29.53 17.90
C ILE D 694 -7.88 29.22 19.03
N ASN D 695 -6.61 29.62 18.88
CA ASN D 695 -5.62 29.36 19.91
C ASN D 695 -5.98 30.09 21.19
N ASP D 696 -6.42 31.34 21.08
CA ASP D 696 -6.80 32.09 22.28
C ASP D 696 -7.99 31.43 22.97
N LEU D 697 -8.99 30.98 22.20
CA LEU D 697 -10.13 30.29 22.79
C LEU D 697 -9.69 29.02 23.50
N ALA D 698 -8.82 28.24 22.86
CA ALA D 698 -8.34 27.01 23.50
C ALA D 698 -7.54 27.32 24.77
N GLU D 699 -6.85 28.46 24.79
CA GLU D 699 -6.05 28.82 25.95
C GLU D 699 -6.90 29.33 27.10
N ARG D 700 -8.05 29.95 26.82
CA ARG D 700 -8.83 30.61 27.85
C ARG D 700 -10.17 29.95 28.15
N TYR D 701 -10.56 28.91 27.41
CA TYR D 701 -11.87 28.30 27.56
C TYR D 701 -11.74 26.78 27.62
N PRO D 702 -12.75 26.10 28.17
CA PRO D 702 -12.74 24.63 28.16
C PRO D 702 -12.85 24.10 26.74
N MET D 703 -12.34 22.88 26.55
CA MET D 703 -12.24 22.32 25.20
C MET D 703 -13.61 22.05 24.60
N ILE D 704 -14.64 21.85 25.42
CA ILE D 704 -15.98 21.65 24.88
C ILE D 704 -16.44 22.90 24.14
N VAL D 705 -16.22 24.07 24.73
CA VAL D 705 -16.59 25.32 24.06
C VAL D 705 -15.80 25.48 22.77
N VAL D 706 -14.52 25.10 22.78
CA VAL D 706 -13.69 25.22 21.59
C VAL D 706 -14.25 24.35 20.47
N ALA D 707 -14.62 23.11 20.79
CA ALA D 707 -15.18 22.23 19.77
C ALA D 707 -16.50 22.79 19.24
N GLN D 708 -17.36 23.28 20.13
CA GLN D 708 -18.64 23.83 19.70
C GLN D 708 -18.43 25.00 18.74
N THR D 709 -17.57 25.94 19.12
CA THR D 709 -17.37 27.13 18.29
C THR D 709 -16.67 26.78 16.98
N VAL D 710 -15.76 25.81 17.00
CA VAL D 710 -15.09 25.39 15.77
C VAL D 710 -16.11 24.78 14.81
N ASP D 711 -17.03 23.96 15.33
CA ASP D 711 -18.06 23.39 14.48
C ASP D 711 -18.96 24.48 13.89
N LYS D 712 -19.34 25.46 14.72
CA LYS D 712 -20.18 26.55 14.22
C LYS D 712 -19.45 27.35 13.14
N LEU D 713 -18.16 27.61 13.34
CA LEU D 713 -17.37 28.31 12.33
C LEU D 713 -17.30 27.50 11.04
N LYS D 714 -17.15 26.18 11.14
CA LYS D 714 -17.15 25.34 9.95
C LYS D 714 -18.46 25.49 9.19
N ASP D 715 -19.58 25.43 9.91
CA ASP D 715 -20.88 25.55 9.26
C ASP D 715 -21.01 26.89 8.55
N ALA D 716 -20.65 27.97 9.25
CA ALA D 716 -20.79 29.31 8.65
C ALA D 716 -19.87 29.46 7.43
N GLY D 717 -18.64 28.96 7.53
CA GLY D 717 -17.72 29.08 6.41
C GLY D 717 -18.19 28.32 5.20
N PHE D 718 -18.69 27.10 5.41
CA PHE D 718 -19.23 26.34 4.27
C PHE D 718 -20.43 27.06 3.67
N TYR D 719 -21.30 27.61 4.51
CA TYR D 719 -22.48 28.30 3.98
C TYR D 719 -22.08 29.51 3.15
N TRP D 720 -21.09 30.27 3.60
CA TRP D 720 -20.71 31.51 2.92
C TRP D 720 -19.67 31.32 1.83
N ALA D 721 -19.09 30.12 1.69
CA ALA D 721 -18.20 29.88 0.57
C ALA D 721 -18.96 29.69 -0.73
N THR D 722 -20.18 29.16 -0.66
CA THR D 722 -20.98 28.98 -1.87
C THR D 722 -21.33 30.32 -2.51
N ARG D 723 -21.48 31.37 -1.70
CA ARG D 723 -21.94 32.67 -2.17
C ARG D 723 -20.80 33.67 -2.32
N SER D 724 -19.55 33.23 -2.18
CA SER D 724 -18.42 34.14 -2.34
C SER D 724 -18.12 34.45 -3.80
N GLY D 725 -18.73 33.73 -4.74
CA GLY D 725 -18.51 33.97 -6.15
C GLY D 725 -17.10 33.66 -6.61
N VAL D 726 -16.48 32.63 -6.04
CA VAL D 726 -15.16 32.19 -6.47
C VAL D 726 -15.33 31.08 -7.50
N THR D 727 -14.84 31.31 -8.70
CA THR D 727 -14.89 30.34 -9.78
C THR D 727 -13.61 30.44 -10.58
N VAL D 728 -13.57 29.81 -11.74
CA VAL D 728 -12.40 29.83 -12.61
C VAL D 728 -12.88 29.87 -14.06
N SER D 729 -12.20 30.67 -14.87
CA SER D 729 -12.51 30.80 -16.28
C SER D 729 -11.36 31.56 -16.94
N MET D 730 -11.39 31.59 -18.28
CA MET D 730 -10.34 32.29 -19.02
C MET D 730 -10.36 33.78 -18.70
N ALA D 731 -11.55 34.33 -18.48
CA ALA D 731 -11.63 35.75 -18.11
C ALA D 731 -10.99 36.01 -16.75
N ASP D 732 -11.12 35.07 -15.81
CA ASP D 732 -10.59 35.26 -14.47
C ASP D 732 -9.08 35.09 -14.40
N VAL D 733 -8.46 34.42 -15.37
CA VAL D 733 -7.01 34.28 -15.42
C VAL D 733 -6.50 35.28 -16.45
N LEU D 734 -5.94 36.39 -15.96
CA LEU D 734 -5.55 37.51 -16.81
C LEU D 734 -4.05 37.43 -17.09
N VAL D 735 -3.69 37.56 -18.36
CA VAL D 735 -2.28 37.55 -18.77
C VAL D 735 -1.69 38.91 -18.43
N PRO D 736 -0.42 39.00 -18.01
CA PRO D 736 0.20 40.31 -17.79
C PRO D 736 0.21 41.13 -19.06
N PRO D 737 0.03 42.45 -18.96
CA PRO D 737 -0.15 43.27 -20.17
C PRO D 737 1.14 43.51 -20.93
N ARG D 738 2.24 43.69 -20.22
CA ARG D 738 3.53 44.04 -20.82
C ARG D 738 4.56 42.94 -20.60
N LYS D 739 4.12 41.69 -20.75
CA LYS D 739 5.05 40.57 -20.63
C LYS D 739 5.96 40.46 -21.84
N LYS D 740 5.45 40.79 -23.03
CA LYS D 740 6.24 40.65 -24.24
C LYS D 740 7.47 41.55 -24.20
N GLU D 741 7.32 42.79 -23.71
CA GLU D 741 8.45 43.71 -23.69
C GLU D 741 9.53 43.25 -22.73
N ILE D 742 9.13 42.81 -21.53
CA ILE D 742 10.10 42.30 -20.56
C ILE D 742 10.83 41.09 -21.14
N LEU D 743 10.07 40.18 -21.74
CA LEU D 743 10.68 38.99 -22.32
C LEU D 743 11.66 39.35 -23.43
N ASP D 744 11.29 40.32 -24.28
CA ASP D 744 12.19 40.73 -25.35
C ASP D 744 13.47 41.34 -24.79
N HIS D 745 13.35 42.19 -23.76
CA HIS D 745 14.53 42.82 -23.17
C HIS D 745 15.47 41.76 -22.60
N TYR D 746 14.95 40.85 -21.80
CA TYR D 746 15.83 39.85 -21.18
C TYR D 746 16.35 38.85 -22.21
N GLU D 747 15.57 38.57 -23.25
CA GLU D 747 16.07 37.72 -24.34
C GLU D 747 17.22 38.41 -25.07
N GLU D 748 17.13 39.72 -25.26
CA GLU D 748 18.23 40.45 -25.87
C GLU D 748 19.48 40.38 -25.00
N ARG D 749 19.31 40.53 -23.69
CA ARG D 749 20.47 40.43 -22.80
C ARG D 749 21.08 39.04 -22.84
N ALA D 750 20.23 38.01 -22.87
CA ALA D 750 20.74 36.64 -22.98
C ALA D 750 21.46 36.42 -24.30
N ASP D 751 20.95 37.01 -25.38
CA ASP D 751 21.63 36.90 -26.67
C ASP D 751 22.98 37.59 -26.63
N LYS D 752 23.07 38.72 -25.93
CA LYS D 752 24.37 39.38 -25.76
C LYS D 752 25.34 38.47 -25.01
N VAL D 753 24.86 37.81 -23.97
CA VAL D 753 25.72 36.87 -23.23
C VAL D 753 26.17 35.74 -24.14
N GLU D 754 25.25 35.21 -24.95
CA GLU D 754 25.60 34.12 -25.85
C GLU D 754 26.65 34.55 -26.86
N LYS D 755 26.52 35.76 -27.41
CA LYS D 755 27.52 36.25 -28.35
C LYS D 755 28.87 36.44 -27.66
N GLN D 756 28.85 36.96 -26.42
CA GLN D 756 30.09 37.08 -25.66
C GLN D 756 30.76 35.71 -25.51
N PHE D 757 29.97 34.67 -25.23
CA PHE D 757 30.53 33.33 -25.18
C PHE D 757 31.10 32.91 -26.54
N GLN D 758 30.36 33.18 -27.61
CA GLN D 758 30.81 32.80 -28.94
C GLN D 758 32.11 33.50 -29.33
N ARG D 759 32.42 34.63 -28.70
CA ARG D 759 33.74 35.22 -28.87
C ARG D 759 34.84 34.34 -28.30
N GLY D 760 34.49 33.33 -27.50
CA GLY D 760 35.47 32.46 -26.88
C GLY D 760 35.94 32.91 -25.52
N ALA D 761 35.50 34.06 -25.03
CA ALA D 761 35.97 34.56 -23.74
C ALA D 761 35.55 33.64 -22.60
N LEU D 762 34.31 33.16 -22.62
CA LEU D 762 33.74 32.37 -21.54
C LEU D 762 33.57 30.92 -21.98
N ASN D 763 33.67 30.02 -21.00
CA ASN D 763 33.47 28.59 -21.23
C ASN D 763 32.00 28.24 -20.95
N HIS D 764 31.72 26.94 -20.88
CA HIS D 764 30.35 26.49 -20.67
C HIS D 764 29.80 26.93 -19.32
N ASP D 765 30.61 26.80 -18.27
CA ASP D 765 30.11 27.02 -16.91
C ASP D 765 29.70 28.47 -16.70
N GLU D 766 30.57 29.42 -17.08
CA GLU D 766 30.23 30.83 -16.91
C GLU D 766 29.02 31.22 -17.75
N ARG D 767 28.93 30.69 -18.97
CA ARG D 767 27.77 30.95 -19.81
C ARG D 767 26.49 30.50 -19.13
N ASN D 768 26.49 29.27 -18.61
CA ASN D 768 25.30 28.76 -17.96
C ASN D 768 24.94 29.58 -16.73
N GLU D 769 25.95 29.97 -15.94
CA GLU D 769 25.69 30.76 -14.75
C GLU D 769 25.05 32.10 -15.12
N ALA D 770 25.62 32.78 -16.13
CA ALA D 770 25.08 34.07 -16.53
C ALA D 770 23.65 33.93 -17.04
N LEU D 771 23.39 32.91 -17.86
CA LEU D 771 22.04 32.73 -18.40
C LEU D 771 21.05 32.46 -17.27
N VAL D 772 21.43 31.61 -16.31
CA VAL D 772 20.52 31.29 -15.22
C VAL D 772 20.23 32.54 -14.40
N GLU D 773 21.26 33.35 -14.13
CA GLU D 773 21.04 34.58 -13.37
C GLU D 773 20.07 35.51 -14.11
N ILE D 774 20.30 35.71 -15.40
CA ILE D 774 19.46 36.60 -16.18
C ILE D 774 18.02 36.11 -16.17
N TRP D 775 17.82 34.80 -16.33
CA TRP D 775 16.46 34.29 -16.43
C TRP D 775 15.76 34.27 -15.07
N LYS D 776 16.51 34.08 -13.97
CA LYS D 776 15.91 34.25 -12.66
C LYS D 776 15.43 35.68 -12.48
N GLU D 777 16.24 36.66 -12.87
CA GLU D 777 15.82 38.05 -12.77
C GLU D 777 14.58 38.31 -13.63
N ALA D 778 14.55 37.77 -14.84
CA ALA D 778 13.41 37.96 -15.72
C ALA D 778 12.15 37.35 -15.11
N THR D 779 12.26 36.15 -14.54
CA THR D 779 11.09 35.52 -13.93
C THR D 779 10.58 36.36 -12.76
N ASP D 780 11.48 36.88 -11.93
CA ASP D 780 11.05 37.74 -10.82
C ASP D 780 10.36 38.99 -11.35
N GLU D 781 10.90 39.59 -12.41
CA GLU D 781 10.28 40.80 -12.96
C GLU D 781 8.87 40.52 -13.46
N VAL D 782 8.71 39.41 -14.21
CA VAL D 782 7.39 39.07 -14.74
C VAL D 782 6.43 38.76 -13.60
N GLY D 783 6.91 38.08 -12.55
CA GLY D 783 6.05 37.83 -11.40
C GLY D 783 5.58 39.10 -10.73
N GLN D 784 6.48 40.07 -10.57
CA GLN D 784 6.08 41.34 -9.97
C GLN D 784 5.06 42.05 -10.83
N ALA D 785 5.27 42.07 -12.15
CA ALA D 785 4.31 42.72 -13.04
C ALA D 785 2.95 42.05 -12.95
N LEU D 786 2.94 40.71 -12.93
CA LEU D 786 1.67 39.98 -12.81
C LEU D 786 0.98 40.30 -11.50
N ARG D 787 1.72 40.33 -10.40
CA ARG D 787 1.12 40.65 -9.12
C ARG D 787 0.51 42.05 -9.14
N GLU D 788 1.22 43.01 -9.75
CA GLU D 788 0.68 44.36 -9.84
C GLU D 788 -0.59 44.40 -10.69
N HIS D 789 -0.63 43.63 -11.77
CA HIS D 789 -1.75 43.73 -12.71
C HIS D 789 -3.06 43.27 -12.08
N TYR D 790 -3.04 42.14 -11.38
CA TYR D 790 -4.28 41.54 -10.91
C TYR D 790 -4.99 42.47 -9.92
N PRO D 791 -6.31 42.56 -9.97
CA PRO D 791 -7.06 43.24 -8.91
C PRO D 791 -7.29 42.30 -7.72
N ASP D 792 -8.00 42.82 -6.72
CA ASP D 792 -8.24 42.08 -5.50
C ASP D 792 -9.51 41.25 -5.52
N ASP D 793 -10.25 41.25 -6.63
CA ASP D 793 -11.50 40.51 -6.73
C ASP D 793 -11.36 39.18 -7.47
N ASN D 794 -10.23 38.93 -8.11
CA ASN D 794 -10.09 37.70 -8.88
C ASN D 794 -10.18 36.49 -7.96
N PRO D 795 -10.81 35.40 -8.39
CA PRO D 795 -10.82 34.19 -7.55
C PRO D 795 -9.42 33.69 -7.22
N ILE D 796 -8.47 33.83 -8.15
CA ILE D 796 -7.12 33.34 -7.90
C ILE D 796 -6.48 34.14 -6.76
N ILE D 797 -6.54 35.47 -6.85
CA ILE D 797 -5.96 36.32 -5.82
C ILE D 797 -6.69 36.13 -4.50
N THR D 798 -8.03 36.04 -4.54
CA THR D 798 -8.78 35.87 -3.31
C THR D 798 -8.41 34.55 -2.62
N ILE D 799 -8.23 33.48 -3.40
CA ILE D 799 -7.89 32.19 -2.81
C ILE D 799 -6.47 32.23 -2.24
N VAL D 800 -5.52 32.77 -2.99
CA VAL D 800 -4.13 32.75 -2.54
C VAL D 800 -3.94 33.66 -1.33
N ASP D 801 -4.43 34.90 -1.41
CA ASP D 801 -4.19 35.87 -0.35
C ASP D 801 -4.97 35.52 0.91
N SER D 802 -6.12 34.86 0.77
CA SER D 802 -6.92 34.49 1.92
C SER D 802 -6.24 33.45 2.81
N GLY D 803 -5.16 32.84 2.34
CA GLY D 803 -4.53 31.78 3.07
C GLY D 803 -5.23 30.44 2.95
N ALA D 804 -6.25 30.34 2.10
CA ALA D 804 -6.98 29.09 1.96
C ALA D 804 -6.07 27.98 1.49
N THR D 805 -5.34 28.21 0.41
CA THR D 805 -4.43 27.20 -0.13
C THR D 805 -3.65 27.80 -1.28
N GLY D 806 -2.47 27.24 -1.54
CA GLY D 806 -1.64 27.66 -2.64
C GLY D 806 -0.77 28.85 -2.31
N ASN D 807 0.22 29.09 -3.17
CA ASN D 807 1.13 30.21 -3.07
C ASN D 807 1.18 30.94 -4.41
N PHE D 808 1.89 32.06 -4.44
CA PHE D 808 1.90 32.89 -5.64
C PHE D 808 2.78 32.34 -6.75
N THR D 809 3.72 31.44 -6.44
CA THR D 809 4.53 30.84 -7.50
C THR D 809 3.66 30.06 -8.47
N GLN D 810 2.66 29.33 -7.94
CA GLN D 810 1.74 28.61 -8.80
C GLN D 810 0.94 29.57 -9.67
N THR D 811 0.50 30.70 -9.10
CA THR D 811 -0.23 31.68 -9.88
C THR D 811 0.64 32.24 -11.00
N ARG D 812 1.91 32.53 -10.72
CA ARG D 812 2.82 33.01 -11.74
C ARG D 812 3.01 31.98 -12.84
N THR D 813 3.16 30.71 -12.45
CA THR D 813 3.30 29.65 -13.44
C THR D 813 2.06 29.54 -14.32
N LEU D 814 0.88 29.64 -13.72
CA LEU D 814 -0.37 29.45 -14.45
C LEU D 814 -0.78 30.67 -15.26
N ALA D 815 -0.25 31.85 -14.96
CA ALA D 815 -0.63 33.06 -15.68
C ALA D 815 0.55 33.93 -16.10
N GLY D 816 1.75 33.68 -15.58
CA GLY D 816 2.90 34.51 -15.92
C GLY D 816 3.92 33.78 -16.76
N MET D 817 4.99 33.29 -16.13
CA MET D 817 6.04 32.53 -16.82
C MET D 817 6.43 31.36 -15.93
N LYS D 818 6.35 30.14 -16.47
CA LYS D 818 6.78 28.98 -15.70
C LYS D 818 8.26 29.04 -15.36
N GLY D 819 9.06 29.69 -16.21
CA GLY D 819 10.45 29.93 -15.91
C GLY D 819 11.33 28.72 -16.15
N LEU D 820 12.62 28.90 -15.86
CA LEU D 820 13.57 27.83 -16.06
C LEU D 820 13.24 26.64 -15.16
N VAL D 821 13.58 25.44 -15.64
CA VAL D 821 13.15 24.21 -15.02
C VAL D 821 14.36 23.30 -14.79
N THR D 822 14.21 22.39 -13.84
CA THR D 822 15.29 21.50 -13.43
C THR D 822 15.59 20.46 -14.51
N ASN D 823 16.79 19.89 -14.43
CA ASN D 823 17.28 18.83 -15.30
C ASN D 823 17.37 17.52 -14.53
N PRO D 824 17.34 16.37 -15.20
CA PRO D 824 17.51 15.10 -14.47
C PRO D 824 18.78 15.07 -13.62
N LYS D 825 19.87 15.67 -14.08
CA LYS D 825 21.06 15.76 -13.24
C LYS D 825 20.89 16.74 -12.10
N GLY D 826 19.81 17.53 -12.08
CA GLY D 826 19.50 18.43 -10.99
C GLY D 826 19.82 19.89 -11.24
N GLU D 827 20.56 20.19 -12.31
CA GLU D 827 20.97 21.56 -12.58
C GLU D 827 19.96 22.26 -13.49
N PHE D 828 19.80 23.57 -13.28
CA PHE D 828 18.91 24.34 -14.13
C PHE D 828 19.39 24.32 -15.57
N ILE D 829 18.43 24.29 -16.49
CA ILE D 829 18.73 24.32 -17.92
C ILE D 829 18.79 25.79 -18.35
N PRO D 830 19.77 26.20 -19.15
CA PRO D 830 19.85 27.63 -19.52
C PRO D 830 18.63 28.11 -20.29
N ARG D 831 17.90 27.23 -20.95
CA ARG D 831 16.71 27.62 -21.70
C ARG D 831 15.50 27.66 -20.78
N PRO D 832 14.86 28.81 -20.60
CA PRO D 832 13.61 28.85 -19.85
C PRO D 832 12.41 28.62 -20.76
N VAL D 833 11.28 28.27 -20.15
CA VAL D 833 10.02 28.17 -20.86
C VAL D 833 9.31 29.51 -20.68
N LYS D 834 9.11 30.23 -21.78
CA LYS D 834 8.55 31.56 -21.74
C LYS D 834 7.03 31.57 -21.88
N SER D 835 6.41 30.40 -21.97
CA SER D 835 4.97 30.28 -22.12
C SER D 835 4.34 29.75 -20.84
N SER D 836 3.24 30.36 -20.44
CA SER D 836 2.52 29.93 -19.26
C SER D 836 1.56 28.80 -19.60
N PHE D 837 1.07 28.14 -18.56
CA PHE D 837 0.11 27.06 -18.76
C PHE D 837 -1.23 27.57 -19.29
N ARG D 838 -1.45 28.88 -19.27
CA ARG D 838 -2.64 29.45 -19.89
C ARG D 838 -2.46 29.61 -21.40
N GLU D 839 -1.35 30.22 -21.82
CA GLU D 839 -1.06 30.33 -23.24
C GLU D 839 -0.88 28.96 -23.88
N GLY D 840 -0.19 28.06 -23.18
CA GLY D 840 0.03 26.72 -23.68
C GLY D 840 1.47 26.47 -24.06
N LEU D 841 2.12 25.54 -23.36
CA LEU D 841 3.52 25.22 -23.66
C LEU D 841 3.63 24.56 -25.03
N THR D 842 4.76 24.77 -25.68
CA THR D 842 5.06 24.12 -26.94
C THR D 842 5.64 22.72 -26.66
N VAL D 843 5.93 21.98 -27.73
CA VAL D 843 6.33 20.59 -27.57
C VAL D 843 7.65 20.51 -26.82
N LEU D 844 8.65 21.27 -27.25
CA LEU D 844 9.95 21.21 -26.60
C LEU D 844 9.87 21.66 -25.15
N GLU D 845 9.13 22.74 -24.88
CA GLU D 845 9.01 23.22 -23.51
C GLU D 845 8.35 22.17 -22.63
N TYR D 846 7.30 21.53 -23.13
CA TYR D 846 6.63 20.48 -22.35
C TYR D 846 7.56 19.32 -22.07
N PHE D 847 8.32 18.88 -23.09
CA PHE D 847 9.25 17.78 -22.90
C PHE D 847 10.30 18.12 -21.86
N ILE D 848 10.86 19.33 -21.93
CA ILE D 848 11.86 19.75 -20.97
C ILE D 848 11.25 19.85 -19.57
N ASN D 849 9.99 20.28 -19.49
CA ASN D 849 9.33 20.42 -18.20
C ASN D 849 9.07 19.06 -17.54
N THR D 850 8.84 18.02 -18.33
CA THR D 850 8.50 16.72 -17.76
C THR D 850 9.58 16.20 -16.81
N HIS D 851 10.82 16.65 -16.96
CA HIS D 851 11.92 16.12 -16.14
C HIS D 851 11.66 16.38 -14.66
N GLY D 852 11.29 17.62 -14.31
CA GLY D 852 11.07 17.94 -12.92
C GLY D 852 9.94 17.16 -12.30
N ALA D 853 8.84 16.99 -13.05
CA ALA D 853 7.72 16.21 -12.54
C ALA D 853 8.12 14.77 -12.27
N ARG D 854 8.84 14.16 -13.21
CA ARG D 854 9.30 12.79 -13.00
C ARG D 854 10.22 12.70 -11.79
N LYS D 855 11.14 13.67 -11.65
CA LYS D 855 12.05 13.65 -10.52
C LYS D 855 11.30 13.75 -9.20
N GLY D 856 10.32 14.65 -9.12
CA GLY D 856 9.57 14.80 -7.88
C GLY D 856 8.75 13.57 -7.54
N LEU D 857 8.07 13.00 -8.53
CA LEU D 857 7.29 11.79 -8.26
C LEU D 857 8.19 10.65 -7.82
N ALA D 858 9.37 10.51 -8.43
CA ALA D 858 10.30 9.48 -8.00
C ALA D 858 10.79 9.73 -6.58
N ASP D 859 11.07 10.99 -6.23
CA ASP D 859 11.67 11.29 -4.93
C ASP D 859 10.65 11.22 -3.79
N THR D 860 9.36 11.31 -4.08
CA THR D 860 8.36 11.25 -3.02
C THR D 860 8.50 9.94 -2.22
N ALA D 861 8.59 8.81 -2.93
CA ALA D 861 8.66 7.52 -2.25
C ALA D 861 9.92 7.41 -1.39
N LEU D 862 11.06 7.84 -1.94
CA LEU D 862 12.29 7.77 -1.17
C LEU D 862 12.22 8.65 0.07
N ARG D 863 11.64 9.85 -0.07
CA ARG D 863 11.53 10.73 1.08
C ARG D 863 10.65 10.12 2.17
N THR D 864 9.51 9.55 1.79
CA THR D 864 8.65 8.95 2.81
C THR D 864 9.32 7.75 3.48
N ALA D 865 10.04 6.94 2.70
CA ALA D 865 10.75 5.81 3.30
C ALA D 865 11.81 6.27 4.28
N ASP D 866 12.58 7.30 3.92
CA ASP D 866 13.62 7.79 4.81
C ASP D 866 13.00 8.40 6.07
N SER D 867 11.89 9.12 5.92
CA SER D 867 11.20 9.66 7.09
C SER D 867 10.74 8.54 8.01
N GLY D 868 10.20 7.47 7.45
CA GLY D 868 9.79 6.34 8.28
C GLY D 868 10.96 5.74 9.03
N TYR D 869 12.09 5.56 8.35
CA TYR D 869 13.27 5.01 9.01
C TYR D 869 13.74 5.91 10.15
N LEU D 870 13.79 7.22 9.91
CA LEU D 870 14.22 8.14 10.94
C LEU D 870 13.28 8.10 12.14
N THR D 871 11.97 8.06 11.87
CA THR D 871 11.01 7.98 12.98
C THR D 871 11.20 6.70 13.77
N ARG D 872 11.43 5.59 13.08
CA ARG D 872 11.63 4.32 13.78
C ARG D 872 12.84 4.40 14.70
N ARG D 873 13.95 4.93 14.20
CA ARG D 873 15.15 5.02 15.03
C ARG D 873 14.93 5.97 16.20
N LEU D 874 14.29 7.11 15.97
CA LEU D 874 14.02 8.05 17.05
C LEU D 874 13.17 7.42 18.13
N VAL D 875 12.14 6.66 17.73
CA VAL D 875 11.31 5.97 18.70
C VAL D 875 12.13 4.95 19.48
N ASP D 876 13.00 4.21 18.79
CA ASP D 876 13.82 3.21 19.47
C ASP D 876 14.72 3.85 20.51
N VAL D 877 15.33 4.98 20.20
CA VAL D 877 16.25 5.61 21.14
C VAL D 877 15.50 6.09 22.38
N SER D 878 14.39 6.81 22.19
CA SER D 878 13.68 7.46 23.28
C SER D 878 12.53 6.62 23.82
N GLN D 879 12.69 5.30 23.83
CA GLN D 879 11.64 4.44 24.35
C GLN D 879 11.45 4.61 25.84
N ASP D 880 12.52 4.87 26.58
CA ASP D 880 12.50 4.86 28.03
C ASP D 880 12.21 6.21 28.66
N VAL D 881 11.94 7.24 27.87
CA VAL D 881 11.69 8.59 28.40
C VAL D 881 10.20 8.67 28.72
N ILE D 882 9.86 8.53 30.00
CA ILE D 882 8.49 8.62 30.48
C ILE D 882 8.49 9.47 31.74
N VAL D 883 7.48 10.32 31.90
CA VAL D 883 7.41 11.16 33.09
C VAL D 883 7.07 10.28 34.29
N ARG D 884 7.98 10.20 35.24
CA ARG D 884 7.82 9.35 36.42
C ARG D 884 7.54 10.12 37.70
N GLU D 885 7.78 11.42 37.71
CA GLU D 885 7.73 12.21 38.94
C GLU D 885 7.05 13.53 38.64
N HIS D 886 6.63 14.22 39.71
CA HIS D 886 6.00 15.52 39.58
C HIS D 886 6.98 16.68 39.71
N ASP D 887 8.06 16.50 40.47
CA ASP D 887 9.06 17.55 40.61
C ASP D 887 10.32 16.98 41.26
N CYS D 888 11.48 17.24 40.66
CA CYS D 888 12.75 16.76 41.17
C CYS D 888 13.46 17.77 42.05
N GLN D 889 12.89 18.96 42.23
CA GLN D 889 13.48 20.00 43.08
C GLN D 889 14.93 20.27 42.69
N THR D 890 15.19 20.32 41.38
CA THR D 890 16.53 20.61 40.88
C THR D 890 16.73 22.10 40.70
N GLU D 891 18.00 22.51 40.68
CA GLU D 891 18.37 23.90 40.51
C GLU D 891 18.92 24.23 39.13
N ARG D 892 19.46 23.25 38.42
CA ARG D 892 20.01 23.50 37.10
C ARG D 892 18.89 23.85 36.11
N GLY D 893 19.23 24.74 35.17
CA GLY D 893 18.28 25.16 34.16
C GLY D 893 18.95 25.89 33.01
N ILE D 894 18.52 25.60 31.79
CA ILE D 894 19.13 26.22 30.63
C ILE D 894 18.68 27.67 30.53
N VAL D 895 19.61 28.56 30.23
CA VAL D 895 19.31 29.98 30.04
C VAL D 895 18.99 30.20 28.56
N VAL D 896 17.80 30.70 28.29
CA VAL D 896 17.32 30.92 26.93
C VAL D 896 16.95 32.39 26.77
N GLU D 897 17.52 33.02 25.75
CA GLU D 897 17.25 34.43 25.51
C GLU D 897 15.77 34.64 25.16
N LEU D 898 15.15 35.63 25.79
CA LEU D 898 13.73 35.90 25.59
C LEU D 898 13.53 36.90 24.45
N ALA D 899 14.14 38.08 24.55
CA ALA D 899 14.05 39.08 23.49
C ALA D 899 15.26 40.00 23.63
N GLU D 900 16.20 39.90 22.70
CA GLU D 900 17.38 40.75 22.73
C GLU D 900 16.97 42.21 22.59
N ARG D 901 17.58 43.06 23.41
CA ARG D 901 17.29 44.49 23.42
C ARG D 901 18.19 45.19 22.41
N ALA D 902 17.59 45.83 21.41
CA ALA D 902 18.36 46.49 20.38
C ALA D 902 19.09 47.70 20.96
N PRO D 903 20.24 48.06 20.38
CA PRO D 903 20.96 49.24 20.89
C PRO D 903 20.15 50.52 20.78
N ASP D 904 19.33 50.66 19.75
CA ASP D 904 18.49 51.84 19.56
C ASP D 904 17.04 51.60 19.99
N GLY D 905 16.43 50.51 19.53
CA GLY D 905 15.09 50.18 19.97
C GLY D 905 15.08 49.65 21.39
N THR D 906 13.99 49.92 22.10
CA THR D 906 13.89 49.48 23.49
C THR D 906 13.96 47.96 23.59
N LEU D 907 13.22 47.26 22.73
CA LEU D 907 13.19 45.80 22.76
C LEU D 907 12.76 45.30 21.38
N ILE D 908 13.20 44.09 21.06
CA ILE D 908 12.78 43.40 19.83
C ILE D 908 12.53 41.95 20.21
N ARG D 909 11.27 41.52 20.14
CA ARG D 909 10.93 40.15 20.46
C ARG D 909 11.71 39.19 19.58
N ASP D 910 12.26 38.15 20.20
CA ASP D 910 12.99 37.16 19.44
C ASP D 910 12.04 36.49 18.44
N PRO D 911 12.49 36.28 17.20
CA PRO D 911 11.57 35.71 16.20
C PRO D 911 11.01 34.35 16.59
N TYR D 912 11.77 33.55 17.31
CA TYR D 912 11.40 32.18 17.63
C TYR D 912 11.15 31.97 19.12
N ILE D 913 10.67 33.02 19.81
CA ILE D 913 10.27 32.87 21.20
C ILE D 913 9.11 31.90 21.31
N GLU D 914 8.29 31.80 20.25
CA GLU D 914 7.17 30.87 20.24
C GLU D 914 7.63 29.41 20.36
N THR D 915 8.88 29.13 20.01
CA THR D 915 9.38 27.76 19.97
C THR D 915 10.46 27.48 21.00
N SER D 916 11.13 28.51 21.52
CA SER D 916 12.22 28.31 22.48
C SER D 916 11.72 28.34 23.92
N ALA D 917 11.09 29.46 24.32
CA ALA D 917 10.60 29.63 25.68
C ALA D 917 9.14 30.11 25.61
N TYR D 918 8.24 29.18 25.37
CA TYR D 918 6.81 29.47 25.37
C TYR D 918 6.02 28.57 26.29
N ALA D 919 6.40 27.30 26.41
CA ALA D 919 5.71 26.34 27.26
C ALA D 919 6.65 25.74 28.30
N ARG D 920 7.66 26.49 28.71
CA ARG D 920 8.67 26.01 29.65
C ARG D 920 8.42 26.57 31.04
N THR D 921 8.62 25.73 32.04
CA THR D 921 8.55 26.19 33.42
C THR D 921 9.72 27.13 33.72
N LEU D 922 9.52 28.01 34.69
CA LEU D 922 10.52 29.02 35.04
C LEU D 922 11.42 28.44 36.12
N GLY D 923 12.70 28.23 35.76
CA GLY D 923 13.62 27.62 36.70
C GLY D 923 13.92 28.51 37.90
N THR D 924 14.14 29.80 37.66
CA THR D 924 14.41 30.76 38.72
C THR D 924 13.56 32.00 38.51
N ASP D 925 13.16 32.62 39.61
CA ASP D 925 12.32 33.81 39.54
C ASP D 925 13.00 34.89 38.71
N ALA D 926 12.22 35.51 37.82
CA ALA D 926 12.73 36.59 36.98
C ALA D 926 12.59 37.90 37.74
N VAL D 927 13.65 38.27 38.45
CA VAL D 927 13.65 39.50 39.24
C VAL D 927 13.97 40.68 38.34
N ASP D 928 13.21 41.75 38.50
CA ASP D 928 13.41 42.96 37.71
C ASP D 928 14.66 43.68 38.21
N GLU D 929 14.90 44.90 37.70
CA GLU D 929 15.99 45.71 38.22
C GLU D 929 15.83 45.93 39.72
N ALA D 930 14.60 46.16 40.17
CA ALA D 930 14.31 46.32 41.59
C ALA D 930 14.01 44.95 42.19
N GLY D 931 13.56 44.93 43.45
CA GLY D 931 13.26 43.69 44.12
C GLY D 931 11.97 43.02 43.69
N ASN D 932 11.14 43.73 42.91
CA ASN D 932 9.88 43.15 42.46
C ASN D 932 10.13 41.92 41.60
N VAL D 933 9.27 40.92 41.73
CA VAL D 933 9.36 39.66 40.99
C VAL D 933 8.24 39.66 39.96
N ILE D 934 8.62 39.67 38.67
CA ILE D 934 7.63 39.65 37.61
C ILE D 934 6.90 38.32 37.57
N VAL D 935 7.65 37.22 37.62
CA VAL D 935 7.09 35.88 37.62
C VAL D 935 7.77 35.08 38.72
N GLU D 936 6.98 34.46 39.59
CA GLU D 936 7.52 33.64 40.67
C GLU D 936 8.19 32.39 40.11
N ARG D 937 9.16 31.89 40.86
CA ARG D 937 9.89 30.70 40.42
C ARG D 937 8.94 29.52 40.29
N GLY D 938 9.11 28.76 39.20
CA GLY D 938 8.34 27.56 38.99
C GLY D 938 7.01 27.74 38.29
N GLN D 939 6.62 28.97 37.98
CA GLN D 939 5.34 29.23 37.32
C GLN D 939 5.51 29.11 35.81
N ASP D 940 4.68 28.28 35.20
CA ASP D 940 4.79 28.03 33.76
C ASP D 940 4.66 29.33 32.97
N LEU D 941 5.55 29.50 31.99
CA LEU D 941 5.51 30.68 31.15
C LEU D 941 4.40 30.57 30.10
N GLY D 942 3.87 31.72 29.71
CA GLY D 942 2.82 31.77 28.73
C GLY D 942 2.76 33.14 28.08
N ASP D 943 1.73 33.32 27.25
CA ASP D 943 1.58 34.60 26.56
C ASP D 943 1.50 35.77 27.53
N PRO D 944 0.64 35.78 28.54
CA PRO D 944 0.62 36.94 29.46
C PRO D 944 1.89 37.09 30.26
N GLU D 945 2.46 35.98 30.74
CA GLU D 945 3.70 36.06 31.51
C GLU D 945 4.86 36.52 30.65
N ILE D 946 4.94 36.02 29.41
CA ILE D 946 5.99 36.48 28.49
C ILE D 946 5.82 37.96 28.20
N ASP D 947 4.58 38.41 28.01
CA ASP D 947 4.35 39.82 27.75
C ASP D 947 4.76 40.68 28.94
N ALA D 948 4.45 40.21 30.16
CA ALA D 948 4.87 40.94 31.35
C ALA D 948 6.38 41.00 31.46
N LEU D 949 7.06 39.88 31.16
CA LEU D 949 8.52 39.88 31.20
C LEU D 949 9.08 40.87 30.20
N LEU D 950 8.53 40.91 28.98
CA LEU D 950 9.00 41.86 28.00
C LEU D 950 8.75 43.29 28.45
N ALA D 951 7.58 43.57 29.03
CA ALA D 951 7.28 44.91 29.48
C ALA D 951 8.24 45.35 30.59
N ALA D 952 8.56 44.45 31.51
CA ALA D 952 9.49 44.76 32.60
C ALA D 952 10.91 45.01 32.10
N GLY D 953 11.22 44.66 30.85
CA GLY D 953 12.52 44.91 30.27
C GLY D 953 13.52 43.80 30.43
N ILE D 954 13.19 42.73 31.14
CA ILE D 954 14.12 41.62 31.32
C ILE D 954 14.23 40.85 30.01
N THR D 955 15.46 40.52 29.61
CA THR D 955 15.74 39.85 28.35
C THR D 955 16.14 38.40 28.52
N GLN D 956 17.05 38.11 29.44
CA GLN D 956 17.51 36.74 29.69
C GLN D 956 16.69 36.13 30.82
N VAL D 957 16.21 34.91 30.59
CA VAL D 957 15.43 34.17 31.59
C VAL D 957 15.89 32.72 31.58
N LYS D 958 16.09 32.17 32.78
CA LYS D 958 16.47 30.77 32.94
C LYS D 958 15.21 29.93 33.11
N VAL D 959 15.06 28.91 32.28
CA VAL D 959 13.86 28.07 32.24
C VAL D 959 14.26 26.63 32.56
N ARG D 960 13.46 25.98 33.39
CA ARG D 960 13.66 24.57 33.66
C ARG D 960 13.39 23.76 32.39
N SER D 961 14.33 22.89 32.04
CA SER D 961 14.24 22.11 30.81
C SER D 961 14.51 20.65 31.09
N VAL D 962 13.96 19.78 30.23
CA VAL D 962 14.12 18.35 30.39
C VAL D 962 15.58 17.94 30.26
N LEU D 963 16.41 18.77 29.65
CA LEU D 963 17.80 18.42 29.38
C LEU D 963 18.70 18.51 30.61
N THR D 964 18.21 19.09 31.70
CA THR D 964 18.98 19.20 32.94
C THR D 964 18.24 18.57 34.11
N CYS D 965 17.40 17.58 33.83
CA CYS D 965 16.62 16.95 34.87
C CYS D 965 17.49 16.06 35.75
N ALA D 966 17.04 15.86 36.99
CA ALA D 966 17.77 15.06 37.97
C ALA D 966 17.14 13.70 38.21
N THR D 967 15.96 13.42 37.66
CA THR D 967 15.31 12.13 37.89
C THR D 967 16.15 11.00 37.31
N SER D 968 16.27 9.92 38.07
CA SER D 968 17.10 8.79 37.64
C SER D 968 16.51 8.13 36.38
N THR D 969 15.22 7.79 36.43
CA THR D 969 14.52 7.17 35.32
C THR D 969 13.38 8.07 34.89
N GLY D 970 13.33 8.38 33.60
CA GLY D 970 12.33 9.29 33.10
C GLY D 970 12.66 10.73 33.45
N VAL D 971 11.68 11.60 33.22
CA VAL D 971 11.86 13.04 33.43
C VAL D 971 10.63 13.57 34.16
N CYS D 972 10.86 14.26 35.28
CA CYS D 972 9.75 14.81 36.05
C CYS D 972 8.87 15.70 35.17
N ALA D 973 7.64 15.91 35.63
CA ALA D 973 6.69 16.69 34.84
C ALA D 973 7.03 18.17 34.84
N THR D 974 7.60 18.68 35.93
CA THR D 974 7.93 20.10 36.00
C THR D 974 9.00 20.46 34.97
N CYS D 975 10.04 19.64 34.85
CA CYS D 975 11.12 19.93 33.91
C CYS D 975 10.61 19.88 32.48
N TYR D 976 9.84 18.86 32.14
CA TYR D 976 9.27 18.80 30.79
C TYR D 976 8.37 20.00 30.53
N GLY D 977 7.56 20.38 31.51
CA GLY D 977 6.77 21.58 31.41
C GLY D 977 5.39 21.35 30.84
N ARG D 978 4.76 22.46 30.49
CA ARG D 978 3.40 22.44 29.96
C ARG D 978 3.31 21.54 28.74
N SER D 979 2.29 20.69 28.71
CA SER D 979 2.04 19.86 27.55
C SER D 979 1.45 20.71 26.41
N MET D 980 1.48 20.15 25.21
CA MET D 980 1.04 20.86 24.01
C MET D 980 -0.40 20.56 23.65
N ALA D 981 -0.74 19.29 23.45
CA ALA D 981 -2.11 18.93 23.10
C ALA D 981 -3.06 19.30 24.23
N THR D 982 -2.77 18.86 25.45
CA THR D 982 -3.65 19.16 26.58
C THR D 982 -3.68 20.66 26.88
N GLY D 983 -2.52 21.32 26.81
CA GLY D 983 -2.41 22.72 27.16
C GLY D 983 -2.12 22.98 28.62
N LYS D 984 -2.04 21.96 29.44
CA LYS D 984 -1.74 22.07 30.87
C LYS D 984 -0.50 21.24 31.19
N LEU D 985 -0.06 21.30 32.44
CA LEU D 985 1.14 20.58 32.85
C LEU D 985 1.00 19.10 32.54
N VAL D 986 2.07 18.51 32.01
CA VAL D 986 2.02 17.11 31.61
C VAL D 986 1.78 16.25 32.84
N ASP D 987 0.89 15.28 32.70
CA ASP D 987 0.51 14.41 33.81
C ASP D 987 1.40 13.18 33.87
N ILE D 988 1.55 12.64 35.07
CA ILE D 988 2.47 11.54 35.29
C ILE D 988 2.05 10.33 34.46
N GLY D 989 3.04 9.53 34.05
CA GLY D 989 2.81 8.37 33.23
C GLY D 989 2.75 8.61 31.74
N GLU D 990 2.82 9.87 31.31
CA GLU D 990 2.70 10.18 29.88
C GLU D 990 4.02 9.90 29.17
N ALA D 991 3.96 9.14 28.09
CA ALA D 991 5.14 8.79 27.32
C ALA D 991 5.52 9.97 26.43
N VAL D 992 6.60 10.67 26.79
CA VAL D 992 7.01 11.84 26.02
C VAL D 992 8.04 11.50 24.95
N GLY D 993 8.75 10.39 25.07
CA GLY D 993 9.70 10.01 24.04
C GLY D 993 9.02 9.65 22.73
N ILE D 994 7.93 8.87 22.80
CA ILE D 994 7.21 8.51 21.59
C ILE D 994 6.61 9.76 20.94
N VAL D 995 6.06 10.66 21.76
CA VAL D 995 5.47 11.88 21.21
C VAL D 995 6.55 12.71 20.52
N ALA D 996 7.72 12.83 21.14
CA ALA D 996 8.80 13.60 20.54
C ALA D 996 9.24 12.98 19.21
N ALA D 997 9.41 11.65 19.19
CA ALA D 997 9.82 11.00 17.96
C ALA D 997 8.79 11.20 16.85
N GLN D 998 7.51 11.02 17.19
CA GLN D 998 6.45 11.20 16.20
C GLN D 998 6.41 12.64 15.69
N SER D 999 6.58 13.61 16.60
CA SER D 999 6.55 15.01 16.20
C SER D 999 7.70 15.33 15.26
N ILE D 1000 8.90 14.83 15.56
CA ILE D 1000 10.05 15.11 14.70
C ILE D 1000 9.89 14.42 13.36
N GLY D 1001 9.34 13.21 13.33
CA GLY D 1001 9.22 12.46 12.10
C GLY D 1001 8.04 12.85 11.23
N GLU D 1002 7.03 13.50 11.80
CA GLU D 1002 5.84 13.85 11.04
C GLU D 1002 6.15 14.76 9.86
N PRO D 1003 6.83 15.90 10.02
CA PRO D 1003 7.08 16.78 8.89
C PRO D 1003 8.18 16.32 7.95
N GLY D 1004 8.69 15.09 8.10
CA GLY D 1004 9.70 14.61 7.18
C GLY D 1004 9.21 14.51 5.75
N THR D 1005 7.92 14.20 5.57
CA THR D 1005 7.37 14.05 4.22
C THR D 1005 7.47 15.36 3.45
N GLN D 1006 7.07 16.47 4.06
CA GLN D 1006 7.07 17.77 3.41
C GLN D 1006 8.40 18.51 3.58
N LEU D 1007 9.38 17.90 4.24
CA LEU D 1007 10.68 18.54 4.45
C LEU D 1007 11.51 18.34 3.19
N THR D 1008 11.24 19.19 2.20
CA THR D 1008 11.93 19.11 0.93
C THR D 1008 13.32 19.72 1.03
N MET D 1009 14.17 19.37 0.07
CA MET D 1009 15.54 19.87 0.04
C MET D 1009 15.57 21.39 0.09
N ILE D 1021 26.39 20.86 0.75
CA ILE D 1021 25.84 20.45 2.03
C ILE D 1021 24.32 20.43 1.96
N THR D 1022 23.76 19.25 1.73
CA THR D 1022 22.32 19.10 1.63
C THR D 1022 21.66 19.53 2.93
N GLY D 1023 20.61 20.35 2.82
CA GLY D 1023 19.93 20.89 3.98
C GLY D 1023 18.52 20.35 4.15
N GLY D 1024 18.23 19.22 3.53
CA GLY D 1024 16.93 18.58 3.63
C GLY D 1024 16.90 17.55 4.74
N LEU D 1025 16.08 16.51 4.53
CA LEU D 1025 16.02 15.43 5.51
C LEU D 1025 17.38 14.81 5.78
N PRO D 1026 18.25 14.59 4.79
CA PRO D 1026 19.57 14.03 5.09
C PRO D 1026 20.36 14.86 6.11
N ARG D 1027 20.18 16.18 6.11
CA ARG D 1027 20.83 16.99 7.13
C ARG D 1027 20.35 16.60 8.52
N VAL D 1028 19.04 16.44 8.69
CA VAL D 1028 18.49 16.03 9.98
C VAL D 1028 19.02 14.66 10.37
N GLN D 1029 19.06 13.73 9.40
CA GLN D 1029 19.50 12.38 9.72
C GLN D 1029 20.97 12.36 10.14
N GLU D 1030 21.83 13.09 9.44
CA GLU D 1030 23.24 13.12 9.82
C GLU D 1030 23.45 13.86 11.13
N LEU D 1031 22.62 14.87 11.41
CA LEU D 1031 22.76 15.62 12.66
C LEU D 1031 22.35 14.77 13.85
N PHE D 1032 21.26 14.00 13.72
CA PHE D 1032 20.85 13.12 14.81
C PHE D 1032 21.76 11.91 14.93
N GLU D 1033 22.33 11.45 13.82
CA GLU D 1033 23.25 10.31 13.85
C GLU D 1033 24.62 10.70 14.38
N ALA D 1034 24.89 11.98 14.59
CA ALA D 1034 26.16 12.44 15.15
C ALA D 1034 27.34 11.99 14.30
N ARG D 1035 27.18 12.08 12.98
CA ARG D 1035 28.27 11.77 12.06
C ARG D 1035 29.07 13.02 11.76
N VAL D 1036 30.19 12.82 11.06
CA VAL D 1036 31.07 13.93 10.69
C VAL D 1036 30.41 14.72 9.57
N PRO D 1037 30.18 16.03 9.73
CA PRO D 1037 29.52 16.78 8.65
C PRO D 1037 30.35 16.79 7.39
N ARG D 1038 29.66 16.88 6.25
CA ARG D 1038 30.34 16.97 4.96
C ARG D 1038 31.22 18.21 4.90
N GLY D 1039 30.67 19.36 5.32
CA GLY D 1039 31.46 20.59 5.29
C GLY D 1039 32.64 20.55 6.23
N LYS D 1040 32.42 20.11 7.47
CA LYS D 1040 33.45 20.04 8.50
C LYS D 1040 34.21 21.36 8.58
N ALA D 1041 33.48 22.41 8.94
CA ALA D 1041 34.11 23.71 9.10
C ALA D 1041 35.00 23.71 10.34
N PRO D 1042 36.15 24.41 10.30
CA PRO D 1042 36.99 24.49 11.49
C PRO D 1042 36.35 25.36 12.57
N ILE D 1043 36.77 25.10 13.81
CA ILE D 1043 36.28 25.84 14.96
C ILE D 1043 37.49 26.40 15.72
N ALA D 1044 37.29 27.55 16.36
CA ALA D 1044 38.35 28.19 17.13
C ALA D 1044 38.63 27.34 18.36
N ASP D 1045 39.73 26.59 18.32
CA ASP D 1045 40.04 25.69 19.44
C ASP D 1045 40.25 26.46 20.72
N VAL D 1046 41.00 27.57 20.67
CA VAL D 1046 41.26 28.40 21.83
C VAL D 1046 41.08 29.86 21.43
N THR D 1047 40.37 30.62 22.26
CA THR D 1047 40.11 32.01 21.96
C THR D 1047 41.42 32.80 21.90
N GLY D 1048 41.45 33.78 21.00
CA GLY D 1048 42.61 34.62 20.86
C GLY D 1048 42.62 35.30 19.50
N ARG D 1049 43.72 36.00 19.23
CA ARG D 1049 43.90 36.69 17.97
C ARG D 1049 44.24 35.69 16.86
N VAL D 1050 43.66 35.90 15.69
CA VAL D 1050 43.83 35.01 14.55
C VAL D 1050 44.90 35.58 13.63
N ARG D 1051 45.87 34.73 13.27
CA ARG D 1051 46.92 35.08 12.31
C ARG D 1051 46.83 34.07 11.17
N LEU D 1052 46.01 34.40 10.16
CA LEU D 1052 45.73 33.50 9.05
C LEU D 1052 46.58 33.86 7.85
N GLU D 1053 46.98 32.83 7.10
CA GLU D 1053 47.69 32.98 5.85
C GLU D 1053 46.85 32.37 4.74
N ASP D 1054 46.70 33.09 3.63
CA ASP D 1054 45.84 32.69 2.54
C ASP D 1054 46.62 31.78 1.58
N GLY D 1055 46.22 30.51 1.51
CA GLY D 1055 46.80 29.59 0.56
C GLY D 1055 45.84 29.28 -0.57
N GLU D 1056 46.25 29.58 -1.81
CA GLU D 1056 45.33 29.43 -2.94
C GLU D 1056 44.91 27.98 -3.12
N ARG D 1057 45.82 27.04 -2.89
CA ARG D 1057 45.47 25.62 -3.01
C ARG D 1057 44.76 25.13 -1.76
N PHE D 1058 45.38 25.27 -0.60
CA PHE D 1058 44.80 24.85 0.67
C PHE D 1058 44.93 25.99 1.67
N TYR D 1059 43.81 26.49 2.16
CA TYR D 1059 43.84 27.51 3.19
C TYR D 1059 44.52 26.96 4.45
N LYS D 1060 45.42 27.75 5.03
CA LYS D 1060 46.14 27.39 6.23
C LYS D 1060 45.82 28.43 7.30
N ILE D 1061 45.08 28.03 8.32
CA ILE D 1061 44.59 28.93 9.36
C ILE D 1061 45.40 28.71 10.62
N THR D 1062 45.85 29.81 11.23
CA THR D 1062 46.59 29.77 12.48
C THR D 1062 46.07 30.87 13.41
N ILE D 1063 46.03 30.56 14.70
CA ILE D 1063 45.54 31.49 15.71
C ILE D 1063 46.53 31.52 16.86
N VAL D 1064 46.82 32.72 17.35
CA VAL D 1064 47.73 32.92 18.48
C VAL D 1064 46.88 33.14 19.73
N PRO D 1065 46.93 32.25 20.73
CA PRO D 1065 46.14 32.49 21.94
C PRO D 1065 46.56 33.78 22.64
N ASP D 1066 45.58 34.48 23.20
CA ASP D 1066 45.88 35.71 23.93
C ASP D 1066 46.57 35.38 25.26
N ASP D 1067 46.04 34.41 26.01
CA ASP D 1067 46.66 34.05 27.28
C ASP D 1067 48.07 33.53 27.08
N GLY D 1068 48.29 32.75 26.01
CA GLY D 1068 49.58 32.17 25.75
C GLY D 1068 49.48 30.73 25.27
N GLY D 1069 50.56 30.22 24.69
CA GLY D 1069 50.60 28.87 24.17
C GLY D 1069 51.11 28.87 22.75
N GLU D 1070 50.78 27.80 22.02
CA GLU D 1070 51.20 27.62 20.65
C GLU D 1070 50.05 27.94 19.70
N GLU D 1071 50.34 27.88 18.41
CA GLU D 1071 49.35 28.11 17.37
C GLU D 1071 48.83 26.77 16.86
N VAL D 1072 47.51 26.62 16.86
CA VAL D 1072 46.87 25.44 16.28
C VAL D 1072 46.69 25.69 14.79
N VAL D 1073 47.04 24.69 13.98
CA VAL D 1073 47.10 24.82 12.53
C VAL D 1073 45.94 24.04 11.93
N TYR D 1074 45.20 24.67 11.03
CA TYR D 1074 44.14 24.01 10.27
C TYR D 1074 44.50 24.04 8.79
N ASP D 1075 44.40 22.89 8.14
CA ASP D 1075 44.67 22.75 6.71
C ASP D 1075 43.33 22.61 5.99
N LYS D 1076 42.75 23.75 5.62
CA LYS D 1076 41.44 23.80 4.99
C LYS D 1076 41.58 23.94 3.48
N ILE D 1077 40.71 23.23 2.75
CA ILE D 1077 40.73 23.32 1.30
C ILE D 1077 40.30 24.70 0.87
N SER D 1078 40.84 25.15 -0.27
CA SER D 1078 40.60 26.51 -0.76
C SER D 1078 39.44 26.60 -1.74
N LYS D 1079 38.75 25.49 -2.02
CA LYS D 1079 37.66 25.50 -2.99
C LYS D 1079 36.36 26.02 -2.41
N ARG D 1080 36.26 26.17 -1.09
CA ARG D 1080 35.03 26.62 -0.45
C ARG D 1080 35.06 28.14 -0.28
N GLN D 1081 34.06 28.68 0.41
CA GLN D 1081 33.97 30.11 0.67
C GLN D 1081 33.99 30.36 2.17
N ARG D 1082 34.71 31.39 2.58
CA ARG D 1082 34.79 31.73 3.99
C ARG D 1082 33.43 32.13 4.53
N LEU D 1083 33.16 31.74 5.76
CA LEU D 1083 31.98 32.20 6.48
C LEU D 1083 32.33 33.47 7.26
N ARG D 1084 31.29 34.23 7.60
CA ARG D 1084 31.49 35.47 8.32
C ARG D 1084 32.27 35.22 9.61
N VAL D 1085 33.27 36.06 9.86
CA VAL D 1085 34.07 35.98 11.08
C VAL D 1085 33.34 36.73 12.18
N PHE D 1086 33.25 36.11 13.36
CA PHE D 1086 32.51 36.70 14.47
C PHE D 1086 33.16 38.01 14.89
N LYS D 1087 32.46 39.12 14.65
CA LYS D 1087 32.96 40.45 14.97
C LYS D 1087 31.84 41.24 15.62
N HIS D 1088 32.21 42.36 16.26
CA HIS D 1088 31.21 43.16 16.96
C HIS D 1088 30.08 43.57 16.02
N GLU D 1089 30.40 43.87 14.77
CA GLU D 1089 29.36 44.23 13.81
C GLU D 1089 28.47 43.02 13.49
N ASP D 1090 29.06 41.84 13.39
CA ASP D 1090 28.32 40.62 13.06
C ASP D 1090 27.60 40.77 11.72
N GLY D 1091 28.25 41.43 10.76
CA GLY D 1091 27.70 41.58 9.43
C GLY D 1091 28.11 40.45 8.52
N SER D 1092 27.13 39.67 8.05
CA SER D 1092 27.43 38.48 7.25
C SER D 1092 28.28 38.83 6.04
N GLU D 1093 28.10 40.02 5.47
CA GLU D 1093 28.91 40.44 4.33
C GLU D 1093 30.39 40.53 4.68
N ARG D 1094 30.73 40.66 5.95
CA ARG D 1094 32.12 40.80 6.35
C ARG D 1094 32.90 39.54 6.02
N VAL D 1095 34.17 39.72 5.68
CA VAL D 1095 35.05 38.63 5.31
C VAL D 1095 35.91 38.28 6.52
N LEU D 1096 36.54 37.11 6.47
CA LEU D 1096 37.43 36.68 7.55
C LEU D 1096 38.73 37.49 7.52
N SER D 1097 38.74 38.62 8.21
CA SER D 1097 39.92 39.48 8.25
C SER D 1097 40.97 38.91 9.18
N ASP D 1098 42.23 38.99 8.76
CA ASP D 1098 43.33 38.49 9.56
C ASP D 1098 43.65 39.46 10.70
N GLY D 1099 44.27 38.92 11.75
CA GLY D 1099 44.65 39.71 12.90
C GLY D 1099 43.53 40.02 13.87
N ASP D 1100 42.34 39.48 13.65
CA ASP D 1100 41.21 39.73 14.53
C ASP D 1100 41.20 38.74 15.69
N HIS D 1101 40.32 38.98 16.66
CA HIS D 1101 40.14 38.10 17.80
C HIS D 1101 38.80 37.39 17.67
N VAL D 1102 38.82 36.08 17.90
CA VAL D 1102 37.62 35.25 17.76
C VAL D 1102 37.41 34.46 19.04
N GLU D 1103 36.16 34.39 19.48
CA GLU D 1103 35.82 33.62 20.67
C GLU D 1103 36.02 32.13 20.40
N VAL D 1104 36.33 31.40 21.48
CA VAL D 1104 36.56 29.96 21.35
C VAL D 1104 35.29 29.28 20.86
N GLY D 1105 35.46 28.27 20.01
CA GLY D 1105 34.35 27.48 19.54
C GLY D 1105 33.55 28.08 18.40
N GLN D 1106 33.94 29.26 17.91
CA GLN D 1106 33.22 29.91 16.83
C GLN D 1106 33.83 29.48 15.51
N GLN D 1107 32.98 28.94 14.61
CA GLN D 1107 33.47 28.42 13.35
C GLN D 1107 33.95 29.56 12.44
N LEU D 1108 34.86 29.21 11.53
CA LEU D 1108 35.49 30.18 10.63
C LEU D 1108 35.03 30.06 9.18
N MET D 1109 34.85 28.84 8.67
CA MET D 1109 34.50 28.61 7.28
C MET D 1109 33.05 28.18 7.16
N GLU D 1110 32.52 28.31 5.94
CA GLU D 1110 31.16 27.88 5.68
C GLU D 1110 31.06 26.35 5.76
N GLY D 1111 29.99 25.88 6.37
CA GLY D 1111 29.76 24.47 6.58
C GLY D 1111 29.11 24.23 7.92
N SER D 1112 29.25 23.01 8.42
CA SER D 1112 28.68 22.63 9.71
C SER D 1112 29.80 22.07 10.59
N ALA D 1113 29.93 22.62 11.79
CA ALA D 1113 30.96 22.14 12.71
C ALA D 1113 30.67 20.71 13.14
N ASP D 1114 31.72 19.96 13.39
CA ASP D 1114 31.57 18.58 13.83
C ASP D 1114 31.06 18.56 15.27
N PRO D 1115 29.92 17.91 15.55
CA PRO D 1115 29.41 17.92 16.94
C PRO D 1115 30.42 17.42 17.96
N HIS D 1116 31.20 16.39 17.61
CA HIS D 1116 32.18 15.86 18.55
C HIS D 1116 33.23 16.91 18.91
N GLU D 1117 33.70 17.68 17.93
CA GLU D 1117 34.73 18.66 18.19
C GLU D 1117 34.21 19.81 19.07
N VAL D 1118 32.99 20.28 18.79
CA VAL D 1118 32.42 21.34 19.62
C VAL D 1118 32.20 20.85 21.04
N LEU D 1119 31.73 19.59 21.18
CA LEU D 1119 31.59 19.01 22.52
C LEU D 1119 32.94 18.95 23.23
N ARG D 1120 33.98 18.53 22.51
CA ARG D 1120 35.31 18.40 23.12
C ARG D 1120 35.84 19.75 23.57
N VAL D 1121 35.65 20.79 22.76
CA VAL D 1121 36.31 22.06 23.04
C VAL D 1121 35.51 22.97 23.95
N GLN D 1122 34.18 22.87 23.95
CA GLN D 1122 33.34 23.83 24.67
C GLN D 1122 32.51 23.22 25.79
N GLY D 1123 32.03 21.99 25.65
CA GLY D 1123 31.30 21.33 26.72
C GLY D 1123 29.89 20.92 26.34
N PRO D 1124 29.23 20.17 27.23
CA PRO D 1124 27.89 19.66 26.90
C PRO D 1124 26.87 20.75 26.58
N ARG D 1125 26.91 21.87 27.30
CA ARG D 1125 25.91 22.91 27.09
C ARG D 1125 25.96 23.44 25.67
N GLU D 1126 27.17 23.72 25.17
CA GLU D 1126 27.30 24.33 23.85
C GLU D 1126 26.95 23.34 22.75
N VAL D 1127 27.31 22.06 22.92
CA VAL D 1127 26.96 21.07 21.89
C VAL D 1127 25.45 20.85 21.88
N GLN D 1128 24.81 20.86 23.05
CA GLN D 1128 23.36 20.74 23.08
C GLN D 1128 22.70 21.91 22.38
N ILE D 1129 23.15 23.14 22.68
CA ILE D 1129 22.62 24.31 21.99
C ILE D 1129 22.82 24.17 20.49
N HIS D 1130 24.02 23.74 20.07
CA HIS D 1130 24.32 23.63 18.65
C HIS D 1130 23.38 22.65 17.96
N LEU D 1131 23.23 21.45 18.54
CA LEU D 1131 22.38 20.45 17.90
C LEU D 1131 20.94 20.94 17.81
N VAL D 1132 20.40 21.44 18.93
CA VAL D 1132 19.01 21.89 18.93
C VAL D 1132 18.81 22.99 17.89
N ARG D 1133 19.71 23.98 17.88
CA ARG D 1133 19.56 25.11 16.98
C ARG D 1133 19.70 24.68 15.52
N GLU D 1134 20.63 23.77 15.23
CA GLU D 1134 20.82 23.35 13.84
C GLU D 1134 19.60 22.58 13.33
N VAL D 1135 19.09 21.63 14.12
CA VAL D 1135 17.93 20.89 13.66
C VAL D 1135 16.71 21.81 13.54
N GLN D 1136 16.55 22.73 14.49
CA GLN D 1136 15.42 23.65 14.43
C GLN D 1136 15.55 24.56 13.22
N GLU D 1137 16.77 24.95 12.87
CA GLU D 1137 16.97 25.80 11.70
C GLU D 1137 16.61 25.07 10.41
N VAL D 1138 17.06 23.82 10.28
CA VAL D 1138 16.72 23.06 9.08
C VAL D 1138 15.21 22.84 9.00
N TYR D 1139 14.53 22.71 10.14
CA TYR D 1139 13.09 22.55 10.10
C TYR D 1139 12.37 23.85 9.78
N ARG D 1140 12.83 24.98 10.35
CA ARG D 1140 12.18 26.25 10.11
C ARG D 1140 12.44 26.81 8.71
N ALA D 1141 13.51 26.35 8.06
CA ALA D 1141 13.76 26.78 6.69
C ALA D 1141 12.60 26.39 5.78
N GLN D 1142 12.07 25.18 5.95
CA GLN D 1142 10.95 24.74 5.13
C GLN D 1142 9.65 25.44 5.54
N GLY D 1143 9.45 25.65 6.83
CA GLY D 1143 8.28 26.37 7.30
C GLY D 1143 7.57 25.75 8.49
N VAL D 1144 7.87 24.49 8.77
CA VAL D 1144 7.20 23.80 9.87
C VAL D 1144 7.85 24.18 11.19
N SER D 1145 7.06 24.15 12.26
CA SER D 1145 7.52 24.52 13.59
C SER D 1145 7.20 23.40 14.57
N ILE D 1146 8.20 23.00 15.35
CA ILE D 1146 8.03 22.03 16.43
C ILE D 1146 8.78 22.55 17.64
N HIS D 1147 8.18 22.42 18.82
CA HIS D 1147 8.77 23.00 20.02
C HIS D 1147 10.12 22.36 20.32
N ASP D 1148 10.96 23.12 21.03
CA ASP D 1148 12.31 22.66 21.31
C ASP D 1148 12.32 21.41 22.18
N LYS D 1149 11.44 21.34 23.19
CA LYS D 1149 11.48 20.22 24.13
C LYS D 1149 11.43 18.87 23.41
N HIS D 1150 10.69 18.79 22.30
CA HIS D 1150 10.62 17.55 21.54
C HIS D 1150 11.98 17.15 20.99
N ILE D 1151 12.94 18.07 20.95
CA ILE D 1151 14.27 17.80 20.46
C ILE D 1151 15.22 17.69 21.65
N GLU D 1152 14.90 18.42 22.72
CA GLU D 1152 15.66 18.29 23.95
C GLU D 1152 15.59 16.87 24.48
N VAL D 1153 14.44 16.21 24.30
CA VAL D 1153 14.30 14.82 24.73
C VAL D 1153 15.31 13.94 23.98
N ILE D 1154 15.34 14.07 22.66
CA ILE D 1154 16.21 13.22 21.85
C ILE D 1154 17.68 13.52 22.16
N VAL D 1155 18.03 14.79 22.33
CA VAL D 1155 19.41 15.13 22.64
C VAL D 1155 19.80 14.63 24.02
N ARG D 1156 18.87 14.68 24.98
CA ARG D 1156 19.13 14.14 26.30
C ARG D 1156 19.44 12.65 26.22
N GLN D 1157 18.62 11.90 25.48
CA GLN D 1157 18.90 10.48 25.30
C GLN D 1157 20.20 10.26 24.52
N MET D 1158 20.57 11.21 23.68
CA MET D 1158 21.77 11.06 22.85
C MET D 1158 23.03 11.24 23.67
N LEU D 1159 23.14 12.35 24.39
CA LEU D 1159 24.34 12.68 25.16
C LEU D 1159 24.16 12.22 26.61
N ARG D 1160 24.26 10.90 26.79
CA ARG D 1160 23.97 10.28 28.08
C ARG D 1160 24.98 9.20 28.43
N ARG D 1161 26.23 9.37 28.02
CA ARG D 1161 27.30 8.42 28.30
C ARG D 1161 28.53 9.18 28.78
N VAL D 1162 29.47 8.44 29.37
CA VAL D 1162 30.74 9.00 29.81
C VAL D 1162 31.85 8.03 29.45
N THR D 1163 32.58 8.32 28.38
CA THR D 1163 33.71 7.47 28.01
C THR D 1163 34.80 7.57 29.08
N ILE D 1164 35.34 6.42 29.45
CA ILE D 1164 36.36 6.32 30.50
C ILE D 1164 37.70 6.04 29.82
N ILE D 1165 38.71 6.82 30.18
CA ILE D 1165 40.03 6.68 29.56
C ILE D 1165 40.93 5.76 30.39
N ASP D 1166 40.93 5.91 31.71
CA ASP D 1166 41.75 5.09 32.60
C ASP D 1166 40.85 4.52 33.68
N SER D 1167 40.84 3.19 33.80
CA SER D 1167 39.97 2.53 34.78
C SER D 1167 40.48 2.74 36.19
N GLY D 1168 41.79 2.63 36.40
CA GLY D 1168 42.36 2.75 37.73
C GLY D 1168 41.85 1.67 38.67
N SER D 1169 41.00 2.06 39.62
CA SER D 1169 40.44 1.14 40.60
C SER D 1169 39.04 0.68 40.22
N THR D 1170 38.63 0.88 38.97
CA THR D 1170 37.31 0.51 38.50
C THR D 1170 37.41 -0.70 37.57
N GLU D 1171 36.44 -1.61 37.71
CA GLU D 1171 36.42 -2.80 36.87
C GLU D 1171 36.23 -2.48 35.40
N PHE D 1172 35.64 -1.34 35.09
CA PHE D 1172 35.32 -1.00 33.71
C PHE D 1172 36.59 -0.92 32.86
N LEU D 1173 36.56 -1.55 31.70
CA LEU D 1173 37.69 -1.49 30.79
C LEU D 1173 37.87 -0.07 30.26
N PRO D 1174 39.10 0.43 30.19
CA PRO D 1174 39.30 1.79 29.68
C PRO D 1174 38.86 1.92 28.23
N GLY D 1175 38.34 3.10 27.90
CA GLY D 1175 37.82 3.34 26.57
C GLY D 1175 36.43 2.80 26.32
N SER D 1176 35.73 2.37 27.36
CA SER D 1176 34.40 1.77 27.22
C SER D 1176 33.34 2.78 27.68
N LEU D 1177 32.29 2.93 26.87
CA LEU D 1177 31.23 3.87 27.19
C LEU D 1177 30.38 3.32 28.33
N ILE D 1178 30.24 4.11 29.39
CA ILE D 1178 29.47 3.73 30.57
C ILE D 1178 28.50 4.87 30.89
N ASP D 1179 27.24 4.52 31.15
CA ASP D 1179 26.23 5.53 31.44
C ASP D 1179 26.63 6.34 32.66
N ARG D 1180 26.29 7.63 32.62
CA ARG D 1180 26.77 8.56 33.64
C ARG D 1180 26.26 8.19 35.03
N ALA D 1181 24.99 7.78 35.12
CA ALA D 1181 24.44 7.46 36.44
C ALA D 1181 25.16 6.27 37.06
N GLU D 1182 25.25 5.16 36.32
CA GLU D 1182 25.93 3.98 36.84
C GLU D 1182 27.41 4.26 37.09
N PHE D 1183 28.05 4.97 36.16
CA PHE D 1183 29.46 5.30 36.31
C PHE D 1183 29.69 6.09 37.59
N GLU D 1184 28.88 7.13 37.82
CA GLU D 1184 29.05 7.95 39.01
C GLU D 1184 28.75 7.15 40.28
N ALA D 1185 27.72 6.32 40.26
CA ALA D 1185 27.39 5.54 41.44
C ALA D 1185 28.53 4.58 41.80
N GLU D 1186 29.06 3.89 40.79
CA GLU D 1186 30.17 2.97 41.05
C GLU D 1186 31.40 3.73 41.52
N ASN D 1187 31.67 4.89 40.93
CA ASN D 1187 32.81 5.69 41.38
C ASN D 1187 32.67 6.10 42.83
N ARG D 1188 31.47 6.56 43.22
CA ARG D 1188 31.25 6.93 44.62
C ARG D 1188 31.43 5.74 45.53
N ARG D 1189 30.89 4.58 45.15
CA ARG D 1189 31.01 3.40 45.99
C ARG D 1189 32.46 3.00 46.18
N VAL D 1190 33.23 2.97 45.10
CA VAL D 1190 34.63 2.54 45.20
C VAL D 1190 35.46 3.57 45.96
N VAL D 1191 35.17 4.86 45.78
CA VAL D 1191 35.93 5.90 46.46
C VAL D 1191 35.64 5.88 47.95
N ALA D 1192 34.39 5.59 48.34
CA ALA D 1192 34.04 5.61 49.76
C ALA D 1192 34.94 4.70 50.58
N GLU D 1193 35.42 3.61 49.99
CA GLU D 1193 36.31 2.68 50.68
C GLU D 1193 37.78 2.99 50.45
N GLY D 1194 38.09 4.12 49.82
CA GLY D 1194 39.46 4.54 49.59
C GLY D 1194 39.97 4.32 48.18
N GLY D 1195 39.20 3.66 47.33
CA GLY D 1195 39.66 3.43 45.97
C GLY D 1195 39.87 4.73 45.23
N GLU D 1196 40.90 4.75 44.39
CA GLU D 1196 41.21 5.95 43.63
C GLU D 1196 40.11 6.23 42.60
N PRO D 1197 39.85 7.49 42.28
CA PRO D 1197 38.80 7.82 41.32
C PRO D 1197 39.20 7.50 39.89
N ALA D 1198 38.20 7.35 39.04
CA ALA D 1198 38.39 7.12 37.63
C ALA D 1198 38.07 8.38 36.83
N ALA D 1199 38.95 8.73 35.91
CA ALA D 1199 38.84 9.97 35.15
C ALA D 1199 38.13 9.71 33.83
N GLY D 1200 37.00 10.37 33.63
CA GLY D 1200 36.24 10.22 32.40
C GLY D 1200 35.79 11.57 31.89
N ARG D 1201 35.43 11.58 30.61
CA ARG D 1201 35.00 12.80 29.92
C ARG D 1201 33.72 12.51 29.14
N PRO D 1202 32.77 13.45 29.12
CA PRO D 1202 31.52 13.18 28.39
C PRO D 1202 31.75 13.01 26.90
N VAL D 1203 30.92 12.17 26.28
CA VAL D 1203 31.00 11.92 24.84
C VAL D 1203 29.58 11.68 24.33
N LEU D 1204 29.28 12.23 23.17
CA LEU D 1204 27.98 12.03 22.52
C LEU D 1204 28.11 10.97 21.44
N MET D 1205 26.97 10.39 21.09
CA MET D 1205 26.94 9.30 20.12
C MET D 1205 25.59 9.33 19.39
N GLY D 1206 25.58 8.74 18.21
CA GLY D 1206 24.40 8.79 17.37
C GLY D 1206 23.22 8.05 17.95
N ILE D 1207 22.07 8.22 17.31
CA ILE D 1207 20.86 7.56 17.77
C ILE D 1207 21.00 6.04 17.65
N THR D 1208 21.58 5.56 16.56
CA THR D 1208 21.72 4.13 16.37
C THR D 1208 22.59 3.50 17.47
N LYS D 1209 23.76 4.09 17.72
CA LYS D 1209 24.65 3.54 18.73
C LYS D 1209 24.03 3.62 20.12
N ALA D 1210 23.37 4.74 20.44
CA ALA D 1210 22.73 4.87 21.75
C ALA D 1210 21.64 3.83 21.92
N SER D 1211 20.85 3.60 20.87
CA SER D 1211 19.81 2.58 20.94
C SER D 1211 20.40 1.20 21.15
N LEU D 1212 21.46 0.87 20.40
CA LEU D 1212 22.07 -0.44 20.53
C LEU D 1212 22.66 -0.65 21.91
N ALA D 1213 23.35 0.36 22.46
CA ALA D 1213 23.99 0.21 23.76
C ALA D 1213 22.96 0.00 24.87
N THR D 1214 21.87 0.75 24.84
CA THR D 1214 20.88 0.76 25.90
C THR D 1214 19.56 0.21 25.36
N ASP D 1215 19.40 -1.11 25.44
CA ASP D 1215 18.16 -1.78 25.06
C ASP D 1215 18.30 -3.26 25.38
N SER D 1216 17.16 -3.93 25.48
CA SER D 1216 17.15 -5.37 25.73
C SER D 1216 17.59 -6.13 24.49
N TRP D 1217 18.10 -7.34 24.71
CA TRP D 1217 18.43 -8.21 23.59
C TRP D 1217 17.18 -8.56 22.78
N LEU D 1218 16.05 -8.73 23.47
CA LEU D 1218 14.81 -9.03 22.78
C LEU D 1218 14.44 -7.91 21.81
N SER D 1219 14.54 -6.66 22.27
CA SER D 1219 14.28 -5.52 21.40
C SER D 1219 15.42 -5.25 20.43
N ALA D 1220 16.64 -5.68 20.76
CA ALA D 1220 17.77 -5.46 19.88
C ALA D 1220 17.76 -6.40 18.68
N ALA D 1221 17.24 -7.62 18.85
CA ALA D 1221 17.22 -8.57 17.75
C ALA D 1221 16.34 -8.09 16.60
N SER D 1222 15.32 -7.28 16.91
CA SER D 1222 14.47 -6.75 15.86
C SER D 1222 15.14 -5.62 15.09
N PHE D 1223 16.01 -4.85 15.74
CA PHE D 1223 16.60 -3.69 15.09
C PHE D 1223 17.54 -4.08 13.96
N GLN D 1224 18.48 -4.98 14.23
CA GLN D 1224 19.48 -5.34 13.24
C GLN D 1224 20.34 -6.47 13.78
N GLU D 1225 20.92 -7.26 12.87
CA GLU D 1225 21.87 -8.32 13.19
C GLU D 1225 21.32 -9.24 14.28
N THR D 1226 20.21 -9.90 13.94
CA THR D 1226 19.52 -10.74 14.93
C THR D 1226 20.38 -11.92 15.37
N THR D 1227 21.03 -12.60 14.43
CA THR D 1227 21.81 -13.79 14.79
C THR D 1227 23.00 -13.42 15.66
N ARG D 1228 23.69 -12.32 15.32
CA ARG D 1228 24.84 -11.91 16.11
C ARG D 1228 24.43 -11.54 17.53
N VAL D 1229 23.35 -10.78 17.68
CA VAL D 1229 22.93 -10.39 19.02
C VAL D 1229 22.45 -11.60 19.81
N LEU D 1230 21.78 -12.55 19.15
CA LEU D 1230 21.37 -13.76 19.84
C LEU D 1230 22.57 -14.54 20.35
N THR D 1231 23.60 -14.69 19.49
CA THR D 1231 24.81 -15.39 19.93
C THR D 1231 25.46 -14.66 21.09
N ASP D 1232 25.57 -13.34 21.01
CA ASP D 1232 26.20 -12.57 22.07
C ASP D 1232 25.42 -12.70 23.38
N ALA D 1233 24.09 -12.62 23.32
CA ALA D 1233 23.28 -12.73 24.51
C ALA D 1233 23.40 -14.12 25.13
N ALA D 1234 23.40 -15.16 24.29
CA ALA D 1234 23.56 -16.51 24.82
C ALA D 1234 24.91 -16.68 25.50
N ILE D 1235 25.97 -16.15 24.88
CA ILE D 1235 27.30 -16.27 25.46
C ILE D 1235 27.36 -15.54 26.80
N ASN D 1236 26.82 -14.33 26.85
CA ASN D 1236 26.87 -13.52 28.07
C ASN D 1236 25.86 -13.95 29.11
N CYS D 1237 24.87 -14.78 28.75
CA CYS D 1237 23.83 -15.21 29.68
C CYS D 1237 23.11 -14.01 30.29
N ARG D 1238 22.88 -12.99 29.47
CA ARG D 1238 22.29 -11.75 29.95
C ARG D 1238 20.78 -11.89 30.09
N SER D 1239 20.24 -11.21 31.10
CA SER D 1239 18.80 -11.18 31.35
C SER D 1239 18.32 -9.74 31.32
N ASP D 1240 17.18 -9.51 30.68
CA ASP D 1240 16.63 -8.18 30.49
C ASP D 1240 15.34 -8.03 31.29
N LYS D 1241 15.22 -6.92 32.00
CA LYS D 1241 13.95 -6.58 32.65
C LYS D 1241 12.91 -6.21 31.60
N LEU D 1242 11.66 -6.51 31.89
CA LEU D 1242 10.54 -6.15 31.02
C LEU D 1242 9.91 -4.85 31.50
N ASN D 1243 10.67 -3.77 31.35
CA ASN D 1243 10.24 -2.44 31.73
C ASN D 1243 10.10 -1.49 30.55
N GLY D 1244 10.37 -1.95 29.33
CA GLY D 1244 10.23 -1.12 28.15
C GLY D 1244 8.90 -1.35 27.45
N LEU D 1245 8.50 -0.38 26.65
CA LEU D 1245 7.23 -0.49 25.94
C LEU D 1245 7.28 -1.63 24.94
N LYS D 1246 8.38 -1.78 24.21
CA LYS D 1246 8.46 -2.78 23.15
C LYS D 1246 8.36 -4.19 23.71
N GLU D 1247 9.10 -4.47 24.79
CA GLU D 1247 9.05 -5.81 25.38
C GLU D 1247 7.67 -6.12 25.94
N ASN D 1248 7.05 -5.15 26.62
CA ASN D 1248 5.71 -5.37 27.16
C ASN D 1248 4.71 -5.62 26.05
N VAL D 1249 4.84 -4.88 24.94
CA VAL D 1249 3.98 -5.13 23.79
C VAL D 1249 4.18 -6.55 23.27
N ILE D 1250 5.43 -6.98 23.16
CA ILE D 1250 5.72 -8.32 22.63
C ILE D 1250 5.11 -9.38 23.54
N ILE D 1251 5.25 -9.21 24.86
CA ILE D 1251 4.81 -10.24 25.78
C ILE D 1251 3.32 -10.16 26.08
N GLY D 1252 2.67 -9.05 25.77
CA GLY D 1252 1.26 -8.88 26.06
C GLY D 1252 0.95 -8.21 27.38
N LYS D 1253 1.96 -7.72 28.08
CA LYS D 1253 1.76 -7.02 29.33
C LYS D 1253 1.38 -5.56 29.07
N LEU D 1254 0.69 -4.95 30.03
CA LEU D 1254 0.37 -3.53 29.94
C LEU D 1254 1.65 -2.72 29.89
N ILE D 1255 1.73 -1.81 28.92
CA ILE D 1255 2.90 -0.95 28.75
C ILE D 1255 3.03 -0.08 30.00
N PRO D 1256 4.26 0.24 30.44
CA PRO D 1256 4.45 1.01 31.68
C PRO D 1256 4.29 2.52 31.49
N ALA D 1257 3.23 2.91 30.79
CA ALA D 1257 2.97 4.32 30.51
C ALA D 1257 1.48 4.55 30.49
N GLY D 1258 1.09 5.80 30.73
CA GLY D 1258 -0.32 6.14 30.69
C GLY D 1258 -1.08 5.40 31.78
N THR D 1259 -2.05 4.59 31.37
CA THR D 1259 -2.91 3.87 32.29
C THR D 1259 -2.30 2.57 32.78
N GLY D 1260 -1.18 2.14 32.21
CA GLY D 1260 -0.57 0.88 32.58
C GLY D 1260 0.34 0.93 33.79
N ILE D 1261 0.67 2.11 34.29
CA ILE D 1261 1.52 2.22 35.47
C ILE D 1261 0.71 1.85 36.70
N ASN D 1262 1.36 1.19 37.65
CA ASN D 1262 0.65 0.71 38.84
C ASN D 1262 0.04 1.84 39.64
N ARG D 1263 0.49 3.08 39.43
CA ARG D 1263 -0.10 4.20 40.13
C ARG D 1263 -1.58 4.35 39.77
N TYR D 1264 -1.91 4.18 38.49
CA TYR D 1264 -3.29 4.29 38.02
C TYR D 1264 -3.99 2.96 37.90
N ARG D 1265 -3.26 1.87 37.68
CA ARG D 1265 -3.89 0.57 37.51
C ARG D 1265 -4.54 0.09 38.81
N ASN D 1266 -3.89 0.33 39.95
CA ASN D 1266 -4.37 -0.16 41.24
C ASN D 1266 -5.15 0.97 41.93
N ILE D 1267 -6.40 1.13 41.50
CA ILE D 1267 -7.30 2.15 42.05
C ILE D 1267 -8.51 1.44 42.64
N ALA D 1268 -8.87 1.81 43.86
CA ALA D 1268 -10.05 1.27 44.55
C ALA D 1268 -11.14 2.34 44.53
N VAL D 1269 -12.28 1.99 43.96
CA VAL D 1269 -13.41 2.91 43.82
C VAL D 1269 -14.65 2.25 44.40
N GLN D 1270 -15.28 2.92 45.36
CA GLN D 1270 -16.57 2.50 45.89
C GLN D 1270 -17.40 3.72 46.20
N PRO D 1271 -18.73 3.61 46.16
CA PRO D 1271 -19.58 4.78 46.42
C PRO D 1271 -19.34 5.36 47.80
N THR D 1272 -19.44 6.69 47.90
CA THR D 1272 -19.29 7.36 49.18
C THR D 1272 -20.42 6.96 50.11
N GLU D 1273 -20.13 6.98 51.42
CA GLU D 1273 -21.08 6.49 52.40
C GLU D 1273 -22.44 7.18 52.26
N GLU D 1274 -22.44 8.48 51.96
CA GLU D 1274 -23.70 9.19 51.81
C GLU D 1274 -24.51 8.63 50.65
N ALA D 1275 -23.84 8.29 49.55
CA ALA D 1275 -24.54 7.73 48.40
C ALA D 1275 -25.12 6.36 48.72
N ARG D 1276 -24.35 5.51 49.40
CA ARG D 1276 -24.86 4.19 49.77
C ARG D 1276 -26.04 4.32 50.73
N ALA D 1277 -25.99 5.29 51.64
CA ALA D 1277 -27.12 5.51 52.55
C ALA D 1277 -28.34 6.01 51.79
N ALA D 1278 -28.15 6.95 50.86
CA ALA D 1278 -29.29 7.51 50.13
C ALA D 1278 -29.95 6.46 49.24
N ALA D 1279 -29.15 5.64 48.55
CA ALA D 1279 -29.73 4.64 47.66
C ALA D 1279 -30.58 3.64 48.44
N TYR D 1280 -30.13 3.23 49.61
CA TYR D 1280 -30.87 2.34 50.50
C TYR D 1280 -30.61 2.74 51.95
N GLY E 28 -21.20 28.00 30.52
CA GLY E 28 -21.69 28.84 29.39
C GLY E 28 -21.47 28.18 28.04
N TYR E 29 -22.43 27.36 27.63
CA TYR E 29 -22.35 26.65 26.36
C TYR E 29 -23.67 25.93 26.12
N ASP E 30 -23.95 25.65 24.86
CA ASP E 30 -25.12 24.86 24.52
C ASP E 30 -24.98 23.45 25.06
N THR E 31 -26.11 22.84 25.39
CA THR E 31 -26.10 21.54 26.04
C THR E 31 -25.39 20.52 25.17
N PRO E 32 -24.33 19.86 25.66
CA PRO E 32 -23.67 18.83 24.85
C PRO E 32 -24.57 17.63 24.64
N LEU E 33 -24.43 17.00 23.48
CA LEU E 33 -25.22 15.84 23.10
C LEU E 33 -24.31 14.73 22.61
N GLY E 34 -24.62 13.50 22.99
CA GLY E 34 -23.85 12.35 22.57
C GLY E 34 -22.89 11.88 23.64
N ILE E 35 -21.75 11.32 23.22
CA ILE E 35 -20.75 10.85 24.18
C ILE E 35 -19.88 11.97 24.71
N THR E 36 -20.17 13.23 24.37
CA THR E 36 -19.48 14.38 24.91
C THR E 36 -20.15 14.92 26.16
N ASN E 37 -21.19 14.25 26.65
CA ASN E 37 -21.87 14.61 27.87
C ASN E 37 -21.66 13.52 28.91
N PRO E 38 -21.26 13.85 30.14
CA PRO E 38 -21.02 15.18 30.71
C PRO E 38 -19.72 15.80 30.17
N PRO E 39 -19.57 17.12 30.26
CA PRO E 39 -18.38 17.77 29.72
C PRO E 39 -17.11 17.22 30.38
N ILE E 40 -16.06 17.12 29.57
CA ILE E 40 -14.83 16.46 30.04
C ILE E 40 -14.14 17.31 31.11
N ASP E 41 -14.19 18.64 30.97
CA ASP E 41 -13.51 19.50 31.93
C ASP E 41 -14.09 19.34 33.32
N GLU E 42 -15.42 19.27 33.43
CA GLU E 42 -16.04 19.08 34.73
C GLU E 42 -15.67 17.74 35.34
N LEU E 43 -15.46 16.72 34.51
CA LEU E 43 -14.99 15.44 35.02
C LEU E 43 -13.56 15.55 35.54
N LEU E 44 -12.67 16.15 34.74
CA LEU E 44 -11.28 16.28 35.15
C LEU E 44 -11.13 17.16 36.38
N ASP E 45 -12.12 18.02 36.66
CA ASP E 45 -12.07 18.82 37.88
C ASP E 45 -12.07 17.96 39.13
N ARG E 46 -12.49 16.70 39.03
CA ARG E 46 -12.59 15.82 40.19
C ARG E 46 -11.48 14.77 40.25
N VAL E 47 -10.74 14.56 39.17
CA VAL E 47 -9.69 13.55 39.13
C VAL E 47 -8.37 14.25 38.83
N SER E 48 -7.28 13.67 39.34
CA SER E 48 -5.97 14.30 39.20
C SER E 48 -5.56 14.40 37.73
N SER E 49 -5.78 13.34 36.95
CA SER E 49 -5.42 13.33 35.55
C SER E 49 -6.33 12.37 34.80
N LYS E 50 -6.41 12.57 33.49
CA LYS E 50 -7.28 11.75 32.66
C LYS E 50 -6.91 10.27 32.73
N TYR E 51 -5.63 9.96 32.91
CA TYR E 51 -5.21 8.58 33.06
C TYR E 51 -5.84 7.95 34.30
N ALA E 52 -6.04 8.74 35.35
CA ALA E 52 -6.76 8.25 36.52
C ALA E 52 -8.27 8.21 36.27
N LEU E 53 -8.79 9.15 35.50
CA LEU E 53 -10.23 9.19 35.24
C LEU E 53 -10.69 7.98 34.45
N VAL E 54 -9.88 7.52 33.50
CA VAL E 54 -10.30 6.38 32.68
C VAL E 54 -10.50 5.15 33.56
N ILE E 55 -9.56 4.89 34.48
CA ILE E 55 -9.71 3.77 35.39
C ILE E 55 -10.86 4.02 36.37
N TYR E 56 -10.98 5.25 36.87
CA TYR E 56 -12.06 5.60 37.78
C TYR E 56 -13.41 5.26 37.17
N ALA E 57 -13.55 5.46 35.86
CA ALA E 57 -14.81 5.16 35.19
C ALA E 57 -14.93 3.69 34.85
N ALA E 58 -13.84 3.06 34.41
CA ALA E 58 -13.90 1.67 33.96
C ALA E 58 -14.22 0.73 35.10
N LYS E 59 -13.60 0.93 36.27
CA LYS E 59 -13.86 0.05 37.40
C LYS E 59 -15.32 0.16 37.85
N ARG E 60 -15.85 1.37 37.88
CA ARG E 60 -17.25 1.54 38.26
C ARG E 60 -18.18 0.94 37.21
N ALA E 61 -17.82 1.04 35.93
CA ALA E 61 -18.61 0.40 34.89
C ALA E 61 -18.64 -1.11 35.09
N ARG E 62 -17.49 -1.70 35.42
CA ARG E 62 -17.46 -3.13 35.69
C ARG E 62 -18.32 -3.49 36.89
N GLN E 63 -18.28 -2.66 37.94
CA GLN E 63 -19.11 -2.93 39.12
C GLN E 63 -20.58 -2.88 38.77
N ILE E 64 -21.00 -1.88 37.99
CA ILE E 64 -22.40 -1.76 37.59
C ILE E 64 -22.82 -2.96 36.75
N ASN E 65 -21.95 -3.37 35.82
CA ASN E 65 -22.27 -4.51 34.97
C ASN E 65 -22.41 -5.78 35.79
N ASP E 66 -21.54 -5.98 36.78
CA ASP E 66 -21.66 -7.13 37.66
C ASP E 66 -22.96 -7.07 38.46
N TYR E 67 -23.33 -5.88 38.94
CA TYR E 67 -24.59 -5.77 39.68
C TYR E 67 -25.78 -6.15 38.79
N TYR E 68 -25.79 -5.66 37.55
CA TYR E 68 -26.88 -6.03 36.65
C TYR E 68 -26.89 -7.53 36.37
N ASN E 69 -25.70 -8.12 36.19
CA ASN E 69 -25.63 -9.55 35.92
C ASN E 69 -26.17 -10.36 37.10
N GLN E 70 -25.86 -9.94 38.33
CA GLN E 70 -26.30 -10.63 39.51
C GLN E 70 -27.67 -10.17 40.01
N LEU E 71 -28.32 -9.26 39.28
CA LEU E 71 -29.64 -8.79 39.68
C LEU E 71 -30.63 -9.96 39.79
N GLY E 72 -30.50 -10.95 38.91
CA GLY E 72 -31.44 -12.05 38.92
C GLY E 72 -31.46 -12.80 40.23
N GLU E 73 -30.28 -13.15 40.74
CA GLU E 73 -30.17 -13.83 42.03
C GLU E 73 -28.72 -13.84 42.51
N GLY E 74 -28.51 -13.43 43.76
CA GLY E 74 -27.18 -13.41 44.33
C GLY E 74 -27.09 -12.38 45.43
N ILE E 75 -26.01 -12.48 46.20
CA ILE E 75 -25.78 -11.55 47.30
C ILE E 75 -25.58 -10.15 46.74
N LEU E 76 -26.21 -9.16 47.37
CA LEU E 76 -26.13 -7.77 46.93
C LEU E 76 -24.88 -7.11 47.51
N GLU E 77 -23.73 -7.71 47.21
CA GLU E 77 -22.46 -7.15 47.65
C GLU E 77 -22.05 -5.96 46.78
N TYR E 78 -22.31 -6.03 45.48
CA TYR E 78 -22.06 -4.91 44.58
C TYR E 78 -23.33 -4.06 44.49
N VAL E 79 -23.20 -2.78 44.84
CA VAL E 79 -24.34 -1.87 44.84
C VAL E 79 -24.49 -1.28 43.45
N GLY E 80 -25.70 -1.34 42.91
CA GLY E 80 -25.97 -0.92 41.56
C GLY E 80 -25.77 0.57 41.35
N PRO E 81 -26.27 1.10 40.23
CA PRO E 81 -26.06 2.51 39.93
C PRO E 81 -26.68 3.40 41.00
N LEU E 82 -26.01 4.51 41.29
CA LEU E 82 -26.53 5.48 42.26
C LEU E 82 -27.53 6.42 41.61
N VAL E 83 -27.10 7.14 40.57
CA VAL E 83 -28.02 8.00 39.83
C VAL E 83 -28.94 7.15 39.00
N GLU E 84 -30.24 7.47 39.02
CA GLU E 84 -31.22 6.66 38.31
C GLU E 84 -30.89 6.63 36.83
N PRO E 85 -30.73 5.45 36.23
CA PRO E 85 -30.33 5.40 34.82
C PRO E 85 -31.49 5.74 33.90
N GLY E 86 -31.16 6.00 32.64
CA GLY E 86 -32.13 6.25 31.60
C GLY E 86 -32.63 4.98 30.97
N LEU E 87 -33.32 5.14 29.85
CA LEU E 87 -33.86 4.00 29.10
C LEU E 87 -32.73 3.29 28.39
N GLN E 88 -32.24 2.19 28.98
CA GLN E 88 -31.19 1.38 28.39
C GLN E 88 -29.92 2.21 28.14
N GLU E 89 -29.36 2.68 29.25
CA GLU E 89 -28.12 3.46 29.23
C GLU E 89 -26.94 2.56 29.54
N LYS E 90 -25.86 2.73 28.79
CA LYS E 90 -24.70 1.87 28.96
C LYS E 90 -24.12 2.04 30.37
N PRO E 91 -23.54 0.98 30.93
CA PRO E 91 -22.96 1.12 32.28
C PRO E 91 -21.86 2.16 32.35
N LEU E 92 -21.06 2.33 31.29
CA LEU E 92 -20.01 3.33 31.32
C LEU E 92 -20.58 4.75 31.39
N SER E 93 -21.65 5.01 30.64
CA SER E 93 -22.28 6.32 30.70
C SER E 93 -22.83 6.59 32.09
N ILE E 94 -23.44 5.59 32.72
CA ILE E 94 -23.94 5.77 34.08
C ILE E 94 -22.79 6.03 35.03
N ALA E 95 -21.68 5.31 34.87
CA ALA E 95 -20.51 5.54 35.71
C ALA E 95 -20.02 6.97 35.59
N LEU E 96 -19.91 7.47 34.36
CA LEU E 96 -19.45 8.84 34.15
C LEU E 96 -20.43 9.84 34.76
N ARG E 97 -21.73 9.60 34.59
CA ARG E 97 -22.71 10.55 35.11
C ARG E 97 -22.67 10.60 36.63
N GLU E 98 -22.52 9.45 37.28
CA GLU E 98 -22.45 9.44 38.74
C GLU E 98 -21.10 9.89 39.27
N ILE E 99 -20.04 9.82 38.45
CA ILE E 99 -18.78 10.46 38.82
C ILE E 99 -18.95 11.98 38.79
N HIS E 100 -19.60 12.50 37.75
CA HIS E 100 -19.80 13.94 37.63
C HIS E 100 -20.72 14.49 38.71
N ALA E 101 -21.58 13.67 39.29
CA ALA E 101 -22.52 14.11 40.31
C ALA E 101 -21.94 14.06 41.72
N ASP E 102 -20.67 13.67 41.86
CA ASP E 102 -19.99 13.63 43.16
C ASP E 102 -20.65 12.60 44.09
N LEU E 103 -20.80 11.38 43.58
CA LEU E 103 -21.36 10.28 44.36
C LEU E 103 -20.36 9.15 44.58
N LEU E 104 -19.14 9.27 44.07
CA LEU E 104 -18.13 8.23 44.19
C LEU E 104 -16.86 8.79 44.83
N GLU E 105 -16.10 7.89 45.45
CA GLU E 105 -14.81 8.21 46.03
C GLU E 105 -13.79 7.18 45.55
N HIS E 106 -12.60 7.67 45.18
CA HIS E 106 -11.54 6.79 44.70
C HIS E 106 -10.24 7.15 45.37
N THR E 107 -9.41 6.13 45.59
CA THR E 107 -8.08 6.30 46.16
C THR E 107 -7.06 5.80 45.16
N GLU E 108 -6.03 6.61 44.90
CA GLU E 108 -5.07 6.33 43.85
C GLU E 108 -3.96 5.43 44.38
N GLY E 109 -3.62 4.40 43.61
CA GLY E 109 -2.56 3.51 44.01
C GLY E 109 -1.20 4.15 43.88
N GLU E 110 -0.28 3.72 44.75
CA GLU E 110 1.12 4.19 44.76
C GLU E 110 1.24 5.65 44.35
N ALA F 44 35.87 -27.33 2.66
CA ALA F 44 34.50 -27.58 2.12
C ALA F 44 34.53 -28.70 1.08
N ASP F 45 33.42 -28.89 0.38
CA ASP F 45 33.29 -29.92 -0.65
C ASP F 45 33.58 -31.30 -0.04
N LEU F 46 32.68 -31.69 0.86
CA LEU F 46 32.84 -32.97 1.56
C LEU F 46 32.98 -34.12 0.57
N VAL F 47 32.33 -34.01 -0.58
CA VAL F 47 32.54 -35.00 -1.63
C VAL F 47 34.00 -35.04 -2.03
N ARG F 48 34.63 -33.87 -2.16
CA ARG F 48 36.03 -33.83 -2.58
C ARG F 48 36.93 -34.49 -1.55
N VAL F 49 36.71 -34.23 -0.26
CA VAL F 49 37.58 -34.84 0.75
C VAL F 49 37.37 -36.35 0.80
N TYR F 50 36.13 -36.80 0.65
CA TYR F 50 35.89 -38.24 0.65
C TYR F 50 36.56 -38.89 -0.57
N LEU F 51 36.49 -38.24 -1.73
CA LEU F 51 37.08 -38.82 -2.93
C LEU F 51 38.61 -38.76 -2.89
N ASN F 52 39.17 -37.80 -2.14
CA ASN F 52 40.60 -37.82 -1.90
C ASN F 52 40.99 -38.97 -0.98
N GLY F 53 40.19 -39.21 0.06
CA GLY F 53 40.49 -40.30 0.98
C GLY F 53 40.32 -41.67 0.34
N ILE F 54 39.32 -41.83 -0.52
CA ILE F 54 38.99 -43.14 -1.05
C ILE F 54 40.13 -43.69 -1.90
N GLY F 55 40.82 -42.81 -2.61
CA GLY F 55 41.91 -43.21 -3.49
C GLY F 55 43.22 -43.49 -2.81
N LYS F 56 43.27 -43.38 -1.47
CA LYS F 56 44.52 -43.64 -0.75
C LYS F 56 45.05 -45.04 -1.03
N THR F 57 44.17 -45.98 -1.34
CA THR F 57 44.55 -47.36 -1.63
C THR F 57 44.31 -47.67 -3.10
N ALA F 58 45.18 -48.49 -3.67
CA ALA F 58 45.07 -48.90 -5.06
C ALA F 58 44.29 -50.21 -5.16
N LEU F 59 43.86 -50.51 -6.38
CA LEU F 59 43.08 -51.72 -6.64
C LEU F 59 43.95 -52.95 -6.45
N LEU F 60 43.32 -54.12 -6.61
CA LEU F 60 44.00 -55.40 -6.42
C LEU F 60 43.70 -56.32 -7.59
N ASN F 61 44.67 -57.19 -7.90
CA ASN F 61 44.51 -58.14 -8.98
C ASN F 61 43.75 -59.37 -8.49
N ALA F 62 43.56 -60.34 -9.38
CA ALA F 62 42.82 -61.55 -9.03
C ALA F 62 43.52 -62.32 -7.92
N ALA F 63 44.83 -62.49 -8.03
CA ALA F 63 45.56 -63.24 -7.02
C ALA F 63 45.50 -62.54 -5.67
N GLY F 64 45.62 -61.21 -5.66
CA GLY F 64 45.53 -60.48 -4.40
C GLY F 64 44.19 -60.67 -3.72
N GLU F 65 43.11 -60.57 -4.49
CA GLU F 65 41.77 -60.78 -3.91
C GLU F 65 41.60 -62.21 -3.44
N VAL F 66 42.14 -63.18 -4.18
CA VAL F 66 42.02 -64.58 -3.77
C VAL F 66 42.73 -64.81 -2.44
N GLU F 67 43.95 -64.27 -2.30
CA GLU F 67 44.67 -64.45 -1.05
C GLU F 67 44.00 -63.69 0.09
N LEU F 68 43.41 -62.53 -0.20
CA LEU F 68 42.66 -61.82 0.84
C LEU F 68 41.46 -62.65 1.29
N ALA F 69 40.75 -63.28 0.36
CA ALA F 69 39.63 -64.13 0.73
C ALA F 69 40.10 -65.32 1.55
N LYS F 70 41.23 -65.92 1.19
CA LYS F 70 41.79 -67.00 1.99
C LYS F 70 42.11 -66.54 3.40
N ARG F 71 42.72 -65.35 3.53
CA ARG F 71 43.05 -64.82 4.84
C ARG F 71 41.79 -64.58 5.66
N ILE F 72 40.75 -64.04 5.03
CA ILE F 72 39.48 -63.80 5.75
C ILE F 72 38.88 -65.13 6.19
N GLU F 73 38.94 -66.15 5.33
CA GLU F 73 38.42 -67.46 5.69
C GLU F 73 39.15 -68.02 6.91
N ALA F 74 40.49 -67.92 6.90
CA ALA F 74 41.25 -68.39 8.04
C ALA F 74 40.91 -67.60 9.31
N GLY F 75 40.76 -66.28 9.16
CA GLY F 75 40.41 -65.47 10.31
C GLY F 75 39.08 -65.84 10.92
N LEU F 76 38.06 -66.02 10.08
CA LEU F 76 36.75 -66.40 10.58
C LEU F 76 36.77 -67.81 11.17
N TYR F 77 37.54 -68.72 10.58
CA TYR F 77 37.67 -70.06 11.15
C TYR F 77 38.28 -69.99 12.54
N ALA F 78 39.33 -69.19 12.71
CA ALA F 78 39.93 -69.02 14.03
C ALA F 78 38.95 -68.37 15.00
N GLU F 79 38.18 -67.38 14.53
CA GLU F 79 37.18 -66.74 15.38
C GLU F 79 36.17 -67.76 15.88
N HIS F 80 35.67 -68.61 14.99
CA HIS F 80 34.71 -69.64 15.41
C HIS F 80 35.36 -70.62 16.39
N LEU F 81 36.58 -71.04 16.12
CA LEU F 81 37.24 -72.02 16.98
C LEU F 81 37.53 -71.45 18.36
N LEU F 82 37.81 -70.15 18.46
CA LEU F 82 38.21 -69.57 19.73
C LEU F 82 37.12 -69.74 20.79
N GLU F 83 35.86 -69.51 20.41
CA GLU F 83 34.75 -69.67 21.34
C GLU F 83 34.12 -71.06 21.26
N THR F 84 34.32 -71.79 20.16
CA THR F 84 33.74 -73.12 20.01
C THR F 84 34.50 -74.16 20.83
N ARG F 85 35.82 -74.03 20.93
CA ARG F 85 36.62 -75.04 21.61
C ARG F 85 36.21 -75.14 23.08
N LYS F 86 36.00 -76.37 23.53
CA LYS F 86 35.67 -76.60 24.94
C LYS F 86 36.92 -76.49 25.81
N ARG F 87 38.06 -76.95 25.32
CA ARG F 87 39.35 -76.84 26.00
C ARG F 87 40.18 -75.78 25.29
N LEU F 88 40.56 -74.75 26.02
CA LEU F 88 41.24 -73.59 25.44
C LEU F 88 42.75 -73.80 25.50
N GLY F 89 43.37 -73.95 24.32
CA GLY F 89 44.82 -74.04 24.27
C GLY F 89 45.48 -72.72 24.63
N GLU F 90 46.69 -72.83 25.18
CA GLU F 90 47.41 -71.64 25.65
C GLU F 90 48.09 -70.92 24.48
N ASN F 91 49.04 -71.60 23.82
CA ASN F 91 49.62 -71.02 22.62
C ASN F 91 48.58 -70.85 21.53
N ARG F 92 47.59 -71.74 21.48
CA ARG F 92 46.49 -71.58 20.54
C ARG F 92 45.75 -70.27 20.78
N LYS F 93 45.66 -69.84 22.04
CA LYS F 93 45.02 -68.56 22.33
C LYS F 93 45.75 -67.41 21.64
N ARG F 94 47.08 -67.37 21.77
CA ARG F 94 47.85 -66.31 21.14
C ARG F 94 47.77 -66.40 19.62
N ASP F 95 47.85 -67.61 19.08
CA ASP F 95 47.76 -67.78 17.63
C ASP F 95 46.42 -67.29 17.11
N LEU F 96 45.33 -67.63 17.82
CA LEU F 96 44.02 -67.21 17.38
C LEU F 96 43.84 -65.71 17.53
N ALA F 97 44.41 -65.10 18.56
CA ALA F 97 44.36 -63.64 18.69
C ALA F 97 45.06 -62.98 17.51
N ALA F 98 46.25 -63.46 17.15
CA ALA F 98 46.96 -62.90 16.01
C ALA F 98 46.17 -63.11 14.72
N VAL F 99 45.55 -64.29 14.58
CA VAL F 99 44.77 -64.56 13.38
C VAL F 99 43.55 -63.65 13.30
N VAL F 100 42.93 -63.34 14.45
CA VAL F 100 41.80 -62.42 14.46
C VAL F 100 42.25 -61.03 14.05
N ARG F 101 43.39 -60.59 14.56
CA ARG F 101 43.92 -59.29 14.14
C ARG F 101 44.15 -59.26 12.63
N ASP F 102 44.76 -60.32 12.11
CA ASP F 102 45.04 -60.39 10.68
C ASP F 102 43.74 -60.41 9.86
N GLY F 103 42.72 -61.11 10.36
CA GLY F 103 41.45 -61.13 9.65
C GLY F 103 40.76 -59.78 9.63
N GLU F 104 40.80 -59.06 10.76
CA GLU F 104 40.29 -57.69 10.77
C GLU F 104 41.04 -56.85 9.74
N ALA F 105 42.36 -56.96 9.72
CA ALA F 105 43.15 -56.21 8.74
C ALA F 105 42.76 -56.60 7.31
N ALA F 106 42.48 -57.89 7.09
CA ALA F 106 42.16 -58.36 5.75
C ALA F 106 40.82 -57.80 5.28
N ARG F 107 39.79 -57.85 6.13
CA ARG F 107 38.52 -57.27 5.75
C ARG F 107 38.66 -55.77 5.51
N ARG F 108 39.42 -55.09 6.36
CA ARG F 108 39.65 -53.66 6.17
C ARG F 108 40.31 -53.39 4.82
N HIS F 109 41.34 -54.16 4.49
CA HIS F 109 42.06 -53.96 3.23
C HIS F 109 41.14 -54.20 2.04
N LEU F 110 40.36 -55.29 2.08
CA LEU F 110 39.49 -55.60 0.95
C LEU F 110 38.46 -54.49 0.74
N LEU F 111 37.80 -54.07 1.83
CA LEU F 111 36.78 -53.02 1.70
C LEU F 111 37.40 -51.73 1.18
N GLU F 112 38.55 -51.33 1.74
CA GLU F 112 39.17 -50.08 1.32
C GLU F 112 39.60 -50.15 -0.14
N ALA F 113 40.12 -51.30 -0.57
CA ALA F 113 40.54 -51.44 -1.96
C ALA F 113 39.36 -51.36 -2.91
N ASN F 114 38.24 -51.99 -2.56
CA ASN F 114 37.10 -52.06 -3.45
C ASN F 114 36.10 -50.92 -3.29
N LEU F 115 36.37 -49.98 -2.39
CA LEU F 115 35.43 -48.86 -2.18
C LEU F 115 35.07 -48.16 -3.49
N ARG F 116 36.07 -47.84 -4.32
CA ARG F 116 35.84 -46.93 -5.44
C ARG F 116 34.75 -47.41 -6.38
N LEU F 117 34.53 -48.73 -6.45
CA LEU F 117 33.37 -49.24 -7.17
C LEU F 117 32.08 -48.64 -6.64
N VAL F 118 32.03 -48.37 -5.34
CA VAL F 118 30.84 -47.77 -4.74
C VAL F 118 30.56 -46.41 -5.36
N VAL F 119 31.59 -45.57 -5.47
CA VAL F 119 31.42 -44.26 -6.08
C VAL F 119 31.03 -44.41 -7.54
N SER F 120 31.68 -45.33 -8.25
CA SER F 120 31.38 -45.50 -9.67
C SER F 120 29.92 -45.86 -9.88
N LEU F 121 29.37 -46.76 -9.05
CA LEU F 121 27.98 -47.15 -9.21
C LEU F 121 27.03 -46.07 -8.71
N ALA F 122 27.42 -45.35 -7.66
CA ALA F 122 26.52 -44.35 -7.09
C ALA F 122 26.38 -43.13 -8.00
N LYS F 123 27.42 -42.79 -8.77
CA LYS F 123 27.33 -41.62 -9.63
C LYS F 123 26.17 -41.73 -10.61
N ARG F 124 25.75 -42.96 -10.95
CA ARG F 124 24.72 -43.13 -11.96
C ARG F 124 23.34 -42.77 -11.42
N TYR F 125 23.08 -43.04 -10.14
CA TYR F 125 21.75 -42.85 -9.58
C TYR F 125 21.49 -41.42 -9.13
N THR F 126 22.46 -40.52 -9.28
CA THR F 126 22.26 -39.14 -8.85
C THR F 126 21.15 -38.48 -9.66
N GLY F 127 20.75 -37.29 -9.21
CA GLY F 127 19.66 -36.56 -9.82
C GLY F 127 18.31 -36.85 -9.23
N ARG F 128 18.17 -37.94 -8.48
CA ARG F 128 16.93 -38.28 -7.81
C ARG F 128 16.92 -37.65 -6.41
N GLY F 129 16.00 -38.08 -5.55
CA GLY F 129 15.78 -37.37 -4.30
C GLY F 129 17.03 -37.26 -3.45
N MET F 130 17.76 -38.37 -3.28
CA MET F 130 18.87 -38.35 -2.35
C MET F 130 20.12 -37.73 -2.97
N PRO F 131 21.00 -37.12 -2.16
CA PRO F 131 22.25 -36.58 -2.70
C PRO F 131 23.26 -37.65 -3.06
N LEU F 132 24.46 -37.24 -3.46
CA LEU F 132 25.48 -38.20 -3.87
C LEU F 132 26.06 -38.95 -2.68
N LEU F 133 26.40 -38.23 -1.61
CA LEU F 133 27.06 -38.86 -0.47
C LEU F 133 26.14 -39.87 0.22
N ASP F 134 24.84 -39.59 0.27
CA ASP F 134 23.91 -40.56 0.84
C ASP F 134 23.94 -41.87 0.05
N LEU F 135 23.93 -41.77 -1.28
CA LEU F 135 24.01 -42.96 -2.11
C LEU F 135 25.35 -43.67 -1.93
N ILE F 136 26.43 -42.91 -1.77
CA ILE F 136 27.74 -43.53 -1.56
C ILE F 136 27.75 -44.31 -0.26
N GLN F 137 27.16 -43.75 0.80
CA GLN F 137 27.09 -44.47 2.07
C GLN F 137 26.21 -45.72 1.95
N GLU F 138 25.10 -45.61 1.22
CA GLU F 138 24.27 -46.79 0.98
C GLU F 138 25.07 -47.88 0.27
N GLY F 139 25.84 -47.49 -0.75
CA GLY F 139 26.65 -48.46 -1.46
C GLY F 139 27.74 -49.04 -0.59
N ASN F 140 28.31 -48.24 0.32
CA ASN F 140 29.29 -48.77 1.27
C ASN F 140 28.66 -49.81 2.17
N LEU F 141 27.43 -49.56 2.64
CA LEU F 141 26.74 -50.56 3.44
C LEU F 141 26.49 -51.83 2.63
N GLY F 142 26.08 -51.68 1.37
CA GLY F 142 25.90 -52.85 0.52
C GLY F 142 27.19 -53.63 0.32
N LEU F 143 28.30 -52.92 0.16
CA LEU F 143 29.60 -53.58 0.00
C LEU F 143 29.98 -54.33 1.28
N ILE F 144 29.73 -53.73 2.44
CA ILE F 144 29.99 -54.42 3.70
C ILE F 144 29.15 -55.68 3.80
N ARG F 145 27.89 -55.60 3.38
CA ARG F 145 27.05 -56.80 3.36
C ARG F 145 27.61 -57.85 2.43
N ALA F 146 28.07 -57.45 1.24
CA ALA F 146 28.54 -58.41 0.25
C ALA F 146 29.82 -59.09 0.69
N MET F 147 30.74 -58.33 1.30
CA MET F 147 32.06 -58.87 1.59
C MET F 147 32.02 -60.08 2.51
N GLU F 148 30.97 -60.24 3.32
CA GLU F 148 30.86 -61.36 4.24
C GLU F 148 30.35 -62.63 3.57
N LYS F 149 30.28 -62.66 2.24
CA LYS F 149 29.82 -63.83 1.50
C LYS F 149 30.73 -64.21 0.35
N PHE F 150 31.79 -63.44 0.09
CA PHE F 150 32.62 -63.68 -1.08
C PHE F 150 33.36 -65.01 -0.96
N ASP F 151 33.56 -65.66 -2.10
CA ASP F 151 34.22 -66.95 -2.19
C ASP F 151 35.32 -66.91 -3.23
N TYR F 152 36.45 -67.54 -2.92
CA TYR F 152 37.58 -67.60 -3.83
C TYR F 152 37.60 -68.86 -4.69
N THR F 153 36.83 -69.89 -4.32
CA THR F 153 36.79 -71.11 -5.11
C THR F 153 36.11 -70.87 -6.46
N LYS F 154 35.07 -70.04 -6.48
CA LYS F 154 34.40 -69.73 -7.73
C LYS F 154 35.38 -69.11 -8.74
N GLY F 155 36.33 -68.32 -8.26
CA GLY F 155 37.32 -67.71 -9.12
C GLY F 155 36.90 -66.43 -9.80
N PHE F 156 35.65 -65.99 -9.60
CA PHE F 156 35.20 -64.76 -10.22
C PHE F 156 35.80 -63.55 -9.52
N LYS F 157 35.91 -62.45 -10.27
CA LYS F 157 36.42 -61.22 -9.69
C LYS F 157 35.43 -60.67 -8.66
N PHE F 158 35.97 -59.94 -7.68
CA PHE F 158 35.13 -59.48 -6.57
C PHE F 158 34.04 -58.53 -7.05
N SER F 159 34.36 -57.64 -8.00
CA SER F 159 33.37 -56.70 -8.49
C SER F 159 32.13 -57.41 -9.02
N THR F 160 32.30 -58.60 -9.60
CA THR F 160 31.17 -59.36 -10.10
C THR F 160 30.13 -59.57 -9.01
N TYR F 161 30.56 -60.02 -7.84
CA TYR F 161 29.67 -60.28 -6.72
C TYR F 161 29.42 -59.06 -5.86
N ALA F 162 30.10 -57.94 -6.13
CA ALA F 162 29.90 -56.72 -5.37
C ALA F 162 28.89 -55.77 -6.00
N THR F 163 28.86 -55.71 -7.34
CA THR F 163 27.99 -54.76 -8.02
C THR F 163 26.52 -55.06 -7.76
N TRP F 164 26.15 -56.35 -7.77
CA TRP F 164 24.76 -56.71 -7.49
C TRP F 164 24.31 -56.15 -6.15
N TRP F 165 25.09 -56.41 -5.10
CA TRP F 165 24.69 -55.99 -3.76
C TRP F 165 24.74 -54.47 -3.62
N ILE F 166 25.72 -53.82 -4.26
CA ILE F 166 25.78 -52.36 -4.18
C ILE F 166 24.54 -51.75 -4.82
N ARG F 167 24.15 -52.24 -6.00
CA ARG F 167 22.96 -51.73 -6.65
C ARG F 167 21.72 -52.00 -5.81
N GLN F 168 21.61 -53.21 -5.24
CA GLN F 168 20.46 -53.53 -4.40
C GLN F 168 20.38 -52.57 -3.22
N ALA F 169 21.49 -52.37 -2.52
CA ALA F 169 21.48 -51.50 -1.35
C ALA F 169 21.12 -50.08 -1.73
N ILE F 170 21.71 -49.57 -2.82
CA ILE F 170 21.46 -48.19 -3.21
C ILE F 170 19.98 -48.00 -3.57
N THR F 171 19.43 -48.92 -4.37
CA THR F 171 18.05 -48.76 -4.80
C THR F 171 17.09 -48.91 -3.62
N ARG F 172 17.35 -49.86 -2.72
CA ARG F 172 16.46 -50.03 -1.58
C ARG F 172 16.53 -48.83 -0.65
N GLY F 173 17.73 -48.30 -0.41
CA GLY F 173 17.84 -47.11 0.43
C GLY F 173 17.16 -45.91 -0.19
N MET F 174 17.29 -45.74 -1.51
CA MET F 174 16.62 -44.63 -2.17
C MET F 174 15.11 -44.77 -2.09
N ALA F 175 14.60 -46.01 -2.23
CA ALA F 175 13.17 -46.22 -2.12
C ALA F 175 12.68 -46.01 -0.69
N ASP F 176 13.53 -46.25 0.30
CA ASP F 176 13.11 -46.21 1.70
C ASP F 176 13.23 -44.82 2.32
N GLN F 177 14.26 -44.05 1.96
CA GLN F 177 14.57 -42.79 2.63
C GLN F 177 14.85 -41.69 1.62
N SER F 178 13.97 -41.54 0.63
CA SER F 178 14.09 -40.45 -0.34
C SER F 178 12.79 -39.67 -0.54
N ARG F 179 11.71 -40.03 0.15
CA ARG F 179 10.42 -39.40 0.00
C ARG F 179 9.82 -39.12 1.37
N THR F 180 9.17 -37.96 1.51
CA THR F 180 8.62 -37.57 2.80
C THR F 180 7.59 -38.58 3.30
N ILE F 181 6.60 -38.89 2.47
CA ILE F 181 5.58 -39.88 2.81
C ILE F 181 6.09 -41.22 2.29
N ARG F 182 6.61 -42.05 3.20
CA ARG F 182 7.18 -43.32 2.78
C ARG F 182 6.10 -44.22 2.20
N LEU F 183 6.45 -44.95 1.15
CA LEU F 183 5.55 -45.83 0.43
C LEU F 183 6.10 -47.25 0.45
N PRO F 184 5.24 -48.25 0.27
CA PRO F 184 5.73 -49.63 0.18
C PRO F 184 6.67 -49.78 -1.00
N VAL F 185 7.65 -50.68 -0.85
CA VAL F 185 8.63 -50.87 -1.91
C VAL F 185 7.94 -51.33 -3.20
N HIS F 186 6.93 -52.18 -3.08
CA HIS F 186 6.21 -52.64 -4.26
C HIS F 186 5.49 -51.49 -4.94
N LEU F 187 4.89 -50.59 -4.15
CA LEU F 187 4.20 -49.44 -4.73
C LEU F 187 5.19 -48.50 -5.41
N VAL F 188 6.38 -48.32 -4.82
CA VAL F 188 7.41 -47.53 -5.47
C VAL F 188 7.82 -48.16 -6.80
N GLU F 189 7.96 -49.49 -6.82
CA GLU F 189 8.30 -50.18 -8.05
C GLU F 189 7.21 -49.98 -9.10
N GLN F 190 5.94 -50.04 -8.69
CA GLN F 190 4.85 -49.83 -9.64
C GLN F 190 4.86 -48.41 -10.18
N VAL F 191 5.14 -47.42 -9.32
CA VAL F 191 5.22 -46.04 -9.78
C VAL F 191 6.33 -45.88 -10.81
N ASN F 192 7.50 -46.47 -10.53
CA ASN F 192 8.60 -46.39 -11.48
C ASN F 192 8.26 -47.10 -12.78
N LYS F 193 7.54 -48.22 -12.68
CA LYS F 193 7.10 -48.93 -13.88
C LYS F 193 6.18 -48.05 -14.72
N LEU F 194 5.25 -47.35 -14.07
CA LEU F 194 4.36 -46.46 -14.81
C LEU F 194 5.15 -45.36 -15.50
N ALA F 195 6.13 -44.78 -14.79
CA ALA F 195 6.94 -43.72 -15.40
C ALA F 195 7.72 -44.25 -16.61
N ARG F 196 8.30 -45.43 -16.49
CA ARG F 196 9.07 -45.98 -17.60
C ARG F 196 8.18 -46.31 -18.78
N ILE F 197 6.99 -46.86 -18.52
CA ILE F 197 6.04 -47.14 -19.60
C ILE F 197 5.67 -45.85 -20.32
N LYS F 198 5.39 -44.79 -19.56
CA LYS F 198 5.03 -43.52 -20.18
C LYS F 198 6.17 -42.98 -21.03
N ARG F 199 7.41 -43.05 -20.53
CA ARG F 199 8.54 -42.55 -21.31
C ARG F 199 8.73 -43.36 -22.59
N GLU F 200 8.59 -44.69 -22.48
CA GLU F 200 8.74 -45.54 -23.67
C GLU F 200 7.66 -45.22 -24.70
N MET F 201 6.42 -45.03 -24.26
CA MET F 201 5.35 -44.69 -25.19
C MET F 201 5.61 -43.34 -25.85
N HIS F 202 6.08 -42.36 -25.07
CA HIS F 202 6.42 -41.06 -25.66
C HIS F 202 7.52 -41.21 -26.71
N GLN F 203 8.53 -42.02 -26.41
CA GLN F 203 9.61 -42.25 -27.38
C GLN F 203 9.06 -42.88 -28.65
N HIS F 204 8.20 -43.88 -28.52
CA HIS F 204 7.71 -44.61 -29.69
C HIS F 204 6.82 -43.72 -30.56
N LEU F 205 5.84 -43.06 -29.94
CA LEU F 205 4.84 -42.31 -30.72
C LEU F 205 5.22 -40.86 -30.93
N GLY F 206 6.30 -40.37 -30.33
CA GLY F 206 6.72 -39.00 -30.50
C GLY F 206 5.88 -37.98 -29.74
N ARG F 207 4.86 -38.42 -29.02
CA ARG F 207 4.00 -37.53 -28.25
C ARG F 207 3.68 -38.20 -26.92
N GLU F 208 3.40 -37.37 -25.91
CA GLU F 208 3.06 -37.90 -24.60
C GLU F 208 1.87 -38.84 -24.69
N ALA F 209 1.99 -40.01 -24.09
CA ALA F 209 0.95 -41.03 -24.21
C ALA F 209 -0.31 -40.60 -23.49
N THR F 210 -1.46 -40.97 -24.05
CA THR F 210 -2.74 -40.71 -23.43
C THR F 210 -2.97 -41.68 -22.28
N ASP F 211 -3.90 -41.31 -21.39
CA ASP F 211 -4.21 -42.17 -20.25
C ASP F 211 -4.75 -43.51 -20.72
N GLU F 212 -5.64 -43.51 -21.71
CA GLU F 212 -6.18 -44.76 -22.23
C GLU F 212 -5.08 -45.63 -22.82
N GLU F 213 -4.17 -45.02 -23.58
CA GLU F 213 -3.08 -45.80 -24.15
C GLU F 213 -2.12 -46.28 -23.08
N LEU F 214 -1.91 -45.50 -22.02
CA LEU F 214 -1.11 -45.97 -20.90
C LEU F 214 -1.74 -47.20 -20.25
N ALA F 215 -3.05 -47.17 -20.04
CA ALA F 215 -3.73 -48.33 -19.48
C ALA F 215 -3.62 -49.53 -20.41
N ALA F 216 -3.76 -49.30 -21.72
CA ALA F 216 -3.68 -50.40 -22.68
C ALA F 216 -2.29 -51.03 -22.66
N GLU F 217 -1.25 -50.21 -22.71
CA GLU F 217 0.12 -50.73 -22.76
C GLU F 217 0.50 -51.41 -21.46
N SER F 218 0.27 -50.75 -20.32
CA SER F 218 0.65 -51.33 -19.03
C SER F 218 -0.34 -52.41 -18.59
N GLY F 219 -1.60 -52.30 -19.01
CA GLY F 219 -2.63 -53.20 -18.55
C GLY F 219 -3.22 -52.84 -17.20
N ILE F 220 -2.64 -51.88 -16.50
CA ILE F 220 -3.16 -51.45 -15.21
C ILE F 220 -4.36 -50.53 -15.44
N PRO F 221 -5.51 -50.78 -14.83
CA PRO F 221 -6.69 -49.93 -15.09
C PRO F 221 -6.39 -48.46 -14.81
N ILE F 222 -7.28 -47.61 -15.31
CA ILE F 222 -7.10 -46.16 -15.17
C ILE F 222 -7.19 -45.75 -13.70
N ASP F 223 -7.96 -46.49 -12.89
CA ASP F 223 -8.08 -46.13 -11.47
C ASP F 223 -6.75 -46.26 -10.76
N LYS F 224 -6.09 -47.42 -10.90
CA LYS F 224 -4.79 -47.62 -10.26
C LYS F 224 -3.74 -46.70 -10.86
N ILE F 225 -3.84 -46.40 -12.16
CA ILE F 225 -2.91 -45.46 -12.77
C ILE F 225 -3.06 -44.08 -12.14
N ASN F 226 -4.30 -43.64 -11.93
CA ASN F 226 -4.52 -42.36 -11.28
C ASN F 226 -4.00 -42.37 -9.86
N ASP F 227 -4.20 -43.49 -9.14
CA ASP F 227 -3.67 -43.60 -7.79
C ASP F 227 -2.16 -43.45 -7.79
N LEU F 228 -1.48 -44.16 -8.69
CA LEU F 228 -0.03 -44.08 -8.75
C LEU F 228 0.43 -42.67 -9.11
N LEU F 229 -0.24 -42.03 -10.06
CA LEU F 229 0.12 -40.65 -10.41
C LEU F 229 -0.06 -39.73 -9.22
N GLU F 230 -1.10 -39.96 -8.42
CA GLU F 230 -1.31 -39.15 -7.22
C GLU F 230 -0.23 -39.44 -6.18
N HIS F 231 0.34 -40.63 -6.18
CA HIS F 231 1.39 -41.00 -5.24
C HIS F 231 2.78 -40.58 -5.70
N SER F 232 2.91 -39.94 -6.86
CA SER F 232 4.21 -39.61 -7.45
C SER F 232 4.36 -38.11 -7.65
N ARG F 233 4.00 -37.33 -6.63
CA ARG F 233 4.17 -35.88 -6.65
C ARG F 233 4.83 -35.44 -5.36
N ASP F 234 5.91 -34.67 -5.48
CA ASP F 234 6.60 -34.15 -4.31
C ASP F 234 5.72 -33.11 -3.61
N PRO F 235 5.50 -33.22 -2.30
CA PRO F 235 4.63 -32.25 -1.62
C PRO F 235 5.15 -30.83 -1.79
N VAL F 236 4.24 -29.88 -2.01
CA VAL F 236 4.63 -28.48 -2.17
C VAL F 236 5.09 -27.92 -0.83
N SER F 237 6.14 -27.12 -0.86
CA SER F 237 6.68 -26.51 0.33
C SER F 237 5.87 -25.28 0.72
N LEU F 238 5.55 -25.18 2.00
CA LEU F 238 4.72 -24.07 2.47
C LEU F 238 5.46 -22.74 2.40
N ASP F 239 6.79 -22.76 2.46
CA ASP F 239 7.58 -21.54 2.48
C ASP F 239 7.68 -20.90 1.11
N MET F 240 7.20 -21.57 0.07
CA MET F 240 7.23 -21.00 -1.29
C MET F 240 6.38 -19.74 -1.35
N PRO F 241 6.91 -18.63 -1.82
CA PRO F 241 6.11 -17.40 -1.92
C PRO F 241 4.92 -17.60 -2.84
N VAL F 242 3.77 -17.07 -2.44
CA VAL F 242 2.50 -17.29 -3.12
C VAL F 242 1.92 -15.94 -3.54
N GLY F 243 1.62 -15.81 -4.83
CA GLY F 243 0.90 -14.67 -5.35
C GLY F 243 1.63 -13.35 -5.32
N SER F 244 2.91 -13.35 -4.93
CA SER F 244 3.69 -12.12 -4.76
C SER F 244 3.00 -11.15 -3.82
N GLU F 245 2.16 -11.68 -2.93
CA GLU F 245 1.45 -10.86 -1.93
C GLU F 245 2.39 -10.60 -0.76
N GLU F 246 3.32 -9.68 -0.99
CA GLU F 246 4.41 -9.39 -0.04
C GLU F 246 5.29 -10.62 0.19
N GLU F 247 5.29 -11.52 -0.80
CA GLU F 247 5.95 -12.85 -0.73
C GLU F 247 5.67 -13.56 0.59
N ALA F 248 4.41 -13.49 1.02
CA ALA F 248 3.99 -14.23 2.21
C ALA F 248 3.86 -15.71 1.86
N PRO F 249 4.42 -16.60 2.66
CA PRO F 249 4.43 -18.03 2.30
C PRO F 249 3.02 -18.61 2.23
N LEU F 250 2.90 -19.72 1.47
CA LEU F 250 1.63 -20.44 1.39
C LEU F 250 1.12 -20.85 2.76
N GLY F 251 2.04 -21.19 3.66
CA GLY F 251 1.63 -21.61 4.98
C GLY F 251 0.77 -20.58 5.69
N ASP F 252 1.00 -19.30 5.38
CA ASP F 252 0.27 -18.20 6.00
C ASP F 252 -1.19 -18.15 5.57
N PHE F 253 -1.57 -18.83 4.48
CA PHE F 253 -2.92 -18.72 3.95
C PHE F 253 -3.76 -19.97 4.20
N ILE F 254 -3.28 -20.97 4.93
CA ILE F 254 -3.99 -22.21 5.19
C ILE F 254 -4.83 -22.05 6.46
N GLU F 255 -6.14 -22.13 6.32
CA GLU F 255 -7.03 -22.06 7.47
C GLU F 255 -6.84 -23.27 8.37
N ASP F 256 -7.11 -23.08 9.66
CA ASP F 256 -7.04 -24.20 10.59
C ASP F 256 -8.02 -25.31 10.21
N ALA F 257 -9.08 -24.97 9.47
CA ALA F 257 -10.04 -25.91 8.91
C ALA F 257 -10.86 -26.64 9.97
N GLU F 258 -10.71 -26.28 11.24
CA GLU F 258 -11.43 -26.94 12.32
C GLU F 258 -11.45 -26.02 13.53
N ALA F 259 -12.05 -26.51 14.62
CA ALA F 259 -12.10 -25.78 15.88
C ALA F 259 -12.71 -24.39 15.69
N MET F 260 -13.84 -24.37 14.99
CA MET F 260 -14.55 -23.11 14.75
C MET F 260 -14.88 -22.45 16.08
N SER F 261 -14.60 -21.14 16.17
CA SER F 261 -14.82 -20.42 17.42
C SER F 261 -16.30 -20.40 17.78
N ALA F 262 -17.13 -19.78 16.93
CA ALA F 262 -18.52 -19.54 17.29
C ALA F 262 -19.26 -20.84 17.54
N GLU F 263 -19.01 -21.87 16.72
CA GLU F 263 -19.72 -23.13 16.88
C GLU F 263 -19.53 -23.69 18.28
N ASN F 264 -18.28 -24.00 18.65
CA ASN F 264 -18.03 -24.54 19.98
C ASN F 264 -18.19 -23.48 21.06
N ALA F 265 -17.97 -22.20 20.74
CA ALA F 265 -18.07 -21.16 21.74
C ALA F 265 -19.47 -21.07 22.32
N VAL F 266 -20.45 -20.71 21.50
CA VAL F 266 -21.80 -20.44 21.97
C VAL F 266 -22.75 -21.58 21.64
N ILE F 267 -22.78 -22.03 20.39
CA ILE F 267 -23.86 -22.89 19.93
C ILE F 267 -23.84 -24.21 20.69
N ALA F 268 -22.68 -24.87 20.74
CA ALA F 268 -22.62 -26.20 21.35
C ALA F 268 -22.90 -26.15 22.85
N GLU F 269 -22.25 -25.22 23.56
CA GLU F 269 -22.42 -25.16 25.01
C GLU F 269 -23.84 -24.73 25.37
N LEU F 270 -24.43 -23.81 24.60
CA LEU F 270 -25.81 -23.41 24.86
C LEU F 270 -26.78 -24.53 24.58
N LEU F 271 -26.52 -25.32 23.52
CA LEU F 271 -27.32 -26.51 23.30
C LEU F 271 -27.23 -27.46 24.49
N HIS F 272 -26.01 -27.66 25.01
CA HIS F 272 -25.85 -28.54 26.16
C HIS F 272 -26.60 -28.03 27.38
N THR F 273 -26.53 -26.72 27.64
CA THR F 273 -27.21 -26.16 28.80
C THR F 273 -28.73 -26.24 28.64
N ASP F 274 -29.24 -25.87 27.46
CA ASP F 274 -30.68 -25.96 27.23
C ASP F 274 -31.16 -27.40 27.31
N ILE F 275 -30.31 -28.37 26.94
CA ILE F 275 -30.70 -29.76 27.10
C ILE F 275 -30.72 -30.14 28.57
N ARG F 276 -29.72 -29.71 29.33
CA ARG F 276 -29.71 -30.00 30.76
C ARG F 276 -30.94 -29.41 31.43
N SER F 277 -31.46 -28.30 30.90
CA SER F 277 -32.70 -27.73 31.43
C SER F 277 -33.92 -28.53 30.97
N VAL F 278 -34.03 -28.79 29.67
CA VAL F 278 -35.23 -29.41 29.11
C VAL F 278 -35.36 -30.85 29.59
N LEU F 279 -34.37 -31.69 29.30
CA LEU F 279 -34.43 -33.09 29.70
C LEU F 279 -34.65 -33.22 31.20
N ALA F 280 -34.10 -32.29 31.98
CA ALA F 280 -34.37 -32.28 33.41
C ALA F 280 -35.83 -31.95 33.70
N THR F 281 -36.42 -31.02 32.93
CA THR F 281 -37.83 -30.70 33.12
C THR F 281 -38.71 -31.91 32.89
N LEU F 282 -38.25 -32.91 32.14
CA LEU F 282 -38.96 -34.16 32.03
C LEU F 282 -38.88 -34.91 33.36
N ASP F 283 -39.44 -36.12 33.39
CA ASP F 283 -39.35 -36.94 34.58
C ASP F 283 -37.89 -37.16 34.95
N GLU F 284 -37.55 -36.94 36.21
CA GLU F 284 -36.16 -37.10 36.65
C GLU F 284 -35.70 -38.55 36.43
N ARG F 285 -36.59 -39.51 36.70
CA ARG F 285 -36.26 -40.90 36.38
C ARG F 285 -35.97 -41.06 34.89
N GLU F 286 -36.79 -40.44 34.04
CA GLU F 286 -36.53 -40.48 32.60
C GLU F 286 -35.25 -39.73 32.24
N HIS F 287 -34.92 -38.66 32.97
CA HIS F 287 -33.67 -37.97 32.72
C HIS F 287 -32.47 -38.87 32.99
N GLN F 288 -32.52 -39.59 34.12
CA GLN F 288 -31.47 -40.58 34.40
C GLN F 288 -31.45 -41.68 33.36
N VAL F 289 -32.63 -42.10 32.91
CA VAL F 289 -32.72 -43.13 31.88
C VAL F 289 -32.00 -42.67 30.62
N ILE F 290 -32.22 -41.43 30.21
CA ILE F 290 -31.55 -40.90 29.01
C ILE F 290 -30.05 -40.79 29.26
N ARG F 291 -29.66 -40.28 30.42
CA ARG F 291 -28.24 -40.16 30.74
C ARG F 291 -27.54 -41.50 30.57
N LEU F 292 -28.13 -42.57 31.10
CA LEU F 292 -27.53 -43.89 30.98
C LEU F 292 -27.71 -44.49 29.58
N ARG F 293 -28.78 -44.09 28.87
CA ARG F 293 -29.07 -44.66 27.57
C ARG F 293 -28.07 -44.20 26.52
N PHE F 294 -27.78 -42.90 26.49
CA PHE F 294 -26.81 -42.38 25.54
C PHE F 294 -25.43 -42.16 26.16
N GLY F 295 -25.36 -41.83 27.44
CA GLY F 295 -24.08 -41.63 28.09
C GLY F 295 -23.73 -40.17 28.25
N LEU F 296 -24.70 -39.36 28.67
CA LEU F 296 -24.44 -37.94 28.87
C LEU F 296 -23.39 -37.73 29.95
N ASP F 297 -23.43 -38.52 31.01
CA ASP F 297 -22.52 -38.37 32.15
C ASP F 297 -21.35 -39.33 32.09
N ASP F 298 -21.62 -40.63 31.99
CA ASP F 298 -20.58 -41.66 32.06
C ASP F 298 -20.46 -42.46 30.78
N GLY F 299 -20.91 -41.91 29.65
CA GLY F 299 -20.86 -42.67 28.42
C GLY F 299 -21.63 -43.97 28.57
N GLN F 300 -21.04 -45.05 28.06
CA GLN F 300 -21.57 -46.40 28.23
C GLN F 300 -23.08 -46.43 27.95
N PRO F 301 -23.49 -46.16 26.71
CA PRO F 301 -24.93 -46.16 26.40
C PRO F 301 -25.59 -47.47 26.77
N ARG F 302 -26.47 -47.43 27.76
CA ARG F 302 -27.11 -48.66 28.25
C ARG F 302 -28.14 -49.14 27.23
N THR F 303 -27.98 -50.38 26.76
CA THR F 303 -28.95 -50.97 25.86
C THR F 303 -30.28 -51.15 26.58
N LEU F 304 -31.30 -51.59 25.82
CA LEU F 304 -32.62 -51.77 26.40
C LEU F 304 -32.57 -52.79 27.54
N ASP F 305 -31.99 -53.96 27.27
CA ASP F 305 -31.93 -55.00 28.29
C ASP F 305 -31.08 -54.57 29.48
N GLN F 306 -29.93 -53.94 29.21
CA GLN F 306 -29.05 -53.53 30.30
C GLN F 306 -29.70 -52.48 31.19
N ILE F 307 -30.31 -51.47 30.59
CA ILE F 307 -30.96 -50.43 31.38
C ILE F 307 -32.17 -50.99 32.12
N GLY F 308 -32.88 -51.93 31.49
CA GLY F 308 -33.97 -52.58 32.19
C GLY F 308 -33.50 -53.36 33.41
N LYS F 309 -32.37 -54.07 33.27
CA LYS F 309 -31.79 -54.75 34.41
C LYS F 309 -31.40 -53.78 35.52
N LEU F 310 -30.78 -52.66 35.14
CA LEU F 310 -30.37 -51.67 36.14
C LEU F 310 -31.58 -51.10 36.86
N PHE F 311 -32.64 -50.77 36.13
CA PHE F 311 -33.86 -50.25 36.70
C PHE F 311 -34.84 -51.34 37.12
N GLY F 312 -34.50 -52.61 36.86
CA GLY F 312 -35.40 -53.70 37.20
C GLY F 312 -36.51 -53.92 36.20
N LEU F 313 -36.53 -53.20 35.09
CA LEU F 313 -37.58 -53.33 34.09
C LEU F 313 -37.17 -54.35 33.02
N SER F 314 -38.01 -54.50 32.02
CA SER F 314 -37.80 -55.46 30.94
C SER F 314 -37.20 -54.78 29.72
N ARG F 315 -36.58 -55.60 28.86
CA ARG F 315 -35.98 -55.07 27.64
C ARG F 315 -37.02 -54.43 26.73
N GLU F 316 -38.28 -54.87 26.81
CA GLU F 316 -39.31 -54.39 25.91
C GLU F 316 -39.91 -53.06 26.34
N ARG F 317 -39.69 -52.63 27.59
CA ARG F 317 -40.25 -51.37 28.07
C ARG F 317 -39.48 -50.17 27.55
N VAL F 318 -38.19 -50.34 27.26
CA VAL F 318 -37.35 -49.19 26.93
C VAL F 318 -37.78 -48.56 25.61
N ARG F 319 -38.27 -49.35 24.66
CA ARG F 319 -38.75 -48.79 23.41
C ARG F 319 -39.90 -47.82 23.65
N GLN F 320 -40.87 -48.23 24.48
CA GLN F 320 -41.99 -47.35 24.80
C GLN F 320 -41.53 -46.14 25.61
N ILE F 321 -40.56 -46.33 26.49
CA ILE F 321 -40.03 -45.20 27.25
C ILE F 321 -39.41 -44.17 26.32
N GLU F 322 -38.62 -44.64 25.35
CA GLU F 322 -38.01 -43.73 24.39
C GLU F 322 -39.07 -43.06 23.52
N ARG F 323 -40.12 -43.81 23.15
CA ARG F 323 -41.22 -43.20 22.39
C ARG F 323 -41.87 -42.07 23.19
N ASP F 324 -42.12 -42.29 24.47
CA ASP F 324 -42.68 -41.23 25.31
C ASP F 324 -41.75 -40.04 25.39
N VAL F 325 -40.45 -40.29 25.56
CA VAL F 325 -39.49 -39.19 25.68
C VAL F 325 -39.47 -38.36 24.41
N MET F 326 -39.41 -39.03 23.25
CA MET F 326 -39.36 -38.30 21.98
C MET F 326 -40.67 -37.54 21.74
N SER F 327 -41.81 -38.13 22.11
CA SER F 327 -43.07 -37.43 21.97
C SER F 327 -43.09 -36.17 22.83
N LYS F 328 -42.62 -36.28 24.08
CA LYS F 328 -42.60 -35.11 24.97
C LYS F 328 -41.66 -34.03 24.45
N LEU F 329 -40.48 -34.43 23.94
CA LEU F 329 -39.48 -33.46 23.50
C LEU F 329 -39.95 -32.62 22.32
N ARG F 330 -40.94 -33.10 21.56
CA ARG F 330 -41.37 -32.43 20.35
C ARG F 330 -42.53 -31.47 20.58
N HIS F 331 -42.94 -31.25 21.82
CA HIS F 331 -44.06 -30.36 22.14
C HIS F 331 -43.66 -29.42 23.26
N GLY F 332 -44.46 -28.36 23.42
CA GLY F 332 -44.22 -27.41 24.48
C GLY F 332 -43.03 -26.50 24.19
N GLU F 333 -42.54 -25.87 25.26
CA GLU F 333 -41.38 -24.99 25.14
C GLU F 333 -40.12 -25.75 24.76
N ARG F 334 -40.11 -27.08 24.91
CA ARG F 334 -38.94 -27.85 24.51
C ARG F 334 -38.69 -27.70 23.02
N ALA F 335 -39.74 -27.79 22.21
CA ALA F 335 -39.60 -27.56 20.78
C ALA F 335 -39.17 -26.12 20.51
N ASP F 336 -39.76 -25.16 21.24
CA ASP F 336 -39.38 -23.77 21.04
C ASP F 336 -37.87 -23.58 21.23
N ARG F 337 -37.32 -24.20 22.28
CA ARG F 337 -35.90 -24.04 22.56
C ARG F 337 -35.03 -24.80 21.55
N LEU F 338 -35.43 -26.02 21.19
CA LEU F 338 -34.56 -26.94 20.48
C LEU F 338 -34.93 -27.11 19.00
N ARG F 339 -35.74 -26.20 18.44
CA ARG F 339 -36.04 -26.27 17.02
C ARG F 339 -34.78 -26.15 16.18
N SER F 340 -33.85 -25.29 16.59
CA SER F 340 -32.55 -25.25 15.96
C SER F 340 -31.73 -26.46 16.41
N TYR F 341 -30.46 -26.48 15.98
CA TYR F 341 -29.50 -27.53 16.29
C TYR F 341 -29.74 -28.78 15.45
N ALA F 342 -30.70 -28.79 14.53
CA ALA F 342 -30.96 -29.98 13.72
C ALA F 342 -30.35 -29.79 12.33
ZN ZN H . 13.40 17.31 36.66
ZN ZN I . -4.58 -46.21 23.31
MG MG J . -6.19 10.98 -1.26
#